data_9B39
#
_entry.id   9B39
#
_cell.length_a   1.00
_cell.length_b   1.00
_cell.length_c   1.00
_cell.angle_alpha   90.00
_cell.angle_beta   90.00
_cell.angle_gamma   90.00
#
_symmetry.space_group_name_H-M   'P 1'
#
loop_
_entity.id
_entity.type
_entity.pdbx_description
1 polymer 'Glutamate receptor ionotropic, kainate 2'
2 branched alpha-D-mannopyranose-(1-3)-[alpha-D-mannopyranose-(1-6)]beta-D-mannopyranose-(1-4)-2-acetamido-2-deoxy-beta-D-glucopyranose-(1-4)-2-acetamido-2-deoxy-beta-D-glucopyranose
3 branched beta-D-mannopyranose-(1-4)-2-acetamido-2-deoxy-beta-D-glucopyranose-(1-4)-2-acetamido-2-deoxy-beta-D-glucopyranose
4 branched 2-acetamido-2-deoxy-beta-D-glucopyranose-(1-4)-2-acetamido-2-deoxy-beta-D-glucopyranose
5 non-polymer 'GLUTAMIC ACID'
6 non-polymer 2-acetamido-2-deoxy-beta-D-glucopyranose
#
_entity_poly.entity_id   1
_entity_poly.type   'polypeptide(L)'
_entity_poly.pdbx_seq_one_letter_code
;MKIISPVLSNLVFSRSIKVLLCLLWIGYSQGTTHVLRFGGIFEYVESGPMGAEELAFRFAVNTINRNRTLLPNTTLTYDT
QKINLYDSFEASKKACDQLSLGVAAIFGPSHSSSANAVQSICNALGVPHIQTRWKHQVSDNKDSFYVSLYPDFSSLSRAI
LDLVQFFKWKTVTVVYDDSTGLIRLQELIKAPSRYNLRLKIRQLPADTKDAKPLLKEMKRGKEFHVIFDCSHEMAAGILK
QALAMGMMTEYYHYIFTTLDLFALDVEPYRYSGVNMTGFRILNTENTQVSSIIEKWSMERLQAPPKPDSGLLDGFMTTDA
ALMYDAVHVVSVAVQQFPQMTVSSLQCNRHKPWRFGTRFMSLIKEAHWEGLTGRITFNKTNGLRTDFDLDVISLKEEGLE
KIGTWDPASGLNMTESQKGKPANITDSLSNRSLIVTTILEEPYVLFKKSDKPLYGNDRFEGYCIDLLRELSTILGFTYEI
RLVEDGKYGAQDDVNGQWNGMVRELIDHKADLAVAPLAITYVREKVIDFSKPFMTLGISILYRKPNGTNPGVFSFLNPLS
PDIWMYVLLACLGVSCVLFVIARFSPYEWYNPHPCNPDSDVVENNFTLLNSFWFGVGALMQQGSELMPKALSTRIVGGIW
WFFTLIIISSYTANLAAFLTVERMESPIDSADDLAKQTKIEYGAVEDGATMTFFKKSKISTYDKMWAFMSSRRQSVLVKS
NEEGIQRVLTSDYAFLMESTTIEFVTQRNCNLTQIGGLIDSKGYGVGTPMGSPYRDKITIAILQLQEEGKLHMMKEKWWR
GNGCPEEESKEASALGVQNIGGIFIVLAAGLVLSVFVAVGEFLYKSKKNAQLEKRSFCSAMVEELRMSLKCQRRLKHKPQ
APVIVKTEEVINMHTFNDRRLPGKETMALVPR
;
_entity_poly.pdbx_strand_id   A,B,C,D
#
loop_
_chem_comp.id
_chem_comp.type
_chem_comp.name
_chem_comp.formula
BMA D-saccharide, beta linking beta-D-mannopyranose 'C6 H12 O6'
MAN D-saccharide, alpha linking alpha-D-mannopyranose 'C6 H12 O6'
NAG D-saccharide, beta linking 2-acetamido-2-deoxy-beta-D-glucopyranose 'C8 H15 N O6'
#
# COMPACT_ATOMS: atom_id res chain seq x y z
N THR A 33 -59.15 -31.32 -65.49
CA THR A 33 -59.62 -30.62 -66.67
C THR A 33 -60.44 -29.39 -66.30
N HIS A 34 -61.22 -29.53 -65.22
CA HIS A 34 -62.07 -28.44 -64.78
C HIS A 34 -61.25 -27.36 -64.07
N VAL A 35 -61.92 -26.28 -63.72
CA VAL A 35 -61.27 -25.14 -63.09
C VAL A 35 -60.93 -25.48 -61.64
N LEU A 36 -59.90 -24.83 -61.14
CA LEU A 36 -59.66 -24.72 -59.71
C LEU A 36 -59.50 -23.24 -59.40
N ARG A 37 -60.52 -22.68 -58.77
CA ARG A 37 -60.64 -21.23 -58.66
C ARG A 37 -59.78 -20.78 -57.51
N PHE A 38 -58.57 -20.32 -57.83
CA PHE A 38 -57.76 -19.72 -56.78
C PHE A 38 -58.28 -18.34 -56.46
N GLY A 39 -58.78 -18.15 -55.26
CA GLY A 39 -59.18 -16.83 -54.83
C GLY A 39 -57.98 -15.98 -54.44
N GLY A 40 -58.24 -14.92 -53.71
CA GLY A 40 -57.14 -14.06 -53.32
C GLY A 40 -57.61 -12.66 -53.05
N ILE A 41 -57.11 -12.10 -51.95
CA ILE A 41 -57.52 -10.79 -51.48
C ILE A 41 -56.28 -9.92 -51.34
N PHE A 42 -56.30 -8.75 -51.95
CA PHE A 42 -55.07 -8.01 -52.11
C PHE A 42 -55.25 -6.56 -51.66
N GLU A 43 -54.13 -5.84 -51.62
CA GLU A 43 -54.17 -4.46 -51.21
C GLU A 43 -54.83 -3.66 -52.33
N TYR A 44 -55.60 -2.65 -51.97
CA TYR A 44 -56.32 -1.91 -52.98
C TYR A 44 -55.93 -0.45 -52.95
N VAL A 45 -55.47 0.04 -54.09
CA VAL A 45 -55.32 1.47 -54.33
C VAL A 45 -56.22 1.84 -55.50
N GLU A 46 -56.61 3.11 -55.56
CA GLU A 46 -57.46 3.58 -56.64
C GLU A 46 -56.60 4.18 -57.75
N SER A 47 -55.29 4.23 -57.51
CA SER A 47 -54.33 4.93 -58.37
C SER A 47 -54.29 4.38 -59.80
N GLY A 48 -54.47 3.07 -59.93
CA GLY A 48 -54.44 2.44 -61.24
C GLY A 48 -53.45 1.30 -61.40
N PRO A 49 -52.18 1.47 -60.97
CA PRO A 49 -51.34 0.29 -60.85
C PRO A 49 -51.78 -0.54 -59.66
N MET A 50 -52.05 -1.82 -59.89
CA MET A 50 -52.35 -2.73 -58.80
C MET A 50 -51.09 -2.97 -57.98
N GLY A 51 -51.29 -3.51 -56.78
CA GLY A 51 -50.19 -3.83 -55.90
C GLY A 51 -49.23 -4.85 -56.48
N ALA A 52 -48.02 -4.91 -55.92
CA ALA A 52 -46.99 -5.77 -56.49
C ALA A 52 -47.31 -7.24 -56.32
N GLU A 53 -48.19 -7.56 -55.38
CA GLU A 53 -48.45 -8.95 -55.06
C GLU A 53 -49.41 -9.56 -56.06
N GLU A 54 -50.40 -8.79 -56.50
CA GLU A 54 -51.39 -9.36 -57.40
C GLU A 54 -50.82 -9.50 -58.80
N LEU A 55 -49.99 -8.55 -59.23
CA LEU A 55 -49.24 -8.72 -60.47
C LEU A 55 -48.37 -9.97 -60.41
N ALA A 56 -47.82 -10.26 -59.24
CA ALA A 56 -47.10 -11.51 -59.04
C ALA A 56 -48.06 -12.67 -59.12
N PHE A 57 -49.24 -12.50 -58.54
CA PHE A 57 -50.23 -13.57 -58.53
C PHE A 57 -50.82 -13.79 -59.92
N ARG A 58 -50.86 -12.73 -60.73
CA ARG A 58 -51.29 -12.90 -62.11
C ARG A 58 -50.20 -13.53 -62.94
N PHE A 59 -48.96 -13.11 -62.74
CA PHE A 59 -47.84 -13.56 -63.55
C PHE A 59 -47.50 -15.01 -63.26
N ALA A 60 -47.92 -15.52 -62.11
CA ALA A 60 -47.80 -16.95 -61.85
C ALA A 60 -48.81 -17.74 -62.66
N VAL A 61 -50.10 -17.40 -62.51
CA VAL A 61 -51.17 -18.27 -63.01
C VAL A 61 -51.23 -18.22 -64.53
N ASN A 62 -50.84 -17.09 -65.12
CA ASN A 62 -50.62 -17.05 -66.56
C ASN A 62 -49.51 -18.00 -66.97
N THR A 63 -48.36 -17.91 -66.29
CA THR A 63 -47.21 -18.71 -66.70
C THR A 63 -47.24 -20.12 -66.14
N ILE A 64 -48.34 -20.50 -65.48
CA ILE A 64 -48.55 -21.92 -65.21
C ILE A 64 -49.59 -22.49 -66.18
N ASN A 65 -50.64 -21.72 -66.47
CA ASN A 65 -51.55 -22.14 -67.53
C ASN A 65 -50.95 -21.95 -68.92
N ARG A 66 -49.83 -21.23 -69.04
CA ARG A 66 -49.08 -21.22 -70.29
C ARG A 66 -48.48 -22.56 -70.63
N ASN A 67 -47.80 -23.18 -69.68
CA ASN A 67 -47.12 -24.44 -69.94
C ASN A 67 -47.60 -25.51 -68.99
N ARG A 68 -48.23 -26.54 -69.53
CA ARG A 68 -48.95 -27.52 -68.73
C ARG A 68 -48.06 -28.68 -68.32
N THR A 69 -46.76 -28.43 -68.18
CA THR A 69 -45.80 -29.41 -67.71
C THR A 69 -46.15 -29.83 -66.30
N LEU A 70 -46.54 -28.85 -65.48
CA LEU A 70 -47.29 -29.10 -64.27
C LEU A 70 -48.76 -28.97 -64.64
N LEU A 71 -49.58 -29.90 -64.13
CA LEU A 71 -51.02 -29.96 -64.38
C LEU A 71 -51.39 -29.96 -65.86
N PRO A 72 -51.23 -31.07 -66.57
CA PRO A 72 -51.63 -31.09 -67.99
C PRO A 72 -53.12 -30.88 -68.18
N ASN A 73 -53.92 -31.41 -67.26
CA ASN A 73 -55.37 -31.25 -67.30
C ASN A 73 -55.78 -30.19 -66.28
N THR A 74 -55.58 -28.92 -66.64
CA THR A 74 -56.07 -27.88 -65.77
C THR A 74 -56.58 -26.66 -66.52
N THR A 75 -57.45 -25.89 -65.87
CA THR A 75 -57.89 -24.56 -66.28
C THR A 75 -57.94 -23.61 -65.08
N LEU A 76 -56.83 -23.52 -64.33
CA LEU A 76 -56.67 -22.67 -63.15
C LEU A 76 -57.09 -21.23 -63.40
N THR A 77 -57.63 -20.56 -62.38
CA THR A 77 -58.19 -19.24 -62.61
C THR A 77 -58.23 -18.38 -61.37
N TYR A 78 -58.61 -17.13 -61.58
CA TYR A 78 -58.75 -15.99 -60.67
C TYR A 78 -60.04 -16.09 -59.87
N ASP A 79 -60.68 -14.91 -59.72
CA ASP A 79 -61.60 -14.38 -58.71
C ASP A 79 -60.77 -13.82 -57.55
N THR A 80 -59.78 -13.02 -57.92
CA THR A 80 -59.16 -12.08 -57.00
C THR A 80 -60.21 -11.08 -56.53
N GLN A 81 -60.05 -10.54 -55.34
CA GLN A 81 -61.07 -9.65 -54.80
C GLN A 81 -60.46 -8.71 -53.77
N LYS A 82 -60.39 -7.42 -54.08
CA LYS A 82 -59.63 -6.47 -53.27
C LYS A 82 -60.27 -6.17 -51.92
N ILE A 83 -59.48 -5.68 -50.97
CA ILE A 83 -59.99 -5.17 -49.69
C ILE A 83 -59.25 -3.88 -49.40
N ASN A 84 -59.77 -3.14 -48.43
CA ASN A 84 -59.12 -1.90 -48.05
C ASN A 84 -58.00 -2.08 -47.04
N LEU A 85 -57.79 -3.32 -46.54
CA LEU A 85 -56.47 -3.80 -46.11
C LEU A 85 -55.87 -2.95 -45.00
N TYR A 86 -56.18 -3.27 -43.71
CA TYR A 86 -56.52 -2.46 -42.53
C TYR A 86 -58.02 -2.48 -42.25
N ASP A 87 -58.76 -3.41 -42.87
CA ASP A 87 -60.18 -3.52 -42.53
C ASP A 87 -60.51 -5.01 -42.49
N SER A 88 -60.63 -5.55 -41.27
CA SER A 88 -60.77 -6.99 -41.11
C SER A 88 -62.19 -7.47 -41.41
N PHE A 89 -63.21 -6.66 -41.10
CA PHE A 89 -64.57 -7.02 -41.46
C PHE A 89 -64.77 -7.04 -42.95
N GLU A 90 -64.21 -6.06 -43.65
CA GLU A 90 -64.27 -6.08 -45.10
C GLU A 90 -63.37 -7.18 -45.65
N ALA A 91 -62.32 -7.53 -44.92
CA ALA A 91 -61.55 -8.72 -45.26
C ALA A 91 -62.42 -9.95 -45.03
N SER A 92 -63.25 -9.94 -44.00
CA SER A 92 -64.10 -11.10 -43.75
C SER A 92 -65.22 -11.23 -44.78
N LYS A 93 -65.77 -10.10 -45.24
CA LYS A 93 -66.81 -10.12 -46.25
C LYS A 93 -66.29 -10.67 -47.56
N LYS A 94 -65.19 -10.11 -48.03
CA LYS A 94 -64.65 -10.51 -49.33
C LYS A 94 -64.02 -11.88 -49.28
N ALA A 95 -63.69 -12.37 -48.08
CA ALA A 95 -63.31 -13.76 -47.92
C ALA A 95 -64.48 -14.66 -48.28
N CYS A 96 -65.58 -14.53 -47.51
CA CYS A 96 -66.76 -15.38 -47.68
C CYS A 96 -67.39 -15.25 -49.06
N ASP A 97 -67.24 -14.10 -49.70
CA ASP A 97 -67.79 -13.94 -51.04
C ASP A 97 -66.93 -14.65 -52.09
N GLN A 98 -65.76 -15.14 -51.68
CA GLN A 98 -65.08 -16.13 -52.52
C GLN A 98 -65.44 -17.54 -52.08
N LEU A 99 -65.73 -17.72 -50.79
CA LEU A 99 -66.03 -19.05 -50.28
C LEU A 99 -67.41 -19.53 -50.74
N SER A 100 -68.41 -18.66 -50.68
CA SER A 100 -69.72 -19.01 -51.20
C SER A 100 -69.71 -19.08 -52.71
N LEU A 101 -68.78 -18.35 -53.34
CA LEU A 101 -68.59 -18.47 -54.78
C LEU A 101 -67.92 -19.78 -55.14
N GLY A 102 -67.17 -20.36 -54.23
CA GLY A 102 -66.55 -21.63 -54.49
C GLY A 102 -65.11 -21.46 -54.93
N VAL A 103 -64.18 -21.70 -54.00
CA VAL A 103 -62.74 -21.62 -54.26
C VAL A 103 -62.09 -22.78 -53.55
N ALA A 104 -60.76 -22.85 -53.65
CA ALA A 104 -59.99 -23.94 -53.06
C ALA A 104 -58.75 -23.46 -52.33
N ALA A 105 -58.22 -22.30 -52.72
CA ALA A 105 -56.91 -21.91 -52.21
C ALA A 105 -56.78 -20.42 -51.91
N ILE A 106 -57.58 -19.88 -50.97
CA ILE A 106 -57.46 -18.51 -50.47
C ILE A 106 -56.01 -18.13 -50.22
N PHE A 107 -55.55 -17.01 -50.80
CA PHE A 107 -54.16 -16.60 -50.63
C PHE A 107 -53.98 -15.38 -49.74
N GLY A 108 -55.03 -14.91 -49.08
CA GLY A 108 -54.89 -14.10 -47.90
C GLY A 108 -54.41 -12.68 -48.10
N PRO A 109 -54.56 -11.86 -47.06
CA PRO A 109 -54.08 -10.48 -47.15
C PRO A 109 -52.58 -10.43 -47.00
N SER A 110 -52.05 -9.23 -46.92
CA SER A 110 -50.66 -9.07 -46.55
C SER A 110 -50.63 -7.99 -45.46
N HIS A 111 -50.88 -8.43 -44.22
CA HIS A 111 -51.05 -7.60 -43.04
C HIS A 111 -51.26 -8.52 -41.85
N SER A 112 -51.09 -8.02 -40.63
CA SER A 112 -51.31 -8.84 -39.44
C SER A 112 -52.77 -9.11 -39.16
N SER A 113 -53.55 -8.06 -38.93
CA SER A 113 -54.91 -8.17 -38.41
C SER A 113 -55.86 -8.85 -39.38
N SER A 114 -55.82 -8.42 -40.64
CA SER A 114 -56.75 -8.93 -41.64
C SER A 114 -56.41 -10.35 -42.04
N ALA A 115 -55.19 -10.81 -41.73
CA ALA A 115 -54.86 -12.21 -41.89
C ALA A 115 -55.66 -13.07 -40.92
N ASN A 116 -55.61 -12.71 -39.63
CA ASN A 116 -56.15 -13.57 -38.58
C ASN A 116 -57.65 -13.69 -38.65
N ALA A 117 -58.32 -12.73 -39.28
CA ALA A 117 -59.73 -12.92 -39.61
C ALA A 117 -59.88 -14.04 -40.62
N VAL A 118 -59.20 -13.91 -41.76
CA VAL A 118 -59.40 -14.83 -42.88
C VAL A 118 -58.80 -16.20 -42.57
N GLN A 119 -57.84 -16.28 -41.65
CA GLN A 119 -57.36 -17.57 -41.20
C GLN A 119 -58.45 -18.31 -40.44
N SER A 120 -59.12 -17.63 -39.51
CA SER A 120 -60.19 -18.26 -38.75
C SER A 120 -61.42 -18.47 -39.60
N ILE A 121 -61.55 -17.74 -40.72
CA ILE A 121 -62.50 -18.15 -41.75
C ILE A 121 -62.09 -19.50 -42.30
N CYS A 122 -60.80 -19.64 -42.62
CA CYS A 122 -60.32 -20.82 -43.30
C CYS A 122 -60.19 -22.01 -42.36
N ASN A 123 -60.19 -21.79 -41.05
CA ASN A 123 -60.19 -22.93 -40.15
C ASN A 123 -61.55 -23.60 -40.14
N ALA A 124 -62.62 -22.81 -40.09
CA ALA A 124 -63.95 -23.36 -39.93
C ALA A 124 -64.38 -24.11 -41.17
N LEU A 125 -64.33 -23.44 -42.30
CA LEU A 125 -64.87 -24.03 -43.52
C LEU A 125 -63.97 -25.10 -44.10
N GLY A 126 -62.67 -25.05 -43.85
CA GLY A 126 -61.77 -26.12 -44.21
C GLY A 126 -60.82 -25.80 -45.35
N VAL A 127 -60.97 -24.65 -45.99
CA VAL A 127 -60.19 -24.30 -47.17
C VAL A 127 -58.81 -23.82 -46.73
N PRO A 128 -57.73 -24.20 -47.40
CA PRO A 128 -56.39 -23.76 -46.98
C PRO A 128 -56.17 -22.27 -47.17
N HIS A 129 -55.67 -21.62 -46.13
CA HIS A 129 -55.22 -20.24 -46.20
C HIS A 129 -53.71 -20.26 -46.43
N ILE A 130 -53.22 -19.38 -47.29
CA ILE A 130 -51.81 -19.40 -47.68
C ILE A 130 -51.29 -17.97 -47.61
N GLN A 131 -50.31 -17.73 -46.76
CA GLN A 131 -49.92 -16.37 -46.43
C GLN A 131 -48.68 -15.96 -47.19
N THR A 132 -48.32 -14.67 -47.14
CA THR A 132 -47.14 -14.25 -47.89
C THR A 132 -46.26 -13.35 -47.05
N ARG A 133 -46.85 -12.58 -46.14
CA ARG A 133 -46.05 -11.79 -45.23
C ARG A 133 -46.13 -12.41 -43.86
N TRP A 134 -45.10 -12.16 -43.07
CA TRP A 134 -45.04 -12.67 -41.70
C TRP A 134 -46.10 -11.99 -40.86
N LYS A 135 -46.83 -12.76 -40.08
CA LYS A 135 -47.78 -12.16 -39.16
C LYS A 135 -47.39 -12.57 -37.77
N HIS A 136 -48.09 -12.09 -36.76
CA HIS A 136 -47.73 -12.40 -35.37
C HIS A 136 -48.59 -13.54 -34.85
N GLN A 137 -47.96 -14.69 -34.66
CA GLN A 137 -48.61 -15.82 -34.01
C GLN A 137 -48.92 -15.50 -32.57
N VAL A 138 -50.04 -16.03 -32.08
CA VAL A 138 -50.47 -15.74 -30.72
C VAL A 138 -50.15 -16.94 -29.85
N SER A 139 -49.55 -17.96 -30.46
CA SER A 139 -48.86 -19.09 -29.81
C SER A 139 -49.80 -20.06 -29.10
N ASP A 140 -51.09 -19.75 -29.03
CA ASP A 140 -52.03 -20.60 -28.32
C ASP A 140 -53.26 -20.84 -29.17
N ASN A 141 -53.13 -20.65 -30.48
CA ASN A 141 -54.26 -20.75 -31.38
C ASN A 141 -54.24 -22.15 -31.97
N LYS A 142 -55.39 -22.80 -31.96
CA LYS A 142 -55.49 -24.20 -32.37
C LYS A 142 -55.65 -24.33 -33.88
N ASP A 143 -55.51 -23.22 -34.61
CA ASP A 143 -55.69 -23.20 -36.05
C ASP A 143 -54.60 -24.03 -36.72
N SER A 144 -54.96 -25.10 -37.43
CA SER A 144 -54.05 -25.69 -38.39
C SER A 144 -54.79 -25.96 -39.69
N PHE A 145 -54.97 -24.90 -40.48
CA PHE A 145 -55.40 -24.90 -41.87
C PHE A 145 -54.68 -23.82 -42.65
N TYR A 146 -53.44 -23.53 -42.27
CA TYR A 146 -52.75 -22.36 -42.81
C TYR A 146 -51.32 -22.77 -43.11
N VAL A 147 -50.73 -22.14 -44.12
CA VAL A 147 -49.29 -22.12 -44.30
C VAL A 147 -48.89 -20.68 -44.53
N SER A 148 -47.61 -20.39 -44.34
CA SER A 148 -47.09 -19.05 -44.56
C SER A 148 -45.71 -19.17 -45.16
N LEU A 149 -45.50 -18.58 -46.33
CA LEU A 149 -44.26 -18.81 -47.01
C LEU A 149 -43.27 -17.70 -46.75
N TYR A 150 -43.57 -16.80 -45.82
CA TYR A 150 -42.64 -15.73 -45.49
C TYR A 150 -41.60 -16.45 -44.66
N PRO A 151 -40.32 -16.14 -44.84
CA PRO A 151 -39.29 -16.79 -44.03
C PRO A 151 -39.46 -16.43 -42.58
N ASP A 152 -39.63 -17.44 -41.71
CA ASP A 152 -40.04 -17.17 -40.34
C ASP A 152 -38.95 -16.44 -39.56
N PHE A 153 -39.38 -15.53 -38.70
CA PHE A 153 -38.43 -14.81 -37.86
C PHE A 153 -37.97 -15.61 -36.66
N SER A 154 -38.38 -16.87 -36.55
CA SER A 154 -37.67 -17.79 -35.67
C SER A 154 -36.24 -17.95 -36.12
N SER A 155 -36.04 -18.15 -37.43
CA SER A 155 -34.70 -18.47 -37.91
C SER A 155 -33.98 -17.23 -38.45
N LEU A 156 -34.70 -16.23 -38.95
CA LEU A 156 -34.04 -15.01 -39.39
C LEU A 156 -33.38 -14.30 -38.22
N SER A 157 -34.10 -14.16 -37.11
CA SER A 157 -33.55 -13.53 -35.93
C SER A 157 -32.42 -14.35 -35.33
N ARG A 158 -32.39 -15.65 -35.64
CA ARG A 158 -31.24 -16.45 -35.24
C ARG A 158 -30.11 -16.29 -36.22
N ALA A 159 -30.42 -16.16 -37.51
CA ALA A 159 -29.40 -16.00 -38.52
C ALA A 159 -28.67 -14.68 -38.37
N ILE A 160 -29.37 -13.64 -37.92
CA ILE A 160 -28.71 -12.38 -37.63
C ILE A 160 -27.75 -12.52 -36.48
N LEU A 161 -28.10 -13.36 -35.50
CA LEU A 161 -27.24 -13.56 -34.34
C LEU A 161 -25.91 -14.21 -34.72
N ASP A 162 -25.94 -15.16 -35.65
CA ASP A 162 -24.70 -15.78 -36.12
C ASP A 162 -23.86 -14.79 -36.89
N LEU A 163 -24.50 -13.89 -37.61
CA LEU A 163 -23.75 -12.98 -38.46
C LEU A 163 -23.16 -11.84 -37.63
N VAL A 164 -23.70 -11.61 -36.44
CA VAL A 164 -23.08 -10.65 -35.52
C VAL A 164 -21.97 -11.33 -34.73
N GLN A 165 -22.09 -12.65 -34.52
CA GLN A 165 -20.97 -13.42 -33.97
C GLN A 165 -19.76 -13.34 -34.87
N PHE A 166 -19.98 -13.40 -36.19
CA PHE A 166 -18.95 -13.49 -37.20
C PHE A 166 -18.09 -12.25 -37.17
N PHE A 167 -18.72 -11.11 -36.97
CA PHE A 167 -18.05 -9.83 -36.96
C PHE A 167 -17.55 -9.50 -35.56
N LYS A 168 -17.93 -10.33 -34.60
CA LYS A 168 -17.46 -10.30 -33.21
C LYS A 168 -17.72 -8.94 -32.55
N TRP A 169 -18.94 -8.46 -32.70
CA TRP A 169 -19.29 -7.14 -32.20
C TRP A 169 -19.49 -7.14 -30.70
N LYS A 170 -19.65 -5.93 -30.15
CA LYS A 170 -19.94 -5.76 -28.73
C LYS A 170 -21.05 -4.74 -28.53
N THR A 171 -21.26 -3.85 -29.49
CA THR A 171 -22.00 -2.63 -29.19
C THR A 171 -23.05 -2.39 -30.28
N VAL A 172 -23.87 -3.39 -30.53
CA VAL A 172 -24.88 -3.32 -31.58
C VAL A 172 -25.96 -2.34 -31.14
N THR A 173 -26.54 -1.60 -32.08
CA THR A 173 -27.47 -0.53 -31.74
C THR A 173 -28.76 -0.71 -32.55
N VAL A 174 -29.41 -1.86 -32.33
CA VAL A 174 -30.62 -2.33 -32.99
C VAL A 174 -31.68 -1.25 -33.16
N VAL A 175 -32.20 -1.11 -34.38
CA VAL A 175 -33.15 -0.05 -34.74
C VAL A 175 -34.28 -0.67 -35.53
N TYR A 176 -35.53 -0.41 -35.11
CA TYR A 176 -36.70 -0.99 -35.75
C TYR A 176 -37.64 0.13 -36.18
N ASP A 177 -38.78 -0.21 -36.79
CA ASP A 177 -39.71 0.86 -37.12
C ASP A 177 -41.05 0.68 -36.41
N ASP A 178 -41.61 -0.52 -36.45
CA ASP A 178 -42.84 -0.76 -35.75
C ASP A 178 -42.60 -1.80 -34.68
N SER A 179 -43.45 -1.78 -33.67
CA SER A 179 -43.29 -2.60 -32.49
C SER A 179 -43.34 -4.10 -32.79
N THR A 180 -43.94 -4.47 -33.91
CA THR A 180 -43.84 -5.82 -34.43
C THR A 180 -42.39 -6.20 -34.72
N GLY A 181 -41.57 -5.21 -35.10
CA GLY A 181 -40.19 -5.50 -35.47
C GLY A 181 -39.31 -5.97 -34.33
N LEU A 182 -39.67 -5.61 -33.09
CA LEU A 182 -38.93 -6.11 -31.94
C LEU A 182 -39.17 -7.59 -31.74
N ILE A 183 -40.38 -8.05 -32.03
CA ILE A 183 -40.69 -9.48 -31.98
C ILE A 183 -39.93 -10.21 -33.08
N ARG A 184 -39.63 -9.50 -34.16
CA ARG A 184 -38.92 -10.09 -35.28
C ARG A 184 -37.42 -10.23 -35.04
N LEU A 185 -36.96 -10.00 -33.82
CA LEU A 185 -35.55 -9.97 -33.49
C LEU A 185 -35.22 -10.65 -32.17
N GLN A 186 -36.17 -11.40 -31.61
CA GLN A 186 -36.10 -11.92 -30.24
C GLN A 186 -34.84 -12.69 -29.93
N GLU A 187 -34.27 -13.37 -30.92
CA GLU A 187 -33.04 -14.10 -30.68
C GLU A 187 -31.86 -13.16 -30.52
N LEU A 188 -32.02 -11.91 -30.98
CA LEU A 188 -30.96 -10.94 -30.75
C LEU A 188 -31.11 -10.25 -29.41
N ILE A 189 -32.34 -10.00 -28.97
CA ILE A 189 -32.49 -9.28 -27.70
C ILE A 189 -32.18 -10.21 -26.53
N LYS A 190 -32.36 -11.51 -26.69
CA LYS A 190 -32.07 -12.41 -25.58
C LYS A 190 -30.58 -12.76 -25.50
N ALA A 191 -29.81 -12.34 -26.51
CA ALA A 191 -28.38 -12.63 -26.60
C ALA A 191 -27.49 -12.12 -25.45
N PRO A 192 -27.69 -10.91 -24.82
CA PRO A 192 -26.79 -10.52 -23.72
C PRO A 192 -26.81 -11.41 -22.49
N SER A 193 -27.79 -12.28 -22.37
CA SER A 193 -27.72 -13.39 -21.43
C SER A 193 -26.54 -14.26 -21.79
N ARG A 194 -26.55 -14.74 -23.04
CA ARG A 194 -25.60 -15.71 -23.56
C ARG A 194 -24.20 -15.13 -23.67
N TYR A 195 -24.07 -14.01 -24.36
CA TYR A 195 -22.79 -13.54 -24.87
C TYR A 195 -22.44 -12.21 -24.24
N ASN A 196 -21.41 -11.55 -24.72
CA ASN A 196 -21.10 -10.23 -24.19
C ASN A 196 -21.55 -9.14 -25.17
N LEU A 197 -22.69 -9.33 -25.83
CA LEU A 197 -23.25 -8.27 -26.64
C LEU A 197 -23.84 -7.22 -25.72
N ARG A 198 -23.93 -5.98 -26.15
CA ARG A 198 -24.54 -4.93 -25.33
C ARG A 198 -25.41 -4.07 -26.24
N LEU A 199 -26.69 -4.42 -26.31
CA LEU A 199 -27.59 -3.74 -27.22
C LEU A 199 -28.00 -2.39 -26.64
N LYS A 200 -28.47 -1.51 -27.52
CA LYS A 200 -29.06 -0.22 -27.18
C LYS A 200 -30.19 -0.01 -28.20
N ILE A 201 -31.39 -0.47 -27.85
CA ILE A 201 -32.46 -0.50 -28.82
C ILE A 201 -33.10 0.88 -28.89
N ARG A 202 -33.35 1.36 -30.10
CA ARG A 202 -33.78 2.73 -30.29
C ARG A 202 -34.62 2.76 -31.56
N GLN A 203 -35.67 3.57 -31.56
CA GLN A 203 -36.81 3.40 -32.44
C GLN A 203 -36.92 4.53 -33.46
N LEU A 204 -37.12 4.18 -34.73
CA LEU A 204 -37.44 5.13 -35.77
C LEU A 204 -38.76 5.81 -35.43
N PRO A 205 -38.85 7.13 -35.57
CA PRO A 205 -39.98 7.87 -35.01
C PRO A 205 -41.29 7.60 -35.73
N ALA A 206 -42.39 7.72 -35.00
CA ALA A 206 -43.70 7.39 -35.54
C ALA A 206 -44.22 8.51 -36.45
N ASP A 207 -45.09 8.13 -37.39
CA ASP A 207 -45.82 9.06 -38.26
C ASP A 207 -44.90 9.90 -39.15
N THR A 208 -43.70 9.38 -39.40
CA THR A 208 -42.72 10.15 -40.14
C THR A 208 -41.68 9.29 -40.83
N LYS A 209 -40.85 9.98 -41.62
CA LYS A 209 -39.63 9.44 -42.21
C LYS A 209 -38.38 9.96 -41.52
N ASP A 210 -38.51 11.01 -40.71
CA ASP A 210 -37.42 11.87 -40.28
C ASP A 210 -36.48 11.17 -39.31
N ALA A 211 -35.45 10.52 -39.83
CA ALA A 211 -34.49 9.81 -38.99
C ALA A 211 -33.29 10.66 -38.61
N LYS A 212 -33.42 12.00 -38.70
CA LYS A 212 -32.39 12.88 -38.13
C LYS A 212 -32.15 12.61 -36.64
N PRO A 213 -33.15 12.70 -35.72
CA PRO A 213 -32.81 12.65 -34.29
C PRO A 213 -32.27 11.31 -33.84
N LEU A 214 -32.62 10.25 -34.57
CA LEU A 214 -31.91 9.00 -34.43
C LEU A 214 -30.43 9.18 -34.72
N LEU A 215 -30.12 9.62 -35.93
CA LEU A 215 -28.72 9.75 -36.34
C LEU A 215 -28.02 10.87 -35.60
N LYS A 216 -28.77 11.88 -35.15
CA LYS A 216 -28.22 12.88 -34.24
C LYS A 216 -27.75 12.23 -32.95
N GLU A 217 -28.60 11.40 -32.35
CA GLU A 217 -28.19 10.71 -31.13
C GLU A 217 -27.18 9.61 -31.44
N MET A 218 -27.25 9.03 -32.64
CA MET A 218 -26.43 7.85 -32.93
C MET A 218 -24.96 8.24 -33.13
N LYS A 219 -24.72 9.42 -33.68
CA LYS A 219 -23.34 9.85 -33.90
C LYS A 219 -22.64 10.15 -32.59
N ARG A 220 -23.32 10.90 -31.71
CA ARG A 220 -22.71 11.35 -30.47
C ARG A 220 -22.57 10.19 -29.49
N GLY A 221 -23.37 9.15 -29.66
CA GLY A 221 -23.23 7.97 -28.84
C GLY A 221 -22.07 7.10 -29.26
N LYS A 222 -21.48 7.43 -30.42
CA LYS A 222 -20.30 6.79 -30.98
C LYS A 222 -20.52 5.31 -31.26
N GLU A 223 -21.70 4.95 -31.74
CA GLU A 223 -21.96 3.58 -32.10
C GLU A 223 -21.74 3.40 -33.60
N PHE A 224 -21.29 2.22 -33.99
CA PHE A 224 -20.85 2.05 -35.36
C PHE A 224 -21.27 0.72 -35.97
N HIS A 225 -22.15 -0.02 -35.28
CA HIS A 225 -22.41 -1.39 -35.68
C HIS A 225 -23.91 -1.61 -35.71
N VAL A 226 -24.62 -0.71 -36.38
CA VAL A 226 -26.05 -0.60 -36.21
C VAL A 226 -26.77 -1.61 -37.10
N ILE A 227 -27.74 -2.31 -36.54
CA ILE A 227 -28.63 -3.15 -37.32
C ILE A 227 -29.93 -2.41 -37.59
N PHE A 228 -30.32 -2.31 -38.83
CA PHE A 228 -31.64 -1.78 -39.11
C PHE A 228 -32.65 -2.91 -39.19
N ASP A 229 -33.92 -2.58 -39.01
CA ASP A 229 -35.00 -3.53 -39.20
C ASP A 229 -36.18 -2.72 -39.67
N CYS A 230 -36.33 -2.61 -40.98
CA CYS A 230 -37.38 -1.80 -41.57
C CYS A 230 -37.50 -2.17 -43.03
N SER A 231 -38.66 -1.83 -43.61
CA SER A 231 -38.94 -2.15 -44.99
C SER A 231 -38.00 -1.40 -45.93
N HIS A 232 -37.81 -1.96 -47.12
CA HIS A 232 -36.74 -1.47 -47.99
C HIS A 232 -37.10 -0.14 -48.63
N GLU A 233 -38.40 0.15 -48.74
CA GLU A 233 -38.81 1.51 -49.09
C GLU A 233 -38.42 2.49 -47.99
N MET A 234 -38.71 2.14 -46.74
CA MET A 234 -38.25 2.93 -45.61
C MET A 234 -36.74 2.97 -45.54
N ALA A 235 -36.08 1.83 -45.78
CA ALA A 235 -34.66 1.66 -45.48
C ALA A 235 -33.78 2.55 -46.33
N ALA A 236 -34.18 2.80 -47.58
CA ALA A 236 -33.38 3.64 -48.46
C ALA A 236 -33.42 5.08 -48.02
N GLY A 237 -34.48 5.46 -47.30
CA GLY A 237 -34.61 6.84 -46.88
C GLY A 237 -33.69 7.18 -45.72
N ILE A 238 -33.31 6.17 -44.92
CA ILE A 238 -32.35 6.42 -43.86
C ILE A 238 -30.98 6.71 -44.45
N LEU A 239 -30.57 5.92 -45.42
CA LEU A 239 -29.25 6.10 -46.02
C LEU A 239 -29.16 7.38 -46.84
N LYS A 240 -30.30 7.89 -47.31
CA LYS A 240 -30.29 9.22 -47.89
C LYS A 240 -30.00 10.27 -46.83
N GLN A 241 -30.50 10.06 -45.62
CA GLN A 241 -30.16 10.95 -44.53
C GLN A 241 -28.83 10.59 -43.90
N ALA A 242 -28.35 9.35 -44.06
CA ALA A 242 -27.10 8.97 -43.44
C ALA A 242 -25.91 9.55 -44.19
N LEU A 243 -26.10 9.88 -45.47
CA LEU A 243 -25.04 10.49 -46.24
C LEU A 243 -24.91 11.97 -45.90
N ALA A 244 -26.05 12.63 -45.70
CA ALA A 244 -26.06 14.07 -45.46
C ALA A 244 -25.45 14.39 -44.10
N MET A 245 -25.80 13.62 -43.08
CA MET A 245 -25.23 13.84 -41.76
C MET A 245 -23.86 13.24 -41.57
N GLY A 246 -23.26 12.69 -42.62
CA GLY A 246 -21.89 12.25 -42.55
C GLY A 246 -21.70 10.88 -41.93
N MET A 247 -22.79 10.22 -41.53
CA MET A 247 -22.65 8.88 -40.97
C MET A 247 -22.58 7.80 -42.03
N MET A 248 -22.29 8.17 -43.27
CA MET A 248 -22.07 7.17 -44.31
C MET A 248 -20.56 7.15 -44.59
N THR A 249 -19.77 7.22 -43.54
CA THR A 249 -18.34 7.01 -43.69
C THR A 249 -17.98 5.54 -43.54
N GLU A 250 -16.71 5.25 -43.66
CA GLU A 250 -16.20 3.88 -43.64
C GLU A 250 -15.73 3.47 -42.25
N TYR A 251 -16.42 3.96 -41.22
CA TYR A 251 -16.39 3.36 -39.90
C TYR A 251 -17.56 2.41 -39.68
N TYR A 252 -18.62 2.55 -40.45
CA TYR A 252 -19.90 1.94 -40.15
C TYR A 252 -20.06 0.62 -40.86
N HIS A 253 -20.83 -0.27 -40.23
CA HIS A 253 -21.01 -1.63 -40.71
C HIS A 253 -22.48 -2.03 -40.57
N TYR A 254 -23.35 -1.23 -41.20
CA TYR A 254 -24.80 -1.36 -41.11
C TYR A 254 -25.26 -2.76 -41.49
N ILE A 255 -26.22 -3.32 -40.77
CA ILE A 255 -26.79 -4.59 -41.20
C ILE A 255 -28.28 -4.45 -41.42
N PHE A 256 -28.72 -4.69 -42.64
CA PHE A 256 -30.14 -4.66 -42.89
C PHE A 256 -30.75 -6.04 -42.66
N THR A 257 -32.06 -6.07 -42.66
CA THR A 257 -32.79 -7.26 -42.33
C THR A 257 -33.81 -7.62 -43.40
N THR A 258 -34.43 -6.65 -44.02
CA THR A 258 -35.51 -6.90 -44.97
C THR A 258 -34.97 -7.58 -46.21
N LEU A 259 -35.71 -8.53 -46.76
CA LEU A 259 -35.13 -9.37 -47.79
C LEU A 259 -35.34 -8.77 -49.17
N ASP A 260 -35.12 -7.46 -49.28
CA ASP A 260 -35.18 -6.71 -50.52
C ASP A 260 -34.09 -5.66 -50.51
N LEU A 261 -33.10 -5.84 -49.61
CA LEU A 261 -31.85 -5.08 -49.61
C LEU A 261 -31.18 -5.14 -50.96
N PHE A 262 -31.34 -6.28 -51.63
CA PHE A 262 -31.02 -6.50 -53.04
C PHE A 262 -31.36 -5.35 -53.98
N ALA A 263 -32.53 -4.73 -53.86
CA ALA A 263 -32.86 -3.77 -54.91
C ALA A 263 -32.22 -2.42 -54.66
N LEU A 264 -32.80 -1.60 -53.76
CA LEU A 264 -32.20 -0.60 -52.87
C LEU A 264 -30.93 0.06 -53.42
N ASP A 265 -31.06 0.94 -54.43
CA ASP A 265 -29.97 1.45 -55.27
C ASP A 265 -28.68 1.81 -54.55
N VAL A 266 -27.60 1.13 -54.93
CA VAL A 266 -26.38 1.08 -54.12
C VAL A 266 -25.32 2.03 -54.62
N GLU A 267 -25.53 2.63 -55.79
CA GLU A 267 -24.40 3.20 -56.52
C GLU A 267 -23.81 4.47 -55.90
N PRO A 268 -24.61 5.46 -55.37
CA PRO A 268 -23.97 6.50 -54.56
C PRO A 268 -23.29 5.95 -53.32
N TYR A 269 -23.88 4.91 -52.73
CA TYR A 269 -23.31 4.37 -51.52
C TYR A 269 -22.38 3.21 -51.83
N ARG A 270 -21.46 3.37 -52.78
CA ARG A 270 -20.55 2.29 -53.07
C ARG A 270 -19.15 2.83 -52.88
N TYR A 271 -18.80 3.96 -53.48
CA TYR A 271 -17.43 4.43 -53.39
C TYR A 271 -17.23 5.30 -52.16
N SER A 272 -17.56 4.75 -51.00
CA SER A 272 -17.19 5.35 -49.73
C SER A 272 -16.65 4.24 -48.86
N GLY A 273 -16.64 3.02 -49.40
CA GLY A 273 -16.07 1.86 -48.76
C GLY A 273 -16.74 1.49 -47.45
N VAL A 274 -18.00 1.88 -47.30
CA VAL A 274 -18.74 1.62 -46.08
C VAL A 274 -19.09 0.15 -46.09
N ASN A 275 -18.89 -0.53 -44.97
CA ASN A 275 -19.44 -1.86 -44.88
C ASN A 275 -20.94 -1.78 -44.71
N MET A 276 -21.68 -2.58 -45.47
CA MET A 276 -23.05 -2.94 -45.15
C MET A 276 -23.33 -4.33 -45.69
N THR A 277 -24.08 -5.09 -44.93
CA THR A 277 -24.26 -6.52 -45.05
C THR A 277 -25.78 -6.75 -45.09
N GLY A 278 -26.21 -7.98 -45.22
CA GLY A 278 -27.63 -8.25 -45.24
C GLY A 278 -27.88 -9.51 -46.04
N PHE A 279 -29.14 -9.92 -46.07
CA PHE A 279 -29.53 -11.22 -46.57
C PHE A 279 -30.27 -11.11 -47.90
N ARG A 280 -30.39 -12.24 -48.59
CA ARG A 280 -31.14 -12.31 -49.84
C ARG A 280 -31.57 -13.75 -50.04
N ILE A 281 -32.89 -13.99 -50.03
CA ILE A 281 -33.41 -15.32 -50.28
C ILE A 281 -33.69 -15.44 -51.77
N LEU A 282 -33.79 -14.29 -52.43
CA LEU A 282 -34.20 -14.30 -53.83
C LEU A 282 -33.01 -14.62 -54.72
N ASN A 283 -32.98 -15.84 -55.27
CA ASN A 283 -31.86 -16.28 -56.08
C ASN A 283 -31.80 -15.54 -57.41
N THR A 284 -30.64 -14.98 -57.72
CA THR A 284 -30.36 -14.39 -59.03
C THR A 284 -29.25 -15.13 -59.75
N GLU A 285 -29.21 -16.46 -59.61
CA GLU A 285 -28.12 -17.27 -60.13
C GLU A 285 -28.66 -18.36 -61.04
N ASN A 286 -29.80 -18.95 -60.71
CA ASN A 286 -30.44 -19.91 -61.59
C ASN A 286 -30.90 -19.22 -62.87
N THR A 287 -30.37 -19.69 -64.00
CA THR A 287 -30.68 -19.14 -65.32
C THR A 287 -32.18 -19.18 -65.60
N GLN A 288 -32.85 -20.24 -65.17
CA GLN A 288 -34.31 -20.29 -65.22
C GLN A 288 -34.92 -19.17 -64.38
N VAL A 289 -34.48 -19.04 -63.13
CA VAL A 289 -35.01 -18.03 -62.23
C VAL A 289 -34.63 -16.63 -62.70
N SER A 290 -33.40 -16.47 -63.21
CA SER A 290 -32.98 -15.18 -63.74
C SER A 290 -33.83 -14.77 -64.94
N SER A 291 -34.26 -15.76 -65.73
CA SER A 291 -35.17 -15.48 -66.84
C SER A 291 -36.55 -15.08 -66.34
N ILE A 292 -36.99 -15.67 -65.22
CA ILE A 292 -38.29 -15.29 -64.67
C ILE A 292 -38.25 -13.88 -64.11
N ILE A 293 -37.08 -13.46 -63.61
CA ILE A 293 -36.91 -12.07 -63.22
C ILE A 293 -36.94 -11.17 -64.46
N GLU A 294 -36.39 -11.67 -65.58
CA GLU A 294 -36.45 -10.93 -66.84
C GLU A 294 -37.87 -10.83 -67.35
N LYS A 295 -38.60 -11.94 -67.34
CA LYS A 295 -39.98 -11.94 -67.82
C LYS A 295 -40.88 -11.15 -66.88
N TRP A 296 -40.53 -11.10 -65.60
CA TRP A 296 -41.19 -10.18 -64.68
C TRP A 296 -40.88 -8.74 -65.03
N SER A 297 -39.62 -8.47 -65.40
CA SER A 297 -39.17 -7.10 -65.63
C SER A 297 -39.87 -6.48 -66.83
N MET A 298 -40.13 -7.30 -67.85
CA MET A 298 -40.89 -6.80 -69.00
C MET A 298 -42.35 -6.63 -68.65
N GLU A 299 -42.88 -7.52 -67.80
CA GLU A 299 -44.30 -7.47 -67.48
C GLU A 299 -44.59 -6.37 -66.48
N ARG A 300 -43.67 -6.12 -65.55
CA ARG A 300 -43.89 -5.08 -64.56
C ARG A 300 -43.71 -3.70 -65.16
N LEU A 301 -42.91 -3.62 -66.24
CA LEU A 301 -42.27 -2.42 -66.82
C LEU A 301 -43.15 -1.18 -66.93
N GLN A 302 -44.45 -1.39 -67.07
CA GLN A 302 -45.48 -0.34 -67.05
C GLN A 302 -45.45 0.49 -65.77
N ALA A 303 -45.02 -0.13 -64.65
CA ALA A 303 -45.00 0.42 -63.29
C ALA A 303 -44.32 1.77 -63.18
N PRO A 304 -44.85 2.68 -62.36
CA PRO A 304 -44.25 4.01 -62.23
C PRO A 304 -42.94 3.96 -61.47
N PRO A 305 -41.89 4.56 -62.01
CA PRO A 305 -40.63 4.62 -61.28
C PRO A 305 -40.55 5.80 -60.31
N LYS A 306 -40.19 5.52 -59.07
CA LYS A 306 -39.85 6.57 -58.13
C LYS A 306 -38.34 6.73 -58.10
N PRO A 307 -37.77 7.76 -58.75
CA PRO A 307 -36.31 7.85 -58.90
C PRO A 307 -35.58 8.18 -57.61
N ASP A 308 -36.14 9.09 -56.82
CA ASP A 308 -35.57 9.47 -55.54
C ASP A 308 -35.58 8.36 -54.50
N SER A 309 -36.45 7.36 -54.69
CA SER A 309 -36.63 6.28 -53.74
C SER A 309 -35.42 5.36 -53.67
N GLY A 310 -34.59 5.36 -54.70
CA GLY A 310 -33.42 4.51 -54.69
C GLY A 310 -33.77 3.07 -54.99
N LEU A 311 -34.73 2.88 -55.89
CA LEU A 311 -35.10 1.53 -56.28
C LEU A 311 -34.59 1.22 -57.67
N LEU A 312 -33.87 0.11 -57.80
CA LEU A 312 -33.52 -0.41 -59.12
C LEU A 312 -34.79 -0.92 -59.78
N ASP A 313 -35.32 -0.16 -60.74
CA ASP A 313 -36.68 -0.33 -61.27
C ASP A 313 -36.90 -1.66 -61.99
N GLY A 314 -35.83 -2.33 -62.38
CA GLY A 314 -35.93 -3.74 -62.70
C GLY A 314 -35.67 -4.52 -61.43
N PHE A 315 -36.70 -5.14 -60.88
CA PHE A 315 -36.58 -5.78 -59.58
C PHE A 315 -37.66 -6.82 -59.38
N MET A 316 -37.53 -7.60 -58.33
CA MET A 316 -38.65 -8.28 -57.74
C MET A 316 -38.51 -8.18 -56.22
N THR A 317 -39.41 -7.41 -55.61
CA THR A 317 -39.52 -7.42 -54.15
C THR A 317 -39.87 -8.83 -53.69
N THR A 318 -39.30 -9.25 -52.56
CA THR A 318 -39.55 -10.60 -52.05
C THR A 318 -40.98 -10.82 -51.61
N ASP A 319 -41.78 -9.74 -51.49
CA ASP A 319 -43.21 -9.86 -51.29
C ASP A 319 -43.84 -10.47 -52.54
N ALA A 320 -43.33 -10.06 -53.70
CA ALA A 320 -43.85 -10.60 -54.95
C ALA A 320 -43.33 -12.00 -55.19
N ALA A 321 -42.15 -12.29 -54.67
CA ALA A 321 -41.52 -13.59 -54.92
C ALA A 321 -42.29 -14.70 -54.24
N LEU A 322 -42.62 -14.47 -52.97
CA LEU A 322 -43.26 -15.51 -52.18
C LEU A 322 -44.68 -15.79 -52.64
N MET A 323 -45.40 -14.76 -53.06
CA MET A 323 -46.71 -14.97 -53.66
C MET A 323 -46.59 -15.72 -54.98
N TYR A 324 -45.50 -15.48 -55.71
CA TYR A 324 -45.26 -16.21 -56.95
C TYR A 324 -44.96 -17.67 -56.68
N ASP A 325 -44.13 -17.95 -55.68
CA ASP A 325 -43.77 -19.34 -55.41
C ASP A 325 -44.91 -20.11 -54.78
N ALA A 326 -45.77 -19.43 -54.03
CA ALA A 326 -46.88 -20.10 -53.35
C ALA A 326 -47.87 -20.69 -54.33
N VAL A 327 -48.06 -20.01 -55.46
CA VAL A 327 -48.88 -20.56 -56.53
C VAL A 327 -48.21 -21.79 -57.11
N HIS A 328 -46.89 -21.77 -57.21
CA HIS A 328 -46.15 -22.94 -57.68
C HIS A 328 -46.20 -24.09 -56.68
N VAL A 329 -46.37 -23.78 -55.39
CA VAL A 329 -46.42 -24.86 -54.40
C VAL A 329 -47.73 -25.62 -54.52
N VAL A 330 -48.85 -24.89 -54.47
CA VAL A 330 -50.15 -25.54 -54.45
C VAL A 330 -50.47 -26.16 -55.80
N SER A 331 -49.82 -25.67 -56.87
CA SER A 331 -49.92 -26.34 -58.17
C SER A 331 -49.29 -27.73 -58.12
N VAL A 332 -48.25 -27.90 -57.32
CA VAL A 332 -47.65 -29.22 -57.14
C VAL A 332 -48.59 -30.10 -56.32
N ALA A 333 -49.34 -29.49 -55.41
CA ALA A 333 -50.27 -30.25 -54.61
C ALA A 333 -51.42 -30.78 -55.45
N VAL A 334 -51.92 -29.98 -56.38
CA VAL A 334 -53.10 -30.39 -57.12
C VAL A 334 -52.74 -31.32 -58.27
N GLN A 335 -51.51 -31.24 -58.78
CA GLN A 335 -51.09 -32.25 -59.75
C GLN A 335 -50.81 -33.57 -59.05
N GLN A 336 -50.41 -33.51 -57.78
CA GLN A 336 -50.34 -34.71 -56.97
C GLN A 336 -51.74 -35.27 -56.72
N PHE A 337 -52.75 -34.40 -56.64
CA PHE A 337 -54.06 -34.81 -56.16
C PHE A 337 -55.16 -34.49 -57.17
N PRO A 338 -55.58 -35.46 -57.97
CA PRO A 338 -56.77 -35.26 -58.79
C PRO A 338 -58.04 -35.40 -57.97
N GLN A 339 -59.19 -35.34 -58.66
CA GLN A 339 -60.54 -35.64 -58.15
C GLN A 339 -61.06 -34.56 -57.19
N MET A 340 -60.20 -33.59 -56.86
CA MET A 340 -60.56 -32.42 -56.09
C MET A 340 -61.52 -31.54 -56.87
N THR A 341 -62.41 -30.84 -56.18
CA THR A 341 -63.19 -29.80 -56.83
C THR A 341 -63.47 -28.66 -55.87
N VAL A 342 -63.77 -27.49 -56.42
CA VAL A 342 -64.24 -26.39 -55.59
C VAL A 342 -65.68 -26.71 -55.19
N SER A 343 -66.13 -26.15 -54.09
CA SER A 343 -67.46 -26.39 -53.57
C SER A 343 -67.97 -25.08 -52.99
N SER A 344 -69.12 -24.63 -53.49
CA SER A 344 -69.74 -23.43 -52.94
C SER A 344 -70.16 -23.67 -51.50
N LEU A 345 -69.78 -22.76 -50.62
CA LEU A 345 -69.78 -23.05 -49.21
C LEU A 345 -69.99 -21.78 -48.41
N GLN A 346 -71.04 -21.76 -47.62
CA GLN A 346 -71.57 -20.54 -47.01
C GLN A 346 -70.93 -20.29 -45.67
N CYS A 347 -70.85 -19.02 -45.28
CA CYS A 347 -70.32 -18.67 -43.97
C CYS A 347 -71.42 -18.56 -42.92
N ASN A 348 -72.67 -18.48 -43.36
CA ASN A 348 -73.80 -18.47 -42.45
C ASN A 348 -73.94 -19.83 -41.77
N ARG A 349 -73.56 -20.89 -42.47
CA ARG A 349 -73.70 -22.24 -41.97
C ARG A 349 -72.32 -22.86 -41.82
N HIS A 350 -72.02 -23.34 -40.61
CA HIS A 350 -70.72 -23.93 -40.32
C HIS A 350 -70.61 -25.29 -40.98
N LYS A 351 -70.27 -25.29 -42.27
CA LYS A 351 -70.24 -26.52 -43.03
C LYS A 351 -68.83 -26.79 -43.49
N PRO A 352 -68.17 -27.84 -43.01
CA PRO A 352 -66.78 -28.08 -43.42
C PRO A 352 -66.67 -28.53 -44.87
N TRP A 353 -65.58 -28.16 -45.52
CA TRP A 353 -65.35 -28.56 -46.89
C TRP A 353 -64.87 -30.02 -46.88
N ARG A 354 -65.01 -30.69 -48.03
CA ARG A 354 -64.84 -32.13 -48.08
C ARG A 354 -63.35 -32.46 -48.12
N PHE A 355 -62.58 -31.91 -49.05
CA PHE A 355 -61.20 -32.37 -49.12
C PHE A 355 -60.28 -31.66 -48.18
N GLY A 356 -60.76 -30.94 -47.17
CA GLY A 356 -59.95 -30.10 -46.32
C GLY A 356 -58.74 -30.74 -45.69
N THR A 357 -58.95 -31.71 -44.79
CA THR A 357 -57.83 -32.39 -44.13
C THR A 357 -57.05 -33.24 -45.11
N ARG A 358 -57.73 -33.71 -46.17
CA ARG A 358 -57.04 -34.39 -47.26
C ARG A 358 -56.06 -33.45 -47.97
N PHE A 359 -56.54 -32.29 -48.39
CA PHE A 359 -55.71 -31.42 -49.22
C PHE A 359 -54.72 -30.62 -48.39
N MET A 360 -55.05 -30.34 -47.13
CA MET A 360 -54.15 -29.53 -46.31
C MET A 360 -52.90 -30.31 -45.97
N SER A 361 -53.01 -31.64 -45.88
CA SER A 361 -51.82 -32.45 -45.64
C SER A 361 -50.99 -32.62 -46.92
N LEU A 362 -51.54 -32.20 -48.06
CA LEU A 362 -50.77 -32.25 -49.29
C LEU A 362 -49.89 -31.02 -49.44
N ILE A 363 -50.37 -29.88 -48.94
CA ILE A 363 -49.57 -28.66 -48.97
C ILE A 363 -48.42 -28.76 -47.99
N LYS A 364 -48.70 -29.29 -46.80
CA LYS A 364 -47.72 -29.26 -45.71
C LYS A 364 -46.63 -30.30 -45.85
N GLU A 365 -46.52 -30.95 -47.01
CA GLU A 365 -45.47 -31.94 -47.26
C GLU A 365 -44.58 -31.56 -48.43
N ALA A 366 -45.18 -31.24 -49.57
CA ALA A 366 -44.51 -31.28 -50.87
C ALA A 366 -43.39 -30.27 -51.03
N HIS A 367 -42.34 -30.66 -51.75
CA HIS A 367 -41.24 -29.77 -52.05
C HIS A 367 -41.47 -29.02 -53.35
N TRP A 368 -40.45 -28.25 -53.73
CA TRP A 368 -40.39 -27.41 -54.92
C TRP A 368 -38.98 -26.82 -54.93
N GLU A 369 -38.52 -26.33 -56.07
CA GLU A 369 -37.50 -25.31 -56.02
C GLU A 369 -38.00 -24.11 -56.80
N GLY A 370 -38.01 -22.97 -56.14
CA GLY A 370 -38.52 -21.78 -56.75
C GLY A 370 -37.52 -20.67 -56.60
N LEU A 371 -38.06 -19.48 -56.38
CA LEU A 371 -37.20 -18.30 -56.44
C LEU A 371 -36.45 -18.18 -55.13
N THR A 372 -37.08 -18.64 -54.06
CA THR A 372 -36.66 -18.33 -52.70
C THR A 372 -36.12 -19.53 -51.96
N GLY A 373 -35.27 -20.32 -52.58
CA GLY A 373 -34.67 -21.46 -51.89
C GLY A 373 -35.31 -22.75 -52.37
N ARG A 374 -35.60 -23.66 -51.45
CA ARG A 374 -36.31 -24.82 -51.95
C ARG A 374 -37.79 -24.56 -52.03
N ILE A 375 -38.51 -24.90 -50.96
CA ILE A 375 -39.71 -24.41 -50.27
C ILE A 375 -39.85 -25.48 -49.20
N THR A 376 -40.23 -25.15 -47.97
CA THR A 376 -40.72 -26.24 -47.14
C THR A 376 -41.90 -25.80 -46.29
N PHE A 377 -42.55 -26.77 -45.66
CA PHE A 377 -43.55 -26.49 -44.65
C PHE A 377 -43.36 -27.53 -43.56
N ASN A 378 -42.87 -27.08 -42.40
CA ASN A 378 -42.06 -27.87 -41.48
C ASN A 378 -42.59 -29.26 -41.16
N LYS A 379 -43.46 -29.42 -40.17
CA LYS A 379 -44.67 -30.23 -40.22
C LYS A 379 -45.61 -29.72 -39.14
N THR A 380 -44.98 -29.24 -38.07
CA THR A 380 -45.65 -29.05 -36.79
C THR A 380 -46.49 -27.79 -36.85
N ASN A 381 -45.83 -26.66 -37.05
CA ASN A 381 -46.49 -25.51 -37.64
C ASN A 381 -46.34 -25.59 -39.14
N GLY A 382 -46.85 -24.61 -39.86
CA GLY A 382 -46.71 -24.63 -41.30
C GLY A 382 -45.81 -23.51 -41.76
N LEU A 383 -44.98 -23.02 -40.87
CA LEU A 383 -44.11 -21.89 -41.14
C LEU A 383 -42.77 -22.46 -41.59
N ARG A 384 -42.30 -22.01 -42.76
CA ARG A 384 -41.00 -22.47 -43.24
C ARG A 384 -39.88 -22.00 -42.34
N THR A 385 -39.10 -22.94 -41.82
CA THR A 385 -37.95 -22.66 -40.98
C THR A 385 -36.73 -23.47 -41.41
N ASP A 386 -36.58 -23.70 -42.71
CA ASP A 386 -35.52 -24.54 -43.26
C ASP A 386 -34.93 -23.82 -44.47
N PHE A 387 -34.45 -22.60 -44.23
CA PHE A 387 -34.15 -21.62 -45.27
C PHE A 387 -33.01 -22.03 -46.17
N ASP A 388 -32.75 -21.20 -47.18
CA ASP A 388 -31.59 -21.35 -48.03
C ASP A 388 -30.95 -19.98 -48.27
N LEU A 389 -30.77 -19.21 -47.19
CA LEU A 389 -30.41 -17.81 -47.32
C LEU A 389 -28.99 -17.64 -47.86
N ASP A 390 -28.76 -16.46 -48.40
CA ASP A 390 -27.46 -16.05 -48.91
C ASP A 390 -27.14 -14.68 -48.36
N VAL A 391 -26.01 -14.55 -47.70
CA VAL A 391 -25.60 -13.25 -47.19
C VAL A 391 -24.91 -12.47 -48.30
N ILE A 392 -25.44 -11.29 -48.60
CA ILE A 392 -24.83 -10.36 -49.53
C ILE A 392 -24.11 -9.32 -48.70
N SER A 393 -23.24 -8.54 -49.36
CA SER A 393 -22.51 -7.49 -48.70
C SER A 393 -22.20 -6.39 -49.69
N LEU A 394 -21.48 -5.38 -49.23
CA LEU A 394 -21.18 -4.23 -50.08
C LEU A 394 -19.69 -4.19 -50.42
N LYS A 395 -19.39 -4.70 -51.60
CA LYS A 395 -18.09 -4.49 -52.21
C LYS A 395 -18.27 -3.62 -53.43
N GLU A 396 -17.16 -3.13 -53.98
CA GLU A 396 -17.23 -2.07 -54.98
C GLU A 396 -17.68 -2.52 -56.36
N GLU A 397 -18.14 -3.76 -56.49
CA GLU A 397 -18.74 -4.25 -57.72
C GLU A 397 -20.26 -4.30 -57.62
N GLY A 398 -20.83 -3.30 -56.97
CA GLY A 398 -22.26 -3.14 -56.76
C GLY A 398 -22.81 -3.83 -55.53
N LEU A 399 -23.09 -5.14 -55.63
CA LEU A 399 -23.73 -5.84 -54.52
C LEU A 399 -23.58 -7.33 -54.75
N GLU A 400 -22.89 -8.06 -53.88
CA GLU A 400 -22.60 -9.44 -54.24
C GLU A 400 -22.62 -10.38 -53.04
N LYS A 401 -22.77 -11.66 -53.34
CA LYS A 401 -22.80 -12.78 -52.41
C LYS A 401 -21.49 -12.94 -51.66
N ILE A 402 -21.55 -13.26 -50.37
CA ILE A 402 -20.34 -13.46 -49.60
C ILE A 402 -20.49 -14.74 -48.77
N GLY A 403 -21.62 -15.43 -48.93
CA GLY A 403 -21.79 -16.69 -48.21
C GLY A 403 -23.22 -17.20 -48.09
N THR A 404 -23.39 -18.42 -47.58
CA THR A 404 -24.69 -19.08 -47.57
C THR A 404 -25.02 -19.55 -46.16
N TRP A 405 -26.19 -19.18 -45.68
CA TRP A 405 -26.67 -19.60 -44.37
C TRP A 405 -27.77 -20.65 -44.57
N ASP A 406 -28.04 -21.44 -43.54
CA ASP A 406 -29.20 -22.33 -43.44
C ASP A 406 -29.42 -22.60 -41.96
N PRO A 407 -30.50 -23.27 -41.54
CA PRO A 407 -30.60 -23.61 -40.11
C PRO A 407 -29.70 -24.76 -39.71
N ALA A 408 -29.28 -25.55 -40.67
CA ALA A 408 -28.46 -26.72 -40.38
C ALA A 408 -27.00 -26.39 -40.20
N SER A 409 -26.34 -25.87 -41.23
CA SER A 409 -24.89 -25.70 -41.20
C SER A 409 -24.49 -24.40 -40.52
N GLY A 410 -25.45 -23.59 -40.16
CA GLY A 410 -25.14 -22.26 -39.61
C GLY A 410 -24.57 -21.36 -40.69
N LEU A 411 -23.61 -20.53 -40.34
CA LEU A 411 -22.91 -19.72 -41.33
C LEU A 411 -21.85 -20.59 -41.98
N ASN A 412 -22.17 -21.11 -43.15
CA ASN A 412 -21.13 -21.51 -44.08
C ASN A 412 -20.78 -20.28 -44.89
N MET A 413 -20.18 -19.28 -44.24
CA MET A 413 -19.79 -18.07 -44.91
C MET A 413 -18.42 -18.32 -45.51
N THR A 414 -18.43 -18.89 -46.72
CA THR A 414 -17.31 -19.61 -47.32
C THR A 414 -16.10 -18.74 -47.57
N GLU A 415 -16.34 -17.55 -48.16
CA GLU A 415 -15.41 -16.84 -49.05
C GLU A 415 -14.00 -16.70 -48.50
N SER A 416 -13.83 -15.87 -47.46
CA SER A 416 -12.68 -15.74 -46.57
C SER A 416 -11.30 -15.93 -47.20
N GLN A 417 -11.07 -15.35 -48.38
CA GLN A 417 -9.84 -15.66 -49.09
C GLN A 417 -9.30 -14.46 -49.88
N LYS A 418 -7.96 -14.39 -49.95
CA LYS A 418 -7.09 -13.91 -51.03
C LYS A 418 -5.67 -14.34 -50.68
N GLY A 419 -4.69 -13.85 -51.44
CA GLY A 419 -3.32 -13.80 -50.97
C GLY A 419 -3.08 -12.45 -50.34
N LYS A 420 -1.83 -12.03 -50.15
CA LYS A 420 -1.62 -10.67 -49.68
C LYS A 420 -0.69 -9.86 -50.58
N PRO A 421 -1.14 -9.37 -51.73
CA PRO A 421 -0.29 -8.50 -52.56
C PRO A 421 -0.42 -7.00 -52.31
N ALA A 422 -0.94 -6.57 -51.17
CA ALA A 422 -1.97 -5.52 -51.01
C ALA A 422 -2.13 -4.49 -52.12
N ASN A 423 -1.04 -3.94 -52.67
CA ASN A 423 -1.05 -2.98 -53.78
C ASN A 423 -1.80 -1.70 -53.44
N ILE A 424 -1.26 -0.89 -52.54
CA ILE A 424 -1.97 0.24 -51.95
C ILE A 424 -1.97 1.48 -52.84
N THR A 425 -1.65 1.30 -54.12
CA THR A 425 -1.24 2.25 -55.15
C THR A 425 -1.89 3.63 -55.08
N ASP A 426 -3.22 3.64 -54.98
CA ASP A 426 -3.95 4.80 -54.51
C ASP A 426 -5.17 4.33 -53.72
N SER A 427 -5.03 3.20 -53.01
CA SER A 427 -6.16 2.41 -52.53
C SER A 427 -7.03 3.08 -51.46
N LEU A 428 -6.69 4.29 -51.05
CA LEU A 428 -7.62 5.12 -50.30
C LEU A 428 -8.25 6.19 -51.16
N SER A 429 -8.52 5.87 -52.42
CA SER A 429 -9.11 6.82 -53.38
C SER A 429 -10.52 7.21 -52.99
N ASN A 430 -11.04 8.25 -53.66
CA ASN A 430 -12.39 8.81 -53.61
C ASN A 430 -12.68 9.57 -52.33
N ARG A 431 -11.80 9.53 -51.35
CA ARG A 431 -12.23 9.82 -49.99
C ARG A 431 -11.83 11.23 -49.56
N SER A 432 -12.52 11.71 -48.53
CA SER A 432 -12.36 13.09 -48.07
C SER A 432 -12.05 13.03 -46.58
N LEU A 433 -10.76 13.08 -46.25
CA LEU A 433 -10.30 12.92 -44.88
C LEU A 433 -10.11 14.29 -44.25
N ILE A 434 -10.01 14.33 -42.92
CA ILE A 434 -9.91 15.58 -42.17
C ILE A 434 -8.62 15.51 -41.36
N VAL A 435 -7.63 16.32 -41.76
CA VAL A 435 -6.32 16.28 -41.12
C VAL A 435 -6.21 17.42 -40.12
N THR A 436 -5.81 17.09 -38.90
CA THR A 436 -5.58 18.12 -37.88
C THR A 436 -4.09 18.28 -37.61
N THR A 437 -3.71 19.50 -37.22
CA THR A 437 -2.31 19.86 -37.03
C THR A 437 -2.10 21.17 -36.26
N ILE A 438 -0.83 21.49 -36.01
CA ILE A 438 -0.36 22.81 -35.60
C ILE A 438 0.87 23.14 -36.42
N LEU A 439 0.98 24.38 -36.87
CA LEU A 439 2.19 24.94 -37.45
C LEU A 439 3.34 24.78 -36.45
N GLU A 440 4.42 24.15 -36.90
CA GLU A 440 5.52 23.82 -36.01
C GLU A 440 6.80 24.56 -36.36
N GLU A 441 7.12 24.70 -37.68
CA GLU A 441 8.34 25.30 -38.25
C GLU A 441 9.57 24.65 -37.62
N PRO A 442 10.09 23.56 -38.21
CA PRO A 442 10.14 23.48 -39.68
C PRO A 442 9.13 22.62 -40.43
N TYR A 443 8.35 21.76 -39.77
CA TYR A 443 7.68 20.73 -40.56
C TYR A 443 6.20 20.95 -40.81
N VAL A 444 5.52 21.81 -40.05
CA VAL A 444 4.31 22.45 -40.54
C VAL A 444 4.53 23.93 -40.24
N LEU A 445 4.26 24.83 -41.19
CA LEU A 445 4.52 26.24 -40.94
C LEU A 445 3.62 27.08 -41.84
N PHE A 446 3.00 28.10 -41.24
CA PHE A 446 1.97 28.92 -41.86
C PHE A 446 2.56 29.93 -42.83
N LYS A 447 1.94 30.11 -43.99
CA LYS A 447 2.58 30.90 -45.04
C LYS A 447 2.36 32.40 -44.82
N LYS A 448 3.36 33.19 -45.19
CA LYS A 448 3.33 34.65 -45.33
C LYS A 448 2.56 35.05 -46.59
N SER A 449 2.56 36.37 -46.86
CA SER A 449 2.09 36.96 -48.12
C SER A 449 0.63 36.67 -48.45
N ASP A 450 -0.31 37.30 -47.71
CA ASP A 450 -1.74 37.05 -47.79
C ASP A 450 -2.41 37.29 -49.15
N LYS A 451 -1.68 37.81 -50.14
CA LYS A 451 -2.12 37.81 -51.53
C LYS A 451 -2.30 36.35 -51.97
N PRO A 452 -3.26 36.04 -52.92
CA PRO A 452 -4.18 34.89 -52.75
C PRO A 452 -3.64 33.61 -52.11
N LEU A 453 -4.24 33.25 -50.97
CA LEU A 453 -3.65 32.28 -50.07
C LEU A 453 -4.74 31.71 -49.16
N TYR A 454 -5.08 30.44 -49.35
CA TYR A 454 -6.25 29.86 -48.69
C TYR A 454 -5.88 28.50 -48.13
N GLY A 455 -6.92 27.77 -47.70
CA GLY A 455 -6.86 26.58 -46.85
C GLY A 455 -5.75 25.57 -47.05
N ASN A 456 -5.63 25.05 -48.27
CA ASN A 456 -4.57 24.10 -48.58
C ASN A 456 -3.26 24.87 -48.82
N ASP A 457 -3.38 26.11 -49.29
CA ASP A 457 -2.19 26.83 -49.73
C ASP A 457 -1.45 27.45 -48.54
N ARG A 458 -2.15 27.65 -47.40
CA ARG A 458 -1.63 28.32 -46.19
C ARG A 458 -0.39 27.68 -45.59
N PHE A 459 0.06 26.49 -46.00
CA PHE A 459 1.13 25.80 -45.29
C PHE A 459 2.10 25.23 -46.29
N GLU A 460 3.40 25.25 -45.95
CA GLU A 460 4.47 24.80 -46.83
C GLU A 460 5.54 24.04 -46.07
N GLY A 461 5.19 23.48 -44.92
CA GLY A 461 6.11 22.72 -44.11
C GLY A 461 6.53 21.40 -44.73
N TYR A 462 7.46 20.75 -44.02
CA TYR A 462 7.91 19.39 -44.37
C TYR A 462 6.77 18.38 -44.36
N CYS A 463 5.99 18.34 -43.28
CA CYS A 463 5.04 17.24 -43.12
C CYS A 463 3.80 17.43 -43.97
N ILE A 464 3.48 18.67 -44.38
CA ILE A 464 2.37 18.82 -45.29
C ILE A 464 2.80 18.40 -46.68
N ASP A 465 4.08 18.59 -47.00
CA ASP A 465 4.58 18.05 -48.25
C ASP A 465 4.61 16.53 -48.21
N LEU A 466 4.97 15.96 -47.04
CA LEU A 466 4.79 14.54 -46.78
C LEU A 466 3.36 14.10 -47.04
N LEU A 467 2.39 14.88 -46.55
CA LEU A 467 0.98 14.63 -46.80
C LEU A 467 0.67 14.64 -48.29
N ARG A 468 1.39 15.47 -49.06
CA ARG A 468 1.25 15.43 -50.50
C ARG A 468 1.88 14.17 -51.08
N GLU A 469 2.98 13.67 -50.51
CA GLU A 469 3.42 12.34 -50.94
C GLU A 469 2.54 11.26 -50.32
N LEU A 470 1.99 11.51 -49.14
CA LEU A 470 0.97 10.61 -48.61
C LEU A 470 -0.28 10.59 -49.47
N SER A 471 -0.59 11.71 -50.15
CA SER A 471 -1.71 11.76 -51.07
CA SER A 471 -1.71 11.76 -51.07
C SER A 471 -1.48 10.85 -52.26
N THR A 472 -0.39 11.06 -52.99
CA THR A 472 -0.12 10.35 -54.22
C THR A 472 0.13 8.85 -54.02
N ILE A 473 0.55 8.45 -52.83
CA ILE A 473 0.64 7.03 -52.54
C ILE A 473 -0.74 6.46 -52.24
N LEU A 474 -1.68 7.29 -51.77
CA LEU A 474 -2.97 6.77 -51.33
C LEU A 474 -4.17 7.37 -52.04
N GLY A 475 -3.97 8.37 -52.89
CA GLY A 475 -5.03 8.85 -53.77
C GLY A 475 -6.23 9.50 -53.14
N PHE A 476 -6.09 10.03 -51.92
CA PHE A 476 -7.23 10.61 -51.21
C PHE A 476 -7.26 12.13 -51.40
N THR A 477 -8.24 12.75 -50.74
CA THR A 477 -8.44 14.19 -50.78
C THR A 477 -8.50 14.69 -49.34
N TYR A 478 -7.39 15.26 -48.89
CA TYR A 478 -7.33 15.81 -47.54
C TYR A 478 -7.93 17.21 -47.49
N GLU A 479 -7.85 17.82 -46.32
CA GLU A 479 -7.87 19.27 -46.20
C GLU A 479 -6.99 19.64 -45.02
N ILE A 480 -6.09 20.60 -45.20
CA ILE A 480 -5.20 20.95 -44.11
C ILE A 480 -5.93 21.90 -43.17
N ARG A 481 -6.26 21.41 -41.98
CA ARG A 481 -6.91 22.22 -40.95
C ARG A 481 -6.04 22.19 -39.71
N LEU A 482 -5.64 23.37 -39.25
CA LEU A 482 -5.01 23.48 -37.95
C LEU A 482 -6.04 23.24 -36.84
N VAL A 483 -5.57 22.72 -35.71
CA VAL A 483 -6.49 22.42 -34.61
C VAL A 483 -6.80 23.76 -33.96
N GLU A 484 -7.94 23.85 -33.28
CA GLU A 484 -8.45 25.13 -32.83
C GLU A 484 -8.01 25.43 -31.40
N ASP A 485 -7.68 24.40 -30.63
CA ASP A 485 -7.33 24.61 -29.24
C ASP A 485 -5.84 24.90 -29.07
N GLY A 486 -5.06 24.67 -30.14
CA GLY A 486 -3.65 25.00 -30.17
C GLY A 486 -2.78 24.21 -29.19
N LYS A 487 -3.06 22.93 -29.04
CA LYS A 487 -2.39 22.08 -28.06
C LYS A 487 -1.94 20.76 -28.67
N TYR A 488 -1.03 20.09 -27.97
CA TYR A 488 -0.27 18.96 -28.48
C TYR A 488 -0.75 17.62 -27.96
N GLY A 489 -2.06 17.43 -27.84
CA GLY A 489 -2.56 16.19 -27.29
C GLY A 489 -2.60 16.25 -25.78
N ALA A 490 -1.68 15.52 -25.13
CA ALA A 490 -1.23 15.84 -23.77
C ALA A 490 -2.31 15.81 -22.69
N GLN A 491 -2.63 14.60 -22.21
CA GLN A 491 -3.68 14.24 -21.25
C GLN A 491 -4.07 15.29 -20.20
N ASP A 492 -5.37 15.56 -20.16
CA ASP A 492 -5.98 16.58 -19.32
C ASP A 492 -6.61 15.90 -18.11
N ASP A 493 -6.04 16.15 -16.92
CA ASP A 493 -6.29 15.34 -15.73
C ASP A 493 -7.49 15.89 -14.94
N VAL A 494 -8.35 16.67 -15.59
CA VAL A 494 -9.58 17.16 -14.98
C VAL A 494 -10.48 15.98 -14.60
N ASN A 495 -10.84 15.16 -15.58
CA ASN A 495 -11.48 13.88 -15.28
C ASN A 495 -10.88 12.76 -16.12
N GLY A 496 -10.03 13.11 -17.08
CA GLY A 496 -9.53 12.15 -18.03
C GLY A 496 -9.43 12.70 -19.45
N GLN A 497 -9.66 14.01 -19.62
CA GLN A 497 -9.76 14.59 -20.95
C GLN A 497 -8.45 14.62 -21.73
N TRP A 498 -8.54 15.07 -22.96
CA TRP A 498 -7.50 14.85 -23.96
C TRP A 498 -7.27 16.11 -24.80
N ASN A 499 -7.05 17.24 -24.13
CA ASN A 499 -7.10 18.54 -24.79
C ASN A 499 -5.95 18.82 -25.75
N GLY A 500 -6.11 18.40 -27.00
CA GLY A 500 -5.12 18.74 -28.01
C GLY A 500 -5.47 18.12 -29.34
N MET A 501 -4.43 17.58 -29.99
CA MET A 501 -4.58 16.74 -31.16
C MET A 501 -5.53 15.59 -30.93
N VAL A 502 -5.38 14.92 -29.79
CA VAL A 502 -6.02 13.63 -29.59
C VAL A 502 -7.51 13.79 -29.30
N ARG A 503 -7.94 15.00 -28.94
CA ARG A 503 -9.38 15.24 -28.82
C ARG A 503 -10.04 15.16 -30.18
N GLU A 504 -9.36 15.62 -31.23
CA GLU A 504 -9.88 15.48 -32.59
C GLU A 504 -9.83 14.03 -33.04
N LEU A 505 -8.93 13.24 -32.46
CA LEU A 505 -8.78 11.85 -32.83
C LEU A 505 -9.58 10.91 -31.94
N ILE A 506 -10.26 11.42 -30.93
CA ILE A 506 -11.25 10.61 -30.23
C ILE A 506 -12.63 10.84 -30.82
N ASP A 507 -12.99 12.09 -31.00
CA ASP A 507 -14.35 12.49 -31.35
C ASP A 507 -14.67 12.31 -32.82
N HIS A 508 -13.71 11.79 -33.59
CA HIS A 508 -13.79 11.60 -35.05
C HIS A 508 -14.13 12.88 -35.78
N LYS A 509 -13.68 14.00 -35.23
CA LYS A 509 -13.86 15.31 -35.82
C LYS A 509 -12.72 15.62 -36.80
N ALA A 510 -11.65 14.83 -36.72
CA ALA A 510 -10.56 14.85 -37.68
C ALA A 510 -9.92 13.48 -37.68
N ASP A 511 -9.62 12.93 -38.84
CA ASP A 511 -9.18 11.53 -38.89
C ASP A 511 -7.70 11.35 -39.23
N LEU A 512 -6.94 12.43 -39.35
CA LEU A 512 -5.49 12.33 -39.43
C LEU A 512 -4.80 13.42 -38.64
N ALA A 513 -3.57 13.15 -38.21
CA ALA A 513 -2.79 14.10 -37.45
C ALA A 513 -1.34 14.16 -37.90
N VAL A 514 -1.10 14.35 -39.20
CA VAL A 514 0.27 14.55 -39.67
C VAL A 514 0.73 15.90 -39.16
N ALA A 515 1.49 15.86 -38.06
CA ALA A 515 1.61 16.94 -37.10
C ALA A 515 2.69 16.53 -36.10
N PRO A 516 3.09 17.36 -35.09
CA PRO A 516 4.00 16.82 -34.08
C PRO A 516 3.31 15.79 -33.22
N LEU A 517 3.56 14.51 -33.50
CA LEU A 517 2.90 13.36 -32.91
C LEU A 517 3.90 12.29 -32.50
N ALA A 518 4.88 12.67 -31.68
CA ALA A 518 5.70 11.70 -30.97
C ALA A 518 4.82 10.68 -30.24
N ILE A 519 5.04 9.39 -30.51
CA ILE A 519 4.18 8.36 -29.92
C ILE A 519 4.37 8.30 -28.41
N THR A 520 3.27 8.49 -27.70
CA THR A 520 3.26 8.38 -26.26
C THR A 520 2.44 7.16 -25.91
N TYR A 521 2.91 6.41 -24.90
CA TYR A 521 2.25 5.16 -24.53
C TYR A 521 0.83 5.36 -24.02
N VAL A 522 0.55 6.48 -23.36
CA VAL A 522 -0.80 6.71 -22.87
C VAL A 522 -1.69 7.20 -23.99
N ARG A 523 -1.09 7.71 -25.06
CA ARG A 523 -1.87 8.02 -26.24
C ARG A 523 -2.27 6.76 -27.00
N GLU A 524 -1.43 5.72 -26.91
CA GLU A 524 -1.72 4.44 -27.57
C GLU A 524 -2.98 3.81 -27.02
N LYS A 525 -3.34 4.14 -25.78
CA LYS A 525 -4.52 3.56 -25.18
C LYS A 525 -5.79 4.10 -25.81
N VAL A 526 -5.79 5.36 -26.22
CA VAL A 526 -7.03 6.03 -26.64
C VAL A 526 -7.03 6.36 -28.13
N ILE A 527 -5.85 6.53 -28.73
CA ILE A 527 -5.79 6.63 -30.18
C ILE A 527 -4.76 5.61 -30.63
N ASP A 528 -4.50 5.53 -31.93
CA ASP A 528 -3.41 4.70 -32.42
C ASP A 528 -2.45 5.53 -33.24
N PHE A 529 -1.45 4.86 -33.79
CA PHE A 529 -0.41 5.52 -34.55
C PHE A 529 0.07 4.62 -35.66
N SER A 530 0.66 5.21 -36.69
CA SER A 530 1.43 4.44 -37.64
C SER A 530 2.81 4.17 -37.07
N LYS A 531 3.60 3.38 -37.78
CA LYS A 531 4.99 3.25 -37.39
C LYS A 531 5.68 4.57 -37.69
N PRO A 532 6.54 5.06 -36.81
CA PRO A 532 7.06 6.42 -36.95
C PRO A 532 8.09 6.54 -38.06
N PHE A 533 8.09 7.71 -38.69
CA PHE A 533 8.95 7.93 -39.84
C PHE A 533 10.33 8.47 -39.45
N MET A 534 10.43 9.29 -38.42
CA MET A 534 11.73 9.45 -37.78
C MET A 534 11.55 9.66 -36.28
N THR A 535 12.64 9.52 -35.55
CA THR A 535 12.64 9.52 -34.10
CA THR A 535 12.64 9.52 -34.10
C THR A 535 13.11 10.86 -33.54
N LEU A 536 13.26 10.89 -32.22
CA LEU A 536 13.74 12.04 -31.46
C LEU A 536 14.21 11.56 -30.10
N GLY A 537 14.51 12.52 -29.24
CA GLY A 537 14.65 12.29 -27.83
C GLY A 537 14.45 13.60 -27.09
N ILE A 538 13.95 13.54 -25.86
CA ILE A 538 13.75 14.75 -25.07
C ILE A 538 15.10 15.30 -24.65
N SER A 539 15.46 16.46 -25.16
CA SER A 539 16.66 17.17 -24.76
C SER A 539 16.26 18.40 -23.93
N ILE A 540 17.22 19.24 -23.58
CA ILE A 540 16.85 20.57 -23.08
C ILE A 540 17.53 21.57 -23.99
N LEU A 541 17.31 22.85 -23.76
CA LEU A 541 17.83 23.87 -24.66
C LEU A 541 18.29 25.10 -23.91
N TYR A 542 19.52 25.53 -24.18
CA TYR A 542 20.04 26.75 -23.57
C TYR A 542 21.11 27.34 -24.47
N ARG A 543 21.29 28.66 -24.33
CA ARG A 543 22.28 29.46 -25.05
C ARG A 543 23.71 28.93 -24.91
N LYS A 544 24.43 28.91 -26.03
CA LYS A 544 25.89 28.95 -25.97
C LYS A 544 26.32 30.19 -25.21
N PRO A 545 26.81 30.04 -23.95
CA PRO A 545 26.63 31.07 -22.90
C PRO A 545 27.13 32.47 -23.22
N ASN A 546 28.44 32.62 -23.48
CA ASN A 546 29.02 33.89 -23.88
C ASN A 546 30.44 33.74 -24.43
N GLY A 547 30.96 34.81 -25.03
CA GLY A 547 32.39 35.01 -25.04
C GLY A 547 32.70 35.50 -23.65
N THR A 548 33.70 34.89 -23.00
CA THR A 548 33.85 34.98 -21.55
C THR A 548 34.16 36.37 -21.01
N ASN A 549 35.09 37.10 -21.67
CA ASN A 549 35.62 38.42 -21.30
C ASN A 549 35.96 38.51 -19.82
N PRO A 550 37.02 37.85 -19.33
CA PRO A 550 37.41 38.08 -17.93
C PRO A 550 38.13 39.41 -17.78
N GLY A 551 38.37 39.82 -16.55
CA GLY A 551 38.92 41.13 -16.27
C GLY A 551 40.33 41.35 -16.77
N VAL A 552 40.54 42.44 -17.50
CA VAL A 552 41.86 42.86 -17.95
C VAL A 552 42.57 43.49 -16.76
N PHE A 553 41.81 43.85 -15.73
CA PHE A 553 42.36 44.19 -14.42
C PHE A 553 41.88 43.24 -13.33
N SER A 554 41.76 41.94 -13.60
CA SER A 554 41.31 41.00 -12.59
C SER A 554 42.48 40.47 -11.77
N PHE A 555 43.68 40.97 -12.04
CA PHE A 555 44.78 40.73 -11.12
C PHE A 555 44.56 41.60 -9.89
N LEU A 556 43.94 42.76 -10.11
CA LEU A 556 43.59 43.69 -9.04
C LEU A 556 42.51 43.09 -8.15
N ASN A 557 41.61 42.30 -8.75
CA ASN A 557 40.36 41.76 -8.23
C ASN A 557 40.39 41.21 -6.80
N PRO A 558 41.33 40.31 -6.36
CA PRO A 558 41.07 39.55 -5.12
C PRO A 558 41.12 40.33 -3.81
N LEU A 559 41.24 41.65 -3.84
CA LEU A 559 41.17 42.46 -2.63
C LEU A 559 40.12 43.55 -2.85
N SER A 560 39.87 44.32 -1.80
CA SER A 560 39.09 45.54 -1.97
C SER A 560 39.97 46.58 -2.63
N PRO A 561 39.41 47.43 -3.52
CA PRO A 561 40.21 48.47 -4.15
C PRO A 561 40.67 49.52 -3.16
N ASP A 562 39.87 49.70 -2.10
CA ASP A 562 40.24 50.60 -1.01
C ASP A 562 41.48 50.11 -0.29
N ILE A 563 41.60 48.78 -0.09
CA ILE A 563 42.77 48.20 0.57
C ILE A 563 44.03 48.46 -0.25
N TRP A 564 43.92 48.31 -1.58
CA TRP A 564 44.96 48.76 -2.49
C TRP A 564 45.19 50.26 -2.35
N MET A 565 44.11 51.03 -2.25
CA MET A 565 44.27 52.47 -2.08
C MET A 565 44.78 52.80 -0.67
N TYR A 566 44.54 51.93 0.30
CA TYR A 566 45.07 52.17 1.63
C TYR A 566 46.53 51.78 1.73
N VAL A 567 46.95 50.70 1.06
CA VAL A 567 48.33 50.28 1.18
C VAL A 567 49.25 51.20 0.41
N LEU A 568 48.78 51.77 -0.70
CA LEU A 568 49.57 52.79 -1.40
C LEU A 568 49.62 54.08 -0.60
N LEU A 569 48.57 54.35 0.19
CA LEU A 569 48.66 55.38 1.21
C LEU A 569 49.63 54.94 2.31
N ALA A 570 49.59 53.66 2.67
CA ALA A 570 50.49 53.14 3.69
C ALA A 570 51.90 52.98 3.15
N CYS A 571 52.03 52.92 1.82
CA CYS A 571 53.34 52.86 1.18
C CYS A 571 54.15 54.11 1.49
N LEU A 572 53.59 55.28 1.17
CA LEU A 572 54.24 56.54 1.46
C LEU A 572 54.13 56.86 2.94
N GLY A 573 53.04 56.38 3.56
CA GLY A 573 52.75 56.66 4.96
C GLY A 573 53.81 56.16 5.93
N VAL A 574 54.15 54.87 5.82
CA VAL A 574 55.23 54.31 6.63
C VAL A 574 56.57 54.90 6.19
N SER A 575 56.69 55.23 4.91
CA SER A 575 57.93 55.79 4.37
C SER A 575 58.22 57.17 4.96
N CYS A 576 57.20 58.03 4.99
CA CYS A 576 57.40 59.39 5.48
C CYS A 576 57.62 59.42 6.98
N VAL A 577 56.99 58.49 7.71
CA VAL A 577 57.24 58.38 9.14
C VAL A 577 58.67 57.92 9.40
N LEU A 578 59.15 56.98 8.59
CA LEU A 578 60.47 56.40 8.82
C LEU A 578 61.59 57.38 8.44
N PHE A 579 61.27 58.43 7.70
CA PHE A 579 62.28 59.43 7.37
C PHE A 579 62.71 60.20 8.61
N VAL A 580 61.76 60.65 9.42
CA VAL A 580 62.10 61.41 10.62
C VAL A 580 62.59 60.46 11.71
N ILE A 581 62.27 59.16 11.58
CA ILE A 581 62.94 58.13 12.37
C ILE A 581 64.43 58.14 12.11
N ALA A 582 64.81 58.26 10.83
CA ALA A 582 66.23 58.32 10.48
C ALA A 582 66.86 59.62 10.96
N ARG A 583 66.10 60.72 10.94
CA ARG A 583 66.62 62.00 11.36
C ARG A 583 66.79 62.12 12.87
N PHE A 584 65.95 61.46 13.66
CA PHE A 584 65.95 61.65 15.11
C PHE A 584 66.51 60.47 15.88
N SER A 585 67.22 59.56 15.22
CA SER A 585 67.73 58.42 15.95
C SER A 585 69.24 58.43 16.05
N PRO A 586 69.78 58.21 17.25
CA PRO A 586 71.20 57.83 17.35
C PRO A 586 71.39 56.41 16.86
N TYR A 587 72.66 56.07 16.57
CA TYR A 587 73.20 54.88 15.90
C TYR A 587 72.93 54.92 14.40
N GLU A 588 72.17 55.93 13.95
CA GLU A 588 71.76 56.07 12.56
C GLU A 588 72.57 57.16 11.89
N TRP A 589 73.08 58.11 12.68
CA TRP A 589 73.97 59.15 12.18
C TRP A 589 75.39 58.61 12.03
N TYR A 590 75.55 57.56 11.22
CA TYR A 590 76.83 56.88 11.08
C TYR A 590 77.82 57.73 10.31
N ASN A 591 79.08 57.35 10.35
CA ASN A 591 80.09 58.04 9.55
C ASN A 591 80.11 57.47 8.15
N PRO A 592 80.03 58.30 7.11
CA PRO A 592 80.38 57.84 5.77
C PRO A 592 81.89 57.69 5.72
N HIS A 593 82.36 56.92 4.73
CA HIS A 593 83.62 56.20 4.79
C HIS A 593 83.80 55.49 6.13
N PRO A 594 82.92 54.51 6.53
CA PRO A 594 83.13 53.90 7.86
C PRO A 594 84.20 52.81 7.86
N CYS A 595 84.31 52.06 6.76
CA CYS A 595 85.29 50.99 6.68
C CYS A 595 86.66 51.56 6.37
N ASN A 596 86.69 52.67 5.67
CA ASN A 596 87.80 53.60 5.60
C ASN A 596 88.03 54.08 7.04
N PRO A 597 89.29 54.07 7.54
CA PRO A 597 89.55 54.52 8.92
C PRO A 597 89.15 55.96 9.25
N ASP A 598 88.93 56.18 10.56
CA ASP A 598 88.79 57.43 11.31
C ASP A 598 88.08 58.59 10.59
N SER A 599 86.86 58.34 10.13
CA SER A 599 86.02 59.38 9.56
C SER A 599 85.48 60.28 10.66
N ASP A 600 85.16 61.52 10.29
CA ASP A 600 84.76 62.56 11.24
C ASP A 600 83.53 63.36 10.77
N VAL A 601 82.74 62.84 9.85
CA VAL A 601 81.49 63.47 9.42
C VAL A 601 80.37 62.46 9.53
N VAL A 602 79.14 62.91 9.31
CA VAL A 602 77.96 62.04 9.43
C VAL A 602 77.24 61.97 8.09
N GLU A 603 76.60 60.83 7.83
CA GLU A 603 75.82 60.62 6.62
C GLU A 603 74.33 60.46 6.91
N ASN A 604 73.97 59.51 7.77
CA ASN A 604 72.61 59.24 8.21
C ASN A 604 71.69 58.92 7.04
N ASN A 605 71.73 57.68 6.56
CA ASN A 605 70.99 57.23 5.38
C ASN A 605 69.48 57.17 5.68
N PHE A 606 68.71 56.59 4.75
CA PHE A 606 67.25 56.69 4.60
C PHE A 606 66.84 58.11 4.27
N THR A 607 67.31 58.63 3.13
CA THR A 607 66.81 59.89 2.59
C THR A 607 65.46 59.65 1.92
N LEU A 608 64.87 60.74 1.36
CA LEU A 608 63.56 60.62 0.73
C LEU A 608 63.59 59.71 -0.48
N LEU A 609 64.64 59.81 -1.30
CA LEU A 609 64.85 58.87 -2.40
C LEU A 609 65.01 57.45 -1.88
N ASN A 610 65.61 57.32 -0.70
CA ASN A 610 65.90 56.03 -0.12
C ASN A 610 64.76 55.47 0.71
N SER A 611 63.92 56.32 1.30
CA SER A 611 62.95 55.89 2.31
C SER A 611 61.86 54.99 1.72
N PHE A 612 61.15 55.47 0.70
CA PHE A 612 60.09 54.64 0.15
C PHE A 612 60.69 53.57 -0.75
N TRP A 613 61.93 53.78 -1.19
CA TRP A 613 62.65 52.71 -1.84
C TRP A 613 62.93 51.57 -0.88
N PHE A 614 63.17 51.89 0.39
CA PHE A 614 63.17 50.83 1.39
C PHE A 614 61.77 50.30 1.60
N GLY A 615 60.77 51.17 1.48
CA GLY A 615 59.39 50.77 1.68
C GLY A 615 58.91 49.81 0.62
N VAL A 616 59.02 50.23 -0.65
CA VAL A 616 58.64 49.38 -1.77
C VAL A 616 59.54 48.16 -1.83
N GLY A 617 60.84 48.35 -1.59
CA GLY A 617 61.81 47.27 -1.59
C GLY A 617 61.56 46.27 -0.49
N ALA A 618 60.96 46.71 0.62
CA ALA A 618 60.47 45.76 1.59
C ALA A 618 59.18 45.13 1.10
N LEU A 619 58.37 45.92 0.39
CA LEU A 619 56.99 45.53 0.13
C LEU A 619 56.93 44.44 -0.92
N MET A 620 57.82 44.46 -1.87
CA MET A 620 57.59 43.62 -3.03
C MET A 620 58.34 42.29 -2.92
N GLN A 621 58.25 41.65 -1.75
CA GLN A 621 58.85 40.36 -1.37
C GLN A 621 60.31 40.30 -1.85
N GLN A 622 61.15 41.17 -1.30
CA GLN A 622 62.31 41.58 -2.07
C GLN A 622 63.49 41.91 -1.16
N GLY A 623 64.71 41.76 -1.67
CA GLY A 623 65.88 42.21 -0.93
C GLY A 623 66.11 43.69 -1.15
N SER A 624 66.88 44.32 -0.26
CA SER A 624 67.10 45.76 -0.36
C SER A 624 68.48 46.14 0.15
N GLU A 625 69.13 47.08 -0.55
CA GLU A 625 70.44 47.57 -0.14
C GLU A 625 70.38 48.36 1.16
N LEU A 626 69.24 48.92 1.52
CA LEU A 626 69.16 49.72 2.74
C LEU A 626 69.07 48.84 3.97
N MET A 627 69.49 49.38 5.12
CA MET A 627 69.61 48.63 6.35
C MET A 627 69.10 49.42 7.56
N PRO A 628 68.06 48.94 8.23
CA PRO A 628 67.79 49.43 9.58
C PRO A 628 68.92 49.06 10.52
N LYS A 629 69.40 50.00 11.31
CA LYS A 629 70.49 49.74 12.24
C LYS A 629 70.10 49.95 13.69
N ALA A 630 69.50 51.09 14.01
CA ALA A 630 68.96 51.34 15.33
C ALA A 630 67.52 50.86 15.41
N LEU A 631 67.04 50.71 16.66
CA LEU A 631 65.83 49.93 16.96
C LEU A 631 64.59 50.55 16.34
N SER A 632 64.54 51.89 16.34
CA SER A 632 63.39 52.60 15.77
C SER A 632 63.27 52.34 14.27
N THR A 633 64.41 52.19 13.59
CA THR A 633 64.36 51.73 12.21
C THR A 633 64.03 50.25 12.13
N ARG A 634 64.52 49.46 13.10
CA ARG A 634 64.27 48.02 13.10
C ARG A 634 62.79 47.70 13.31
N ILE A 635 62.20 48.22 14.38
CA ILE A 635 60.85 47.81 14.81
C ILE A 635 59.80 48.23 13.78
N VAL A 636 60.06 49.30 13.03
CA VAL A 636 59.14 49.66 11.94
C VAL A 636 59.18 48.62 10.84
N GLY A 637 60.36 48.40 10.25
CA GLY A 637 60.50 47.60 9.05
C GLY A 637 60.09 46.15 9.18
N GLY A 638 60.39 45.53 10.32
CA GLY A 638 60.01 44.15 10.57
C GLY A 638 58.51 43.97 10.71
N ILE A 639 57.86 44.94 11.36
CA ILE A 639 56.41 44.91 11.42
C ILE A 639 55.83 45.35 10.07
N TRP A 640 56.54 46.25 9.39
CA TRP A 640 56.24 46.52 7.99
C TRP A 640 56.46 45.27 7.12
N TRP A 641 57.49 44.50 7.44
CA TRP A 641 57.62 43.17 6.85
C TRP A 641 56.48 42.26 7.29
N PHE A 642 56.07 42.34 8.55
CA PHE A 642 54.92 41.55 9.00
C PHE A 642 53.65 42.07 8.35
N PHE A 643 53.59 43.37 8.07
CA PHE A 643 52.53 43.86 7.21
C PHE A 643 52.67 43.29 5.81
N THR A 644 53.91 43.17 5.34
CA THR A 644 54.15 42.72 3.97
C THR A 644 53.82 41.25 3.83
N LEU A 645 54.25 40.45 4.80
CA LEU A 645 54.11 39.00 4.76
C LEU A 645 52.65 38.57 4.72
N ILE A 646 51.77 39.37 5.29
CA ILE A 646 50.34 39.10 5.19
C ILE A 646 49.86 39.26 3.76
N ILE A 647 50.12 40.44 3.18
CA ILE A 647 49.39 40.91 2.00
C ILE A 647 49.63 40.00 0.80
N ILE A 648 50.89 39.67 0.53
CA ILE A 648 51.21 38.78 -0.58
C ILE A 648 50.67 37.38 -0.31
N SER A 649 50.82 36.90 0.93
CA SER A 649 50.24 35.61 1.27
C SER A 649 48.73 35.68 1.37
N SER A 650 48.19 36.87 1.65
CA SER A 650 46.76 37.06 1.49
C SER A 650 46.40 36.99 0.01
N TYR A 651 47.15 37.72 -0.81
CA TYR A 651 46.81 37.90 -2.22
C TYR A 651 46.90 36.60 -3.00
N THR A 652 47.92 35.79 -2.71
CA THR A 652 48.06 34.49 -3.34
C THR A 652 46.90 33.58 -2.96
N ALA A 653 46.52 33.62 -1.69
CA ALA A 653 45.46 32.75 -1.20
C ALA A 653 44.12 33.18 -1.77
N ASN A 654 43.94 34.47 -2.01
CA ASN A 654 42.64 34.93 -2.47
C ASN A 654 42.58 34.94 -3.99
N LEU A 655 43.71 35.04 -4.66
CA LEU A 655 43.71 34.78 -6.11
C LEU A 655 43.48 33.30 -6.36
N ALA A 656 43.89 32.45 -5.42
CA ALA A 656 43.54 31.05 -5.47
C ALA A 656 42.04 30.85 -5.33
N ALA A 657 41.36 31.75 -4.64
CA ALA A 657 39.91 31.63 -4.48
C ALA A 657 39.20 31.89 -5.79
N PHE A 658 39.56 32.97 -6.49
CA PHE A 658 38.87 33.32 -7.74
C PHE A 658 39.24 32.42 -8.91
N LEU A 659 40.00 31.36 -8.68
CA LEU A 659 40.29 30.43 -9.77
C LEU A 659 39.62 29.09 -9.55
N THR A 660 39.59 28.61 -8.31
CA THR A 660 38.96 27.33 -8.01
C THR A 660 37.46 27.39 -8.20
N VAL A 661 36.85 28.53 -7.87
CA VAL A 661 35.40 28.65 -8.06
C VAL A 661 35.09 29.05 -9.49
N GLU A 662 36.11 29.18 -10.33
CA GLU A 662 35.86 29.16 -11.76
C GLU A 662 35.89 27.72 -12.24
N ARG A 663 36.76 26.91 -11.63
CA ARG A 663 36.96 25.56 -12.15
C ARG A 663 36.03 24.56 -11.49
N MET A 664 35.44 24.94 -10.36
CA MET A 664 34.39 24.12 -9.77
C MET A 664 33.02 24.58 -10.25
N GLU A 665 32.99 25.35 -11.34
CA GLU A 665 31.73 25.65 -12.01
C GLU A 665 31.25 24.45 -12.81
N SER A 666 30.15 24.63 -13.53
CA SER A 666 29.60 23.45 -14.17
C SER A 666 29.11 23.74 -15.58
N PRO A 667 29.78 23.21 -16.59
CA PRO A 667 29.14 23.03 -17.90
C PRO A 667 28.12 21.92 -17.80
N ILE A 668 26.90 22.29 -17.43
CA ILE A 668 25.87 21.46 -16.79
C ILE A 668 25.30 20.33 -17.65
N ASP A 669 26.00 19.94 -18.72
CA ASP A 669 25.43 19.26 -19.90
C ASP A 669 24.85 17.88 -19.58
N SER A 670 23.78 17.88 -18.79
CA SER A 670 22.96 16.74 -18.44
C SER A 670 21.70 17.30 -17.79
N ALA A 671 20.60 16.56 -17.82
CA ALA A 671 19.39 17.06 -17.18
C ALA A 671 19.50 16.98 -15.66
N ASP A 672 20.34 16.05 -15.17
CA ASP A 672 20.48 15.84 -13.74
C ASP A 672 21.18 17.02 -13.08
N ASP A 673 22.22 17.54 -13.75
CA ASP A 673 22.86 18.79 -13.31
C ASP A 673 21.89 19.95 -13.41
N LEU A 674 21.27 20.11 -14.58
CA LEU A 674 20.37 21.21 -14.88
C LEU A 674 19.14 21.24 -13.97
N ALA A 675 18.80 20.11 -13.34
CA ALA A 675 17.73 20.09 -12.35
C ALA A 675 18.18 20.71 -11.02
N LYS A 676 19.37 20.35 -10.55
CA LYS A 676 19.74 20.62 -9.17
C LYS A 676 20.09 22.08 -8.92
N GLN A 677 20.95 22.69 -9.73
CA GLN A 677 21.30 24.10 -9.56
C GLN A 677 20.14 24.92 -10.08
N THR A 678 19.36 25.47 -9.15
CA THR A 678 18.17 26.22 -9.50
C THR A 678 18.58 27.62 -9.97
N LYS A 679 19.11 27.69 -11.18
CA LYS A 679 19.64 28.94 -11.72
C LYS A 679 19.08 29.22 -13.11
N ILE A 680 18.87 28.17 -13.88
CA ILE A 680 18.78 28.29 -15.33
C ILE A 680 17.29 28.33 -15.71
N GLU A 681 16.45 28.65 -14.72
CA GLU A 681 15.04 29.05 -14.88
C GLU A 681 14.19 28.02 -15.61
N TYR A 682 14.60 26.76 -15.55
CA TYR A 682 14.33 25.77 -16.60
C TYR A 682 12.84 25.42 -16.69
N GLY A 683 12.33 25.52 -17.91
CA GLY A 683 10.94 25.23 -18.20
C GLY A 683 10.77 24.33 -19.41
N ALA A 684 9.53 24.32 -19.91
CA ALA A 684 9.08 23.38 -20.91
C ALA A 684 7.91 24.00 -21.66
N VAL A 685 7.12 23.13 -22.29
CA VAL A 685 5.77 23.50 -22.73
C VAL A 685 4.78 22.92 -21.71
N GLU A 686 3.70 23.66 -21.42
CA GLU A 686 2.57 22.94 -20.86
C GLU A 686 1.86 22.39 -22.07
N ASP A 687 1.06 21.34 -21.87
CA ASP A 687 0.29 20.66 -22.91
C ASP A 687 1.16 20.23 -24.08
N GLY A 688 2.12 19.34 -23.80
CA GLY A 688 2.99 18.80 -24.83
C GLY A 688 3.46 17.42 -24.44
N ALA A 689 4.38 16.89 -25.25
CA ALA A 689 4.99 15.59 -24.99
C ALA A 689 5.83 15.63 -23.73
N THR A 690 6.57 16.72 -23.54
CA THR A 690 7.57 16.78 -22.48
C THR A 690 6.93 16.87 -21.10
N MET A 691 5.92 17.74 -20.94
CA MET A 691 5.15 17.91 -19.71
C MET A 691 4.61 16.59 -19.20
N THR A 692 3.90 15.87 -20.06
CA THR A 692 3.29 14.59 -19.71
C THR A 692 4.32 13.53 -19.35
N PHE A 693 5.49 13.59 -19.99
CA PHE A 693 6.58 12.69 -19.68
C PHE A 693 7.08 12.90 -18.26
N PHE A 694 7.43 14.14 -17.93
CA PHE A 694 7.90 14.43 -16.58
C PHE A 694 6.77 14.42 -15.57
N LYS A 695 5.53 14.59 -16.02
CA LYS A 695 4.38 14.31 -15.15
C LYS A 695 4.33 12.84 -14.79
N LYS A 696 4.75 11.97 -15.71
CA LYS A 696 4.65 10.53 -15.52
C LYS A 696 6.00 9.83 -15.46
N SER A 697 7.10 10.58 -15.33
CA SER A 697 8.41 9.97 -15.17
C SER A 697 8.54 9.36 -13.79
N LYS A 698 9.08 8.14 -13.76
CA LYS A 698 9.44 7.48 -12.51
C LYS A 698 10.92 7.64 -12.19
N ILE A 699 11.55 8.67 -12.76
CA ILE A 699 12.95 8.93 -12.50
C ILE A 699 13.06 10.10 -11.55
N SER A 700 13.85 9.93 -10.49
CA SER A 700 13.90 10.80 -9.32
C SER A 700 14.28 12.23 -9.64
N THR A 701 15.40 12.42 -10.35
CA THR A 701 15.80 13.76 -10.78
C THR A 701 14.80 14.36 -11.76
N TYR A 702 14.10 13.52 -12.49
CA TYR A 702 13.08 13.99 -13.41
C TYR A 702 11.82 14.27 -12.60
N ASP A 703 11.60 13.47 -11.57
CA ASP A 703 10.55 13.74 -10.59
C ASP A 703 10.91 15.00 -9.80
N LYS A 704 12.20 15.16 -9.50
CA LYS A 704 12.71 16.37 -8.85
C LYS A 704 12.45 17.60 -9.69
N MET A 705 12.84 17.56 -10.96
CA MET A 705 12.58 18.72 -11.79
C MET A 705 11.10 18.88 -12.12
N TRP A 706 10.32 17.79 -12.11
CA TRP A 706 8.88 17.95 -12.23
C TRP A 706 8.30 18.62 -10.99
N ALA A 707 8.90 18.36 -9.83
CA ALA A 707 8.51 19.07 -8.62
C ALA A 707 8.87 20.55 -8.67
N PHE A 708 9.93 20.91 -9.41
CA PHE A 708 10.14 22.31 -9.76
C PHE A 708 9.02 22.82 -10.64
N MET A 709 8.75 22.10 -11.74
CA MET A 709 7.58 22.40 -12.57
C MET A 709 6.25 22.25 -11.83
N SER A 710 6.19 21.42 -10.78
CA SER A 710 5.00 21.42 -9.93
C SER A 710 4.93 22.69 -9.10
N SER A 711 6.05 23.09 -8.50
CA SER A 711 6.12 24.34 -7.74
C SER A 711 5.99 25.54 -8.67
N ARG A 712 6.56 25.46 -9.86
CA ARG A 712 6.34 26.52 -10.84
C ARG A 712 5.04 26.31 -11.59
N ARG A 713 4.80 27.14 -12.60
CA ARG A 713 3.55 27.18 -13.34
C ARG A 713 3.88 27.57 -14.77
N GLN A 714 2.90 28.14 -15.47
CA GLN A 714 3.03 28.84 -16.75
C GLN A 714 4.22 29.80 -16.82
N SER A 715 4.63 30.34 -15.66
CA SER A 715 5.89 31.03 -15.41
C SER A 715 7.10 30.45 -16.14
N VAL A 716 7.33 29.14 -16.05
CA VAL A 716 8.40 28.55 -16.83
C VAL A 716 7.88 27.61 -17.92
N LEU A 717 6.63 27.16 -17.82
CA LEU A 717 6.12 26.16 -18.75
C LEU A 717 5.64 26.74 -20.08
N VAL A 718 6.09 27.94 -20.46
CA VAL A 718 5.24 29.00 -21.00
C VAL A 718 4.17 28.58 -22.03
N LYS A 719 4.56 28.03 -23.19
CA LYS A 719 3.93 27.04 -24.07
C LYS A 719 4.72 27.04 -25.39
N SER A 720 4.31 26.22 -26.37
CA SER A 720 4.37 26.56 -27.80
C SER A 720 5.70 27.10 -28.31
N ASN A 721 6.62 26.19 -28.65
CA ASN A 721 8.09 26.32 -28.56
C ASN A 721 8.64 27.72 -28.88
N GLU A 722 7.98 28.47 -29.77
CA GLU A 722 8.37 29.85 -30.05
C GLU A 722 8.34 30.73 -28.79
N GLU A 723 7.44 30.43 -27.85
CA GLU A 723 7.50 31.10 -26.55
C GLU A 723 8.70 30.63 -25.74
N GLY A 724 9.19 29.43 -26.01
CA GLY A 724 10.36 28.94 -25.32
C GLY A 724 11.66 29.51 -25.83
N ILE A 725 11.74 29.70 -27.16
CA ILE A 725 12.97 30.19 -27.81
C ILE A 725 13.34 31.57 -27.29
N GLN A 726 12.32 32.41 -27.07
CA GLN A 726 12.54 33.80 -26.75
C GLN A 726 13.14 33.97 -25.35
N ARG A 727 12.67 33.18 -24.39
CA ARG A 727 13.18 33.32 -23.03
C ARG A 727 14.58 32.70 -22.91
N VAL A 728 14.88 31.70 -23.72
CA VAL A 728 16.22 31.11 -23.76
C VAL A 728 17.20 32.13 -24.28
N LEU A 729 16.85 32.80 -25.37
CA LEU A 729 17.74 33.72 -26.05
C LEU A 729 17.91 35.00 -25.24
N THR A 730 16.83 35.49 -24.63
CA THR A 730 16.91 36.74 -23.89
C THR A 730 17.31 36.55 -22.43
N SER A 731 16.85 35.48 -21.79
CA SER A 731 17.07 35.33 -20.35
C SER A 731 17.91 34.08 -20.09
N ASP A 732 18.03 33.70 -18.82
CA ASP A 732 18.77 32.53 -18.39
C ASP A 732 17.92 31.25 -18.53
N TYR A 733 16.77 31.33 -19.20
CA TYR A 733 15.80 30.25 -19.27
C TYR A 733 16.33 29.05 -20.03
N ALA A 734 16.00 27.86 -19.52
CA ALA A 734 16.32 26.58 -20.17
C ALA A 734 15.05 25.86 -20.61
N PHE A 735 15.03 25.37 -21.85
CA PHE A 735 13.78 24.88 -22.41
C PHE A 735 13.81 23.40 -22.74
N LEU A 736 13.06 22.62 -21.97
CA LEU A 736 12.80 21.21 -22.21
C LEU A 736 12.02 21.01 -23.51
N MET A 737 12.65 20.35 -24.47
CA MET A 737 11.97 20.10 -25.74
C MET A 737 12.57 18.81 -26.30
N GLU A 738 12.43 18.57 -27.61
CA GLU A 738 12.86 17.33 -28.23
C GLU A 738 13.75 17.59 -29.44
N SER A 739 14.34 16.50 -29.93
CA SER A 739 15.58 16.50 -30.70
C SER A 739 15.58 17.31 -31.99
N THR A 740 14.73 16.93 -32.96
CA THR A 740 14.88 17.43 -34.33
C THR A 740 14.57 18.91 -34.44
N THR A 741 13.73 19.41 -33.56
CA THR A 741 13.49 20.85 -33.49
C THR A 741 14.70 21.55 -32.89
N ILE A 742 15.14 21.11 -31.70
CA ILE A 742 16.35 21.61 -31.06
C ILE A 742 17.55 21.45 -31.98
N GLU A 743 17.59 20.37 -32.76
CA GLU A 743 18.51 20.24 -33.89
C GLU A 743 18.38 21.43 -34.83
N PHE A 744 17.17 21.73 -35.29
CA PHE A 744 17.00 22.83 -36.23
C PHE A 744 17.13 24.18 -35.54
N VAL A 745 17.03 24.21 -34.20
CA VAL A 745 17.35 25.42 -33.44
C VAL A 745 18.85 25.71 -33.52
N THR A 746 19.68 24.67 -33.52
CA THR A 746 21.12 24.85 -33.62
C THR A 746 21.51 25.38 -35.00
N GLN A 747 20.67 25.13 -35.99
CA GLN A 747 21.06 25.35 -37.36
C GLN A 747 21.06 26.84 -37.72
N ARG A 748 19.95 27.54 -37.45
CA ARG A 748 20.00 28.98 -37.61
C ARG A 748 20.44 29.62 -36.29
N ASN A 749 20.42 30.95 -36.25
CA ASN A 749 20.52 31.83 -35.06
C ASN A 749 21.56 31.39 -34.03
N CYS A 750 22.83 31.54 -34.45
CA CYS A 750 23.96 30.85 -33.83
C CYS A 750 24.28 31.36 -32.44
N ASN A 751 23.36 31.15 -31.50
CA ASN A 751 23.59 31.50 -30.10
C ASN A 751 23.10 30.38 -29.21
N LEU A 752 22.31 29.48 -29.79
CA LEU A 752 21.58 28.47 -29.05
C LEU A 752 22.04 27.10 -29.51
N THR A 753 22.23 26.17 -28.58
CA THR A 753 22.55 24.81 -28.98
C THR A 753 21.95 23.83 -27.97
N GLN A 754 21.97 22.56 -28.35
CA GLN A 754 21.48 21.46 -27.51
C GLN A 754 22.46 21.30 -26.35
N ILE A 755 21.94 21.50 -25.14
CA ILE A 755 22.76 21.41 -23.95
C ILE A 755 22.52 20.06 -23.29
N GLY A 756 23.36 19.08 -23.61
CA GLY A 756 23.30 17.81 -22.91
C GLY A 756 23.20 16.60 -23.82
N GLY A 757 22.22 15.74 -23.56
CA GLY A 757 22.08 14.50 -24.30
C GLY A 757 20.63 14.11 -24.46
N LEU A 758 20.40 13.15 -25.35
CA LEU A 758 19.08 12.60 -25.61
C LEU A 758 18.66 11.66 -24.50
N ILE A 759 17.65 12.05 -23.74
CA ILE A 759 17.19 11.27 -22.60
C ILE A 759 16.55 9.96 -23.03
N ASP A 760 15.52 10.05 -23.85
CA ASP A 760 14.71 8.92 -24.24
C ASP A 760 14.63 8.84 -25.77
N SER A 761 13.70 8.04 -26.27
CA SER A 761 13.49 7.90 -27.71
C SER A 761 12.01 7.70 -28.01
N LYS A 762 11.35 8.78 -28.41
CA LYS A 762 10.05 8.69 -29.06
C LYS A 762 10.24 8.75 -30.57
N GLY A 763 9.16 8.87 -31.32
CA GLY A 763 9.24 8.91 -32.76
C GLY A 763 8.09 9.65 -33.41
N TYR A 764 8.38 10.43 -34.45
CA TYR A 764 7.33 11.11 -35.20
C TYR A 764 6.61 10.13 -36.08
N GLY A 765 5.37 9.81 -35.71
CA GLY A 765 4.47 9.07 -36.56
C GLY A 765 3.19 9.85 -36.77
N VAL A 766 2.24 9.21 -37.44
CA VAL A 766 0.98 9.88 -37.74
C VAL A 766 -0.06 9.51 -36.70
N GLY A 767 -0.74 10.52 -36.16
CA GLY A 767 -1.85 10.26 -35.28
C GLY A 767 -3.02 9.64 -36.01
N THR A 768 -3.70 8.74 -35.32
CA THR A 768 -4.73 7.92 -35.94
C THR A 768 -5.86 7.71 -34.96
N PRO A 769 -7.11 8.00 -35.35
CA PRO A 769 -8.24 7.74 -34.45
C PRO A 769 -8.43 6.25 -34.24
N MET A 770 -8.93 5.88 -33.06
CA MET A 770 -8.94 4.50 -32.59
C MET A 770 -9.75 3.54 -33.45
N GLY A 771 -9.06 2.56 -34.02
CA GLY A 771 -9.70 1.54 -34.81
C GLY A 771 -10.18 2.00 -36.16
N SER A 772 -9.65 3.13 -36.63
CA SER A 772 -10.01 3.60 -37.96
C SER A 772 -9.30 2.75 -38.99
N PRO A 773 -9.90 2.53 -40.13
CA PRO A 773 -9.23 1.73 -41.17
C PRO A 773 -8.33 2.57 -42.05
N TYR A 774 -7.35 3.21 -41.44
CA TYR A 774 -6.37 3.96 -42.21
C TYR A 774 -4.96 3.65 -41.75
N ARG A 775 -4.87 3.16 -40.50
CA ARG A 775 -3.59 3.03 -39.81
C ARG A 775 -2.65 2.09 -40.54
N ASP A 776 -3.13 0.89 -40.87
CA ASP A 776 -2.31 -0.06 -41.59
C ASP A 776 -2.13 0.36 -43.04
N LYS A 777 -3.03 1.19 -43.56
CA LYS A 777 -2.88 1.68 -44.92
C LYS A 777 -1.73 2.66 -45.02
N ILE A 778 -1.64 3.56 -44.04
CA ILE A 778 -0.63 4.62 -44.10
C ILE A 778 0.73 4.09 -43.65
N THR A 779 0.72 3.05 -42.80
CA THR A 779 1.98 2.48 -42.33
C THR A 779 2.72 1.80 -43.48
N ILE A 780 2.00 1.15 -44.37
CA ILE A 780 2.59 0.60 -45.59
C ILE A 780 3.01 1.77 -46.48
N ALA A 781 2.21 2.84 -46.46
CA ALA A 781 2.49 4.00 -47.30
C ALA A 781 3.73 4.74 -46.84
N ILE A 782 3.87 4.92 -45.52
CA ILE A 782 5.05 5.60 -44.99
C ILE A 782 6.31 4.75 -45.15
N LEU A 783 6.19 3.45 -44.91
CA LEU A 783 7.36 2.58 -44.98
C LEU A 783 7.85 2.43 -46.42
N GLN A 784 6.93 2.34 -47.37
CA GLN A 784 7.36 2.37 -48.77
C GLN A 784 7.79 3.77 -49.21
N LEU A 785 7.35 4.81 -48.49
CA LEU A 785 7.93 6.13 -48.72
C LEU A 785 9.33 6.19 -48.11
N GLN A 786 9.60 5.31 -47.15
CA GLN A 786 10.95 5.18 -46.61
C GLN A 786 11.75 4.16 -47.42
N GLU A 787 11.07 3.26 -48.14
CA GLU A 787 11.77 2.40 -49.09
C GLU A 787 12.24 3.21 -50.29
N GLU A 788 11.54 4.29 -50.60
CA GLU A 788 12.10 5.33 -51.43
C GLU A 788 13.31 5.98 -50.78
N GLY A 789 13.32 6.07 -49.45
CA GLY A 789 14.29 6.88 -48.75
C GLY A 789 14.00 8.35 -48.81
N LYS A 790 12.75 8.73 -49.10
CA LYS A 790 12.38 10.12 -49.33
C LYS A 790 12.53 10.96 -48.08
N LEU A 791 12.32 10.37 -46.89
CA LEU A 791 12.45 11.01 -45.58
C LEU A 791 13.77 11.74 -45.42
N HIS A 792 14.87 11.05 -45.65
CA HIS A 792 16.18 11.70 -45.62
C HIS A 792 16.50 12.44 -46.91
N MET A 793 15.74 12.24 -47.99
CA MET A 793 15.91 13.10 -49.16
C MET A 793 15.34 14.48 -48.90
N MET A 794 14.10 14.54 -48.41
CA MET A 794 13.50 15.84 -48.11
C MET A 794 13.82 16.29 -46.69
N LYS A 795 14.67 15.56 -45.98
CA LYS A 795 15.27 16.06 -44.76
C LYS A 795 16.02 17.37 -44.99
N GLU A 796 17.08 17.30 -45.80
CA GLU A 796 17.89 18.49 -46.04
C GLU A 796 17.14 19.51 -46.90
N LYS A 797 16.13 19.06 -47.64
CA LYS A 797 15.26 19.99 -48.36
C LYS A 797 14.41 20.78 -47.37
N TRP A 798 14.15 20.22 -46.18
CA TRP A 798 13.42 20.97 -45.17
C TRP A 798 14.17 21.14 -43.86
N TRP A 799 15.49 20.98 -43.87
CA TRP A 799 16.34 21.43 -42.77
C TRP A 799 17.48 22.35 -43.23
N ARG A 800 17.91 22.22 -44.49
CA ARG A 800 18.75 23.19 -45.20
C ARG A 800 20.08 23.44 -44.47
N GLY A 801 20.97 22.44 -44.46
CA GLY A 801 21.59 21.94 -43.23
C GLY A 801 21.91 22.92 -42.14
N ASN A 802 22.97 23.74 -42.24
CA ASN A 802 22.98 25.21 -42.14
C ASN A 802 24.43 25.63 -41.86
N GLY A 803 24.66 26.90 -41.54
CA GLY A 803 25.92 27.37 -41.01
C GLY A 803 26.11 26.98 -39.55
N CYS A 804 26.53 27.98 -38.73
CA CYS A 804 26.91 27.85 -37.32
C CYS A 804 28.09 26.89 -37.16
N PRO A 805 29.33 27.30 -37.50
CA PRO A 805 30.47 26.36 -37.46
C PRO A 805 30.97 26.01 -36.06
N GLU A 806 30.07 25.46 -35.24
CA GLU A 806 30.23 24.78 -33.95
C GLU A 806 30.62 25.70 -32.78
N GLU A 807 31.36 26.78 -33.06
CA GLU A 807 31.48 28.02 -32.27
C GLU A 807 31.98 27.85 -30.82
N GLU A 808 32.11 26.63 -30.31
CA GLU A 808 32.40 26.39 -28.89
C GLU A 808 33.33 25.19 -28.74
N SER A 809 34.64 25.45 -28.73
CA SER A 809 35.59 24.37 -28.44
C SER A 809 36.77 24.82 -27.58
N LYS A 810 36.53 25.63 -26.55
CA LYS A 810 37.64 26.20 -25.78
C LYS A 810 37.10 26.48 -24.37
N GLU A 811 37.85 27.29 -23.60
CA GLU A 811 37.58 27.71 -22.23
C GLU A 811 37.51 26.50 -21.29
N ALA A 812 38.67 25.90 -21.05
CA ALA A 812 38.80 24.87 -20.03
C ALA A 812 39.68 25.33 -18.88
N SER A 813 40.78 26.02 -19.20
CA SER A 813 41.86 26.26 -18.25
C SER A 813 42.70 27.47 -18.62
N ALA A 814 43.91 27.52 -18.07
CA ALA A 814 45.03 28.25 -18.66
C ALA A 814 44.88 29.77 -18.76
N LEU A 815 45.00 30.46 -17.61
CA LEU A 815 45.07 31.92 -17.52
C LEU A 815 46.02 32.59 -18.51
N GLY A 816 45.51 33.46 -19.37
CA GLY A 816 46.31 34.00 -20.44
C GLY A 816 46.14 35.51 -20.58
N VAL A 817 46.09 35.94 -21.84
CA VAL A 817 46.06 37.35 -22.21
C VAL A 817 44.62 37.85 -22.16
N GLN A 818 43.68 37.01 -22.62
CA GLN A 818 42.25 37.25 -22.44
C GLN A 818 41.90 37.42 -20.96
N ASN A 819 42.63 36.73 -20.09
CA ASN A 819 42.68 36.85 -18.64
C ASN A 819 43.49 38.08 -18.25
N ILE A 820 44.18 38.00 -17.10
CA ILE A 820 44.86 39.07 -16.37
C ILE A 820 45.52 40.15 -17.24
N GLY A 821 46.13 39.75 -18.36
CA GLY A 821 46.26 40.62 -19.53
C GLY A 821 47.05 41.90 -19.34
N GLY A 822 46.32 43.01 -19.22
CA GLY A 822 46.84 44.36 -19.05
C GLY A 822 47.85 44.61 -17.95
N ILE A 823 48.08 43.62 -17.08
CA ILE A 823 49.25 43.59 -16.20
C ILE A 823 50.55 43.71 -17.00
N PHE A 824 50.60 43.16 -18.21
CA PHE A 824 51.72 43.47 -19.11
C PHE A 824 51.71 44.94 -19.51
N ILE A 825 50.53 45.49 -19.78
CA ILE A 825 50.43 46.88 -20.23
C ILE A 825 50.74 47.84 -19.08
N VAL A 826 50.26 47.53 -17.87
CA VAL A 826 50.55 48.43 -16.76
C VAL A 826 51.91 48.10 -16.17
N LEU A 827 52.54 47.03 -16.63
CA LEU A 827 53.98 46.95 -16.51
C LEU A 827 54.58 48.00 -17.42
N ALA A 828 54.19 47.95 -18.70
CA ALA A 828 54.75 48.87 -19.69
C ALA A 828 54.26 50.30 -19.49
N ALA A 829 53.16 50.50 -18.75
CA ALA A 829 52.80 51.86 -18.35
C ALA A 829 53.82 52.43 -17.38
N GLY A 830 54.43 51.56 -16.58
CA GLY A 830 55.60 51.96 -15.83
C GLY A 830 56.81 52.19 -16.71
N LEU A 831 56.89 51.49 -17.84
CA LEU A 831 57.99 51.70 -18.78
C LEU A 831 57.84 53.03 -19.51
N VAL A 832 56.61 53.35 -19.93
CA VAL A 832 56.34 54.63 -20.60
C VAL A 832 56.57 55.80 -19.65
N LEU A 833 56.15 55.64 -18.39
CA LEU A 833 56.33 56.67 -17.38
C LEU A 833 57.82 56.88 -17.08
N SER A 834 58.59 55.80 -17.12
CA SER A 834 60.02 55.86 -16.80
C SER A 834 60.81 56.65 -17.83
N VAL A 835 60.31 56.76 -19.05
CA VAL A 835 60.91 57.59 -20.08
C VAL A 835 60.85 59.04 -19.64
N PHE A 836 59.65 59.48 -19.26
CA PHE A 836 59.45 60.89 -18.91
C PHE A 836 59.97 61.20 -17.52
N VAL A 837 60.28 60.18 -16.71
CA VAL A 837 61.05 60.39 -15.50
C VAL A 837 62.48 60.70 -15.90
N ALA A 838 63.09 59.80 -16.67
CA ALA A 838 64.53 59.83 -16.91
C ALA A 838 64.98 60.97 -17.80
N VAL A 839 64.22 61.28 -18.85
CA VAL A 839 64.51 62.42 -19.70
C VAL A 839 64.31 63.69 -18.89
N GLY A 840 63.25 63.71 -18.07
CA GLY A 840 63.00 64.83 -17.18
C GLY A 840 64.03 64.99 -16.08
N GLU A 841 64.53 63.87 -15.56
CA GLU A 841 65.54 63.93 -14.51
C GLU A 841 66.91 64.29 -15.06
N PHE A 842 67.18 63.91 -16.32
CA PHE A 842 68.46 64.26 -16.92
C PHE A 842 68.54 65.75 -17.25
N LEU A 843 67.42 66.34 -17.66
CA LEU A 843 67.43 67.75 -18.03
C LEU A 843 67.60 68.66 -16.81
N TYR A 844 67.19 68.18 -15.63
CA TYR A 844 67.38 68.97 -14.43
C TYR A 844 68.85 69.01 -14.03
N LYS A 845 69.60 67.93 -14.31
CA LYS A 845 71.04 67.98 -14.12
C LYS A 845 71.72 68.89 -15.15
N SER A 846 71.26 68.86 -16.40
CA SER A 846 71.81 69.80 -17.39
C SER A 846 71.37 71.22 -17.08
N LYS A 847 70.20 71.39 -16.48
CA LYS A 847 69.86 72.69 -15.92
C LYS A 847 70.76 73.06 -14.76
N LYS A 848 71.13 72.08 -13.93
CA LYS A 848 72.17 72.31 -12.93
C LYS A 848 73.53 72.51 -13.60
N ASN A 849 73.75 71.84 -14.73
CA ASN A 849 74.93 72.14 -15.54
C ASN A 849 74.78 73.43 -16.34
N ALA A 850 73.57 73.96 -16.49
CA ALA A 850 73.41 75.28 -17.13
C ALA A 850 73.89 76.39 -16.20
N GLN A 851 73.82 76.15 -14.89
CA GLN A 851 74.43 77.03 -13.91
C GLN A 851 75.83 76.55 -13.55
N LEU A 852 76.43 75.78 -14.46
CA LEU A 852 77.76 75.21 -14.26
C LEU A 852 78.43 75.34 -15.63
N GLU A 853 79.55 74.64 -15.86
CA GLU A 853 80.81 75.24 -16.32
C GLU A 853 80.67 76.48 -17.20
N LYS A 854 80.11 76.34 -18.41
CA LYS A 854 79.86 77.50 -19.25
C LYS A 854 78.39 77.70 -19.56
N ARG A 855 77.79 76.70 -20.21
CA ARG A 855 76.44 76.78 -20.77
C ARG A 855 76.09 75.37 -21.23
N SER A 856 74.86 74.93 -20.99
CA SER A 856 74.47 73.56 -21.26
C SER A 856 73.68 73.38 -22.55
N PHE A 857 73.77 74.35 -23.48
CA PHE A 857 73.16 74.13 -24.79
C PHE A 857 74.14 73.46 -25.73
N CYS A 858 75.39 73.93 -25.76
CA CYS A 858 76.43 73.23 -26.50
C CYS A 858 76.97 72.05 -25.70
N SER A 859 76.78 72.06 -24.37
CA SER A 859 77.35 71.01 -23.54
C SER A 859 76.49 69.76 -23.52
N ALA A 860 75.28 69.80 -24.10
CA ALA A 860 74.43 68.62 -24.13
C ALA A 860 74.99 67.51 -25.01
N MET A 861 75.91 67.86 -25.92
CA MET A 861 76.53 66.90 -26.81
C MET A 861 77.56 66.04 -26.08
N VAL A 862 78.22 66.61 -25.07
CA VAL A 862 79.42 65.94 -24.53
C VAL A 862 79.08 64.97 -23.41
N GLU A 863 77.88 65.09 -22.82
CA GLU A 863 77.47 64.00 -21.94
C GLU A 863 76.79 62.92 -22.77
N GLU A 864 76.18 63.32 -23.89
CA GLU A 864 75.59 62.34 -24.79
C GLU A 864 76.61 61.75 -25.76
N LEU A 865 77.88 62.14 -25.65
CA LEU A 865 78.96 61.32 -26.18
C LEU A 865 79.77 60.69 -25.06
N ARG A 866 79.54 61.13 -23.81
CA ARG A 866 79.90 60.35 -22.64
C ARG A 866 78.92 59.18 -22.46
N MET A 867 77.77 59.28 -23.15
CA MET A 867 76.77 58.23 -23.26
C MET A 867 77.38 56.91 -23.71
N SER A 868 77.90 56.85 -24.93
CA SER A 868 78.52 55.61 -25.38
C SER A 868 79.95 55.51 -24.86
N LEU A 869 80.83 56.37 -25.40
CA LEU A 869 82.20 56.68 -25.01
C LEU A 869 83.21 55.55 -25.21
N LYS A 870 82.72 54.30 -25.35
CA LYS A 870 83.41 53.09 -25.79
C LYS A 870 82.37 51.97 -25.68
N CYS A 871 82.54 50.86 -26.39
CA CYS A 871 81.79 49.64 -26.12
C CYS A 871 82.60 48.79 -25.15
N GLN A 872 81.90 47.99 -24.35
CA GLN A 872 82.56 47.24 -23.28
C GLN A 872 82.48 45.76 -23.64
N ARG A 873 83.60 45.05 -23.44
CA ARG A 873 83.70 43.66 -23.88
C ARG A 873 83.68 42.70 -22.69
N ARG A 874 82.57 42.01 -22.49
CA ARG A 874 82.44 40.99 -21.46
C ARG A 874 81.31 40.02 -21.80
N THR B 33 -88.00 2.95 -19.17
CA THR B 33 -88.83 3.00 -20.36
C THR B 33 -88.19 2.16 -21.45
N HIS B 34 -86.87 2.25 -21.54
CA HIS B 34 -86.11 1.58 -22.60
C HIS B 34 -85.16 0.57 -21.95
N VAL B 35 -84.75 -0.42 -22.73
CA VAL B 35 -83.91 -1.50 -22.22
C VAL B 35 -82.43 -1.29 -22.51
N LEU B 36 -82.07 -0.55 -23.58
CA LEU B 36 -80.70 -0.28 -24.03
C LEU B 36 -79.82 -1.51 -24.06
N ARG B 37 -80.17 -2.48 -24.91
CA ARG B 37 -79.61 -3.83 -24.90
C ARG B 37 -78.09 -3.89 -25.05
N PHE B 38 -77.42 -4.35 -24.00
CA PHE B 38 -75.99 -4.62 -24.08
C PHE B 38 -75.76 -6.09 -24.35
N GLY B 39 -74.52 -6.52 -24.23
CA GLY B 39 -74.16 -7.89 -24.32
C GLY B 39 -72.70 -8.00 -24.61
N GLY B 40 -72.37 -8.85 -25.56
CA GLY B 40 -71.01 -8.96 -26.01
C GLY B 40 -70.57 -10.40 -25.98
N ILE B 41 -69.27 -10.56 -25.80
CA ILE B 41 -68.62 -11.84 -25.97
C ILE B 41 -67.80 -12.11 -24.72
N PHE B 42 -67.82 -13.36 -24.26
CA PHE B 42 -67.05 -13.72 -23.08
C PHE B 42 -66.42 -15.09 -23.27
N GLU B 43 -65.70 -15.53 -22.26
CA GLU B 43 -64.96 -16.78 -22.29
C GLU B 43 -65.90 -17.98 -22.22
N TYR B 44 -65.59 -19.05 -22.94
CA TYR B 44 -66.37 -20.27 -22.83
C TYR B 44 -65.88 -21.06 -21.64
N VAL B 45 -66.83 -21.57 -20.85
CA VAL B 45 -66.61 -21.99 -19.47
C VAL B 45 -66.92 -23.49 -19.42
N GLU B 46 -66.29 -24.25 -20.32
CA GLU B 46 -66.64 -25.56 -20.88
C GLU B 46 -67.47 -26.48 -19.99
N SER B 47 -67.08 -26.61 -18.72
CA SER B 47 -67.95 -27.26 -17.75
C SER B 47 -68.03 -26.49 -16.43
N GLY B 48 -67.29 -25.40 -16.27
CA GLY B 48 -67.40 -24.58 -15.09
C GLY B 48 -68.65 -23.73 -15.13
N PRO B 49 -68.95 -23.04 -14.03
CA PRO B 49 -70.15 -22.19 -14.00
C PRO B 49 -70.12 -20.99 -14.94
N MET B 50 -69.14 -20.09 -14.78
CA MET B 50 -69.09 -18.84 -15.53
C MET B 50 -67.73 -18.19 -15.32
N GLY B 51 -67.23 -17.53 -16.36
CA GLY B 51 -65.95 -16.88 -16.28
C GLY B 51 -66.03 -15.54 -15.57
N ALA B 52 -64.91 -15.18 -14.93
CA ALA B 52 -64.89 -14.12 -13.92
C ALA B 52 -65.20 -12.75 -14.50
N GLU B 53 -64.94 -12.56 -15.80
CA GLU B 53 -65.35 -11.32 -16.43
C GLU B 53 -66.86 -11.28 -16.61
N GLU B 54 -67.47 -12.43 -16.88
CA GLU B 54 -68.89 -12.44 -17.20
C GLU B 54 -69.73 -12.28 -15.94
N LEU B 55 -69.20 -12.72 -14.79
CA LEU B 55 -69.91 -12.48 -13.54
C LEU B 55 -69.96 -11.00 -13.22
N ALA B 56 -68.88 -10.28 -13.52
CA ALA B 56 -68.83 -8.85 -13.25
C ALA B 56 -69.79 -8.12 -14.17
N PHE B 57 -69.95 -8.62 -15.39
CA PHE B 57 -70.77 -7.93 -16.36
C PHE B 57 -72.25 -8.04 -16.01
N ARG B 58 -72.66 -9.20 -15.47
CA ARG B 58 -74.04 -9.30 -15.01
C ARG B 58 -74.23 -8.56 -13.69
N PHE B 59 -73.18 -8.55 -12.86
CA PHE B 59 -73.25 -7.78 -11.62
C PHE B 59 -73.29 -6.30 -11.90
N ALA B 60 -72.71 -5.86 -13.00
CA ALA B 60 -72.82 -4.46 -13.37
C ALA B 60 -74.22 -4.12 -13.86
N VAL B 61 -74.85 -5.05 -14.59
CA VAL B 61 -76.22 -4.84 -15.05
C VAL B 61 -77.18 -4.81 -13.86
N ASN B 62 -76.89 -5.62 -12.85
CA ASN B 62 -77.72 -5.65 -11.64
C ASN B 62 -77.65 -4.32 -10.90
N THR B 63 -76.42 -3.88 -10.59
CA THR B 63 -76.18 -2.86 -9.57
C THR B 63 -76.77 -1.52 -9.97
N ILE B 64 -76.81 -1.24 -11.27
CA ILE B 64 -77.33 0.03 -11.76
C ILE B 64 -78.85 0.00 -11.64
N ASN B 65 -79.43 -1.19 -11.80
CA ASN B 65 -80.88 -1.30 -11.79
C ASN B 65 -81.44 -1.17 -10.38
N ARG B 66 -80.67 -1.59 -9.38
CA ARG B 66 -81.11 -1.37 -8.00
C ARG B 66 -80.97 0.10 -7.63
N ASN B 67 -79.76 0.63 -7.71
CA ASN B 67 -79.54 2.04 -7.41
C ASN B 67 -80.05 2.96 -8.51
N ARG B 68 -81.24 3.52 -8.34
CA ARG B 68 -81.88 4.32 -9.38
C ARG B 68 -81.30 5.71 -9.53
N THR B 69 -80.28 6.06 -8.73
CA THR B 69 -79.59 7.34 -8.83
C THR B 69 -78.97 7.48 -10.21
N LEU B 70 -78.20 6.48 -10.63
CA LEU B 70 -77.84 6.35 -12.03
C LEU B 70 -79.07 5.89 -12.79
N LEU B 71 -79.19 6.33 -14.04
CA LEU B 71 -80.28 5.96 -14.95
C LEU B 71 -81.71 6.25 -14.48
N PRO B 72 -82.21 7.46 -14.71
CA PRO B 72 -83.66 7.65 -14.89
C PRO B 72 -84.18 6.94 -16.14
N ASN B 73 -85.44 7.17 -16.52
CA ASN B 73 -86.42 6.09 -16.70
C ASN B 73 -85.98 5.00 -17.67
N THR B 74 -84.99 4.19 -17.28
CA THR B 74 -84.46 3.11 -18.10
C THR B 74 -84.13 1.91 -17.25
N THR B 75 -83.93 0.77 -17.90
CA THR B 75 -83.28 -0.38 -17.29
C THR B 75 -82.24 -0.87 -18.29
N LEU B 76 -81.48 -1.87 -17.89
CA LEU B 76 -80.45 -2.44 -18.75
C LEU B 76 -80.68 -3.93 -18.93
N THR B 77 -80.12 -4.48 -20.01
CA THR B 77 -80.21 -5.91 -20.27
C THR B 77 -79.02 -6.32 -21.12
N TYR B 78 -78.78 -7.62 -21.16
CA TYR B 78 -77.55 -8.17 -21.71
C TYR B 78 -77.83 -9.43 -22.51
N ASP B 79 -77.12 -9.58 -23.63
CA ASP B 79 -77.09 -10.86 -24.33
C ASP B 79 -75.67 -11.39 -24.34
N THR B 80 -75.33 -12.20 -23.34
CA THR B 80 -73.99 -12.76 -23.30
C THR B 80 -73.93 -14.10 -24.02
N GLN B 81 -72.79 -14.36 -24.65
CA GLN B 81 -72.55 -15.62 -25.34
C GLN B 81 -71.05 -15.84 -25.49
N LYS B 82 -70.67 -17.09 -25.62
CA LYS B 82 -69.31 -17.54 -25.40
C LYS B 82 -68.59 -17.82 -26.72
N ILE B 83 -67.29 -17.60 -26.73
CA ILE B 83 -66.44 -18.11 -27.80
C ILE B 83 -65.24 -18.80 -27.19
N ASN B 84 -64.40 -19.38 -28.03
CA ASN B 84 -63.23 -20.11 -27.57
C ASN B 84 -61.99 -19.23 -27.47
N LEU B 85 -62.11 -17.92 -27.69
CA LEU B 85 -61.08 -16.89 -27.61
C LEU B 85 -60.04 -16.98 -28.71
N TYR B 86 -60.10 -18.00 -29.56
CA TYR B 86 -59.12 -18.13 -30.61
C TYR B 86 -59.79 -18.27 -31.97
N ASP B 87 -61.12 -18.28 -32.01
CA ASP B 87 -61.88 -18.48 -33.23
C ASP B 87 -62.56 -17.15 -33.53
N SER B 88 -61.90 -16.34 -34.35
CA SER B 88 -62.42 -15.03 -34.70
C SER B 88 -63.70 -15.15 -35.52
N PHE B 89 -63.80 -16.19 -36.34
CA PHE B 89 -65.03 -16.44 -37.08
C PHE B 89 -66.18 -16.81 -36.15
N GLU B 90 -65.89 -17.52 -35.06
CA GLU B 90 -66.91 -17.72 -34.05
C GLU B 90 -67.29 -16.41 -33.40
N ALA B 91 -66.31 -15.52 -33.22
CA ALA B 91 -66.61 -14.20 -32.68
C ALA B 91 -67.37 -13.37 -33.69
N SER B 92 -67.03 -13.50 -34.97
CA SER B 92 -67.63 -12.61 -35.97
C SER B 92 -69.04 -13.04 -36.31
N LYS B 93 -69.34 -14.33 -36.15
CA LYS B 93 -70.74 -14.74 -36.17
C LYS B 93 -71.47 -14.20 -34.96
N LYS B 94 -70.91 -14.46 -33.79
CA LYS B 94 -71.63 -14.20 -32.54
C LYS B 94 -71.69 -12.71 -32.23
N ALA B 95 -70.82 -11.92 -32.85
CA ALA B 95 -70.99 -10.48 -32.76
C ALA B 95 -72.19 -10.03 -33.58
N CYS B 96 -72.19 -10.37 -34.88
CA CYS B 96 -73.20 -9.86 -35.79
C CYS B 96 -74.58 -10.43 -35.50
N ASP B 97 -74.64 -11.56 -34.79
CA ASP B 97 -75.93 -12.04 -34.30
C ASP B 97 -76.52 -11.07 -33.28
N GLN B 98 -75.69 -10.51 -32.41
CA GLN B 98 -76.18 -9.52 -31.48
C GLN B 98 -76.45 -8.19 -32.18
N LEU B 99 -75.67 -7.88 -33.22
CA LEU B 99 -75.95 -6.70 -34.02
C LEU B 99 -77.25 -6.86 -34.78
N SER B 100 -77.52 -8.06 -35.30
CA SER B 100 -78.79 -8.31 -35.96
C SER B 100 -79.92 -8.33 -34.94
N LEU B 101 -79.62 -8.72 -33.71
CA LEU B 101 -80.55 -8.55 -32.62
C LEU B 101 -80.66 -7.06 -32.29
N GLY B 102 -79.55 -6.35 -32.43
CA GLY B 102 -79.53 -4.93 -32.13
C GLY B 102 -79.06 -4.67 -30.73
N VAL B 103 -77.90 -4.03 -30.60
CA VAL B 103 -77.30 -3.78 -29.29
C VAL B 103 -77.11 -2.29 -29.11
N ALA B 104 -76.52 -1.90 -27.99
CA ALA B 104 -76.21 -0.50 -27.77
C ALA B 104 -74.70 -0.33 -27.64
N ALA B 105 -74.00 -1.41 -27.29
CA ALA B 105 -72.54 -1.50 -27.27
C ALA B 105 -72.08 -2.94 -27.14
N ILE B 106 -71.22 -3.41 -28.04
CA ILE B 106 -70.56 -4.69 -27.82
C ILE B 106 -69.41 -4.50 -26.85
N PHE B 107 -69.37 -5.33 -25.81
CA PHE B 107 -68.29 -5.24 -24.83
C PHE B 107 -67.13 -6.16 -25.10
N GLY B 108 -67.12 -6.86 -26.23
CA GLY B 108 -65.91 -7.40 -26.79
C GLY B 108 -65.35 -8.64 -26.12
N PRO B 109 -64.60 -9.41 -26.88
CA PRO B 109 -63.89 -10.56 -26.30
C PRO B 109 -62.69 -10.14 -25.48
N SER B 110 -61.90 -11.12 -25.05
CA SER B 110 -60.79 -10.83 -24.18
C SER B 110 -59.51 -11.49 -24.68
N HIS B 111 -59.23 -11.32 -25.97
CA HIS B 111 -58.06 -11.92 -26.59
C HIS B 111 -57.70 -11.14 -27.85
N SER B 112 -56.41 -11.07 -28.15
CA SER B 112 -55.85 -10.25 -29.22
C SER B 112 -56.42 -10.55 -30.61
N SER B 113 -56.49 -11.82 -30.97
CA SER B 113 -56.98 -12.17 -32.30
C SER B 113 -58.48 -11.97 -32.40
N SER B 114 -59.18 -12.24 -31.31
CA SER B 114 -60.63 -12.15 -31.33
C SER B 114 -61.07 -10.71 -31.12
N ALA B 115 -60.15 -9.86 -30.66
CA ALA B 115 -60.47 -8.45 -30.56
C ALA B 115 -60.61 -7.83 -31.93
N ASN B 116 -59.57 -7.99 -32.76
CA ASN B 116 -59.49 -7.32 -34.06
C ASN B 116 -60.60 -7.75 -35.01
N ALA B 117 -61.16 -8.94 -34.81
CA ALA B 117 -62.38 -9.28 -35.52
C ALA B 117 -63.52 -8.39 -35.07
N VAL B 118 -63.75 -8.31 -33.76
CA VAL B 118 -64.91 -7.58 -33.27
C VAL B 118 -64.61 -6.08 -33.27
N GLN B 119 -63.32 -5.72 -33.20
CA GLN B 119 -62.90 -4.34 -33.45
C GLN B 119 -63.35 -3.85 -34.81
N SER B 120 -63.19 -4.69 -35.83
CA SER B 120 -63.51 -4.25 -37.17
C SER B 120 -65.01 -4.33 -37.43
N ILE B 121 -65.74 -5.05 -36.58
CA ILE B 121 -67.20 -4.99 -36.64
C ILE B 121 -67.68 -3.61 -36.23
N CYS B 122 -67.18 -3.13 -35.10
CA CYS B 122 -67.69 -1.89 -34.53
C CYS B 122 -67.15 -0.69 -35.29
N ASN B 123 -66.06 -0.84 -36.02
CA ASN B 123 -65.63 0.23 -36.90
C ASN B 123 -66.59 0.34 -38.07
N ALA B 124 -67.14 -0.79 -38.49
CA ALA B 124 -67.97 -0.83 -39.69
C ALA B 124 -69.36 -0.26 -39.47
N LEU B 125 -69.89 -0.35 -38.26
CA LEU B 125 -71.28 0.02 -38.07
C LEU B 125 -71.44 1.27 -37.22
N GLY B 126 -70.55 1.51 -36.27
CA GLY B 126 -70.56 2.69 -35.44
C GLY B 126 -70.90 2.41 -33.99
N VAL B 127 -71.24 1.18 -33.66
CA VAL B 127 -71.52 0.78 -32.28
C VAL B 127 -70.20 0.82 -31.51
N PRO B 128 -70.21 1.12 -30.23
CA PRO B 128 -68.96 1.17 -29.47
C PRO B 128 -68.42 -0.21 -29.11
N HIS B 129 -67.14 -0.27 -28.77
CA HIS B 129 -66.43 -1.53 -28.61
C HIS B 129 -65.61 -1.52 -27.32
N ILE B 130 -66.27 -1.27 -26.20
CA ILE B 130 -65.64 -1.11 -24.90
C ILE B 130 -64.88 -2.36 -24.48
N GLN B 131 -63.56 -2.23 -24.34
CA GLN B 131 -62.68 -3.37 -24.10
C GLN B 131 -62.18 -3.38 -22.66
N THR B 132 -61.73 -4.56 -22.23
CA THR B 132 -61.19 -4.77 -20.90
C THR B 132 -59.89 -5.56 -20.99
N ARG B 133 -59.19 -5.43 -22.09
CA ARG B 133 -57.99 -6.22 -22.29
C ARG B 133 -57.03 -5.44 -23.16
N TRP B 134 -55.77 -5.39 -22.77
CA TRP B 134 -54.78 -4.84 -23.68
C TRP B 134 -54.62 -5.76 -24.87
N LYS B 135 -54.76 -5.25 -26.07
CA LYS B 135 -54.46 -6.01 -27.27
C LYS B 135 -53.26 -5.36 -27.91
N HIS B 136 -52.60 -6.06 -28.82
CA HIS B 136 -51.66 -5.38 -29.68
C HIS B 136 -52.43 -4.41 -30.56
N GLN B 137 -52.02 -3.15 -30.57
CA GLN B 137 -52.58 -2.22 -31.53
C GLN B 137 -51.70 -2.15 -32.76
N VAL B 138 -52.30 -2.33 -33.93
CA VAL B 138 -51.59 -2.15 -35.18
C VAL B 138 -51.35 -0.65 -35.33
N SER B 139 -50.16 -0.28 -35.77
CA SER B 139 -49.76 1.12 -35.81
C SER B 139 -50.56 1.92 -36.83
N ASP B 140 -51.04 1.24 -37.87
CA ASP B 140 -51.77 1.91 -38.91
C ASP B 140 -53.24 1.52 -38.88
N ASN B 141 -53.70 1.05 -37.73
CA ASN B 141 -55.06 0.58 -37.61
C ASN B 141 -55.97 1.78 -37.46
N LYS B 142 -56.40 2.37 -38.57
CA LYS B 142 -57.21 3.57 -38.49
C LYS B 142 -58.62 3.20 -38.07
N ASP B 143 -58.88 3.17 -36.77
CA ASP B 143 -60.20 2.88 -36.25
C ASP B 143 -60.62 4.04 -35.37
N SER B 144 -61.93 4.14 -35.11
CA SER B 144 -62.39 5.14 -34.15
C SER B 144 -63.18 4.52 -33.01
N PHE B 145 -64.15 3.69 -33.33
CA PHE B 145 -65.17 3.30 -32.35
C PHE B 145 -64.73 2.26 -31.34
N TYR B 146 -63.76 2.57 -30.49
CA TYR B 146 -63.39 1.63 -29.45
C TYR B 146 -62.72 2.34 -28.28
N VAL B 147 -62.89 1.82 -27.08
CA VAL B 147 -62.08 2.19 -25.93
C VAL B 147 -61.59 0.91 -25.27
N SER B 148 -60.58 1.03 -24.44
CA SER B 148 -60.07 -0.09 -23.69
C SER B 148 -59.56 0.38 -22.35
N LEU B 149 -60.21 -0.09 -21.29
CA LEU B 149 -59.99 0.45 -19.97
C LEU B 149 -58.76 -0.12 -19.30
N TYR B 150 -58.11 -1.09 -19.93
CA TYR B 150 -56.90 -1.66 -19.34
C TYR B 150 -55.83 -0.61 -19.57
N PRO B 151 -55.05 -0.24 -18.54
CA PRO B 151 -54.15 0.91 -18.67
C PRO B 151 -53.02 0.62 -19.62
N ASP B 152 -52.65 1.59 -20.43
CA ASP B 152 -51.75 1.33 -21.54
C ASP B 152 -50.34 1.15 -21.01
N PHE B 153 -49.62 0.21 -21.61
CA PHE B 153 -48.23 -0.02 -21.25
C PHE B 153 -47.32 1.06 -21.81
N SER B 154 -47.86 1.95 -22.65
CA SER B 154 -47.18 3.20 -22.94
C SER B 154 -46.95 3.99 -21.67
N SER B 155 -47.96 4.03 -20.80
CA SER B 155 -47.79 4.72 -19.53
C SER B 155 -47.26 3.79 -18.46
N LEU B 156 -47.77 2.56 -18.44
CA LEU B 156 -47.50 1.66 -17.31
C LEU B 156 -46.03 1.27 -17.27
N SER B 157 -45.41 1.12 -18.43
CA SER B 157 -44.00 0.74 -18.40
C SER B 157 -43.11 1.94 -18.12
N ARG B 158 -43.65 3.16 -18.21
CA ARG B 158 -42.89 4.28 -17.67
C ARG B 158 -42.86 4.24 -16.17
N ALA B 159 -43.94 3.76 -15.56
CA ALA B 159 -43.98 3.61 -14.11
C ALA B 159 -43.00 2.56 -13.62
N ILE B 160 -42.88 1.43 -14.31
CA ILE B 160 -41.88 0.45 -13.93
C ILE B 160 -40.49 0.99 -14.17
N LEU B 161 -40.33 1.79 -15.22
CA LEU B 161 -39.11 2.55 -15.39
C LEU B 161 -38.92 3.57 -14.29
N ASP B 162 -40.01 4.10 -13.73
CA ASP B 162 -39.87 5.18 -12.75
C ASP B 162 -39.33 4.64 -11.43
N LEU B 163 -39.54 3.34 -11.18
CA LEU B 163 -38.99 2.74 -9.96
C LEU B 163 -37.49 2.52 -10.05
N VAL B 164 -36.97 2.20 -11.23
CA VAL B 164 -35.58 1.76 -11.25
C VAL B 164 -34.63 2.95 -11.27
N GLN B 165 -35.15 4.18 -11.32
CA GLN B 165 -34.34 5.30 -10.86
C GLN B 165 -34.50 5.46 -9.36
N PHE B 166 -35.69 5.16 -8.85
CA PHE B 166 -35.95 5.31 -7.43
C PHE B 166 -35.24 4.25 -6.63
N PHE B 167 -35.31 2.99 -7.08
CA PHE B 167 -34.59 1.94 -6.40
C PHE B 167 -33.13 1.89 -6.82
N LYS B 168 -32.75 2.77 -7.76
CA LYS B 168 -31.37 3.14 -8.07
C LYS B 168 -30.60 1.94 -8.59
N TRP B 169 -31.23 1.16 -9.44
CA TRP B 169 -30.65 -0.09 -9.90
C TRP B 169 -29.66 0.18 -11.04
N LYS B 170 -29.03 -0.88 -11.52
CA LYS B 170 -28.24 -0.82 -12.75
C LYS B 170 -28.51 -2.02 -13.63
N THR B 171 -28.93 -3.13 -13.04
CA THR B 171 -28.78 -4.44 -13.70
C THR B 171 -30.07 -5.25 -13.81
N VAL B 172 -31.16 -4.62 -14.26
CA VAL B 172 -32.46 -5.22 -14.54
C VAL B 172 -32.34 -6.45 -15.44
N THR B 173 -33.18 -7.47 -15.21
CA THR B 173 -33.19 -8.70 -16.00
C THR B 173 -34.62 -9.09 -16.36
N VAL B 174 -35.31 -8.23 -17.11
CA VAL B 174 -36.68 -8.39 -17.59
C VAL B 174 -37.01 -9.80 -18.04
N VAL B 175 -38.13 -10.35 -17.58
CA VAL B 175 -38.53 -11.71 -17.90
C VAL B 175 -39.96 -11.68 -18.45
N TYR B 176 -40.10 -11.86 -19.74
CA TYR B 176 -41.42 -11.92 -20.35
C TYR B 176 -41.85 -13.38 -20.46
N ASP B 177 -43.12 -13.60 -20.80
CA ASP B 177 -43.65 -14.96 -20.81
C ASP B 177 -43.92 -15.48 -22.21
N ASP B 178 -44.42 -14.63 -23.10
CA ASP B 178 -44.55 -14.97 -24.50
C ASP B 178 -44.18 -13.77 -25.35
N SER B 179 -44.26 -13.96 -26.67
CA SER B 179 -43.81 -12.99 -27.65
C SER B 179 -44.52 -11.65 -27.57
N THR B 180 -45.69 -11.60 -26.95
CA THR B 180 -46.37 -10.32 -26.76
C THR B 180 -45.86 -9.65 -25.49
N GLY B 181 -44.97 -10.31 -24.75
CA GLY B 181 -44.36 -9.67 -23.60
C GLY B 181 -43.38 -8.59 -24.00
N LEU B 182 -42.59 -8.86 -25.04
CA LEU B 182 -41.50 -7.97 -25.37
C LEU B 182 -41.99 -6.76 -26.15
N ILE B 183 -43.26 -6.76 -26.52
CA ILE B 183 -43.83 -5.62 -27.22
C ILE B 183 -44.52 -4.71 -26.20
N ARG B 184 -44.89 -5.25 -25.05
CA ARG B 184 -45.50 -4.43 -24.00
C ARG B 184 -44.47 -3.52 -23.37
N LEU B 185 -43.28 -4.05 -23.14
CA LEU B 185 -42.27 -3.34 -22.37
C LEU B 185 -41.35 -2.52 -23.24
N GLN B 186 -41.84 -2.06 -24.40
CA GLN B 186 -40.97 -1.40 -25.36
C GLN B 186 -40.43 -0.08 -24.84
N GLU B 187 -41.13 0.56 -23.90
CA GLU B 187 -40.59 1.77 -23.31
C GLU B 187 -39.56 1.44 -22.25
N LEU B 188 -39.54 0.19 -21.80
CA LEU B 188 -38.54 -0.26 -20.86
C LEU B 188 -37.33 -0.78 -21.61
N ILE B 189 -37.54 -1.40 -22.76
CA ILE B 189 -36.43 -1.97 -23.51
C ILE B 189 -35.64 -0.86 -24.18
N LYS B 190 -36.30 0.27 -24.45
CA LYS B 190 -35.65 1.45 -24.99
C LYS B 190 -35.06 2.34 -23.90
N ALA B 191 -34.85 1.79 -22.70
CA ALA B 191 -34.15 2.55 -21.67
C ALA B 191 -32.67 2.77 -21.95
N PRO B 192 -31.77 1.69 -22.04
CA PRO B 192 -30.34 1.84 -21.69
C PRO B 192 -29.52 2.90 -22.41
N SER B 193 -30.08 3.53 -23.44
CA SER B 193 -29.55 4.74 -24.05
C SER B 193 -29.40 5.85 -23.02
N ARG B 194 -30.30 5.88 -22.05
CA ARG B 194 -30.36 6.90 -21.02
C ARG B 194 -30.80 6.22 -19.73
N TYR B 195 -30.74 6.95 -18.60
CA TYR B 195 -31.02 6.46 -17.24
C TYR B 195 -30.18 5.24 -16.90
N ASN B 196 -28.93 5.21 -17.36
CA ASN B 196 -28.18 4.03 -17.80
C ASN B 196 -28.40 2.72 -17.06
N LEU B 197 -28.71 1.67 -17.82
CA LEU B 197 -29.02 0.37 -17.24
C LEU B 197 -28.23 -0.72 -17.95
N ARG B 198 -28.55 -1.96 -17.64
CA ARG B 198 -27.91 -3.07 -18.33
C ARG B 198 -28.93 -4.20 -18.44
N LEU B 199 -29.66 -4.21 -19.55
CA LEU B 199 -30.80 -5.12 -19.68
C LEU B 199 -30.36 -6.49 -20.16
N LYS B 200 -30.89 -7.53 -19.54
CA LYS B 200 -30.50 -8.88 -19.90
C LYS B 200 -31.73 -9.74 -20.15
N ILE B 201 -32.63 -9.26 -21.01
CA ILE B 201 -33.97 -9.80 -21.22
C ILE B 201 -33.92 -11.29 -21.57
N ARG B 202 -34.54 -12.11 -20.72
CA ARG B 202 -34.62 -13.53 -20.98
C ARG B 202 -36.06 -13.98 -20.82
N GLN B 203 -36.35 -15.18 -21.29
CA GLN B 203 -37.71 -15.59 -21.59
C GLN B 203 -38.08 -16.84 -20.82
N LEU B 204 -39.26 -16.82 -20.18
CA LEU B 204 -39.89 -17.99 -19.57
C LEU B 204 -40.09 -19.07 -20.61
N PRO B 205 -39.91 -20.33 -20.26
CA PRO B 205 -40.11 -21.40 -21.24
C PRO B 205 -41.56 -21.56 -21.62
N ALA B 206 -41.79 -21.76 -22.92
CA ALA B 206 -43.13 -22.01 -23.42
C ALA B 206 -43.56 -23.42 -23.08
N ASP B 207 -44.87 -23.68 -23.16
CA ASP B 207 -45.51 -24.99 -23.07
C ASP B 207 -45.37 -25.67 -21.71
N THR B 208 -44.79 -24.98 -20.72
CA THR B 208 -44.71 -25.49 -19.36
C THR B 208 -44.50 -24.35 -18.37
N LYS B 209 -44.49 -24.69 -17.08
CA LYS B 209 -44.17 -23.75 -16.02
C LYS B 209 -42.89 -24.16 -15.30
N ASP B 210 -42.07 -24.98 -15.97
CA ASP B 210 -40.82 -25.47 -15.38
C ASP B 210 -39.72 -24.43 -15.46
N ALA B 211 -39.77 -23.42 -14.60
CA ALA B 211 -38.79 -22.36 -14.67
C ALA B 211 -37.47 -22.69 -13.99
N LYS B 212 -37.30 -23.94 -13.56
CA LYS B 212 -36.06 -24.35 -12.90
C LYS B 212 -34.81 -24.23 -13.78
N PRO B 213 -34.80 -24.62 -15.06
CA PRO B 213 -33.58 -24.33 -15.85
C PRO B 213 -33.40 -22.85 -16.11
N LEU B 214 -34.49 -22.09 -16.14
CA LEU B 214 -34.37 -20.65 -16.33
C LEU B 214 -33.79 -19.98 -15.09
N LEU B 215 -34.34 -20.29 -13.92
CA LEU B 215 -33.93 -19.62 -12.70
C LEU B 215 -32.53 -20.02 -12.28
N LYS B 216 -32.09 -21.23 -12.65
CA LYS B 216 -30.76 -21.67 -12.27
C LYS B 216 -29.69 -20.86 -12.97
N GLU B 217 -29.95 -20.43 -14.21
CA GLU B 217 -29.01 -19.57 -14.90
C GLU B 217 -29.00 -18.18 -14.31
N MET B 218 -30.13 -17.75 -13.76
CA MET B 218 -30.19 -16.43 -13.15
C MET B 218 -29.39 -16.38 -11.86
N LYS B 219 -29.30 -17.51 -11.16
CA LYS B 219 -28.54 -17.54 -9.91
C LYS B 219 -27.06 -17.40 -10.19
N ARG B 220 -26.55 -18.13 -11.19
CA ARG B 220 -25.13 -18.01 -11.50
C ARG B 220 -24.84 -16.73 -12.27
N GLY B 221 -25.85 -16.02 -12.73
CA GLY B 221 -25.62 -14.74 -13.35
C GLY B 221 -25.58 -13.63 -12.33
N LYS B 222 -25.88 -13.97 -11.07
CA LYS B 222 -25.99 -13.08 -9.93
C LYS B 222 -27.05 -12.01 -10.14
N GLU B 223 -28.04 -12.27 -10.98
CA GLU B 223 -29.02 -11.29 -11.40
C GLU B 223 -30.05 -11.06 -10.31
N PHE B 224 -29.78 -10.09 -9.44
CA PHE B 224 -30.56 -9.91 -8.21
C PHE B 224 -31.72 -8.96 -8.40
N HIS B 225 -32.04 -8.61 -9.65
CA HIS B 225 -33.06 -7.62 -9.91
C HIS B 225 -33.78 -8.03 -11.18
N VAL B 226 -35.09 -8.14 -11.13
CA VAL B 226 -35.84 -8.76 -12.21
C VAL B 226 -37.29 -8.30 -12.25
N ILE B 227 -37.78 -8.05 -13.46
CA ILE B 227 -39.08 -7.43 -13.73
C ILE B 227 -39.99 -8.43 -14.41
N PHE B 228 -40.23 -9.56 -13.73
CA PHE B 228 -41.28 -10.53 -14.08
C PHE B 228 -42.53 -9.89 -14.66
N ASP B 229 -42.94 -10.38 -15.82
CA ASP B 229 -43.93 -9.73 -16.65
C ASP B 229 -44.84 -10.80 -17.21
N CYS B 230 -45.93 -11.07 -16.50
CA CYS B 230 -46.79 -12.18 -16.80
C CYS B 230 -48.10 -11.97 -16.06
N SER B 231 -48.99 -12.95 -16.13
CA SER B 231 -50.19 -12.86 -15.34
C SER B 231 -49.87 -13.17 -13.88
N HIS B 232 -50.85 -12.93 -13.02
CA HIS B 232 -50.69 -13.30 -11.62
C HIS B 232 -50.66 -14.81 -11.44
N GLU B 233 -51.30 -15.54 -12.36
CA GLU B 233 -51.29 -16.99 -12.30
C GLU B 233 -49.90 -17.54 -12.58
N MET B 234 -49.19 -16.94 -13.53
CA MET B 234 -47.78 -17.27 -13.69
C MET B 234 -46.96 -16.74 -12.53
N ALA B 235 -47.34 -15.58 -12.00
CA ALA B 235 -46.52 -14.94 -10.96
C ALA B 235 -46.58 -15.71 -9.65
N ALA B 236 -47.59 -16.54 -9.47
CA ALA B 236 -47.54 -17.47 -8.37
C ALA B 236 -46.65 -18.63 -8.77
N GLY B 237 -46.75 -19.04 -10.03
CA GLY B 237 -46.11 -20.24 -10.48
C GLY B 237 -44.60 -20.17 -10.57
N ILE B 238 -44.06 -18.98 -10.80
CA ILE B 238 -42.62 -18.86 -10.81
C ILE B 238 -42.08 -18.75 -9.39
N LEU B 239 -42.70 -17.90 -8.56
CA LEU B 239 -42.26 -17.73 -7.17
C LEU B 239 -42.30 -19.03 -6.38
N LYS B 240 -43.36 -19.82 -6.56
CA LYS B 240 -43.47 -21.10 -5.89
C LYS B 240 -42.40 -22.07 -6.37
N GLN B 241 -41.88 -21.87 -7.59
CA GLN B 241 -40.66 -22.57 -7.97
C GLN B 241 -39.43 -21.76 -7.65
N ALA B 242 -39.55 -20.43 -7.53
CA ALA B 242 -38.37 -19.67 -7.13
C ALA B 242 -38.18 -19.72 -5.64
N LEU B 243 -39.18 -20.20 -4.91
CA LEU B 243 -38.95 -20.47 -3.49
C LEU B 243 -38.13 -21.73 -3.32
N ALA B 244 -38.36 -22.74 -4.15
CA ALA B 244 -37.62 -23.98 -4.02
C ALA B 244 -36.23 -23.84 -4.61
N MET B 245 -36.04 -22.89 -5.52
CA MET B 245 -34.71 -22.67 -6.09
C MET B 245 -33.84 -21.78 -5.21
N GLY B 246 -34.26 -21.51 -3.98
CA GLY B 246 -33.49 -20.72 -3.05
C GLY B 246 -33.31 -19.29 -3.48
N MET B 247 -34.20 -18.81 -4.35
CA MET B 247 -34.10 -17.48 -4.92
C MET B 247 -34.81 -16.43 -4.09
N MET B 248 -35.44 -16.84 -2.98
CA MET B 248 -36.22 -15.92 -2.17
C MET B 248 -35.46 -15.53 -0.89
N THR B 249 -34.33 -14.85 -1.09
CA THR B 249 -33.54 -14.39 0.04
C THR B 249 -33.87 -12.94 0.35
N GLU B 250 -33.08 -12.31 1.21
CA GLU B 250 -33.18 -10.87 1.39
C GLU B 250 -32.38 -10.10 0.35
N TYR B 251 -31.68 -10.79 -0.54
CA TYR B 251 -30.96 -10.15 -1.62
C TYR B 251 -31.87 -9.76 -2.76
N TYR B 252 -32.61 -10.74 -3.27
CA TYR B 252 -33.43 -10.60 -4.46
C TYR B 252 -34.57 -9.62 -4.25
N HIS B 253 -34.84 -8.83 -5.28
CA HIS B 253 -35.63 -7.61 -5.21
C HIS B 253 -36.59 -7.53 -6.39
N TYR B 254 -37.42 -8.55 -6.53
CA TYR B 254 -38.40 -8.72 -7.59
C TYR B 254 -39.29 -7.51 -7.84
N ILE B 255 -39.72 -7.30 -9.07
CA ILE B 255 -40.77 -6.34 -9.42
C ILE B 255 -41.71 -7.06 -10.35
N PHE B 256 -43.00 -7.07 -10.05
CA PHE B 256 -43.93 -7.71 -10.95
C PHE B 256 -44.57 -6.67 -11.85
N THR B 257 -45.52 -7.11 -12.68
CA THR B 257 -46.17 -6.18 -13.59
C THR B 257 -47.67 -6.30 -13.44
N THR B 258 -48.14 -7.51 -13.20
CA THR B 258 -49.57 -7.86 -13.16
C THR B 258 -50.30 -7.03 -12.12
N LEU B 259 -51.51 -6.62 -12.46
CA LEU B 259 -52.22 -5.69 -11.60
C LEU B 259 -53.15 -6.47 -10.68
N ASP B 260 -52.80 -7.72 -10.41
CA ASP B 260 -53.41 -8.52 -9.37
C ASP B 260 -52.30 -9.08 -8.51
N LEU B 261 -51.25 -8.29 -8.28
CA LEU B 261 -50.20 -8.65 -7.35
C LEU B 261 -50.79 -8.78 -5.95
N PHE B 262 -51.81 -7.98 -5.66
CA PHE B 262 -52.54 -8.07 -4.40
C PHE B 262 -53.59 -9.17 -4.53
N ALA B 263 -53.19 -10.35 -4.99
CA ALA B 263 -54.05 -11.52 -5.00
C ALA B 263 -53.21 -12.77 -4.79
N LEU B 264 -51.91 -12.59 -4.63
CA LEU B 264 -51.02 -13.71 -4.35
C LEU B 264 -51.17 -14.07 -2.88
N ASP B 265 -51.16 -15.36 -2.58
CA ASP B 265 -51.02 -15.76 -1.20
C ASP B 265 -49.57 -15.53 -0.80
N VAL B 266 -49.26 -14.31 -0.37
CA VAL B 266 -47.89 -13.91 -0.14
C VAL B 266 -47.37 -14.42 1.20
N GLU B 267 -48.25 -14.98 2.02
CA GLU B 267 -48.03 -15.48 3.38
C GLU B 267 -46.80 -16.36 3.58
N PRO B 268 -46.47 -17.35 2.70
CA PRO B 268 -45.25 -18.12 2.98
C PRO B 268 -43.97 -17.35 2.73
N TYR B 269 -44.03 -16.35 1.86
CA TYR B 269 -42.82 -15.62 1.50
C TYR B 269 -42.54 -14.48 2.45
N ARG B 270 -43.45 -14.20 3.37
CA ARG B 270 -43.57 -12.90 4.00
C ARG B 270 -42.47 -12.64 5.01
N TYR B 271 -42.01 -13.69 5.69
CA TYR B 271 -41.00 -13.55 6.71
C TYR B 271 -39.59 -13.56 6.16
N SER B 272 -39.42 -14.03 4.93
CA SER B 272 -38.11 -14.27 4.35
C SER B 272 -37.34 -12.99 4.09
N GLY B 273 -38.00 -11.95 3.62
CA GLY B 273 -37.32 -10.69 3.43
C GLY B 273 -37.17 -10.33 1.98
N VAL B 274 -38.03 -10.87 1.14
CA VAL B 274 -37.95 -10.62 -0.28
C VAL B 274 -38.64 -9.31 -0.57
N ASN B 275 -38.07 -8.51 -1.45
CA ASN B 275 -38.64 -7.22 -1.81
C ASN B 275 -39.33 -7.34 -3.15
N MET B 276 -40.54 -7.87 -3.15
CA MET B 276 -41.34 -7.99 -4.36
C MET B 276 -42.25 -6.76 -4.48
N THR B 277 -41.69 -5.73 -5.08
CA THR B 277 -42.40 -4.48 -5.28
C THR B 277 -43.33 -4.69 -6.47
N GLY B 278 -44.34 -3.85 -6.65
CA GLY B 278 -45.19 -4.03 -7.81
C GLY B 278 -46.16 -2.91 -8.02
N PHE B 279 -47.35 -3.23 -8.51
CA PHE B 279 -48.37 -2.22 -8.71
C PHE B 279 -49.75 -2.78 -8.46
N ARG B 280 -50.71 -1.88 -8.25
CA ARG B 280 -52.11 -2.22 -8.42
C ARG B 280 -52.81 -0.97 -8.88
N ILE B 281 -53.89 -1.17 -9.62
CA ILE B 281 -54.81 -0.10 -9.96
C ILE B 281 -56.04 -0.14 -9.08
N LEU B 282 -56.38 -1.28 -8.49
CA LEU B 282 -57.62 -1.47 -7.75
C LEU B 282 -57.53 -0.82 -6.38
N ASN B 283 -58.14 0.35 -6.23
CA ASN B 283 -58.04 1.11 -4.99
C ASN B 283 -58.87 0.50 -3.88
N THR B 284 -58.24 -0.24 -2.98
CA THR B 284 -58.92 -0.74 -1.80
C THR B 284 -59.03 0.30 -0.70
N GLU B 285 -58.49 1.50 -0.90
CA GLU B 285 -58.61 2.56 0.11
C GLU B 285 -59.84 3.43 -0.12
N ASN B 286 -60.98 2.78 -0.29
CA ASN B 286 -62.29 3.43 -0.30
C ASN B 286 -63.29 2.45 0.29
N THR B 287 -64.16 2.96 1.15
CA THR B 287 -65.18 2.15 1.80
C THR B 287 -66.17 1.63 0.77
N GLN B 288 -66.62 2.54 -0.11
CA GLN B 288 -67.58 2.20 -1.15
C GLN B 288 -67.05 1.14 -2.11
N VAL B 289 -65.74 1.17 -2.38
CA VAL B 289 -65.14 0.17 -3.26
C VAL B 289 -65.06 -1.17 -2.54
N SER B 290 -64.46 -1.18 -1.35
CA SER B 290 -64.21 -2.42 -0.64
C SER B 290 -65.50 -3.06 -0.13
N SER B 291 -66.56 -2.28 0.01
CA SER B 291 -67.88 -2.85 0.27
C SER B 291 -68.34 -3.72 -0.90
N ILE B 292 -68.07 -3.28 -2.13
CA ILE B 292 -68.50 -4.03 -3.31
C ILE B 292 -67.69 -5.31 -3.43
N ILE B 293 -66.40 -5.23 -3.10
CA ILE B 293 -65.48 -6.36 -3.24
C ILE B 293 -65.89 -7.51 -2.33
N GLU B 294 -66.35 -7.17 -1.13
CA GLU B 294 -66.87 -8.21 -0.26
C GLU B 294 -68.31 -8.58 -0.60
N LYS B 295 -69.06 -7.64 -1.18
CA LYS B 295 -70.34 -8.01 -1.78
C LYS B 295 -70.13 -8.92 -2.98
N TRP B 296 -69.04 -8.69 -3.70
CA TRP B 296 -68.62 -9.57 -4.78
C TRP B 296 -68.31 -10.98 -4.31
N SER B 297 -67.46 -11.12 -3.29
CA SER B 297 -66.92 -12.42 -2.94
C SER B 297 -67.99 -13.31 -2.32
N MET B 298 -69.07 -12.70 -1.83
CA MET B 298 -70.24 -13.47 -1.46
C MET B 298 -71.00 -13.98 -2.68
N GLU B 299 -71.01 -13.21 -3.77
CA GLU B 299 -71.69 -13.67 -4.99
C GLU B 299 -70.87 -14.74 -5.69
N ARG B 300 -69.54 -14.62 -5.65
CA ARG B 300 -68.69 -15.57 -6.35
C ARG B 300 -68.14 -16.53 -5.30
N LEU B 301 -69.00 -16.91 -4.36
CA LEU B 301 -68.81 -18.12 -3.58
C LEU B 301 -68.83 -19.30 -4.55
N GLN B 302 -69.68 -19.19 -5.58
CA GLN B 302 -69.60 -20.03 -6.75
C GLN B 302 -68.21 -19.93 -7.38
N ALA B 303 -67.70 -21.06 -7.90
CA ALA B 303 -66.39 -21.27 -8.50
C ALA B 303 -65.23 -20.92 -7.58
N PRO B 304 -64.94 -21.71 -6.54
CA PRO B 304 -63.78 -21.43 -5.71
C PRO B 304 -62.49 -21.86 -6.40
N PRO B 305 -61.44 -21.03 -6.34
CA PRO B 305 -60.12 -21.48 -6.80
C PRO B 305 -59.56 -22.61 -5.96
N LYS B 306 -58.96 -23.60 -6.61
CA LYS B 306 -58.38 -24.77 -5.98
C LYS B 306 -57.18 -24.33 -5.13
N PRO B 307 -56.90 -25.01 -3.98
CA PRO B 307 -56.08 -24.38 -2.94
C PRO B 307 -54.59 -24.32 -3.21
N ASP B 308 -54.04 -25.32 -3.91
CA ASP B 308 -52.59 -25.44 -4.05
C ASP B 308 -51.99 -24.51 -5.11
N SER B 309 -52.85 -23.72 -5.77
CA SER B 309 -52.45 -22.83 -6.85
C SER B 309 -51.43 -21.78 -6.43
N GLY B 310 -51.46 -21.36 -5.17
CA GLY B 310 -50.60 -20.28 -4.75
C GLY B 310 -51.35 -18.97 -4.80
N LEU B 311 -52.61 -19.05 -5.21
CA LEU B 311 -53.48 -17.89 -5.32
C LEU B 311 -54.48 -17.89 -4.17
N LEU B 312 -55.09 -16.73 -3.95
CA LEU B 312 -56.05 -16.57 -2.87
C LEU B 312 -57.42 -17.10 -3.29
N ASP B 313 -58.43 -16.79 -2.49
CA ASP B 313 -59.78 -17.29 -2.75
C ASP B 313 -60.72 -16.13 -3.03
N GLY B 314 -60.76 -15.15 -2.13
CA GLY B 314 -61.66 -14.02 -2.30
C GLY B 314 -60.91 -12.79 -2.76
N PHE B 315 -61.02 -12.48 -4.04
CA PHE B 315 -60.24 -11.39 -4.63
C PHE B 315 -60.84 -10.95 -5.96
N MET B 316 -61.01 -9.64 -6.12
CA MET B 316 -61.30 -9.07 -7.43
C MET B 316 -60.09 -9.13 -8.32
N THR B 317 -60.18 -9.92 -9.39
CA THR B 317 -59.20 -9.82 -10.46
C THR B 317 -59.33 -8.47 -11.13
N THR B 318 -58.23 -7.95 -11.68
CA THR B 318 -58.30 -6.63 -12.26
C THR B 318 -59.00 -6.63 -13.61
N ASP B 319 -59.19 -7.81 -14.21
CA ASP B 319 -60.03 -7.90 -15.39
C ASP B 319 -61.50 -7.73 -15.02
N ALA B 320 -61.95 -8.48 -14.02
CA ALA B 320 -63.33 -8.30 -13.54
C ALA B 320 -63.51 -6.96 -12.87
N ALA B 321 -62.44 -6.35 -12.39
CA ALA B 321 -62.52 -4.97 -11.92
C ALA B 321 -62.78 -4.03 -13.07
N LEU B 322 -62.03 -4.17 -14.16
CA LEU B 322 -62.20 -3.30 -15.30
C LEU B 322 -63.51 -3.58 -16.03
N MET B 323 -63.99 -4.82 -15.99
CA MET B 323 -65.27 -5.12 -16.59
C MET B 323 -66.40 -4.44 -15.84
N TYR B 324 -66.35 -4.49 -14.52
CA TYR B 324 -67.36 -3.81 -13.73
C TYR B 324 -67.19 -2.31 -13.81
N ASP B 325 -65.96 -1.83 -13.94
CA ASP B 325 -65.78 -0.39 -14.14
C ASP B 325 -66.19 0.03 -15.53
N ALA B 326 -66.27 -0.89 -16.48
CA ALA B 326 -66.58 -0.50 -17.84
C ALA B 326 -68.02 -0.06 -17.98
N VAL B 327 -68.95 -0.84 -17.43
CA VAL B 327 -70.35 -0.64 -17.71
C VAL B 327 -70.87 0.61 -17.01
N HIS B 328 -70.21 1.03 -15.91
CA HIS B 328 -70.45 2.34 -15.35
C HIS B 328 -70.13 3.46 -16.34
N VAL B 329 -69.00 3.35 -17.03
CA VAL B 329 -68.58 4.38 -17.96
C VAL B 329 -69.56 4.48 -19.13
N VAL B 330 -70.14 3.35 -19.51
CA VAL B 330 -71.18 3.43 -20.51
C VAL B 330 -72.48 3.92 -19.88
N SER B 331 -72.71 3.58 -18.61
CA SER B 331 -73.93 4.02 -17.95
C SER B 331 -73.90 5.51 -17.66
N VAL B 332 -72.72 6.05 -17.42
CA VAL B 332 -72.67 7.49 -17.21
C VAL B 332 -72.74 8.21 -18.55
N ALA B 333 -72.44 7.51 -19.64
CA ALA B 333 -72.58 8.11 -20.96
C ALA B 333 -74.04 8.28 -21.32
N VAL B 334 -74.85 7.26 -21.08
CA VAL B 334 -76.27 7.33 -21.43
C VAL B 334 -77.03 8.17 -20.41
N GLN B 335 -76.43 8.42 -19.25
CA GLN B 335 -76.95 9.44 -18.36
C GLN B 335 -76.74 10.81 -19.00
N GLN B 336 -75.55 11.03 -19.55
CA GLN B 336 -75.22 12.29 -20.20
C GLN B 336 -75.93 12.45 -21.53
N PHE B 337 -76.53 11.38 -22.05
CA PHE B 337 -77.18 11.42 -23.36
C PHE B 337 -78.44 10.58 -23.33
N PRO B 338 -79.60 11.24 -23.24
CA PRO B 338 -80.86 10.53 -23.45
C PRO B 338 -81.09 10.24 -24.92
N GLN B 339 -82.29 9.71 -25.22
CA GLN B 339 -82.91 9.47 -26.53
C GLN B 339 -82.15 8.46 -27.38
N MET B 340 -81.05 7.93 -26.86
CA MET B 340 -80.25 6.89 -27.50
C MET B 340 -81.06 5.60 -27.46
N THR B 341 -81.07 4.85 -28.56
CA THR B 341 -81.94 3.70 -28.65
C THR B 341 -81.27 2.61 -29.49
N VAL B 342 -82.04 1.58 -29.82
CA VAL B 342 -81.52 0.40 -30.48
C VAL B 342 -82.15 0.26 -31.85
N SER B 343 -81.30 0.27 -32.87
CA SER B 343 -81.71 -0.17 -34.19
C SER B 343 -81.12 -1.55 -34.43
N SER B 344 -81.56 -2.23 -35.48
CA SER B 344 -81.03 -3.56 -35.77
C SER B 344 -80.30 -3.49 -37.10
N LEU B 345 -78.97 -3.43 -37.04
CA LEU B 345 -78.16 -3.35 -38.25
C LEU B 345 -77.44 -4.66 -38.51
N GLN B 346 -77.18 -4.91 -39.78
CA GLN B 346 -76.90 -6.25 -40.29
C GLN B 346 -75.57 -6.23 -41.02
N CYS B 347 -74.67 -7.16 -40.66
CA CYS B 347 -73.34 -7.21 -41.24
C CYS B 347 -73.36 -7.62 -42.71
N ASN B 348 -74.44 -8.25 -43.14
CA ASN B 348 -74.58 -8.65 -44.53
C ASN B 348 -74.73 -7.44 -45.45
N ARG B 349 -75.34 -6.37 -44.93
CA ARG B 349 -75.43 -5.12 -45.68
C ARG B 349 -74.83 -4.00 -44.84
N HIS B 350 -73.57 -3.70 -45.13
CA HIS B 350 -72.75 -2.70 -44.46
C HIS B 350 -73.36 -1.32 -44.50
N LYS B 351 -73.81 -0.83 -43.35
CA LYS B 351 -74.53 0.44 -43.23
C LYS B 351 -74.21 1.10 -41.89
N PRO B 352 -73.82 2.37 -41.85
CA PRO B 352 -73.53 3.02 -40.57
C PRO B 352 -74.81 3.18 -39.76
N TRP B 353 -74.74 3.01 -38.44
CA TRP B 353 -75.93 2.69 -37.66
C TRP B 353 -76.96 3.81 -37.51
N ARG B 354 -76.88 4.68 -36.49
CA ARG B 354 -77.32 6.06 -36.59
C ARG B 354 -76.56 6.92 -35.59
N PHE B 355 -76.47 6.41 -34.37
CA PHE B 355 -76.31 7.26 -33.19
C PHE B 355 -74.87 7.33 -32.71
N GLY B 356 -74.05 6.38 -33.15
CA GLY B 356 -72.71 6.20 -32.62
C GLY B 356 -71.80 7.38 -32.81
N THR B 357 -71.96 8.07 -33.95
CA THR B 357 -71.16 9.25 -34.25
C THR B 357 -71.39 10.35 -33.22
N ARG B 358 -72.62 10.48 -32.74
CA ARG B 358 -72.90 11.25 -31.53
C ARG B 358 -72.29 10.53 -30.35
N PHE B 359 -72.70 9.27 -30.16
CA PHE B 359 -72.57 8.59 -28.89
C PHE B 359 -71.14 8.18 -28.55
N MET B 360 -70.28 7.99 -29.55
CA MET B 360 -68.90 7.63 -29.25
C MET B 360 -68.17 8.84 -28.69
N SER B 361 -68.61 10.04 -29.08
CA SER B 361 -68.03 11.25 -28.50
C SER B 361 -68.47 11.43 -27.07
N LEU B 362 -69.59 10.81 -26.69
CA LEU B 362 -70.00 10.83 -25.29
C LEU B 362 -69.09 9.97 -24.44
N ILE B 363 -68.75 8.77 -24.93
CA ILE B 363 -67.98 7.82 -24.13
C ILE B 363 -66.56 8.31 -23.94
N LYS B 364 -65.92 8.76 -25.02
CA LYS B 364 -64.55 9.24 -24.99
C LYS B 364 -64.38 10.47 -24.10
N GLU B 365 -65.47 11.16 -23.82
CA GLU B 365 -65.48 12.26 -22.86
C GLU B 365 -66.16 11.76 -21.60
N ALA B 366 -65.41 11.09 -20.74
CA ALA B 366 -65.98 10.57 -19.49
C ALA B 366 -64.94 10.67 -18.39
N HIS B 367 -65.42 10.86 -17.16
CA HIS B 367 -64.54 11.01 -16.00
C HIS B 367 -65.08 10.30 -14.77
N TRP B 368 -65.74 9.16 -14.97
CA TRP B 368 -66.29 8.34 -13.90
C TRP B 368 -65.23 7.90 -12.88
N GLU B 369 -65.63 7.78 -11.62
CA GLU B 369 -64.76 7.19 -10.59
C GLU B 369 -65.28 5.81 -10.25
N GLY B 370 -64.39 4.82 -10.16
CA GLY B 370 -64.83 3.45 -10.01
C GLY B 370 -63.84 2.65 -9.21
N LEU B 371 -63.81 1.35 -9.50
CA LEU B 371 -62.94 0.42 -8.77
C LEU B 371 -61.49 0.74 -9.08
N THR B 372 -61.21 1.15 -10.31
CA THR B 372 -59.90 1.59 -10.71
C THR B 372 -59.71 3.10 -10.56
N GLY B 373 -60.56 3.74 -9.79
CA GLY B 373 -60.35 5.15 -9.48
C GLY B 373 -60.68 6.03 -10.67
N ARG B 374 -59.70 6.81 -11.13
CA ARG B 374 -59.97 7.89 -12.06
C ARG B 374 -59.93 7.37 -13.50
N ILE B 375 -61.07 6.84 -13.93
CA ILE B 375 -61.22 6.50 -15.34
C ILE B 375 -61.33 7.78 -16.13
N THR B 376 -60.34 8.02 -16.99
CA THR B 376 -60.36 9.15 -17.90
C THR B 376 -59.66 8.72 -19.20
N PHE B 377 -60.44 8.72 -20.27
CA PHE B 377 -59.94 8.23 -21.54
C PHE B 377 -59.11 9.28 -22.25
N ASN B 378 -58.78 9.02 -23.51
CA ASN B 378 -57.89 9.94 -24.26
C ASN B 378 -58.58 10.45 -25.52
N LYS B 379 -58.70 11.77 -25.68
CA LYS B 379 -59.41 12.41 -26.78
C LYS B 379 -58.74 12.21 -28.12
N THR B 380 -57.52 11.68 -28.12
CA THR B 380 -56.86 11.03 -29.25
C THR B 380 -57.42 9.62 -29.37
N ASN B 381 -56.60 8.69 -29.85
CA ASN B 381 -56.84 7.25 -29.78
C ASN B 381 -57.50 6.81 -28.47
N GLY B 382 -58.47 5.90 -28.58
CA GLY B 382 -59.40 5.66 -27.49
C GLY B 382 -58.89 4.94 -26.27
N LEU B 383 -57.59 5.01 -26.02
CA LEU B 383 -56.95 4.36 -24.89
C LEU B 383 -57.15 5.05 -23.55
N ARG B 384 -56.38 4.59 -22.57
CA ARG B 384 -56.43 5.08 -21.20
C ARG B 384 -54.99 5.37 -20.81
N THR B 385 -54.62 6.64 -20.86
CA THR B 385 -53.25 7.06 -20.66
C THR B 385 -53.08 7.74 -19.31
N ASP B 386 -54.15 8.30 -18.78
CA ASP B 386 -54.14 9.01 -17.50
C ASP B 386 -54.86 8.14 -16.48
N PHE B 387 -54.14 7.72 -15.44
CA PHE B 387 -54.66 6.82 -14.43
C PHE B 387 -53.73 6.86 -13.23
N ASP B 388 -54.28 6.54 -12.06
CA ASP B 388 -53.54 6.57 -10.82
C ASP B 388 -53.16 5.17 -10.41
N LEU B 389 -52.07 5.03 -9.67
CA LEU B 389 -51.62 3.74 -9.21
C LEU B 389 -51.15 3.82 -7.78
N ASP B 390 -51.25 2.70 -7.07
CA ASP B 390 -50.57 2.47 -5.82
C ASP B 390 -49.34 1.61 -6.09
N VAL B 391 -48.27 1.87 -5.37
CA VAL B 391 -47.11 0.99 -5.38
C VAL B 391 -47.14 0.18 -4.09
N ILE B 392 -47.39 -1.10 -4.22
CA ILE B 392 -47.48 -1.97 -3.05
C ILE B 392 -46.23 -2.83 -3.00
N SER B 393 -45.80 -3.16 -1.79
CA SER B 393 -44.54 -3.87 -1.62
C SER B 393 -44.70 -4.85 -0.47
N LEU B 394 -43.75 -5.76 -0.35
CA LEU B 394 -43.82 -6.78 0.68
C LEU B 394 -42.95 -6.32 1.84
N LYS B 395 -43.59 -5.72 2.82
CA LYS B 395 -42.99 -5.56 4.13
C LYS B 395 -43.42 -6.75 4.98
N GLU B 396 -42.77 -6.91 6.13
CA GLU B 396 -42.85 -8.10 6.97
C GLU B 396 -44.26 -8.43 7.42
N GLU B 397 -45.13 -7.43 7.46
CA GLU B 397 -46.52 -7.71 7.78
C GLU B 397 -47.32 -8.12 6.55
N GLY B 398 -46.91 -7.71 5.35
CA GLY B 398 -47.62 -8.10 4.16
C GLY B 398 -47.52 -7.10 3.03
N LEU B 399 -48.54 -7.01 2.19
CA LEU B 399 -48.58 -5.99 1.16
C LEU B 399 -49.07 -4.67 1.73
N GLU B 400 -48.50 -3.58 1.25
CA GLU B 400 -48.59 -2.30 1.94
C GLU B 400 -48.19 -1.19 0.98
N LYS B 401 -49.04 -0.17 0.87
CA LYS B 401 -48.75 1.02 0.07
C LYS B 401 -47.45 1.68 0.50
N ILE B 402 -46.60 1.99 -0.48
CA ILE B 402 -45.44 2.83 -0.21
C ILE B 402 -45.41 4.03 -1.14
N GLY B 403 -46.57 4.45 -1.63
CA GLY B 403 -46.66 5.66 -2.43
C GLY B 403 -47.69 5.54 -3.53
N THR B 404 -47.68 6.54 -4.40
CA THR B 404 -48.72 6.71 -5.41
C THR B 404 -48.08 7.24 -6.70
N TRP B 405 -48.47 6.65 -7.84
CA TRP B 405 -47.97 7.06 -9.14
C TRP B 405 -49.15 7.47 -10.01
N ASP B 406 -48.85 8.29 -11.01
CA ASP B 406 -49.77 8.86 -11.98
C ASP B 406 -48.92 9.31 -13.17
N PRO B 407 -49.47 9.73 -14.32
CA PRO B 407 -48.59 10.13 -15.43
C PRO B 407 -47.83 11.42 -15.16
N ALA B 408 -48.41 12.32 -14.37
CA ALA B 408 -47.65 13.46 -13.89
C ALA B 408 -46.82 13.03 -12.68
N SER B 409 -46.08 13.97 -12.10
CA SER B 409 -45.63 13.94 -10.70
C SER B 409 -44.58 12.89 -10.37
N GLY B 410 -44.27 11.99 -11.30
CA GLY B 410 -43.40 10.86 -11.01
C GLY B 410 -43.91 9.96 -9.90
N LEU B 411 -43.02 9.42 -9.11
CA LEU B 411 -43.36 8.58 -7.95
C LEU B 411 -43.44 9.45 -6.70
N ASN B 412 -44.67 9.86 -6.38
CA ASN B 412 -44.92 10.39 -5.06
C ASN B 412 -44.92 9.21 -4.09
N MET B 413 -43.87 9.07 -3.31
CA MET B 413 -43.73 7.92 -2.43
C MET B 413 -43.51 8.37 -1.00
N THR B 414 -44.46 8.02 -0.13
CA THR B 414 -44.43 8.40 1.28
C THR B 414 -43.36 7.57 1.98
N GLU B 415 -42.12 8.02 1.88
CA GLU B 415 -40.98 7.27 2.39
C GLU B 415 -40.96 7.29 3.92
N SER B 416 -41.61 8.30 4.50
CA SER B 416 -41.70 8.54 5.95
C SER B 416 -40.31 8.58 6.55
N GLN B 417 -39.57 9.65 6.20
CA GLN B 417 -38.11 9.77 6.22
C GLN B 417 -37.44 9.31 7.52
N LYS B 418 -36.63 8.27 7.41
CA LYS B 418 -35.97 7.65 8.55
C LYS B 418 -34.86 8.57 9.03
N GLY B 419 -34.43 8.42 10.28
CA GLY B 419 -33.46 9.33 10.86
C GLY B 419 -34.15 10.37 11.73
N LYS B 420 -35.48 10.30 11.80
CA LYS B 420 -36.22 11.14 12.74
C LYS B 420 -36.27 10.67 14.19
N PRO B 421 -36.55 9.34 14.54
CA PRO B 421 -37.45 9.02 15.68
C PRO B 421 -37.16 9.68 17.01
N ALA B 422 -38.03 10.62 17.40
CA ALA B 422 -38.00 11.38 18.65
C ALA B 422 -36.65 12.06 18.89
N ASN B 423 -36.02 12.52 17.79
CA ASN B 423 -34.62 12.92 17.90
C ASN B 423 -34.25 13.81 16.71
N ILE B 424 -33.02 14.32 16.67
CA ILE B 424 -32.52 14.96 15.45
C ILE B 424 -31.18 14.35 15.07
N THR B 425 -30.16 14.57 15.91
CA THR B 425 -28.82 14.05 15.68
C THR B 425 -28.22 13.58 17.01
N ASP B 426 -29.09 12.90 17.78
CA ASP B 426 -28.97 12.35 19.14
C ASP B 426 -29.06 13.42 20.22
N SER B 427 -28.92 14.70 19.85
CA SER B 427 -29.39 15.91 20.56
C SER B 427 -28.61 16.15 21.87
N LEU B 428 -27.85 15.17 22.39
CA LEU B 428 -27.03 15.41 23.58
C LEU B 428 -25.64 14.84 23.40
N SER B 429 -25.49 13.77 22.62
CA SER B 429 -24.19 13.29 22.18
C SER B 429 -23.57 14.20 21.13
N ASN B 430 -24.40 15.01 20.47
CA ASN B 430 -23.94 15.92 19.43
C ASN B 430 -24.56 17.30 19.65
N ARG B 431 -24.41 17.84 20.87
CA ARG B 431 -25.01 19.11 21.27
C ARG B 431 -24.62 20.26 20.35
N SER B 432 -23.35 20.67 20.40
CA SER B 432 -22.76 21.39 19.29
C SER B 432 -21.29 21.03 19.15
N LEU B 433 -20.81 20.17 20.08
CA LEU B 433 -19.40 19.82 20.29
C LEU B 433 -18.47 21.02 20.15
N ILE B 434 -18.66 22.00 21.01
CA ILE B 434 -17.91 23.25 20.96
C ILE B 434 -16.44 23.02 21.30
N VAL B 435 -15.57 23.31 20.35
CA VAL B 435 -14.16 22.96 20.46
C VAL B 435 -13.35 24.22 20.72
N THR B 436 -12.49 24.18 21.73
CA THR B 436 -11.59 25.28 22.03
C THR B 436 -10.48 25.35 20.99
N THR B 437 -10.47 26.40 20.16
CA THR B 437 -9.52 26.45 19.06
C THR B 437 -8.67 27.72 19.12
N ILE B 438 -7.36 27.54 18.99
CA ILE B 438 -6.41 28.63 18.78
C ILE B 438 -5.99 28.60 17.31
N LEU B 439 -5.75 29.77 16.72
CA LEU B 439 -5.16 29.79 15.39
C LEU B 439 -3.63 29.72 15.50
N GLU B 440 -3.08 28.62 15.00
CA GLU B 440 -1.64 28.40 14.96
C GLU B 440 -1.27 27.67 13.67
N GLU B 441 -0.19 28.07 13.01
CA GLU B 441 0.17 27.43 11.75
C GLU B 441 1.12 26.27 11.99
N PRO B 442 1.06 25.20 11.18
CA PRO B 442 0.10 24.86 10.12
C PRO B 442 -1.16 24.20 10.67
N TYR B 443 -1.29 24.25 11.99
CA TYR B 443 -2.33 23.53 12.70
C TYR B 443 -3.71 24.11 12.42
N VAL B 444 -3.88 25.40 12.71
CA VAL B 444 -5.09 26.16 12.40
C VAL B 444 -4.62 27.47 11.78
N LEU B 445 -4.53 27.55 10.46
CA LEU B 445 -3.92 28.77 9.93
C LEU B 445 -4.94 29.91 9.78
N PHE B 446 -5.80 29.86 8.74
CA PHE B 446 -7.03 30.64 8.56
C PHE B 446 -7.69 30.20 7.26
N LYS B 447 -9.00 29.98 7.24
CA LYS B 447 -9.64 29.72 5.96
C LYS B 447 -10.33 30.95 5.41
N LYS B 448 -9.79 31.51 4.33
CA LYS B 448 -10.36 32.67 3.69
C LYS B 448 -10.66 32.37 2.23
N SER B 449 -11.80 32.85 1.75
CA SER B 449 -12.02 33.01 0.32
C SER B 449 -12.22 34.48 -0.04
N ASP B 450 -13.30 35.09 0.44
CA ASP B 450 -13.65 36.51 0.57
C ASP B 450 -14.99 36.56 1.29
N LYS B 451 -15.50 37.79 1.56
CA LYS B 451 -16.89 38.08 1.87
C LYS B 451 -17.45 37.27 3.04
N PRO B 452 -17.12 37.67 4.31
CA PRO B 452 -16.97 36.73 5.44
C PRO B 452 -18.01 35.64 5.66
N LEU B 453 -17.55 34.39 5.55
CA LEU B 453 -18.41 33.22 5.71
C LEU B 453 -18.28 32.67 7.13
N TYR B 454 -19.07 31.64 7.42
CA TYR B 454 -19.14 31.09 8.78
C TYR B 454 -19.22 29.58 8.77
N GLY B 455 -19.56 29.00 9.91
CA GLY B 455 -19.51 27.56 10.07
C GLY B 455 -18.19 27.13 10.68
N ASN B 456 -17.82 25.87 10.48
CA ASN B 456 -16.55 25.37 10.98
C ASN B 456 -15.40 25.76 10.05
N ASP B 457 -15.75 26.27 8.87
CA ASP B 457 -14.74 26.64 7.88
C ASP B 457 -14.31 28.10 7.98
N ARG B 458 -14.42 28.72 9.16
CA ARG B 458 -13.78 30.02 9.38
C ARG B 458 -12.27 29.88 9.49
N PHE B 459 -11.79 28.67 9.74
CA PHE B 459 -10.36 28.39 9.88
C PHE B 459 -9.98 27.13 9.13
N GLU B 460 -8.69 26.95 8.82
CA GLU B 460 -8.23 25.74 8.16
C GLU B 460 -6.83 25.36 8.63
N GLY B 461 -6.41 24.13 8.35
CA GLY B 461 -5.08 23.71 8.70
C GLY B 461 -4.99 22.24 9.07
N TYR B 462 -3.93 21.93 9.82
CA TYR B 462 -3.69 20.56 10.25
C TYR B 462 -4.67 20.14 11.34
N CYS B 463 -4.87 20.96 12.37
CA CYS B 463 -5.82 20.59 13.41
C CYS B 463 -7.25 20.74 12.95
N ILE B 464 -7.52 21.66 12.03
CA ILE B 464 -8.88 21.81 11.49
C ILE B 464 -9.26 20.58 10.66
N ASP B 465 -8.30 19.98 9.97
CA ASP B 465 -8.51 18.63 9.45
C ASP B 465 -8.71 17.65 10.59
N LEU B 466 -7.84 17.72 11.62
CA LEU B 466 -7.95 16.80 12.76
C LEU B 466 -9.20 17.08 13.60
N LEU B 467 -9.81 18.27 13.46
CA LEU B 467 -11.19 18.40 13.85
C LEU B 467 -12.08 17.44 13.07
N ARG B 468 -12.12 17.57 11.73
CA ARG B 468 -13.05 16.75 10.96
C ARG B 468 -12.58 15.32 10.83
N GLU B 469 -11.27 15.06 10.93
CA GLU B 469 -10.77 13.68 10.82
C GLU B 469 -11.12 12.87 12.07
N LEU B 470 -11.15 13.52 13.23
CA LEU B 470 -11.74 12.87 14.40
C LEU B 470 -13.24 12.81 14.30
N SER B 471 -13.84 13.71 13.54
CA SER B 471 -15.29 13.75 13.38
CA SER B 471 -15.29 13.75 13.38
C SER B 471 -15.76 12.76 12.31
N THR B 472 -14.94 12.53 11.29
CA THR B 472 -15.30 11.57 10.25
C THR B 472 -15.31 10.14 10.78
N ILE B 473 -14.41 9.83 11.71
CA ILE B 473 -14.35 8.49 12.29
C ILE B 473 -15.59 8.21 13.14
N LEU B 474 -15.77 8.98 14.21
CA LEU B 474 -16.84 8.74 15.16
C LEU B 474 -18.17 9.29 14.70
N GLY B 475 -18.21 10.57 14.35
CA GLY B 475 -19.46 11.25 14.07
C GLY B 475 -19.85 12.19 15.19
N PHE B 476 -19.49 13.46 15.04
CA PHE B 476 -19.98 14.52 15.92
C PHE B 476 -19.94 15.83 15.18
N THR B 477 -21.07 16.54 15.19
CA THR B 477 -21.15 17.89 14.68
C THR B 477 -20.41 18.81 15.64
N TYR B 478 -19.28 19.37 15.20
CA TYR B 478 -18.43 20.15 16.08
C TYR B 478 -18.60 21.64 15.79
N GLU B 479 -18.08 22.46 16.70
CA GLU B 479 -18.13 23.90 16.57
C GLU B 479 -16.84 24.50 17.09
N ILE B 480 -16.29 25.43 16.32
CA ILE B 480 -15.14 26.20 16.79
C ILE B 480 -15.62 27.24 17.79
N ARG B 481 -15.26 27.04 19.05
CA ARG B 481 -15.37 28.11 20.04
C ARG B 481 -13.97 28.62 20.37
N LEU B 482 -13.52 29.64 19.66
CA LEU B 482 -12.18 30.19 19.85
C LEU B 482 -12.07 30.87 21.21
N VAL B 483 -11.04 30.52 21.97
CA VAL B 483 -10.80 31.14 23.25
C VAL B 483 -10.18 32.52 23.03
N GLU B 484 -10.74 33.53 23.70
CA GLU B 484 -10.33 34.91 23.44
C GLU B 484 -9.05 35.25 24.21
N ASP B 485 -8.61 34.35 25.09
CA ASP B 485 -7.32 34.49 25.74
C ASP B 485 -6.21 33.98 24.83
N GLY B 486 -6.58 33.44 23.67
CA GLY B 486 -5.63 33.01 22.67
C GLY B 486 -4.85 31.78 23.09
N LYS B 487 -3.59 32.01 23.48
CA LYS B 487 -2.75 30.99 24.10
C LYS B 487 -3.34 30.50 25.42
N TYR B 488 -2.89 29.33 25.86
CA TYR B 488 -3.29 28.77 27.15
C TYR B 488 -2.92 29.70 28.30
N GLY B 489 -1.66 30.14 28.38
CA GLY B 489 -1.26 30.88 29.56
C GLY B 489 -1.42 30.12 30.85
N ALA B 490 -0.53 29.18 31.17
CA ALA B 490 -0.72 27.88 31.83
C ALA B 490 -1.26 27.92 33.25
N GLN B 491 -0.75 27.03 34.14
CA GLN B 491 -1.11 26.92 35.55
C GLN B 491 -1.39 28.26 36.25
N ASP B 492 -0.61 29.30 35.90
CA ASP B 492 -0.93 30.70 36.18
C ASP B 492 -0.96 30.92 37.68
N ASP B 493 0.24 31.04 38.27
CA ASP B 493 0.50 31.11 39.70
C ASP B 493 -0.06 32.37 40.34
N VAL B 494 0.43 32.78 41.52
CA VAL B 494 -0.32 33.09 42.74
C VAL B 494 -1.84 33.30 42.61
N ASN B 495 -2.34 33.92 41.53
CA ASN B 495 -3.74 33.82 41.07
C ASN B 495 -4.34 32.41 41.18
N GLY B 496 -3.55 31.37 40.92
CA GLY B 496 -3.87 30.02 41.36
C GLY B 496 -5.00 29.36 40.59
N GLN B 497 -5.21 29.83 39.36
CA GLN B 497 -6.32 29.35 38.55
C GLN B 497 -5.83 29.17 37.13
N TRP B 498 -6.25 28.08 36.48
CA TRP B 498 -5.84 27.76 35.13
C TRP B 498 -6.47 28.76 34.17
N ASN B 499 -5.92 28.92 32.97
CA ASN B 499 -6.31 30.03 32.11
C ASN B 499 -6.36 29.54 30.67
N GLY B 500 -7.02 30.32 29.82
CA GLY B 500 -7.05 30.21 28.39
C GLY B 500 -7.79 28.98 27.90
N MET B 501 -7.14 28.25 27.00
CA MET B 501 -7.74 27.04 26.45
C MET B 501 -7.78 25.91 27.48
N VAL B 502 -6.96 25.99 28.53
CA VAL B 502 -6.92 24.96 29.55
C VAL B 502 -8.13 25.12 30.46
N ARG B 503 -8.34 26.35 30.96
CA ARG B 503 -9.46 26.62 31.86
C ARG B 503 -10.80 26.42 31.16
N GLU B 504 -10.84 26.74 29.86
CA GLU B 504 -11.99 26.47 29.02
C GLU B 504 -12.34 24.98 29.00
N LEU B 505 -11.32 24.13 29.17
CA LEU B 505 -11.54 22.70 29.36
C LEU B 505 -11.77 22.33 30.82
N ILE B 506 -11.37 23.19 31.76
CA ILE B 506 -11.61 22.90 33.18
C ILE B 506 -13.08 23.05 33.51
N ASP B 507 -13.63 24.25 33.29
CA ASP B 507 -14.99 24.53 33.74
C ASP B 507 -16.05 24.11 32.74
N HIS B 508 -15.70 23.30 31.74
CA HIS B 508 -16.55 22.77 30.67
C HIS B 508 -17.16 23.88 29.83
N LYS B 509 -16.48 25.02 29.67
CA LYS B 509 -17.06 26.12 28.92
C LYS B 509 -17.00 25.82 27.44
N ALA B 510 -16.05 24.97 27.03
CA ALA B 510 -16.10 24.33 25.74
C ALA B 510 -15.67 22.88 25.91
N ASP B 511 -16.11 22.04 24.98
CA ASP B 511 -16.09 20.59 25.18
C ASP B 511 -14.69 19.99 25.05
N LEU B 512 -13.99 20.29 23.96
CA LEU B 512 -12.66 19.72 23.77
C LEU B 512 -11.73 20.72 23.09
N ALA B 513 -10.49 20.32 22.79
CA ALA B 513 -9.55 21.24 22.14
C ALA B 513 -8.58 20.42 21.27
N VAL B 514 -8.78 20.51 19.96
CA VAL B 514 -7.80 20.03 19.01
C VAL B 514 -6.95 21.22 18.60
N ALA B 515 -5.74 21.29 19.13
CA ALA B 515 -4.95 22.51 19.11
C ALA B 515 -3.49 22.14 19.35
N PRO B 516 -2.55 23.08 19.13
CA PRO B 516 -1.19 22.84 19.63
C PRO B 516 -1.10 22.93 21.13
N LEU B 517 -1.41 21.83 21.82
CA LEU B 517 -1.19 21.71 23.26
C LEU B 517 -0.27 20.53 23.53
N ALA B 518 0.21 20.42 24.76
CA ALA B 518 1.27 19.48 25.10
C ALA B 518 0.97 18.66 26.34
N ILE B 519 1.87 17.72 26.64
CA ILE B 519 1.74 16.89 27.84
C ILE B 519 2.64 17.44 28.95
N THR B 520 2.03 17.90 30.04
CA THR B 520 2.79 18.17 31.25
C THR B 520 2.17 17.38 32.40
N TYR B 521 2.88 17.33 33.53
CA TYR B 521 2.38 16.61 34.69
C TYR B 521 1.24 17.37 35.35
N VAL B 522 1.23 18.70 35.18
CA VAL B 522 0.25 19.54 35.88
C VAL B 522 -1.03 19.68 35.08
N ARG B 523 -0.93 19.57 33.74
CA ARG B 523 -2.15 19.57 32.92
C ARG B 523 -2.85 18.21 33.01
N GLU B 524 -2.06 17.13 33.02
CA GLU B 524 -2.57 15.77 33.18
C GLU B 524 -3.38 15.60 34.46
N LYS B 525 -3.00 16.31 35.53
CA LYS B 525 -3.80 16.39 36.73
C LYS B 525 -5.15 17.07 36.48
N VAL B 526 -5.18 18.14 35.69
CA VAL B 526 -6.38 18.97 35.62
C VAL B 526 -7.19 18.70 34.35
N ILE B 527 -6.57 18.29 33.24
CA ILE B 527 -7.31 17.77 32.10
C ILE B 527 -6.85 16.36 31.83
N ASP B 528 -7.80 15.49 31.51
CA ASP B 528 -7.50 14.08 31.29
C ASP B 528 -7.32 13.88 29.79
N PHE B 529 -6.05 13.78 29.38
CA PHE B 529 -5.69 13.68 27.97
C PHE B 529 -6.18 12.36 27.37
N SER B 530 -6.28 12.34 26.03
CA SER B 530 -6.73 11.14 25.35
C SER B 530 -5.51 10.31 24.99
N LYS B 531 -4.66 10.76 24.05
CA LYS B 531 -3.39 10.14 23.63
C LYS B 531 -2.75 11.11 22.64
N PRO B 532 -1.42 11.27 22.62
CA PRO B 532 -0.82 12.23 21.67
C PRO B 532 -0.85 11.81 20.21
N PHE B 533 -0.47 12.74 19.33
CA PHE B 533 -0.36 12.42 17.90
C PHE B 533 0.93 12.91 17.27
N MET B 534 1.79 13.63 17.99
CA MET B 534 2.98 14.25 17.41
C MET B 534 3.93 14.63 18.53
N THR B 535 5.23 14.42 18.31
CA THR B 535 6.22 14.73 19.33
C THR B 535 6.50 16.22 19.36
N LEU B 536 7.35 16.62 20.30
CA LEU B 536 7.78 18.01 20.39
C LEU B 536 9.21 18.06 20.94
N GLY B 537 9.97 19.05 20.50
CA GLY B 537 11.40 19.04 20.74
C GLY B 537 12.04 20.38 21.02
N ILE B 538 11.36 21.24 21.77
CA ILE B 538 11.49 22.70 21.78
C ILE B 538 12.91 23.21 21.79
N SER B 539 13.26 24.02 20.79
CA SER B 539 14.64 24.44 20.58
C SER B 539 14.74 25.85 20.04
N ILE B 540 15.95 26.26 19.66
CA ILE B 540 16.28 27.67 19.47
C ILE B 540 16.17 28.04 17.99
N LEU B 541 15.38 29.07 17.69
CA LEU B 541 15.21 29.55 16.33
C LEU B 541 16.15 30.72 16.12
N TYR B 542 16.69 30.86 14.91
CA TYR B 542 17.82 31.75 14.68
C TYR B 542 17.92 32.05 13.19
N ARG B 543 18.58 33.16 12.84
CA ARG B 543 18.25 33.92 11.63
C ARG B 543 19.11 33.51 10.42
N LYS B 544 19.81 32.37 10.51
CA LYS B 544 20.93 32.00 9.62
C LYS B 544 21.87 33.17 9.32
N PRO B 545 22.30 33.95 10.31
CA PRO B 545 22.56 35.36 10.01
C PRO B 545 23.97 35.65 9.53
N ASN B 546 24.07 36.63 8.63
CA ASN B 546 25.22 37.50 8.45
C ASN B 546 26.50 36.73 8.13
N GLY B 547 26.51 36.08 6.97
CA GLY B 547 27.57 35.18 6.57
C GLY B 547 28.94 35.81 6.38
N THR B 548 29.01 37.14 6.28
CA THR B 548 30.32 37.74 6.15
C THR B 548 31.02 37.90 7.50
N ASN B 549 30.58 38.87 8.35
CA ASN B 549 30.82 39.16 9.77
C ASN B 549 32.19 38.69 10.27
N PRO B 550 33.30 39.06 9.61
CA PRO B 550 34.51 38.23 9.72
C PRO B 550 35.30 38.42 11.00
N GLY B 551 35.10 39.53 11.72
CA GLY B 551 36.07 39.94 12.71
C GLY B 551 37.10 40.82 12.04
N VAL B 552 37.56 41.88 12.72
CA VAL B 552 38.42 42.86 12.07
C VAL B 552 39.80 42.28 11.83
N PHE B 553 40.33 41.48 12.77
CA PHE B 553 41.58 40.80 12.50
C PHE B 553 41.39 39.72 11.44
N SER B 554 40.78 38.60 11.85
CA SER B 554 40.36 37.47 11.02
C SER B 554 41.49 36.80 10.22
N PHE B 555 42.72 37.24 10.40
CA PHE B 555 43.86 36.81 9.59
C PHE B 555 44.64 35.83 10.42
N LEU B 556 44.37 35.85 11.72
CA LEU B 556 45.03 34.97 12.68
C LEU B 556 44.59 33.54 12.43
N ASN B 557 43.34 33.38 11.97
CA ASN B 557 42.57 32.16 11.78
C ASN B 557 43.32 30.92 11.26
N PRO B 558 44.27 30.99 10.27
CA PRO B 558 44.93 29.75 9.87
C PRO B 558 45.85 29.17 10.93
N LEU B 559 46.30 29.99 11.87
CA LEU B 559 47.16 29.46 12.92
C LEU B 559 46.44 29.58 14.24
N SER B 560 46.48 28.52 15.04
CA SER B 560 45.95 28.58 16.39
C SER B 560 46.86 29.46 17.23
N PRO B 561 46.33 30.11 18.28
CA PRO B 561 47.20 31.00 19.09
C PRO B 561 48.30 30.28 19.85
N ASP B 562 48.19 28.96 20.04
CA ASP B 562 49.36 28.20 20.47
C ASP B 562 50.44 28.20 19.41
N ILE B 563 50.07 27.94 18.15
CA ILE B 563 51.01 27.98 17.04
C ILE B 563 51.52 29.40 16.82
N TRP B 564 50.68 30.41 17.07
CA TRP B 564 51.17 31.79 17.11
C TRP B 564 52.18 31.97 18.23
N MET B 565 51.89 31.44 19.42
CA MET B 565 52.84 31.59 20.52
C MET B 565 54.00 30.62 20.39
N TYR B 566 53.89 29.62 19.52
CA TYR B 566 55.05 28.76 19.28
C TYR B 566 56.08 29.45 18.39
N VAL B 567 55.62 30.14 17.35
CA VAL B 567 56.56 30.75 16.41
C VAL B 567 57.15 32.03 17.00
N LEU B 568 56.43 32.63 17.96
CA LEU B 568 57.06 33.63 18.81
C LEU B 568 58.13 33.00 19.69
N LEU B 569 57.82 31.86 20.30
CA LEU B 569 58.78 31.18 21.17
C LEU B 569 59.96 30.62 20.39
N ALA B 570 59.73 30.11 19.18
CA ALA B 570 60.83 29.59 18.37
C ALA B 570 61.76 30.70 17.91
N CYS B 571 61.24 31.91 17.73
CA CYS B 571 62.07 33.01 17.25
C CYS B 571 62.99 33.55 18.31
N LEU B 572 62.50 33.67 19.56
CA LEU B 572 63.31 34.20 20.65
C LEU B 572 64.46 33.27 20.98
N GLY B 573 64.23 31.95 20.88
CA GLY B 573 65.26 30.99 21.25
C GLY B 573 66.41 30.97 20.28
N VAL B 574 66.11 30.93 18.98
CA VAL B 574 67.15 30.78 17.96
C VAL B 574 67.96 32.07 17.84
N SER B 575 67.38 33.20 18.25
CA SER B 575 68.13 34.45 18.30
C SER B 575 69.20 34.39 19.37
N CYS B 576 68.85 33.83 20.53
CA CYS B 576 69.85 33.64 21.58
C CYS B 576 70.90 32.61 21.17
N VAL B 577 70.45 31.48 20.60
CA VAL B 577 71.35 30.40 20.21
C VAL B 577 72.29 30.86 19.08
N LEU B 578 71.84 31.78 18.23
CA LEU B 578 72.74 32.39 17.26
C LEU B 578 73.84 33.19 17.96
N PHE B 579 73.50 33.85 19.06
CA PHE B 579 74.53 34.55 19.82
C PHE B 579 75.41 33.56 20.58
N VAL B 580 74.84 32.41 20.97
CA VAL B 580 75.60 31.38 21.67
C VAL B 580 76.72 30.83 20.79
N ILE B 581 76.39 30.49 19.54
CA ILE B 581 77.37 29.89 18.64
C ILE B 581 78.41 30.94 18.22
N ALA B 582 77.97 32.19 18.08
CA ALA B 582 78.85 33.25 17.60
C ALA B 582 79.90 33.65 18.63
N ARG B 583 79.68 33.32 19.90
CA ARG B 583 80.62 33.65 20.96
C ARG B 583 81.39 32.43 21.46
N PHE B 584 81.23 31.29 20.79
CA PHE B 584 82.08 30.13 21.08
C PHE B 584 82.85 29.65 19.87
N SER B 585 82.35 29.83 18.65
CA SER B 585 83.03 29.43 17.44
C SER B 585 84.28 30.27 17.23
N PRO B 586 85.39 29.66 16.84
CA PRO B 586 86.55 30.43 16.40
C PRO B 586 86.48 30.80 14.92
N TYR B 587 85.87 29.95 14.09
CA TYR B 587 85.68 30.26 12.67
C TYR B 587 84.60 31.32 12.55
N GLU B 588 85.02 32.55 12.81
CA GLU B 588 84.19 33.58 13.43
C GLU B 588 84.99 34.82 13.08
N TRP B 589 85.12 35.76 14.03
CA TRP B 589 85.60 37.13 13.99
C TRP B 589 86.64 37.36 12.91
N TYR B 590 86.31 38.19 11.94
CA TYR B 590 87.18 38.44 10.80
C TYR B 590 87.37 39.94 10.74
N ASN B 591 88.58 40.35 10.49
CA ASN B 591 88.94 41.75 10.61
C ASN B 591 88.30 42.55 9.49
N PRO B 592 87.67 43.69 9.80
CA PRO B 592 87.39 44.68 8.74
C PRO B 592 88.66 45.40 8.30
N HIS B 593 88.49 46.46 7.49
CA HIS B 593 89.52 47.09 6.67
C HIS B 593 90.13 46.04 5.73
N PRO B 594 89.39 45.58 4.70
CA PRO B 594 90.01 44.63 3.76
C PRO B 594 91.11 45.29 2.94
N CYS B 595 90.85 46.51 2.47
CA CYS B 595 91.80 47.26 1.65
C CYS B 595 93.09 47.57 2.39
N ASN B 596 93.02 47.76 3.70
CA ASN B 596 94.16 48.07 4.53
C ASN B 596 94.76 46.78 5.09
N PRO B 597 96.09 46.73 5.35
CA PRO B 597 96.69 45.51 5.90
C PRO B 597 96.35 45.27 7.36
N ASP B 598 97.00 44.28 7.98
CA ASP B 598 96.51 43.39 9.04
C ASP B 598 95.53 43.97 10.06
N SER B 599 95.89 45.07 10.74
CA SER B 599 94.99 45.87 11.57
C SER B 599 94.29 45.09 12.68
N ASP B 600 95.02 44.68 13.72
CA ASP B 600 94.62 43.58 14.61
C ASP B 600 93.39 43.82 15.49
N VAL B 601 92.61 44.88 15.24
CA VAL B 601 91.29 45.01 15.85
C VAL B 601 90.41 43.84 15.39
N VAL B 602 89.60 43.32 16.32
CA VAL B 602 88.87 42.08 16.12
C VAL B 602 87.38 42.36 16.21
N GLU B 603 86.62 42.00 15.17
CA GLU B 603 85.22 42.38 15.09
C GLU B 603 84.43 41.30 14.36
N ASN B 604 83.28 40.94 14.93
CA ASN B 604 82.23 40.20 14.23
C ASN B 604 80.92 40.97 14.46
N ASN B 605 80.00 40.84 13.52
CA ASN B 605 78.83 41.71 13.51
C ASN B 605 77.77 41.23 14.49
N PHE B 606 77.94 40.03 15.04
CA PHE B 606 76.93 39.42 15.88
C PHE B 606 76.82 40.05 17.25
N THR B 607 75.63 40.55 17.58
CA THR B 607 75.23 40.74 18.97
C THR B 607 73.84 40.12 19.11
N LEU B 608 73.28 40.22 20.32
CA LEU B 608 71.94 39.70 20.55
C LEU B 608 70.92 40.47 19.73
N LEU B 609 71.03 41.79 19.75
CA LEU B 609 70.07 42.65 19.06
C LEU B 609 70.19 42.50 17.55
N ASN B 610 71.39 42.20 17.08
CA ASN B 610 71.59 41.80 15.68
C ASN B 610 70.90 40.47 15.42
N SER B 611 71.10 39.50 16.31
CA SER B 611 70.48 38.19 16.13
C SER B 611 68.99 38.25 16.43
N PHE B 612 68.55 39.25 17.18
CA PHE B 612 67.12 39.55 17.29
C PHE B 612 66.56 40.01 15.95
N TRP B 613 67.42 40.52 15.08
CA TRP B 613 66.95 41.08 13.81
C TRP B 613 67.12 40.09 12.67
N PHE B 614 68.17 39.27 12.71
CA PHE B 614 68.41 38.34 11.62
C PHE B 614 67.42 37.18 11.64
N GLY B 615 67.02 36.76 12.84
CA GLY B 615 66.01 35.71 12.94
C GLY B 615 64.65 36.18 12.49
N VAL B 616 64.26 37.39 12.89
CA VAL B 616 63.04 38.01 12.37
C VAL B 616 63.19 38.30 10.88
N GLY B 617 64.37 38.78 10.48
CA GLY B 617 64.62 39.06 9.08
C GLY B 617 64.61 37.81 8.22
N ALA B 618 64.98 36.67 8.80
CA ALA B 618 64.76 35.41 8.12
C ALA B 618 63.28 35.04 8.15
N LEU B 619 62.60 35.35 9.26
CA LEU B 619 61.21 34.95 9.46
C LEU B 619 60.27 35.68 8.49
N MET B 620 60.71 36.81 7.97
CA MET B 620 59.88 37.57 7.07
C MET B 620 60.30 37.37 5.62
N GLN B 621 61.15 36.36 5.38
CA GLN B 621 61.77 36.04 4.09
C GLN B 621 62.50 37.23 3.51
N GLN B 622 63.34 37.86 4.32
CA GLN B 622 64.00 39.08 3.87
C GLN B 622 65.51 38.93 3.92
N GLY B 623 66.02 38.53 5.08
CA GLY B 623 67.46 38.51 5.30
C GLY B 623 67.94 39.90 5.68
N SER B 624 68.63 40.03 6.80
CA SER B 624 69.09 41.36 7.22
C SER B 624 70.15 41.92 6.29
N GLU B 625 71.39 41.52 6.49
CA GLU B 625 72.42 41.57 5.47
C GLU B 625 73.33 40.38 5.68
N LEU B 626 73.33 39.88 6.91
CA LEU B 626 74.48 39.15 7.42
C LEU B 626 74.42 37.70 6.97
N MET B 627 75.58 37.19 6.57
CA MET B 627 75.66 35.82 6.19
C MET B 627 76.56 35.18 7.25
N PRO B 628 75.99 34.30 8.08
CA PRO B 628 76.79 33.58 9.08
C PRO B 628 77.91 32.75 8.45
N LYS B 629 79.11 32.88 9.01
CA LYS B 629 80.32 32.43 8.34
C LYS B 629 80.68 31.01 8.76
N ALA B 630 80.58 30.68 10.04
CA ALA B 630 80.80 29.31 10.47
C ALA B 630 79.69 28.41 9.95
N LEU B 631 80.08 27.17 9.62
CA LEU B 631 79.09 26.16 9.24
C LEU B 631 78.18 25.85 10.42
N SER B 632 78.73 25.90 11.63
CA SER B 632 77.92 25.77 12.84
C SER B 632 76.88 26.88 12.94
N THR B 633 77.24 28.10 12.58
CA THR B 633 76.27 29.18 12.51
C THR B 633 75.32 28.98 11.32
N ARG B 634 75.80 28.32 10.27
CA ARG B 634 74.95 28.04 9.12
C ARG B 634 73.95 26.92 9.42
N ILE B 635 74.24 26.08 10.42
CA ILE B 635 73.22 25.17 10.92
C ILE B 635 72.12 25.98 11.61
N VAL B 636 72.52 27.02 12.33
CA VAL B 636 71.55 27.86 13.03
C VAL B 636 70.71 28.64 12.03
N GLY B 637 71.32 29.10 10.93
CA GLY B 637 70.56 29.83 9.94
C GLY B 637 69.70 28.93 9.08
N GLY B 638 70.29 27.86 8.54
CA GLY B 638 69.65 27.02 7.55
C GLY B 638 68.45 26.24 8.06
N ILE B 639 68.58 25.67 9.26
CA ILE B 639 67.44 25.02 9.90
C ILE B 639 66.36 26.05 10.21
N TRP B 640 66.74 27.24 10.65
CA TRP B 640 65.77 28.31 10.81
C TRP B 640 65.22 28.77 9.47
N TRP B 641 66.08 28.82 8.44
CA TRP B 641 65.60 29.10 7.10
C TRP B 641 64.69 28.00 6.58
N PHE B 642 64.94 26.76 7.00
CA PHE B 642 64.01 25.71 6.60
C PHE B 642 62.71 25.84 7.36
N PHE B 643 62.79 26.19 8.64
CA PHE B 643 61.60 26.39 9.45
C PHE B 643 60.84 27.62 8.99
N THR B 644 61.57 28.60 8.45
CA THR B 644 60.98 29.72 7.74
C THR B 644 60.08 29.25 6.62
N LEU B 645 60.64 28.41 5.75
CA LEU B 645 59.98 28.03 4.52
C LEU B 645 58.77 27.13 4.78
N ILE B 646 58.83 26.33 5.84
CA ILE B 646 57.73 25.42 6.14
C ILE B 646 56.51 26.18 6.64
N ILE B 647 56.72 27.13 7.54
CA ILE B 647 55.61 27.80 8.20
C ILE B 647 54.87 28.70 7.22
N ILE B 648 55.61 29.47 6.44
CA ILE B 648 55.01 30.57 5.70
C ILE B 648 54.19 30.07 4.52
N SER B 649 54.69 29.09 3.78
CA SER B 649 53.89 28.54 2.71
C SER B 649 52.71 27.74 3.24
N SER B 650 52.84 27.20 4.45
CA SER B 650 51.71 26.53 5.09
C SER B 650 50.64 27.54 5.45
N TYR B 651 51.05 28.77 5.75
CA TYR B 651 50.11 29.81 6.09
C TYR B 651 49.25 30.19 4.90
N THR B 652 49.88 30.34 3.73
CA THR B 652 49.20 30.64 2.48
C THR B 652 48.23 29.52 2.12
N ALA B 653 48.68 28.28 2.35
CA ALA B 653 47.94 27.11 1.91
C ALA B 653 46.61 26.98 2.62
N ASN B 654 46.62 27.10 3.95
CA ASN B 654 45.37 27.06 4.70
C ASN B 654 44.51 28.26 4.39
N LEU B 655 45.13 29.42 4.16
CA LEU B 655 44.38 30.66 4.03
C LEU B 655 43.60 30.69 2.72
N ALA B 656 44.01 29.86 1.75
CA ALA B 656 43.15 29.63 0.60
C ALA B 656 41.87 28.93 1.02
N ALA B 657 41.98 27.93 1.90
CA ALA B 657 40.88 27.03 2.18
C ALA B 657 39.75 27.71 2.93
N PHE B 658 40.10 28.62 3.85
CA PHE B 658 39.10 29.42 4.54
C PHE B 658 38.34 30.29 3.57
N LEU B 659 39.06 30.86 2.60
CA LEU B 659 38.39 31.57 1.52
C LEU B 659 37.66 30.60 0.61
N THR B 660 38.22 29.42 0.39
CA THR B 660 37.63 28.51 -0.58
C THR B 660 36.48 27.70 -0.01
N VAL B 661 36.74 26.93 1.05
CA VAL B 661 35.72 26.03 1.59
C VAL B 661 34.62 26.81 2.26
N GLU B 662 35.01 27.78 3.10
CA GLU B 662 34.15 28.75 3.78
C GLU B 662 33.13 28.01 4.64
N ARG B 663 33.62 27.30 5.64
CA ARG B 663 32.77 26.60 6.60
C ARG B 663 32.04 27.57 7.53
N MET B 664 31.01 28.23 7.02
CA MET B 664 30.39 29.33 7.75
C MET B 664 29.49 28.83 8.87
N GLU B 665 29.68 29.37 10.06
CA GLU B 665 28.81 29.10 11.20
C GLU B 665 28.49 30.39 11.94
N SER B 666 27.22 30.55 12.33
CA SER B 666 26.87 31.48 13.39
C SER B 666 26.48 30.55 14.53
N PRO B 667 27.48 30.00 15.23
CA PRO B 667 27.34 28.65 15.80
C PRO B 667 26.41 28.46 16.97
N ILE B 668 26.50 29.31 18.00
CA ILE B 668 26.58 28.93 19.41
C ILE B 668 25.60 27.82 19.78
N ASP B 669 26.14 26.68 20.25
CA ASP B 669 25.53 25.39 19.97
C ASP B 669 24.61 24.84 21.05
N SER B 670 25.17 24.56 22.23
CA SER B 670 24.48 23.74 23.22
C SER B 670 23.69 24.59 24.21
N ALA B 671 23.25 23.97 25.30
CA ALA B 671 22.58 24.72 26.35
C ALA B 671 23.55 25.61 27.11
N ASP B 672 24.76 25.12 27.38
CA ASP B 672 25.74 25.81 28.19
C ASP B 672 26.27 27.09 27.56
N ASP B 673 26.86 26.97 26.37
CA ASP B 673 27.51 28.11 25.72
C ASP B 673 26.51 29.18 25.31
N LEU B 674 25.26 28.79 25.08
CA LEU B 674 24.24 29.74 24.68
C LEU B 674 23.76 30.55 25.88
N ALA B 675 24.03 30.05 27.08
CA ALA B 675 23.78 30.77 28.33
C ALA B 675 24.97 31.58 28.81
N LYS B 676 26.10 31.52 28.11
CA LYS B 676 27.27 32.27 28.52
C LYS B 676 27.19 33.71 28.05
N GLN B 677 26.33 33.96 27.05
CA GLN B 677 26.14 35.30 26.51
C GLN B 677 24.64 35.58 26.47
N THR B 678 24.26 36.85 26.67
CA THR B 678 22.85 37.19 26.75
C THR B 678 22.37 38.01 25.56
N LYS B 679 23.06 37.91 24.43
CA LYS B 679 22.54 38.48 23.19
C LYS B 679 21.60 37.48 22.52
N ILE B 680 21.47 36.29 23.12
CA ILE B 680 20.74 35.18 22.52
C ILE B 680 19.53 35.00 23.44
N GLU B 681 18.95 36.12 23.89
CA GLU B 681 17.86 36.23 24.86
C GLU B 681 16.74 35.23 24.67
N TYR B 682 16.52 34.40 25.69
CA TYR B 682 15.71 33.19 25.60
C TYR B 682 14.22 33.46 25.45
N GLY B 683 13.74 33.52 24.20
CA GLY B 683 12.34 33.75 23.97
C GLY B 683 11.48 32.59 24.38
N ALA B 684 10.56 32.86 25.31
CA ALA B 684 9.61 31.86 25.77
C ALA B 684 8.32 32.55 26.16
N VAL B 685 7.19 31.89 25.88
CA VAL B 685 5.87 32.45 26.16
C VAL B 685 5.68 32.52 27.67
N GLU B 686 5.26 33.69 28.16
CA GLU B 686 4.94 33.85 29.56
C GLU B 686 3.74 32.98 29.93
N ASP B 687 3.82 32.38 31.12
CA ASP B 687 2.92 31.30 31.56
C ASP B 687 2.86 30.18 30.53
N GLY B 688 4.04 29.75 30.06
CA GLY B 688 4.13 28.80 28.97
C GLY B 688 4.45 27.38 29.41
N ALA B 689 4.29 26.46 28.47
CA ALA B 689 4.75 25.09 28.70
C ALA B 689 6.26 25.04 28.68
N THR B 690 6.89 25.95 27.93
CA THR B 690 8.32 26.14 28.02
C THR B 690 8.72 26.66 29.40
N MET B 691 7.94 27.62 29.93
CA MET B 691 8.18 28.19 31.26
C MET B 691 8.17 27.12 32.34
N THR B 692 7.17 26.23 32.30
CA THR B 692 7.04 25.16 33.28
C THR B 692 8.21 24.19 33.21
N PHE B 693 8.78 24.01 32.01
CA PHE B 693 10.04 23.29 31.90
C PHE B 693 11.17 24.06 32.58
N PHE B 694 11.27 25.37 32.31
CA PHE B 694 12.37 26.13 32.90
C PHE B 694 12.14 26.45 34.36
N LYS B 695 10.88 26.40 34.82
CA LYS B 695 10.59 26.68 36.21
C LYS B 695 11.10 25.55 37.10
N LYS B 696 10.73 24.31 36.78
CA LYS B 696 11.17 23.16 37.56
C LYS B 696 12.35 22.43 36.93
N SER B 697 13.23 23.12 36.21
CA SER B 697 14.41 22.49 35.64
C SER B 697 15.40 22.08 36.72
N LYS B 698 15.90 20.85 36.60
CA LYS B 698 16.80 20.29 37.60
C LYS B 698 18.21 20.18 37.06
N ILE B 699 18.35 20.24 35.74
CA ILE B 699 19.67 20.30 35.09
C ILE B 699 20.26 21.67 35.39
N SER B 700 21.53 21.69 35.81
CA SER B 700 22.23 22.86 36.32
C SER B 700 22.25 24.05 35.37
N THR B 701 22.43 23.78 34.08
CA THR B 701 22.36 24.85 33.08
C THR B 701 20.92 25.33 32.93
N TYR B 702 19.99 24.39 32.83
CA TYR B 702 18.59 24.74 32.67
C TYR B 702 18.00 25.33 33.93
N ASP B 703 18.56 25.01 35.10
CA ASP B 703 18.11 25.65 36.34
C ASP B 703 18.55 27.11 36.37
N LYS B 704 19.77 27.37 35.90
CA LYS B 704 20.27 28.74 35.88
C LYS B 704 19.66 29.57 34.77
N MET B 705 18.95 28.96 33.82
CA MET B 705 18.16 29.74 32.87
C MET B 705 17.09 30.53 33.60
N TRP B 706 16.50 29.91 34.61
CA TRP B 706 15.36 30.49 35.32
C TRP B 706 15.79 31.66 36.20
N ALA B 707 17.09 31.80 36.45
CA ALA B 707 17.63 32.93 37.20
C ALA B 707 17.44 34.23 36.43
N PHE B 708 17.62 34.21 35.11
CA PHE B 708 17.61 35.46 34.36
C PHE B 708 16.48 35.53 33.34
N MET B 709 15.70 34.47 33.20
CA MET B 709 14.43 34.59 32.50
C MET B 709 13.45 35.45 33.28
N SER B 710 13.33 35.18 34.58
CA SER B 710 12.42 35.96 35.41
C SER B 710 12.96 37.35 35.68
N SER B 711 14.27 37.55 35.51
CA SER B 711 14.91 38.83 35.75
C SER B 711 14.50 39.84 34.68
N ARG B 712 14.67 39.49 33.41
CA ARG B 712 14.26 40.37 32.33
C ARG B 712 12.91 39.94 31.76
N ARG B 713 12.01 39.53 32.67
CA ARG B 713 10.61 39.15 32.44
C ARG B 713 9.88 40.06 31.45
N GLN B 714 10.18 41.36 31.50
CA GLN B 714 9.81 42.34 30.49
C GLN B 714 10.22 41.93 29.09
N SER B 715 11.53 41.72 28.90
CA SER B 715 12.11 41.61 27.57
C SER B 715 12.37 40.19 27.11
N VAL B 716 13.00 39.34 27.94
CA VAL B 716 13.41 38.03 27.46
C VAL B 716 12.23 37.08 27.40
N LEU B 717 11.14 37.41 28.08
CA LEU B 717 9.99 36.52 27.98
C LEU B 717 8.88 37.17 27.18
N VAL B 718 8.64 36.62 25.97
CA VAL B 718 7.72 37.15 24.98
C VAL B 718 6.28 36.96 25.42
N LYS B 719 5.35 37.57 24.70
CA LYS B 719 3.93 37.42 24.98
C LYS B 719 3.29 36.22 24.26
N SER B 720 3.75 35.86 23.08
CA SER B 720 3.14 34.74 22.35
C SER B 720 4.17 34.11 21.42
N ASN B 721 3.70 33.11 20.66
CA ASN B 721 4.57 32.40 19.73
C ASN B 721 4.93 33.27 18.54
N GLU B 722 3.93 33.89 17.91
CA GLU B 722 4.16 34.78 16.77
C GLU B 722 4.96 36.01 17.19
N GLU B 723 4.80 36.42 18.46
CA GLU B 723 5.57 37.52 19.02
C GLU B 723 7.07 37.18 19.04
N GLY B 724 7.39 35.94 19.42
CA GLY B 724 8.79 35.56 19.51
C GLY B 724 9.44 35.34 18.15
N ILE B 725 8.64 34.94 17.16
CA ILE B 725 9.15 34.72 15.80
C ILE B 725 9.63 36.03 15.19
N GLN B 726 8.86 37.10 15.42
CA GLN B 726 9.16 38.40 14.80
C GLN B 726 10.41 39.04 15.40
N ARG B 727 10.69 38.74 16.67
CA ARG B 727 11.83 39.34 17.35
C ARG B 727 13.15 38.77 16.86
N VAL B 728 13.15 37.51 16.44
CA VAL B 728 14.35 36.81 16.00
C VAL B 728 14.85 37.43 14.69
N LEU B 729 13.92 37.79 13.81
CA LEU B 729 14.31 38.38 12.53
C LEU B 729 14.79 39.82 12.72
N THR B 730 14.11 40.58 13.59
CA THR B 730 14.50 41.96 13.83
C THR B 730 15.80 42.05 14.62
N SER B 731 15.80 41.53 15.84
CA SER B 731 16.95 41.56 16.72
C SER B 731 17.86 40.37 16.43
N ASP B 732 18.78 40.09 17.35
CA ASP B 732 19.52 38.84 17.34
C ASP B 732 18.87 37.95 18.39
N TYR B 733 17.58 38.20 18.64
CA TYR B 733 16.78 37.53 19.64
C TYR B 733 16.60 36.08 19.25
N ALA B 734 16.33 35.20 20.21
CA ALA B 734 16.18 33.77 19.94
C ALA B 734 14.94 33.25 20.65
N PHE B 735 14.04 32.63 19.88
CA PHE B 735 12.77 32.18 20.42
C PHE B 735 12.64 30.66 20.34
N LEU B 736 12.00 30.10 21.36
CA LEU B 736 11.87 28.66 21.57
C LEU B 736 10.56 28.20 20.93
N MET B 737 10.66 27.24 20.00
CA MET B 737 9.50 26.67 19.32
C MET B 737 9.60 25.16 19.36
N GLU B 738 8.46 24.48 19.39
CA GLU B 738 8.35 23.03 19.26
C GLU B 738 8.93 22.54 17.95
N SER B 739 9.41 21.29 17.93
CA SER B 739 10.16 20.70 16.83
C SER B 739 9.43 20.73 15.50
N THR B 740 8.12 20.46 15.51
CA THR B 740 7.36 20.53 14.27
C THR B 740 6.89 21.95 13.98
N THR B 741 6.91 22.83 14.98
CA THR B 741 6.64 24.23 14.70
C THR B 741 7.92 24.90 14.19
N ILE B 742 9.07 24.40 14.64
CA ILE B 742 10.37 24.71 14.05
C ILE B 742 10.35 24.35 12.57
N GLU B 743 9.83 23.16 12.27
CA GLU B 743 9.78 22.57 10.94
C GLU B 743 9.13 23.48 9.90
N PHE B 744 8.12 24.25 10.29
CA PHE B 744 7.44 25.05 9.28
C PHE B 744 7.90 26.50 9.32
N VAL B 745 8.39 26.99 10.46
CA VAL B 745 8.90 28.35 10.50
C VAL B 745 10.23 28.44 9.75
N THR B 746 10.97 27.34 9.72
CA THR B 746 12.12 27.25 8.84
C THR B 746 11.66 27.05 7.40
N GLN B 747 10.49 26.45 7.22
CA GLN B 747 9.98 26.17 5.89
C GLN B 747 9.30 27.41 5.32
N ARG B 748 8.62 28.18 6.15
CA ARG B 748 8.01 29.39 5.62
C ARG B 748 9.02 30.52 5.49
N ASN B 749 10.11 30.45 6.25
CA ASN B 749 11.14 31.48 6.26
C ASN B 749 12.45 30.72 6.03
N CYS B 750 12.88 30.68 4.76
CA CYS B 750 13.93 29.75 4.35
C CYS B 750 15.30 30.18 4.87
N ASN B 751 15.45 31.47 5.17
CA ASN B 751 16.73 31.95 5.70
C ASN B 751 16.68 32.06 7.21
N LEU B 752 16.07 31.08 7.87
CA LEU B 752 15.89 31.05 9.33
C LEU B 752 16.15 29.63 9.81
N THR B 753 17.06 29.46 10.77
CA THR B 753 17.53 28.14 11.19
C THR B 753 17.08 27.76 12.59
N GLN B 754 17.02 26.45 12.83
CA GLN B 754 17.09 25.89 14.17
C GLN B 754 18.55 25.77 14.59
N ILE B 755 18.83 26.06 15.86
CA ILE B 755 20.16 25.92 16.44
C ILE B 755 20.05 25.10 17.71
N GLY B 756 20.82 24.01 17.78
CA GLY B 756 21.03 23.28 19.02
C GLY B 756 20.51 21.85 18.92
N GLY B 757 20.14 21.30 20.07
CA GLY B 757 19.69 19.93 20.15
C GLY B 757 18.18 19.81 20.31
N LEU B 758 17.73 18.65 20.79
CA LEU B 758 16.32 18.36 20.94
C LEU B 758 16.03 18.38 22.44
N ILE B 759 15.78 19.57 22.97
CA ILE B 759 15.80 19.83 24.41
C ILE B 759 14.62 19.14 25.09
N ASP B 760 13.40 19.52 24.71
CA ASP B 760 12.22 18.93 25.33
C ASP B 760 11.84 17.66 24.57
N SER B 761 11.09 16.76 25.21
CA SER B 761 10.59 15.59 24.51
C SER B 761 9.24 15.16 25.09
N LYS B 762 8.16 15.68 24.54
CA LYS B 762 6.79 15.40 24.98
C LYS B 762 5.90 15.19 23.75
N GLY B 763 4.59 15.17 23.97
CA GLY B 763 3.65 14.89 22.89
C GLY B 763 2.40 15.76 22.91
N TYR B 764 1.58 15.66 21.87
CA TYR B 764 0.40 16.52 21.72
C TYR B 764 -0.85 15.76 22.11
N GLY B 765 -1.09 15.58 23.40
CA GLY B 765 -2.29 14.92 23.89
C GLY B 765 -3.51 15.78 23.67
N VAL B 766 -4.52 15.20 23.02
CA VAL B 766 -5.73 15.94 22.65
C VAL B 766 -6.55 16.21 23.90
N GLY B 767 -6.90 17.48 24.09
CA GLY B 767 -7.50 17.92 25.34
C GLY B 767 -9.00 17.74 25.44
N THR B 768 -9.41 16.93 26.40
CA THR B 768 -10.66 16.59 27.02
C THR B 768 -10.63 16.99 28.50
N PRO B 769 -11.78 17.23 29.16
CA PRO B 769 -11.72 17.63 30.58
C PRO B 769 -11.28 16.53 31.54
N MET B 770 -11.29 16.83 32.83
CA MET B 770 -10.94 15.83 33.83
C MET B 770 -12.12 14.92 34.11
N GLY B 771 -11.90 13.60 34.03
CA GLY B 771 -12.97 12.64 34.16
C GLY B 771 -13.90 12.71 32.96
N SER B 772 -13.33 13.00 31.79
CA SER B 772 -14.13 13.23 30.60
C SER B 772 -14.67 11.90 30.06
N PRO B 773 -15.85 11.90 29.47
CA PRO B 773 -16.34 10.70 28.76
C PRO B 773 -15.76 10.60 27.36
N TYR B 774 -14.98 11.62 26.97
CA TYR B 774 -14.53 11.75 25.59
C TYR B 774 -13.09 11.26 25.42
N ARG B 775 -12.54 10.57 26.41
CA ARG B 775 -11.15 10.15 26.30
C ARG B 775 -10.95 9.03 25.28
N ASP B 776 -11.55 7.87 25.54
CA ASP B 776 -11.25 6.67 24.77
C ASP B 776 -11.83 6.75 23.37
N LYS B 777 -12.90 7.53 23.20
CA LYS B 777 -13.49 7.73 21.88
C LYS B 777 -12.54 8.50 20.97
N ILE B 778 -11.90 9.54 21.50
CA ILE B 778 -10.93 10.29 20.72
C ILE B 778 -9.61 9.52 20.64
N THR B 779 -9.32 8.70 21.64
CA THR B 779 -8.04 7.98 21.71
C THR B 779 -7.92 6.95 20.59
N ILE B 780 -8.95 6.13 20.41
CA ILE B 780 -8.90 5.07 19.40
C ILE B 780 -9.00 5.68 18.00
N ALA B 781 -9.69 6.81 17.87
CA ALA B 781 -9.83 7.47 16.58
C ALA B 781 -8.49 8.01 16.08
N ILE B 782 -7.66 8.53 17.00
CA ILE B 782 -6.28 8.86 16.67
C ILE B 782 -5.53 7.62 16.23
N LEU B 783 -5.69 6.52 16.98
CA LEU B 783 -4.99 5.28 16.68
C LEU B 783 -5.51 4.64 15.40
N GLN B 784 -6.76 4.93 15.04
CA GLN B 784 -7.30 4.44 13.79
C GLN B 784 -6.79 5.27 12.61
N LEU B 785 -6.48 6.54 12.86
CA LEU B 785 -5.94 7.38 11.79
C LEU B 785 -4.44 7.20 11.67
N GLN B 786 -3.77 6.83 12.76
CA GLN B 786 -2.35 6.52 12.70
C GLN B 786 -2.11 5.13 12.11
N GLU B 787 -3.18 4.35 11.96
CA GLU B 787 -3.15 3.04 11.32
C GLU B 787 -2.69 3.13 9.87
N GLU B 788 -3.37 3.96 9.08
CA GLU B 788 -2.85 4.29 7.75
C GLU B 788 -1.82 5.40 7.82
N GLY B 789 -1.73 6.07 8.97
CA GLY B 789 -0.87 7.22 9.10
C GLY B 789 -1.49 8.51 8.60
N LYS B 790 -2.81 8.66 8.72
CA LYS B 790 -3.54 9.86 8.30
C LYS B 790 -2.98 11.13 8.93
N LEU B 791 -2.60 11.04 10.21
CA LEU B 791 -1.94 12.16 10.88
C LEU B 791 -0.63 12.56 10.20
N HIS B 792 0.09 11.60 9.63
CA HIS B 792 1.34 11.94 8.96
C HIS B 792 1.12 12.36 7.51
N MET B 793 0.13 11.76 6.83
CA MET B 793 -0.23 12.20 5.49
C MET B 793 -0.76 13.63 5.49
N MET B 794 -1.39 14.03 6.60
CA MET B 794 -1.69 15.42 6.91
C MET B 794 -0.44 16.20 7.28
N LYS B 795 0.50 15.56 7.98
CA LYS B 795 1.69 16.26 8.46
C LYS B 795 2.65 16.58 7.34
N GLU B 796 2.71 15.71 6.33
CA GLU B 796 3.74 15.88 5.30
C GLU B 796 3.40 17.04 4.37
N LYS B 797 2.11 17.34 4.23
CA LYS B 797 1.71 18.40 3.30
C LYS B 797 1.39 19.72 4.01
N TRP B 798 0.90 19.70 5.25
CA TRP B 798 0.76 20.97 5.96
C TRP B 798 2.11 21.53 6.39
N TRP B 799 3.10 20.67 6.61
CA TRP B 799 4.49 21.10 6.76
C TRP B 799 5.25 21.06 5.45
N ARG B 800 4.58 21.29 4.33
CA ARG B 800 5.23 21.48 3.03
C ARG B 800 4.87 22.88 2.54
N GLY B 801 5.68 23.84 2.95
CA GLY B 801 5.43 25.24 2.64
C GLY B 801 6.06 25.70 1.35
N ASN B 802 7.03 26.61 1.45
CA ASN B 802 7.73 27.12 0.28
C ASN B 802 8.82 26.17 -0.17
N GLY B 803 9.67 26.61 -1.09
CA GLY B 803 10.71 25.76 -1.63
C GLY B 803 11.87 25.50 -0.69
N CYS B 804 12.47 26.58 -0.18
CA CYS B 804 13.70 26.60 0.61
C CYS B 804 14.85 25.85 -0.08
N PRO B 805 15.48 26.41 -1.13
CA PRO B 805 16.62 25.75 -1.76
C PRO B 805 17.83 25.78 -0.84
N GLU B 806 17.94 24.75 0.02
CA GLU B 806 18.70 24.69 1.27
C GLU B 806 20.07 25.37 1.28
N GLU B 807 20.92 25.05 0.32
CA GLU B 807 22.23 25.65 0.23
C GLU B 807 22.39 26.27 -1.17
N GLU B 808 23.17 27.34 -1.26
CA GLU B 808 23.27 28.11 -2.49
C GLU B 808 24.73 28.11 -2.95
N SER B 809 24.94 28.15 -4.26
CA SER B 809 26.27 28.05 -4.86
C SER B 809 26.96 29.39 -4.71
N LYS B 810 28.11 29.39 -4.06
CA LYS B 810 28.78 30.62 -3.66
C LYS B 810 29.71 31.10 -4.77
N GLU B 811 30.51 32.12 -4.44
CA GLU B 811 31.51 32.66 -5.35
C GLU B 811 32.56 33.36 -4.50
N ALA B 812 33.79 33.41 -5.00
CA ALA B 812 34.93 33.97 -4.26
C ALA B 812 34.76 35.43 -3.93
N SER B 813 35.24 35.82 -2.75
CA SER B 813 35.02 37.16 -2.22
C SER B 813 36.38 37.88 -2.14
N ALA B 814 36.44 39.02 -2.84
CA ALA B 814 37.54 39.96 -2.71
C ALA B 814 37.65 40.42 -1.27
N LEU B 815 38.86 40.54 -0.75
CA LEU B 815 39.00 40.54 0.69
C LEU B 815 38.80 41.96 1.22
N GLY B 816 38.08 42.06 2.33
CA GLY B 816 37.45 43.31 2.69
C GLY B 816 38.16 44.06 3.80
N VAL B 817 37.77 45.33 3.95
CA VAL B 817 38.28 46.23 4.98
C VAL B 817 37.92 45.64 6.34
N GLN B 818 36.73 45.04 6.42
CA GLN B 818 36.34 44.20 7.54
C GLN B 818 37.28 43.01 7.72
N ASN B 819 37.84 42.50 6.63
CA ASN B 819 38.45 41.18 6.70
C ASN B 819 39.97 41.24 6.72
N ILE B 820 40.61 42.21 6.05
CA ILE B 820 42.03 42.34 6.32
C ILE B 820 42.16 43.02 7.68
N GLY B 821 41.83 44.30 7.72
CA GLY B 821 41.40 44.98 8.92
C GLY B 821 42.42 45.11 10.03
N GLY B 822 42.70 43.96 10.65
CA GLY B 822 43.42 43.94 11.92
C GLY B 822 44.90 44.20 11.81
N ILE B 823 45.49 43.97 10.63
CA ILE B 823 46.91 44.24 10.51
C ILE B 823 47.14 45.73 10.35
N PHE B 824 46.11 46.47 9.95
CA PHE B 824 46.23 47.92 9.89
C PHE B 824 46.25 48.52 11.29
N ILE B 825 45.61 47.84 12.25
CA ILE B 825 45.74 48.16 13.66
C ILE B 825 47.19 47.88 14.05
N VAL B 826 47.71 46.74 13.59
CA VAL B 826 49.10 46.39 13.84
C VAL B 826 50.03 47.35 13.09
N LEU B 827 49.60 47.80 11.91
CA LEU B 827 50.34 48.79 11.16
C LEU B 827 50.34 50.14 11.87
N ALA B 828 49.19 50.53 12.42
CA ALA B 828 49.10 51.78 13.16
C ALA B 828 49.87 51.68 14.47
N ALA B 829 49.46 50.75 15.34
CA ALA B 829 50.03 50.67 16.69
C ALA B 829 51.47 50.16 16.70
N GLY B 830 51.93 49.58 15.60
CA GLY B 830 53.32 49.19 15.51
C GLY B 830 54.24 50.40 15.43
N LEU B 831 53.89 51.36 14.57
CA LEU B 831 54.76 52.51 14.40
C LEU B 831 54.51 53.57 15.46
N VAL B 832 53.45 53.42 16.25
CA VAL B 832 53.30 54.25 17.45
C VAL B 832 54.34 53.86 18.48
N LEU B 833 54.61 52.55 18.61
CA LEU B 833 55.58 52.05 19.56
C LEU B 833 56.99 52.49 19.20
N SER B 834 57.28 52.64 17.91
CA SER B 834 58.62 52.97 17.47
C SER B 834 58.93 54.44 17.75
N VAL B 835 57.90 55.27 17.91
CA VAL B 835 58.10 56.66 18.31
C VAL B 835 58.69 56.73 19.71
N PHE B 836 58.22 55.85 20.59
CA PHE B 836 58.61 55.90 21.99
C PHE B 836 60.03 55.37 22.18
N VAL B 837 60.44 54.42 21.35
CA VAL B 837 61.80 53.90 21.50
C VAL B 837 62.79 54.84 20.83
N ALA B 838 62.34 55.63 19.85
CA ALA B 838 63.20 56.61 19.21
C ALA B 838 63.55 57.74 20.16
N VAL B 839 62.63 58.09 21.04
CA VAL B 839 62.94 59.00 22.14
C VAL B 839 63.80 58.29 23.17
N GLY B 840 63.52 57.01 23.39
CA GLY B 840 64.26 56.19 24.33
C GLY B 840 65.71 55.98 23.94
N GLU B 841 65.98 55.96 22.63
CA GLU B 841 67.35 55.96 22.15
C GLU B 841 67.98 57.33 22.36
N PHE B 842 67.22 58.39 22.06
CA PHE B 842 67.72 59.76 22.00
C PHE B 842 68.15 60.29 23.35
N LEU B 843 67.35 60.04 24.38
CA LEU B 843 67.68 60.48 25.73
C LEU B 843 68.84 59.66 26.28
N TYR B 844 68.89 58.37 25.91
CA TYR B 844 69.96 57.50 26.36
C TYR B 844 71.29 57.91 25.76
N LYS B 845 71.27 58.42 24.52
CA LYS B 845 72.49 58.91 23.91
C LYS B 845 72.86 60.29 24.42
N SER B 846 71.88 61.10 24.83
CA SER B 846 72.20 62.37 25.47
C SER B 846 72.75 62.16 26.87
N LYS B 847 72.41 61.02 27.48
CA LYS B 847 73.08 60.60 28.71
C LYS B 847 74.51 60.14 28.44
N LYS B 848 74.77 59.52 27.28
CA LYS B 848 76.14 59.30 26.85
C LYS B 848 76.85 60.63 26.59
N ASN B 849 76.13 61.61 26.04
CA ASN B 849 76.63 62.97 25.99
C ASN B 849 76.77 63.59 27.38
N ALA B 850 75.90 63.23 28.33
CA ALA B 850 75.94 63.84 29.66
C ALA B 850 77.16 63.36 30.46
N GLN B 851 77.82 62.30 29.98
CA GLN B 851 79.10 61.90 30.53
C GLN B 851 80.14 62.94 30.15
N LEU B 852 79.99 63.52 28.96
CA LEU B 852 80.93 64.51 28.41
C LEU B 852 80.39 65.93 28.47
N GLU B 853 79.08 66.08 28.68
CA GLU B 853 78.43 67.39 28.65
C GLU B 853 77.53 67.56 29.86
N LYS B 854 76.63 68.54 29.81
CA LYS B 854 75.86 68.95 30.99
C LYS B 854 74.85 67.91 31.45
N ARG B 855 74.12 68.25 32.51
CA ARG B 855 73.34 67.29 33.28
C ARG B 855 72.14 66.73 32.54
N SER B 856 71.13 67.57 32.29
CA SER B 856 70.01 67.16 31.45
C SER B 856 69.51 68.35 30.63
N PHE B 857 70.21 69.48 30.73
CA PHE B 857 69.64 70.76 30.32
C PHE B 857 70.16 71.12 28.94
N CYS B 858 71.48 71.19 28.73
CA CYS B 858 71.98 71.55 27.41
C CYS B 858 72.56 70.37 26.65
N SER B 859 72.62 69.18 27.27
CA SER B 859 73.07 67.99 26.55
C SER B 859 72.04 67.54 25.54
N ALA B 860 70.75 67.73 25.86
CA ALA B 860 69.69 67.36 24.93
C ALA B 860 69.44 68.44 23.87
N MET B 861 69.74 69.70 24.18
CA MET B 861 69.47 70.80 23.25
C MET B 861 70.49 70.83 22.12
N VAL B 862 71.75 70.54 22.44
CA VAL B 862 72.86 70.69 21.49
C VAL B 862 72.78 69.59 20.43
N GLU B 863 72.09 68.50 20.73
CA GLU B 863 72.05 67.36 19.82
C GLU B 863 71.09 67.67 18.67
N GLU B 864 69.96 68.30 18.96
CA GLU B 864 68.99 68.60 17.91
C GLU B 864 69.43 69.75 17.02
N LEU B 865 70.41 70.54 17.44
CA LEU B 865 71.02 71.52 16.54
C LEU B 865 71.75 70.81 15.41
N ARG B 866 72.36 69.67 15.70
CA ARG B 866 73.06 68.92 14.67
C ARG B 866 72.11 67.98 13.94
N MET B 867 70.91 67.76 14.47
CA MET B 867 69.90 66.98 13.76
C MET B 867 69.31 67.78 12.60
N SER B 868 69.26 69.11 12.74
CA SER B 868 68.69 69.97 11.72
C SER B 868 69.71 70.29 10.63
N LEU B 869 69.27 71.04 9.61
CA LEU B 869 70.03 71.33 8.38
C LEU B 869 70.48 70.02 7.76
N LYS B 870 69.50 69.22 7.30
CA LYS B 870 69.44 67.76 7.50
C LYS B 870 70.73 67.00 7.21
N CYS B 871 71.09 66.85 5.93
CA CYS B 871 72.49 66.63 5.60
C CYS B 871 72.89 67.35 4.33
N GLN B 872 72.06 67.22 3.29
CA GLN B 872 72.44 67.49 1.90
C GLN B 872 71.20 67.21 1.04
N ARG B 873 71.27 67.50 -0.27
CA ARG B 873 70.26 67.24 -1.29
C ARG B 873 68.98 68.00 -0.94
N ARG B 874 69.07 69.32 -1.00
CA ARG B 874 67.92 70.21 -0.84
C ARG B 874 67.94 71.26 -1.96
N THR C 33 -55.67 -33.49 68.84
CA THR C 33 -54.27 -33.84 69.04
C THR C 33 -54.01 -35.29 68.62
N HIS C 34 -53.31 -35.45 67.50
CA HIS C 34 -52.99 -36.77 66.97
C HIS C 34 -51.58 -36.82 66.37
N VAL C 35 -50.78 -37.83 66.74
CA VAL C 35 -49.43 -37.97 66.20
C VAL C 35 -49.52 -38.24 64.69
N LEU C 36 -48.66 -37.58 63.93
CA LEU C 36 -48.96 -37.32 62.53
C LEU C 36 -48.08 -38.14 61.58
N ARG C 37 -46.90 -38.54 62.03
CA ARG C 37 -45.94 -39.39 61.32
C ARG C 37 -45.55 -38.78 59.97
N PHE C 38 -44.80 -37.68 59.99
CA PHE C 38 -44.08 -37.28 58.80
C PHE C 38 -43.13 -38.39 58.42
N GLY C 39 -43.13 -38.81 57.17
CA GLY C 39 -42.25 -39.88 56.77
C GLY C 39 -40.84 -39.44 56.51
N GLY C 40 -40.13 -40.16 55.66
CA GLY C 40 -38.80 -39.73 55.32
C GLY C 40 -37.90 -40.83 54.83
N ILE C 41 -37.20 -40.56 53.73
CA ILE C 41 -36.27 -41.53 53.18
C ILE C 41 -34.90 -40.90 53.08
N PHE C 42 -33.89 -41.59 53.61
CA PHE C 42 -32.61 -40.94 53.79
C PHE C 42 -31.50 -41.87 53.37
N GLU C 43 -30.29 -41.31 53.33
CA GLU C 43 -29.07 -42.03 52.99
C GLU C 43 -28.78 -43.13 54.02
N TYR C 44 -28.13 -44.20 53.58
CA TYR C 44 -27.67 -45.29 54.43
C TYR C 44 -26.19 -45.50 54.12
N VAL C 45 -25.31 -45.40 55.11
CA VAL C 45 -23.93 -45.65 54.72
C VAL C 45 -23.75 -47.15 54.81
N GLU C 46 -23.35 -47.67 55.98
CA GLU C 46 -23.92 -48.81 56.67
C GLU C 46 -23.50 -48.71 58.13
N SER C 47 -22.44 -47.94 58.36
CA SER C 47 -21.59 -48.09 59.53
C SER C 47 -21.17 -46.76 60.13
N GLY C 48 -21.43 -45.67 59.41
CA GLY C 48 -21.06 -44.35 59.88
C GLY C 48 -21.85 -43.91 61.10
N PRO C 49 -21.57 -42.69 61.59
CA PRO C 49 -22.28 -42.19 62.78
C PRO C 49 -23.77 -42.01 62.53
N MET C 50 -24.12 -41.21 61.52
CA MET C 50 -25.48 -40.96 61.07
C MET C 50 -25.34 -40.14 59.79
N GLY C 51 -26.37 -40.10 58.94
CA GLY C 51 -26.32 -39.23 57.79
C GLY C 51 -26.51 -37.79 58.19
N ALA C 52 -25.90 -36.87 57.45
CA ALA C 52 -26.05 -35.44 57.74
C ALA C 52 -27.47 -34.99 57.52
N GLU C 53 -28.11 -35.50 56.47
CA GLU C 53 -29.51 -35.18 56.23
C GLU C 53 -30.40 -35.89 57.24
N GLU C 54 -29.98 -37.07 57.70
CA GLU C 54 -30.74 -37.78 58.73
C GLU C 54 -30.71 -37.03 60.05
N LEU C 55 -29.53 -36.61 60.50
CA LEU C 55 -29.45 -35.92 61.77
C LEU C 55 -30.00 -34.50 61.65
N ALA C 56 -30.08 -33.97 60.43
CA ALA C 56 -30.82 -32.74 60.21
C ALA C 56 -32.30 -32.95 60.48
N PHE C 57 -32.83 -34.07 60.05
CA PHE C 57 -34.26 -34.32 60.13
C PHE C 57 -34.69 -34.56 61.56
N ARG C 58 -33.84 -35.21 62.35
CA ARG C 58 -34.14 -35.50 63.75
C ARG C 58 -34.16 -34.21 64.55
N PHE C 59 -33.06 -33.46 64.48
CA PHE C 59 -32.88 -32.18 65.14
C PHE C 59 -33.95 -31.17 64.76
N ALA C 60 -34.45 -31.27 63.53
CA ALA C 60 -35.63 -30.52 63.12
C ALA C 60 -36.84 -30.90 63.94
N VAL C 61 -37.22 -32.17 63.87
CA VAL C 61 -38.52 -32.57 64.40
C VAL C 61 -38.49 -32.64 65.92
N ASN C 62 -37.29 -32.67 66.49
CA ASN C 62 -37.17 -32.64 67.95
C ASN C 62 -37.26 -31.22 68.48
N THR C 63 -37.09 -30.24 67.59
CA THR C 63 -37.10 -28.86 68.04
C THR C 63 -38.53 -28.30 68.02
N ILE C 64 -39.32 -28.69 67.03
CA ILE C 64 -40.63 -28.09 66.84
C ILE C 64 -41.62 -28.61 67.88
N ASN C 65 -41.59 -29.92 68.14
CA ASN C 65 -42.58 -30.52 69.01
C ASN C 65 -42.41 -30.09 70.47
N ARG C 66 -41.19 -29.77 70.87
CA ARG C 66 -40.98 -29.34 72.23
C ARG C 66 -41.40 -27.88 72.41
N ASN C 67 -41.37 -27.10 71.33
CA ASN C 67 -41.71 -25.69 71.47
C ASN C 67 -43.22 -25.54 71.42
N ARG C 68 -43.74 -24.54 72.14
CA ARG C 68 -45.17 -24.27 72.11
C ARG C 68 -45.49 -23.17 71.13
N THR C 69 -45.00 -23.30 69.89
CA THR C 69 -45.37 -22.46 68.77
C THR C 69 -45.18 -23.39 67.58
N LEU C 70 -45.73 -23.06 66.40
CA LEU C 70 -45.60 -23.82 65.16
C LEU C 70 -46.12 -25.23 65.36
N LEU C 71 -47.43 -25.36 65.53
CA LEU C 71 -48.13 -26.49 66.16
C LEU C 71 -47.64 -26.65 67.60
N PRO C 72 -48.06 -25.78 68.52
CA PRO C 72 -47.88 -26.10 69.95
C PRO C 72 -48.59 -27.36 70.37
N ASN C 73 -49.66 -27.72 69.67
CA ASN C 73 -50.46 -28.90 69.91
C ASN C 73 -50.19 -29.86 68.75
N THR C 74 -50.72 -31.09 68.86
CA THR C 74 -50.73 -32.09 67.79
C THR C 74 -49.31 -32.43 67.34
N THR C 75 -48.56 -33.12 68.21
CA THR C 75 -47.14 -33.35 68.04
C THR C 75 -46.81 -34.26 66.85
N LEU C 76 -45.51 -34.42 66.60
CA LEU C 76 -44.99 -35.10 65.42
C LEU C 76 -44.13 -36.29 65.84
N THR C 77 -44.10 -37.31 65.00
CA THR C 77 -43.28 -38.51 65.20
C THR C 77 -42.55 -38.78 63.89
N TYR C 78 -41.22 -38.77 63.92
CA TYR C 78 -40.46 -39.10 62.72
C TYR C 78 -40.53 -40.61 62.47
N ASP C 79 -40.31 -41.01 61.23
CA ASP C 79 -40.25 -42.41 60.83
C ASP C 79 -39.41 -42.47 59.57
N THR C 80 -38.16 -42.91 59.71
CA THR C 80 -37.18 -42.84 58.65
C THR C 80 -36.83 -44.23 58.13
N GLN C 81 -36.45 -44.29 56.87
CA GLN C 81 -35.94 -45.52 56.30
C GLN C 81 -34.57 -45.26 55.69
N LYS C 82 -33.87 -46.32 55.30
CA LYS C 82 -32.49 -46.18 54.85
C LYS C 82 -32.24 -47.03 53.61
N ILE C 83 -31.82 -46.39 52.52
CA ILE C 83 -31.66 -47.03 51.22
C ILE C 83 -30.28 -46.69 50.66
N ASN C 84 -29.92 -47.36 49.57
CA ASN C 84 -28.62 -47.16 48.94
C ASN C 84 -28.55 -45.89 48.11
N LEU C 85 -29.69 -45.23 47.88
CA LEU C 85 -29.85 -44.05 47.02
C LEU C 85 -29.34 -44.22 45.60
N TYR C 86 -29.30 -45.44 45.09
CA TYR C 86 -29.00 -45.59 43.67
C TYR C 86 -29.96 -46.65 43.15
N ASP C 87 -31.06 -46.81 43.86
CA ASP C 87 -31.94 -47.95 43.70
C ASP C 87 -33.37 -47.42 43.70
N SER C 88 -33.94 -47.27 42.51
CA SER C 88 -35.33 -46.82 42.41
C SER C 88 -36.30 -47.91 42.85
N PHE C 89 -35.82 -49.15 42.95
CA PHE C 89 -36.68 -50.22 43.45
C PHE C 89 -36.75 -50.24 44.97
N GLU C 90 -35.59 -50.11 45.64
CA GLU C 90 -35.59 -50.11 47.10
C GLU C 90 -36.26 -48.86 47.64
N ALA C 91 -36.10 -47.75 46.92
CA ALA C 91 -36.81 -46.53 47.25
C ALA C 91 -38.31 -46.73 47.13
N SER C 92 -38.73 -47.45 46.08
CA SER C 92 -40.16 -47.61 45.83
C SER C 92 -40.84 -48.49 46.87
N LYS C 93 -40.11 -49.47 47.42
CA LYS C 93 -40.70 -50.32 48.44
C LYS C 93 -40.86 -49.56 49.75
N LYS C 94 -39.79 -48.92 50.20
CA LYS C 94 -39.82 -48.11 51.42
C LYS C 94 -40.77 -46.94 51.30
N ALA C 95 -40.98 -46.42 50.08
CA ALA C 95 -42.09 -45.51 49.86
C ALA C 95 -43.42 -46.18 50.14
N CYS C 96 -43.65 -47.36 49.56
CA CYS C 96 -44.91 -48.04 49.83
C CYS C 96 -44.93 -48.64 51.23
N ASP C 97 -43.78 -48.78 51.87
CA ASP C 97 -43.77 -49.17 53.26
C ASP C 97 -44.32 -48.06 54.15
N GLN C 98 -43.78 -46.84 54.02
CA GLN C 98 -44.24 -45.74 54.84
C GLN C 98 -45.66 -45.31 54.47
N LEU C 99 -46.02 -45.46 53.19
CA LEU C 99 -47.41 -45.26 52.83
C LEU C 99 -48.30 -46.33 53.45
N SER C 100 -47.80 -47.56 53.59
CA SER C 100 -48.57 -48.57 54.31
C SER C 100 -48.65 -48.25 55.79
N LEU C 101 -47.54 -47.77 56.36
CA LEU C 101 -47.57 -47.31 57.75
C LEU C 101 -48.35 -46.01 57.87
N GLY C 102 -48.50 -45.29 56.78
CA GLY C 102 -49.33 -44.10 56.79
C GLY C 102 -48.53 -42.86 57.12
N VAL C 103 -48.39 -41.98 56.14
CA VAL C 103 -47.62 -40.75 56.33
C VAL C 103 -48.41 -39.59 55.78
N ALA C 104 -47.80 -38.40 55.81
CA ALA C 104 -48.36 -37.24 55.15
C ALA C 104 -47.27 -36.49 54.40
N ALA C 105 -46.02 -36.83 54.69
CA ALA C 105 -44.89 -36.00 54.30
C ALA C 105 -43.68 -36.80 53.88
N ILE C 106 -43.74 -37.59 52.82
CA ILE C 106 -42.53 -38.23 52.27
C ILE C 106 -41.47 -37.17 51.98
N PHE C 107 -40.32 -37.25 52.67
CA PHE C 107 -39.32 -36.20 52.55
C PHE C 107 -38.16 -36.48 51.61
N GLY C 108 -38.28 -37.47 50.74
CA GLY C 108 -37.51 -37.46 49.52
C GLY C 108 -36.09 -37.95 49.63
N PRO C 109 -35.67 -38.74 48.69
CA PRO C 109 -34.25 -39.08 48.60
C PRO C 109 -33.46 -37.92 48.04
N SER C 110 -32.14 -38.05 48.05
CA SER C 110 -31.28 -36.99 47.54
C SER C 110 -31.03 -37.17 46.05
N HIS C 111 -30.70 -38.41 45.68
CA HIS C 111 -30.31 -38.81 44.34
C HIS C 111 -31.34 -38.43 43.29
N SER C 112 -30.86 -37.99 42.13
CA SER C 112 -31.76 -37.55 41.07
C SER C 112 -32.28 -38.72 40.24
N SER C 113 -32.07 -39.95 40.70
CA SER C 113 -32.72 -41.07 40.05
C SER C 113 -33.74 -41.72 40.95
N SER C 114 -33.49 -41.71 42.25
CA SER C 114 -34.42 -42.36 43.16
C SER C 114 -35.60 -41.45 43.44
N ALA C 115 -35.37 -40.14 43.37
CA ALA C 115 -36.44 -39.19 43.62
C ALA C 115 -37.49 -39.24 42.51
N ASN C 116 -37.05 -39.53 41.28
CA ASN C 116 -37.99 -39.69 40.17
C ASN C 116 -38.95 -40.86 40.35
N ALA C 117 -38.54 -41.86 41.13
CA ALA C 117 -39.45 -42.95 41.42
C ALA C 117 -40.40 -42.57 42.54
N VAL C 118 -39.87 -41.97 43.60
CA VAL C 118 -40.67 -41.71 44.80
C VAL C 118 -41.65 -40.58 44.54
N GLN C 119 -41.31 -39.68 43.61
CA GLN C 119 -42.28 -38.70 43.12
C GLN C 119 -43.45 -39.38 42.44
N SER C 120 -43.17 -40.40 41.64
CA SER C 120 -44.22 -41.08 40.90
C SER C 120 -45.08 -41.95 41.83
N ILE C 121 -44.54 -42.27 43.00
CA ILE C 121 -45.37 -42.86 44.05
C ILE C 121 -46.39 -41.84 44.52
N CYS C 122 -45.95 -40.60 44.68
CA CYS C 122 -46.79 -39.59 45.31
C CYS C 122 -47.73 -38.94 44.30
N ASN C 123 -47.56 -39.25 43.02
CA ASN C 123 -48.58 -38.83 42.05
C ASN C 123 -49.79 -39.73 42.18
N ALA C 124 -49.57 -41.02 42.31
CA ALA C 124 -50.67 -41.97 42.33
C ALA C 124 -51.38 -41.96 43.66
N LEU C 125 -50.78 -41.37 44.69
CA LEU C 125 -51.40 -41.43 46.00
C LEU C 125 -51.73 -40.04 46.52
N GLY C 126 -51.11 -39.00 45.98
CA GLY C 126 -51.53 -37.64 46.29
C GLY C 126 -50.92 -37.06 47.55
N VAL C 127 -50.18 -37.87 48.29
CA VAL C 127 -49.48 -37.42 49.49
C VAL C 127 -48.33 -36.52 49.04
N PRO C 128 -48.09 -35.38 49.67
CA PRO C 128 -47.07 -34.47 49.15
C PRO C 128 -45.63 -34.91 49.40
N HIS C 129 -44.97 -35.27 48.31
CA HIS C 129 -43.54 -35.49 48.29
C HIS C 129 -42.82 -34.17 48.56
N ILE C 130 -41.76 -34.22 49.36
CA ILE C 130 -41.05 -33.00 49.73
C ILE C 130 -39.59 -33.18 49.34
N GLN C 131 -39.00 -32.19 48.66
CA GLN C 131 -37.66 -32.39 48.12
C GLN C 131 -36.66 -31.43 48.74
N THR C 132 -35.39 -31.81 48.72
CA THR C 132 -34.33 -30.95 49.21
C THR C 132 -33.20 -30.93 48.21
N ARG C 133 -33.40 -31.54 47.05
CA ARG C 133 -32.32 -31.64 46.08
C ARG C 133 -32.82 -31.31 44.69
N TRP C 134 -31.93 -30.83 43.86
CA TRP C 134 -32.29 -30.44 42.50
C TRP C 134 -32.46 -31.69 41.67
N LYS C 135 -33.67 -31.97 41.21
CA LYS C 135 -33.85 -32.99 40.19
C LYS C 135 -33.77 -32.37 38.81
N HIS C 136 -33.87 -33.20 37.79
CA HIS C 136 -33.95 -32.70 36.44
C HIS C 136 -35.32 -32.13 36.11
N GLN C 137 -36.39 -32.81 36.51
CA GLN C 137 -37.77 -32.48 36.15
C GLN C 137 -37.93 -32.40 34.64
N VAL C 138 -37.86 -33.57 34.01
CA VAL C 138 -38.16 -33.73 32.58
C VAL C 138 -39.48 -33.06 32.25
N SER C 139 -39.46 -32.20 31.23
CA SER C 139 -40.46 -31.14 31.13
C SER C 139 -41.80 -31.61 30.58
N ASP C 140 -41.97 -32.92 30.46
CA ASP C 140 -43.25 -33.50 30.04
C ASP C 140 -43.83 -34.39 31.13
N ASN C 141 -43.21 -34.36 32.31
CA ASN C 141 -43.69 -35.12 33.45
C ASN C 141 -44.78 -34.29 34.11
N LYS C 142 -45.93 -34.91 34.31
CA LYS C 142 -47.06 -34.15 34.85
C LYS C 142 -47.37 -34.52 36.28
N ASP C 143 -46.35 -34.86 37.08
CA ASP C 143 -46.52 -35.02 38.51
C ASP C 143 -46.87 -33.67 39.11
N SER C 144 -47.75 -33.67 40.10
CA SER C 144 -48.12 -32.40 40.73
C SER C 144 -48.28 -32.57 42.23
N PHE C 145 -47.38 -33.31 42.85
CA PHE C 145 -47.43 -33.52 44.30
C PHE C 145 -46.04 -33.36 44.89
N TYR C 146 -45.37 -32.28 44.56
CA TYR C 146 -44.00 -32.10 45.03
C TYR C 146 -43.64 -30.64 45.20
N VAL C 147 -42.92 -30.31 46.25
CA VAL C 147 -42.32 -28.99 46.35
C VAL C 147 -40.82 -29.21 46.35
N SER C 148 -40.04 -28.12 46.36
CA SER C 148 -38.60 -28.24 46.45
C SER C 148 -38.00 -27.00 47.08
N LEU C 149 -36.94 -27.16 47.85
CA LEU C 149 -36.45 -26.03 48.60
C LEU C 149 -35.06 -25.63 48.14
N TYR C 150 -34.29 -26.60 47.69
CA TYR C 150 -33.00 -26.30 47.08
C TYR C 150 -33.32 -25.55 45.81
N PRO C 151 -32.69 -24.42 45.56
CA PRO C 151 -33.25 -23.47 44.61
C PRO C 151 -33.09 -23.94 43.19
N ASP C 152 -34.10 -23.67 42.37
CA ASP C 152 -34.08 -24.07 40.97
C ASP C 152 -32.91 -23.40 40.26
N PHE C 153 -32.17 -24.18 39.49
CA PHE C 153 -31.03 -23.65 38.76
C PHE C 153 -31.41 -22.83 37.54
N SER C 154 -32.67 -22.47 37.36
CA SER C 154 -32.96 -21.27 36.62
C SER C 154 -32.34 -20.07 37.33
N SER C 155 -32.82 -19.80 38.55
CA SER C 155 -32.55 -18.49 39.13
C SER C 155 -31.18 -18.45 39.81
N LEU C 156 -30.55 -19.60 40.02
CA LEU C 156 -29.11 -19.58 40.27
C LEU C 156 -28.36 -19.08 39.05
N SER C 157 -28.68 -19.64 37.89
CA SER C 157 -27.88 -19.41 36.68
C SER C 157 -27.94 -17.96 36.24
N ARG C 158 -29.09 -17.30 36.36
CA ARG C 158 -29.13 -15.87 36.11
C ARG C 158 -28.32 -15.10 37.13
N ALA C 159 -28.32 -15.54 38.38
CA ALA C 159 -27.51 -14.87 39.40
C ALA C 159 -26.02 -15.02 39.13
N ILE C 160 -25.60 -16.12 38.52
CA ILE C 160 -24.22 -16.20 38.06
C ILE C 160 -24.03 -15.26 36.88
N LEU C 161 -25.04 -15.17 36.02
CA LEU C 161 -24.93 -14.31 34.86
C LEU C 161 -24.92 -12.84 35.26
N ASP C 162 -25.67 -12.49 36.30
CA ASP C 162 -25.59 -11.12 36.82
C ASP C 162 -24.27 -10.89 37.53
N LEU C 163 -23.63 -11.97 37.96
CA LEU C 163 -22.33 -11.79 38.61
C LEU C 163 -21.23 -11.58 37.59
N VAL C 164 -21.28 -12.29 36.46
CA VAL C 164 -20.21 -12.18 35.47
C VAL C 164 -20.40 -10.93 34.62
N GLN C 165 -21.62 -10.38 34.61
CA GLN C 165 -21.80 -9.07 34.00
C GLN C 165 -21.24 -7.98 34.90
N PHE C 166 -21.26 -8.20 36.21
CA PHE C 166 -20.76 -7.21 37.15
C PHE C 166 -19.25 -7.09 37.02
N PHE C 167 -18.57 -8.19 36.78
CA PHE C 167 -17.12 -8.19 36.67
C PHE C 167 -16.69 -7.86 35.26
N LYS C 168 -17.68 -7.75 34.36
CA LYS C 168 -17.50 -7.31 32.98
C LYS C 168 -16.55 -8.24 32.22
N TRP C 169 -16.65 -9.52 32.55
CA TRP C 169 -15.76 -10.51 31.97
C TRP C 169 -15.98 -10.77 30.50
N LYS C 170 -15.03 -11.47 29.89
CA LYS C 170 -15.14 -11.71 28.47
C LYS C 170 -14.71 -13.13 28.14
N THR C 171 -13.96 -13.78 29.04
CA THR C 171 -13.22 -14.99 28.71
C THR C 171 -13.40 -16.10 29.74
N VAL C 172 -14.63 -16.39 30.11
CA VAL C 172 -14.96 -17.29 31.22
C VAL C 172 -14.59 -18.72 30.87
N THR C 173 -14.19 -19.53 31.86
CA THR C 173 -14.07 -20.97 31.68
C THR C 173 -14.78 -21.73 32.78
N VAL C 174 -15.84 -22.44 32.41
CA VAL C 174 -16.62 -23.23 33.36
C VAL C 174 -15.96 -24.58 33.56
N VAL C 175 -15.92 -25.05 34.80
CA VAL C 175 -15.62 -26.45 35.04
C VAL C 175 -16.73 -27.06 35.84
N TYR C 176 -17.37 -28.09 35.31
CA TYR C 176 -18.42 -28.76 36.06
C TYR C 176 -17.91 -30.07 36.62
N ASP C 177 -18.80 -30.89 37.19
CA ASP C 177 -18.35 -32.05 37.95
C ASP C 177 -18.81 -33.36 37.35
N ASP C 178 -20.05 -33.40 36.88
CA ASP C 178 -20.57 -34.53 36.14
C ASP C 178 -21.65 -34.01 35.21
N SER C 179 -22.14 -34.88 34.33
CA SER C 179 -23.00 -34.52 33.20
C SER C 179 -24.30 -33.83 33.57
N THR C 180 -24.70 -33.92 34.83
CA THR C 180 -25.90 -33.26 35.31
C THR C 180 -25.70 -31.76 35.33
N GLY C 181 -24.47 -31.33 35.58
CA GLY C 181 -24.18 -29.94 35.82
C GLY C 181 -24.34 -29.04 34.62
N LEU C 182 -24.31 -29.60 33.42
CA LEU C 182 -24.52 -28.76 32.25
C LEU C 182 -25.98 -28.40 32.08
N ILE C 183 -26.89 -29.16 32.69
CA ILE C 183 -28.28 -28.72 32.73
C ILE C 183 -28.42 -27.52 33.65
N ARG C 184 -27.70 -27.54 34.77
CA ARG C 184 -27.90 -26.53 35.80
C ARG C 184 -27.30 -25.19 35.41
N LEU C 185 -26.58 -25.15 34.29
CA LEU C 185 -26.03 -23.91 33.78
C LEU C 185 -26.54 -23.59 32.39
N GLN C 186 -27.71 -24.12 32.02
CA GLN C 186 -28.15 -23.95 30.64
C GLN C 186 -28.59 -22.53 30.36
N GLU C 187 -28.81 -21.72 31.39
CA GLU C 187 -29.05 -20.30 31.16
C GLU C 187 -27.74 -19.54 31.11
N LEU C 188 -26.63 -20.20 31.44
CA LEU C 188 -25.33 -19.58 31.28
C LEU C 188 -24.66 -20.07 30.01
N ILE C 189 -24.81 -21.36 29.70
CA ILE C 189 -24.25 -21.93 28.48
C ILE C 189 -24.86 -21.26 27.26
N LYS C 190 -26.11 -20.87 27.36
CA LYS C 190 -26.68 -20.10 26.27
C LYS C 190 -26.25 -18.68 26.26
N ALA C 191 -25.31 -18.17 27.03
CA ALA C 191 -25.05 -16.76 26.89
C ALA C 191 -23.64 -16.38 26.41
N PRO C 192 -23.06 -17.05 25.41
CA PRO C 192 -22.33 -16.32 24.38
C PRO C 192 -23.15 -16.02 23.14
N SER C 193 -24.41 -16.46 23.10
CA SER C 193 -25.38 -15.98 22.11
C SER C 193 -25.55 -14.49 22.33
N ARG C 194 -25.93 -14.12 23.54
CA ARG C 194 -25.86 -12.75 24.01
C ARG C 194 -24.45 -12.41 24.46
N TYR C 195 -24.33 -11.41 25.32
CA TYR C 195 -23.45 -10.26 25.18
C TYR C 195 -22.05 -10.50 24.62
N ASN C 196 -21.11 -11.01 25.42
CA ASN C 196 -19.77 -11.06 24.86
C ASN C 196 -18.90 -12.19 25.42
N LEU C 197 -19.50 -13.31 25.82
CA LEU C 197 -18.68 -14.28 26.53
C LEU C 197 -17.91 -15.20 25.58
N ARG C 198 -17.00 -15.99 26.14
CA ARG C 198 -16.14 -16.87 25.36
C ARG C 198 -15.96 -18.19 26.13
N LEU C 199 -17.09 -18.79 26.54
CA LEU C 199 -17.15 -20.02 27.34
C LEU C 199 -16.28 -21.16 26.82
N LYS C 200 -15.59 -21.87 27.70
CA LYS C 200 -14.60 -22.85 27.28
C LYS C 200 -14.73 -24.11 28.15
N ILE C 201 -15.94 -24.66 28.19
CA ILE C 201 -16.42 -25.70 29.10
C ILE C 201 -15.53 -26.94 29.16
N ARG C 202 -15.10 -27.31 30.37
CA ARG C 202 -14.19 -28.43 30.58
C ARG C 202 -14.62 -29.29 31.76
N GLN C 203 -14.83 -30.58 31.55
CA GLN C 203 -15.30 -31.49 32.58
C GLN C 203 -14.12 -31.94 33.43
N LEU C 204 -14.32 -31.99 34.75
CA LEU C 204 -13.39 -32.66 35.66
C LEU C 204 -13.22 -34.12 35.27
N PRO C 205 -12.05 -34.68 35.48
CA PRO C 205 -11.91 -36.12 35.28
C PRO C 205 -12.67 -36.87 36.35
N ALA C 206 -13.79 -37.46 35.92
CA ALA C 206 -14.71 -38.11 36.84
C ALA C 206 -14.12 -39.41 37.38
N ASP C 207 -14.41 -39.65 38.67
CA ASP C 207 -13.93 -40.77 39.46
C ASP C 207 -12.41 -40.81 39.45
N THR C 208 -11.80 -39.62 39.59
CA THR C 208 -10.35 -39.54 39.74
C THR C 208 -9.99 -38.72 40.96
N LYS C 209 -10.76 -37.64 41.17
CA LYS C 209 -10.54 -36.57 42.15
C LYS C 209 -9.22 -35.82 41.95
N ASP C 210 -8.52 -36.07 40.85
CA ASP C 210 -7.24 -35.41 40.61
C ASP C 210 -7.37 -34.43 39.47
N ALA C 211 -7.48 -33.15 39.81
CA ALA C 211 -7.63 -32.09 38.82
C ALA C 211 -6.30 -31.62 38.25
N LYS C 212 -5.21 -32.30 38.61
CA LYS C 212 -3.89 -32.01 38.05
C LYS C 212 -3.81 -32.02 36.52
N PRO C 213 -4.43 -32.95 35.78
CA PRO C 213 -4.43 -32.78 34.31
C PRO C 213 -5.26 -31.60 33.87
N LEU C 214 -6.31 -31.25 34.62
CA LEU C 214 -7.16 -30.15 34.20
C LEU C 214 -6.46 -28.81 34.36
N LEU C 215 -5.99 -28.51 35.57
CA LEU C 215 -5.40 -27.21 35.82
C LEU C 215 -4.08 -27.02 35.10
N LYS C 216 -3.45 -28.12 34.68
CA LYS C 216 -2.34 -28.02 33.74
C LYS C 216 -2.83 -27.43 32.42
N GLU C 217 -4.01 -27.85 31.98
CA GLU C 217 -4.53 -27.32 30.73
C GLU C 217 -5.14 -25.94 30.93
N MET C 218 -5.43 -25.57 32.19
CA MET C 218 -6.09 -24.28 32.43
C MET C 218 -5.09 -23.15 32.36
N LYS C 219 -3.80 -23.45 32.44
CA LYS C 219 -2.79 -22.41 32.26
C LYS C 219 -2.33 -22.34 30.81
N ARG C 220 -2.37 -23.47 30.10
CA ARG C 220 -1.94 -23.52 28.70
C ARG C 220 -2.85 -22.65 27.85
N GLY C 221 -4.14 -22.70 28.14
CA GLY C 221 -5.08 -21.87 27.43
C GLY C 221 -5.25 -20.51 28.08
N LYS C 222 -4.43 -20.22 29.10
CA LYS C 222 -4.30 -18.91 29.75
C LYS C 222 -5.62 -18.51 30.45
N GLU C 223 -6.47 -19.48 30.74
CA GLU C 223 -7.82 -19.18 31.18
C GLU C 223 -7.83 -18.86 32.67
N PHE C 224 -8.35 -17.69 33.01
CA PHE C 224 -8.20 -17.20 34.37
C PHE C 224 -9.53 -17.12 35.10
N HIS C 225 -10.58 -16.66 34.43
CA HIS C 225 -11.82 -16.45 35.13
C HIS C 225 -12.64 -17.72 35.11
N VAL C 226 -12.89 -18.33 36.28
CA VAL C 226 -13.24 -19.73 36.39
C VAL C 226 -14.51 -19.91 37.20
N ILE C 227 -15.43 -20.73 36.67
CA ILE C 227 -16.70 -21.05 37.31
C ILE C 227 -16.72 -22.53 37.66
N PHE C 228 -15.77 -22.97 38.47
CA PHE C 228 -15.92 -24.23 39.19
C PHE C 228 -17.33 -24.46 39.71
N ASP C 229 -17.87 -25.64 39.47
CA ASP C 229 -19.23 -26.00 39.86
C ASP C 229 -19.23 -27.45 40.33
N CYS C 230 -19.04 -27.65 41.62
CA CYS C 230 -19.08 -28.98 42.19
C CYS C 230 -19.53 -28.85 43.63
N SER C 231 -19.68 -30.00 44.28
CA SER C 231 -19.91 -30.00 45.72
C SER C 231 -18.72 -29.39 46.44
N HIS C 232 -18.99 -28.82 47.62
CA HIS C 232 -17.94 -28.16 48.38
C HIS C 232 -16.95 -29.15 48.94
N GLU C 233 -17.36 -30.42 49.05
CA GLU C 233 -16.46 -31.51 49.36
C GLU C 233 -15.35 -31.60 48.32
N MET C 234 -15.71 -31.63 47.04
CA MET C 234 -14.67 -31.59 46.02
C MET C 234 -14.06 -30.21 45.87
N ALA C 235 -14.82 -29.13 46.16
CA ALA C 235 -14.35 -27.79 45.83
C ALA C 235 -13.17 -27.37 46.68
N ALA C 236 -13.08 -27.89 47.89
CA ALA C 236 -11.86 -27.71 48.65
C ALA C 236 -10.75 -28.59 48.10
N GLY C 237 -11.13 -29.77 47.60
CA GLY C 237 -10.13 -30.70 47.08
C GLY C 237 -9.49 -30.22 45.80
N ILE C 238 -10.28 -29.64 44.90
CA ILE C 238 -9.69 -29.00 43.72
C ILE C 238 -8.89 -27.77 44.12
N LEU C 239 -9.33 -27.05 45.15
CA LEU C 239 -8.49 -25.97 45.66
C LEU C 239 -7.29 -26.48 46.46
N LYS C 240 -7.16 -27.79 46.65
CA LYS C 240 -5.94 -28.27 47.27
C LYS C 240 -4.83 -28.40 46.25
N GLN C 241 -5.11 -29.01 45.10
CA GLN C 241 -4.12 -28.99 44.03
C GLN C 241 -4.05 -27.65 43.33
N ALA C 242 -4.98 -26.74 43.60
CA ALA C 242 -4.88 -25.43 42.97
C ALA C 242 -3.79 -24.61 43.64
N LEU C 243 -3.42 -24.98 44.85
CA LEU C 243 -2.38 -24.25 45.56
C LEU C 243 -1.01 -24.61 45.01
N ALA C 244 -0.74 -25.92 44.88
CA ALA C 244 0.60 -26.40 44.59
C ALA C 244 1.06 -26.04 43.18
N MET C 245 0.11 -25.81 42.27
CA MET C 245 0.50 -25.40 40.94
C MET C 245 0.70 -23.92 40.83
N GLY C 246 0.59 -23.18 41.92
CA GLY C 246 0.77 -21.75 41.89
C GLY C 246 -0.32 -21.09 41.07
N MET C 247 -1.53 -21.64 41.15
CA MET C 247 -2.70 -21.00 40.59
C MET C 247 -3.60 -20.40 41.63
N MET C 248 -3.15 -20.32 42.87
CA MET C 248 -3.86 -19.48 43.83
C MET C 248 -3.14 -18.15 43.94
N THR C 249 -2.90 -17.50 42.80
CA THR C 249 -2.23 -16.20 42.81
C THR C 249 -3.22 -15.07 42.89
N GLU C 250 -2.72 -13.86 42.66
CA GLU C 250 -3.51 -12.65 42.78
C GLU C 250 -4.20 -12.35 41.45
N TYR C 251 -4.06 -13.24 40.47
CA TYR C 251 -4.74 -13.09 39.19
C TYR C 251 -6.14 -13.65 39.22
N TYR C 252 -6.26 -14.93 39.56
CA TYR C 252 -7.44 -15.75 39.31
C TYR C 252 -8.69 -15.30 40.05
N HIS C 253 -9.85 -15.65 39.52
CA HIS C 253 -11.10 -15.16 40.07
C HIS C 253 -12.10 -16.29 40.19
N TYR C 254 -11.78 -17.35 40.93
CA TYR C 254 -12.62 -18.54 40.99
C TYR C 254 -14.02 -18.29 41.52
N ILE C 255 -15.03 -18.32 40.65
CA ILE C 255 -16.40 -18.25 41.13
C ILE C 255 -16.97 -19.64 41.35
N PHE C 256 -17.25 -20.01 42.58
CA PHE C 256 -17.86 -21.30 42.79
C PHE C 256 -19.36 -21.21 42.64
N THR C 257 -20.05 -22.33 42.55
CA THR C 257 -21.48 -22.30 42.59
C THR C 257 -21.90 -23.51 43.42
N THR C 258 -21.98 -23.28 44.70
CA THR C 258 -22.31 -24.29 45.70
C THR C 258 -22.65 -23.51 46.96
N LEU C 259 -23.77 -23.85 47.58
CA LEU C 259 -24.18 -23.01 48.68
C LEU C 259 -23.63 -23.51 50.00
N ASP C 260 -22.37 -23.90 50.00
CA ASP C 260 -21.61 -24.24 51.19
C ASP C 260 -20.22 -23.73 51.00
N LEU C 261 -20.08 -22.65 50.24
CA LEU C 261 -18.78 -22.01 50.03
C LEU C 261 -18.25 -21.50 51.35
N PHE C 262 -19.14 -21.01 52.21
CA PHE C 262 -18.73 -20.52 53.52
C PHE C 262 -18.65 -21.70 54.49
N ALA C 263 -17.93 -22.75 54.09
CA ALA C 263 -17.67 -23.90 54.95
C ALA C 263 -16.22 -24.34 54.77
N LEU C 264 -15.59 -23.86 53.71
CA LEU C 264 -14.21 -24.19 53.41
C LEU C 264 -13.26 -23.64 54.47
N ASP C 265 -12.22 -24.39 54.78
CA ASP C 265 -11.10 -23.80 55.50
C ASP C 265 -10.37 -22.91 54.52
N VAL C 266 -10.58 -21.59 54.62
CA VAL C 266 -10.05 -20.66 53.65
C VAL C 266 -8.72 -20.09 54.11
N GLU C 267 -8.33 -20.38 55.35
CA GLU C 267 -7.19 -19.80 56.04
C GLU C 267 -5.83 -19.94 55.34
N PRO C 268 -5.53 -21.04 54.58
CA PRO C 268 -4.33 -20.97 53.73
C PRO C 268 -4.44 -19.95 52.63
N TYR C 269 -5.62 -19.81 52.06
CA TYR C 269 -5.81 -18.97 50.89
C TYR C 269 -6.20 -17.55 51.29
N ARG C 270 -6.43 -17.36 52.59
CA ARG C 270 -7.01 -16.15 53.15
C ARG C 270 -6.11 -14.93 53.03
N TYR C 271 -4.80 -15.13 52.94
CA TYR C 271 -3.91 -13.98 52.94
C TYR C 271 -3.26 -13.74 51.57
N SER C 272 -3.02 -14.81 50.81
CA SER C 272 -2.23 -14.69 49.60
C SER C 272 -3.01 -13.97 48.51
N GLY C 273 -4.31 -13.95 48.66
CA GLY C 273 -5.20 -13.23 47.78
C GLY C 273 -5.44 -13.97 46.50
N VAL C 274 -6.72 -14.13 46.18
CA VAL C 274 -7.30 -14.77 45.01
C VAL C 274 -8.67 -14.13 45.07
N ASN C 275 -9.24 -13.67 43.95
CA ASN C 275 -10.49 -13.00 44.24
C ASN C 275 -11.63 -13.96 44.00
N MET C 276 -11.88 -14.77 45.02
CA MET C 276 -12.74 -15.95 44.94
C MET C 276 -14.10 -15.59 45.51
N THR C 277 -15.16 -15.98 44.81
CA THR C 277 -16.50 -15.47 45.06
C THR C 277 -17.51 -16.60 44.87
N GLY C 278 -18.60 -16.59 45.64
CA GLY C 278 -19.67 -17.52 45.35
C GLY C 278 -20.97 -17.09 45.96
N PHE C 279 -21.91 -18.02 46.10
CA PHE C 279 -23.18 -17.61 46.67
C PHE C 279 -23.38 -18.26 48.02
N ARG C 280 -24.13 -17.60 48.90
CA ARG C 280 -24.53 -18.18 50.16
C ARG C 280 -26.00 -17.86 50.38
N ILE C 281 -26.73 -18.80 50.95
CA ILE C 281 -28.18 -18.71 51.07
C ILE C 281 -28.51 -18.70 52.56
N LEU C 282 -27.50 -18.89 53.37
CA LEU C 282 -27.69 -19.18 54.78
C LEU C 282 -27.63 -17.88 55.57
N ASN C 283 -28.68 -17.62 56.35
CA ASN C 283 -28.86 -16.32 56.99
C ASN C 283 -27.96 -16.12 58.19
N THR C 284 -26.65 -16.11 57.97
CA THR C 284 -25.66 -16.29 59.03
C THR C 284 -25.62 -15.08 59.97
N GLU C 285 -26.12 -13.93 59.51
CA GLU C 285 -26.13 -12.72 60.33
C GLU C 285 -27.21 -12.75 61.38
N ASN C 286 -28.36 -13.40 61.12
CA ASN C 286 -29.44 -13.43 62.10
C ASN C 286 -29.06 -14.29 63.31
N THR C 287 -29.20 -13.70 64.50
CA THR C 287 -28.78 -14.38 65.72
C THR C 287 -29.66 -15.58 66.03
N GLN C 288 -30.97 -15.45 65.76
CA GLN C 288 -31.89 -16.57 65.89
C GLN C 288 -31.49 -17.70 64.94
N VAL C 289 -31.05 -17.35 63.74
CA VAL C 289 -30.44 -18.33 62.85
C VAL C 289 -29.10 -18.79 63.41
N SER C 290 -28.30 -17.85 63.93
CA SER C 290 -26.96 -18.19 64.42
C SER C 290 -27.03 -19.03 65.68
N SER C 291 -28.16 -18.95 66.40
CA SER C 291 -28.38 -19.84 67.52
C SER C 291 -28.54 -21.28 67.07
N ILE C 292 -29.38 -21.50 66.05
CA ILE C 292 -29.73 -22.85 65.63
C ILE C 292 -28.52 -23.55 64.99
N ILE C 293 -27.73 -22.78 64.24
CA ILE C 293 -26.47 -23.28 63.70
C ILE C 293 -25.52 -23.66 64.83
N GLU C 294 -25.54 -22.87 65.91
CA GLU C 294 -24.71 -23.21 67.06
C GLU C 294 -25.28 -24.42 67.80
N LYS C 295 -26.61 -24.59 67.76
CA LYS C 295 -27.22 -25.79 68.33
C LYS C 295 -26.88 -27.02 67.50
N TRP C 296 -26.73 -26.84 66.19
CA TRP C 296 -26.28 -27.92 65.31
C TRP C 296 -24.89 -28.42 65.70
N SER C 297 -23.95 -27.48 65.86
CA SER C 297 -22.59 -27.81 66.27
C SER C 297 -22.57 -28.46 67.64
N MET C 298 -23.51 -28.06 68.50
CA MET C 298 -23.66 -28.73 69.78
C MET C 298 -24.25 -30.12 69.61
N GLU C 299 -25.10 -30.31 68.58
CA GLU C 299 -25.88 -31.54 68.48
C GLU C 299 -25.02 -32.71 68.08
N ARG C 300 -24.50 -32.71 66.85
CA ARG C 300 -23.69 -33.87 66.51
C ARG C 300 -22.24 -33.70 66.96
N LEU C 301 -21.47 -32.85 66.29
CA LEU C 301 -20.01 -32.76 66.33
C LEU C 301 -19.37 -34.14 66.47
N GLN C 302 -19.66 -35.05 65.54
CA GLN C 302 -18.95 -36.32 65.50
C GLN C 302 -18.26 -36.45 64.15
N ALA C 303 -17.41 -37.48 64.06
CA ALA C 303 -16.69 -37.94 62.88
C ALA C 303 -15.90 -36.83 62.21
N PRO C 304 -14.76 -36.41 62.75
CA PRO C 304 -13.88 -35.50 62.02
C PRO C 304 -13.42 -36.14 60.72
N PRO C 305 -13.71 -35.52 59.58
CA PRO C 305 -13.68 -36.26 58.30
C PRO C 305 -12.29 -36.50 57.73
N LYS C 306 -11.35 -37.00 58.55
CA LYS C 306 -9.94 -37.22 58.25
C LYS C 306 -9.37 -35.92 57.69
N PRO C 307 -9.10 -34.91 58.54
CA PRO C 307 -9.13 -33.52 58.07
C PRO C 307 -7.99 -33.19 57.12
N ASP C 308 -8.33 -33.28 55.83
CA ASP C 308 -7.51 -32.87 54.70
C ASP C 308 -8.41 -32.04 53.81
N SER C 309 -9.70 -32.42 53.78
CA SER C 309 -10.74 -31.63 53.18
C SER C 309 -10.86 -30.35 53.99
N GLY C 310 -10.45 -29.23 53.41
CA GLY C 310 -10.44 -27.98 54.14
C GLY C 310 -11.85 -27.54 54.50
N LEU C 311 -12.17 -27.73 55.78
CA LEU C 311 -13.53 -27.59 56.30
C LEU C 311 -13.40 -27.22 57.77
N LEU C 312 -13.82 -26.01 58.10
CA LEU C 312 -14.01 -25.62 59.50
C LEU C 312 -15.02 -26.56 60.12
N ASP C 313 -14.65 -27.21 61.22
CA ASP C 313 -15.28 -28.45 61.67
C ASP C 313 -16.74 -28.30 62.11
N GLY C 314 -17.01 -27.37 62.99
CA GLY C 314 -18.37 -27.20 63.45
C GLY C 314 -19.15 -26.33 62.48
N PHE C 315 -19.94 -26.97 61.62
CA PHE C 315 -20.65 -26.23 60.59
C PHE C 315 -21.83 -27.06 60.16
N MET C 316 -22.78 -26.42 59.51
CA MET C 316 -23.95 -27.09 58.97
C MET C 316 -23.97 -26.87 57.47
N THR C 317 -24.03 -27.97 56.72
CA THR C 317 -24.20 -27.89 55.27
C THR C 317 -25.55 -27.31 54.93
N THR C 318 -25.68 -26.80 53.72
CA THR C 318 -26.98 -26.30 53.29
C THR C 318 -27.93 -27.44 52.98
N ASP C 319 -27.42 -28.63 52.69
CA ASP C 319 -28.30 -29.75 52.41
C ASP C 319 -28.85 -30.35 53.70
N ALA C 320 -28.25 -29.98 54.82
CA ALA C 320 -28.89 -30.26 56.10
C ALA C 320 -29.96 -29.25 56.40
N ALA C 321 -29.68 -27.96 56.17
CA ALA C 321 -30.58 -26.90 56.59
C ALA C 321 -31.86 -26.90 55.77
N LEU C 322 -31.78 -27.35 54.53
CA LEU C 322 -32.99 -27.39 53.71
C LEU C 322 -33.93 -28.48 54.19
N MET C 323 -33.40 -29.59 54.66
CA MET C 323 -34.25 -30.56 55.31
C MET C 323 -34.78 -30.00 56.63
N TYR C 324 -33.98 -29.18 57.31
CA TYR C 324 -34.47 -28.49 58.50
C TYR C 324 -35.55 -27.49 58.14
N ASP C 325 -35.36 -26.77 57.03
CA ASP C 325 -36.39 -25.83 56.61
C ASP C 325 -37.64 -26.54 56.11
N ALA C 326 -37.49 -27.71 55.48
CA ALA C 326 -38.65 -28.39 54.92
C ALA C 326 -39.55 -28.95 56.00
N VAL C 327 -38.99 -29.32 57.15
CA VAL C 327 -39.81 -29.75 58.26
C VAL C 327 -40.65 -28.60 58.80
N HIS C 328 -40.08 -27.40 58.83
CA HIS C 328 -40.84 -26.21 59.21
C HIS C 328 -41.93 -25.88 58.20
N VAL C 329 -41.63 -26.03 56.91
CA VAL C 329 -42.54 -25.58 55.87
C VAL C 329 -43.81 -26.42 55.88
N VAL C 330 -43.66 -27.72 56.06
CA VAL C 330 -44.84 -28.55 56.21
C VAL C 330 -45.49 -28.31 57.57
N SER C 331 -44.71 -27.92 58.58
CA SER C 331 -45.27 -27.70 59.91
C SER C 331 -46.15 -26.44 59.95
N VAL C 332 -45.75 -25.40 59.21
CA VAL C 332 -46.60 -24.22 59.14
C VAL C 332 -47.87 -24.54 58.36
N ALA C 333 -47.76 -25.44 57.40
CA ALA C 333 -48.91 -25.73 56.55
C ALA C 333 -49.91 -26.65 57.25
N VAL C 334 -49.46 -27.48 58.20
CA VAL C 334 -50.42 -28.35 58.89
C VAL C 334 -51.16 -27.58 59.98
N GLN C 335 -50.75 -26.35 60.25
CA GLN C 335 -51.45 -25.50 61.21
C GLN C 335 -52.76 -24.98 60.63
N GLN C 336 -52.71 -24.50 59.40
CA GLN C 336 -53.86 -23.87 58.74
C GLN C 336 -54.96 -24.89 58.48
N PHE C 337 -54.58 -26.14 58.32
CA PHE C 337 -55.55 -27.18 58.08
C PHE C 337 -55.93 -27.85 59.40
N PRO C 338 -57.16 -28.36 59.53
CA PRO C 338 -57.54 -29.10 60.75
C PRO C 338 -56.88 -30.46 60.88
N GLN C 339 -57.44 -31.29 61.78
CA GLN C 339 -56.94 -32.55 62.32
C GLN C 339 -56.11 -33.43 61.38
N MET C 340 -56.53 -33.57 60.12
CA MET C 340 -55.77 -34.17 59.02
C MET C 340 -55.37 -35.61 59.34
N THR C 341 -56.35 -36.50 59.39
CA THR C 341 -56.05 -37.87 59.75
C THR C 341 -55.28 -38.56 58.63
N VAL C 342 -54.66 -39.68 58.99
CA VAL C 342 -53.71 -40.35 58.12
C VAL C 342 -54.21 -41.77 57.87
N SER C 343 -54.50 -42.08 56.61
CA SER C 343 -54.98 -43.42 56.26
C SER C 343 -53.83 -44.39 56.08
N SER C 344 -54.13 -45.58 55.54
CA SER C 344 -53.14 -46.63 55.46
C SER C 344 -52.65 -46.92 54.05
N LEU C 345 -53.31 -46.39 53.02
CA LEU C 345 -52.75 -46.15 51.68
C LEU C 345 -52.09 -47.35 51.02
N GLN C 346 -52.86 -48.39 50.68
CA GLN C 346 -52.28 -49.60 50.13
C GLN C 346 -51.66 -49.37 48.76
N CYS C 347 -50.36 -49.68 48.64
CA CYS C 347 -49.52 -49.38 47.49
C CYS C 347 -50.02 -49.96 46.16
N ASN C 348 -50.43 -51.23 46.17
CA ASN C 348 -50.74 -51.92 44.93
C ASN C 348 -52.05 -51.43 44.32
N ARG C 349 -52.90 -50.83 45.13
CA ARG C 349 -54.10 -50.17 44.62
C ARG C 349 -53.78 -48.70 44.39
N HIS C 350 -54.79 -47.90 44.13
CA HIS C 350 -54.63 -46.45 44.20
C HIS C 350 -55.83 -45.86 44.91
N LYS C 351 -55.54 -45.16 45.98
CA LYS C 351 -56.57 -44.43 46.70
C LYS C 351 -56.07 -43.00 46.88
N PRO C 352 -56.58 -42.06 46.10
CA PRO C 352 -56.11 -40.67 46.19
C PRO C 352 -56.53 -40.04 47.50
N TRP C 353 -55.67 -40.23 48.52
CA TRP C 353 -55.83 -39.87 49.93
C TRP C 353 -56.48 -38.50 50.10
N ARG C 354 -57.61 -38.48 50.80
CA ARG C 354 -58.66 -37.50 50.51
C ARG C 354 -58.33 -36.11 51.02
N PHE C 355 -57.30 -35.97 51.84
CA PHE C 355 -56.93 -34.65 52.29
C PHE C 355 -55.85 -34.07 51.40
N GLY C 356 -55.06 -34.96 50.78
CA GLY C 356 -53.89 -34.62 49.99
C GLY C 356 -54.09 -33.64 48.87
N THR C 357 -55.19 -33.78 48.12
CA THR C 357 -55.44 -32.87 47.01
C THR C 357 -55.78 -31.47 47.50
N ARG C 358 -56.23 -31.34 48.75
CA ARG C 358 -56.25 -30.04 49.39
C ARG C 358 -54.93 -29.75 50.07
N PHE C 359 -54.35 -30.77 50.70
CA PHE C 359 -53.18 -30.57 51.54
C PHE C 359 -51.95 -30.22 50.72
N MET C 360 -51.94 -30.63 49.44
CA MET C 360 -50.88 -30.21 48.54
C MET C 360 -50.94 -28.70 48.31
N SER C 361 -52.14 -28.16 48.17
CA SER C 361 -52.29 -26.74 47.88
C SER C 361 -51.94 -25.89 49.10
N LEU C 362 -52.01 -26.49 50.28
CA LEU C 362 -51.73 -25.75 51.51
C LEU C 362 -50.23 -25.57 51.69
N ILE C 363 -49.45 -26.61 51.37
CA ILE C 363 -48.00 -26.48 51.45
C ILE C 363 -47.50 -25.57 50.35
N LYS C 364 -48.19 -25.56 49.21
CA LYS C 364 -47.73 -24.81 48.05
C LYS C 364 -47.91 -23.30 48.26
N GLU C 365 -48.76 -22.91 49.19
CA GLU C 365 -48.95 -21.49 49.45
C GLU C 365 -48.24 -21.03 50.72
N ALA C 366 -47.23 -21.78 51.15
CA ALA C 366 -46.61 -21.47 52.43
C ALA C 366 -45.60 -20.33 52.30
N HIS C 367 -45.31 -19.69 53.44
CA HIS C 367 -44.23 -18.72 53.55
C HIS C 367 -43.59 -18.83 54.92
N TRP C 368 -42.27 -18.84 54.98
CA TRP C 368 -41.58 -19.02 56.24
C TRP C 368 -40.21 -18.36 56.22
N GLU C 369 -39.70 -18.03 57.41
CA GLU C 369 -38.41 -17.36 57.54
C GLU C 369 -37.36 -18.29 58.13
N GLY C 370 -37.21 -19.48 57.56
CA GLY C 370 -36.28 -20.46 58.07
C GLY C 370 -34.84 -20.16 57.77
N LEU C 371 -34.01 -21.20 57.65
CA LEU C 371 -32.58 -20.95 57.60
C LEU C 371 -32.09 -20.64 56.19
N THR C 372 -33.00 -20.38 55.25
CA THR C 372 -32.62 -19.71 54.03
C THR C 372 -33.37 -18.39 53.87
N GLY C 373 -34.46 -18.22 54.60
CA GLY C 373 -35.16 -16.95 54.59
C GLY C 373 -36.08 -16.78 53.40
N ARG C 374 -37.32 -16.41 53.69
CA ARG C 374 -38.39 -16.15 52.73
C ARG C 374 -38.57 -17.34 51.80
N ILE C 375 -38.90 -18.50 52.36
CA ILE C 375 -39.24 -19.64 51.52
C ILE C 375 -40.60 -19.40 50.89
N THR C 376 -40.68 -19.61 49.59
CA THR C 376 -41.98 -19.63 48.94
C THR C 376 -42.05 -20.74 47.91
N PHE C 377 -43.21 -20.92 47.29
CA PHE C 377 -43.23 -21.79 46.14
C PHE C 377 -43.96 -21.08 45.00
N ASN C 378 -43.85 -21.64 43.80
CA ASN C 378 -44.10 -20.86 42.59
C ASN C 378 -45.55 -21.00 42.11
N LYS C 379 -46.27 -21.99 42.64
CA LYS C 379 -47.67 -22.33 42.41
C LYS C 379 -47.90 -22.93 41.02
N THR C 380 -46.90 -22.90 40.16
CA THR C 380 -46.98 -23.51 38.84
C THR C 380 -46.22 -24.81 38.86
N ASN C 381 -44.94 -24.72 39.20
CA ASN C 381 -44.09 -25.88 39.34
C ASN C 381 -44.27 -26.54 40.70
N GLY C 382 -44.07 -25.75 41.74
CA GLY C 382 -43.81 -26.30 43.06
C GLY C 382 -42.37 -25.99 43.38
N LEU C 383 -41.66 -25.41 42.42
CA LEU C 383 -40.30 -24.98 42.63
C LEU C 383 -40.18 -23.69 43.41
N ARG C 384 -38.95 -23.21 43.56
CA ARG C 384 -38.63 -22.16 44.51
C ARG C 384 -37.67 -21.20 43.82
N THR C 385 -38.22 -20.14 43.23
CA THR C 385 -37.42 -19.13 42.55
C THR C 385 -37.75 -17.72 43.04
N ASP C 386 -37.87 -17.53 44.34
CA ASP C 386 -38.00 -16.17 44.83
C ASP C 386 -37.17 -16.03 46.09
N PHE C 387 -35.95 -16.52 46.03
CA PHE C 387 -35.09 -16.67 47.18
C PHE C 387 -34.11 -15.53 47.38
N ASP C 388 -33.17 -15.68 48.32
CA ASP C 388 -32.38 -14.55 48.81
C ASP C 388 -30.89 -14.80 48.98
N LEU C 389 -30.21 -15.30 47.94
CA LEU C 389 -28.75 -15.39 47.89
C LEU C 389 -27.97 -14.15 48.32
N ASP C 390 -26.96 -14.37 49.16
CA ASP C 390 -25.91 -13.39 49.41
C ASP C 390 -24.79 -13.75 48.45
N VAL C 391 -24.04 -12.76 48.00
CA VAL C 391 -22.77 -13.10 47.38
C VAL C 391 -21.72 -12.90 48.45
N ILE C 392 -20.68 -13.71 48.45
CA ILE C 392 -19.61 -13.56 49.42
C ILE C 392 -18.31 -13.73 48.66
N SER C 393 -17.24 -13.13 49.19
CA SER C 393 -16.00 -13.01 48.47
C SER C 393 -14.86 -13.46 49.35
N LEU C 394 -13.65 -13.39 48.82
CA LEU C 394 -12.47 -13.58 49.64
C LEU C 394 -11.76 -12.24 49.84
N LYS C 395 -12.17 -11.56 50.91
CA LYS C 395 -11.47 -10.36 51.37
C LYS C 395 -10.34 -10.83 52.27
N GLU C 396 -9.45 -9.92 52.64
CA GLU C 396 -8.18 -10.25 53.29
C GLU C 396 -8.37 -10.92 54.64
N GLU C 397 -9.36 -10.48 55.42
CA GLU C 397 -9.55 -11.08 56.72
C GLU C 397 -10.47 -12.29 56.63
N GLY C 398 -10.95 -12.62 55.44
CA GLY C 398 -11.81 -13.78 55.29
C GLY C 398 -13.05 -13.44 54.51
N LEU C 399 -14.03 -14.34 54.57
CA LEU C 399 -15.21 -14.21 53.75
C LEU C 399 -16.25 -13.30 54.41
N GLU C 400 -16.64 -12.26 53.68
CA GLU C 400 -17.69 -11.37 54.13
C GLU C 400 -18.81 -11.28 53.11
N LYS C 401 -19.95 -10.76 53.51
CA LYS C 401 -20.92 -10.27 52.54
C LYS C 401 -20.34 -9.09 51.78
N ILE C 402 -20.52 -9.10 50.47
CA ILE C 402 -20.15 -7.94 49.68
C ILE C 402 -21.33 -7.51 48.83
N GLY C 403 -22.45 -8.21 48.96
CA GLY C 403 -23.62 -7.86 48.17
C GLY C 403 -24.77 -8.80 48.44
N THR C 404 -25.81 -8.70 47.61
CA THR C 404 -27.05 -9.42 47.83
C THR C 404 -27.71 -9.66 46.48
N TRP C 405 -28.41 -10.79 46.34
CA TRP C 405 -29.16 -11.01 45.13
C TRP C 405 -30.64 -11.03 45.50
N ASP C 406 -31.51 -11.06 44.49
CA ASP C 406 -32.94 -11.27 44.58
C ASP C 406 -33.37 -11.57 43.15
N PRO C 407 -34.50 -12.25 42.92
CA PRO C 407 -34.95 -12.36 41.52
C PRO C 407 -35.48 -11.08 40.94
N ALA C 408 -36.07 -10.22 41.77
CA ALA C 408 -36.64 -8.99 41.26
C ALA C 408 -35.57 -7.91 41.08
N SER C 409 -34.90 -7.54 42.17
CA SER C 409 -33.95 -6.43 42.21
C SER C 409 -32.78 -6.66 41.27
N GLY C 410 -31.93 -7.61 41.61
CA GLY C 410 -31.05 -8.20 40.62
C GLY C 410 -29.57 -8.20 40.86
N LEU C 411 -28.94 -7.09 41.28
CA LEU C 411 -27.58 -7.21 41.80
C LEU C 411 -27.29 -6.09 42.81
N ASN C 412 -28.12 -5.93 43.84
CA ASN C 412 -27.80 -4.92 44.86
C ASN C 412 -26.49 -5.28 45.56
N MET C 413 -25.53 -4.38 45.55
CA MET C 413 -24.16 -4.72 45.94
C MET C 413 -23.46 -3.52 46.54
N THR C 414 -23.35 -3.52 47.88
CA THR C 414 -22.63 -2.47 48.59
C THR C 414 -21.14 -2.77 48.61
N GLU C 415 -20.33 -1.77 48.30
CA GLU C 415 -18.90 -1.90 48.48
C GLU C 415 -18.25 -0.54 48.73
N SER C 416 -17.37 -0.48 49.71
CA SER C 416 -16.66 0.74 50.06
C SER C 416 -15.37 0.86 49.26
N GLN C 417 -14.92 2.10 49.06
CA GLN C 417 -13.71 2.38 48.32
C GLN C 417 -13.15 3.74 48.72
N LYS C 418 -11.90 3.78 49.18
CA LYS C 418 -11.30 5.02 49.63
C LYS C 418 -10.02 5.34 48.85
N GLY C 419 -9.44 4.34 48.20
CA GLY C 419 -8.32 4.57 47.32
C GLY C 419 -6.95 4.45 47.95
N LYS C 420 -6.75 5.09 49.10
CA LYS C 420 -5.45 5.19 49.74
C LYS C 420 -4.97 3.83 50.25
N PRO C 421 -3.74 3.43 49.92
CA PRO C 421 -3.11 2.35 50.68
C PRO C 421 -2.66 2.86 52.05
N ALA C 422 -2.43 4.19 52.12
CA ALA C 422 -1.98 5.04 53.22
C ALA C 422 -0.50 4.83 53.53
N ASN C 423 0.07 3.77 52.98
CA ASN C 423 1.47 3.57 52.67
C ASN C 423 1.61 2.44 51.66
N ILE C 424 2.15 2.78 50.49
CA ILE C 424 2.35 1.98 49.28
C ILE C 424 3.23 0.74 49.55
N THR C 425 3.82 0.67 50.74
CA THR C 425 4.87 -0.21 51.21
C THR C 425 4.43 -1.65 51.39
N ASP C 426 5.09 -2.37 52.30
CA ASP C 426 5.27 -3.83 52.35
C ASP C 426 4.04 -4.72 52.18
N SER C 427 2.84 -4.13 52.09
CA SER C 427 1.66 -4.72 51.49
C SER C 427 2.00 -5.51 50.23
N LEU C 428 1.43 -6.71 50.15
CA LEU C 428 1.75 -7.79 49.21
C LEU C 428 3.18 -8.25 49.46
N SER C 429 3.47 -8.57 50.72
CA SER C 429 4.70 -9.27 51.06
C SER C 429 4.66 -10.71 50.61
N ASN C 430 3.46 -11.30 50.51
CA ASN C 430 3.29 -12.73 50.26
C ASN C 430 3.42 -12.98 48.75
N ARG C 431 4.53 -12.55 48.17
CA ARG C 431 4.68 -12.55 46.73
C ARG C 431 6.07 -13.08 46.38
N SER C 432 6.17 -13.73 45.22
CA SER C 432 7.45 -14.19 44.69
C SER C 432 7.45 -14.00 43.19
N LEU C 433 7.95 -12.86 42.73
CA LEU C 433 7.82 -12.52 41.33
C LEU C 433 9.00 -13.05 40.51
N ILE C 434 8.69 -13.72 39.42
CA ILE C 434 9.70 -14.31 38.55
C ILE C 434 10.14 -13.23 37.56
N VAL C 435 11.30 -12.63 37.81
CA VAL C 435 11.73 -11.42 37.11
C VAL C 435 12.57 -11.81 35.92
N THR C 436 12.23 -11.28 34.75
CA THR C 436 12.96 -11.59 33.53
C THR C 436 13.80 -10.40 33.07
N THR C 437 14.95 -10.70 32.47
CA THR C 437 15.93 -9.73 32.00
C THR C 437 16.96 -10.45 31.15
N ILE C 438 17.83 -9.67 30.51
CA ILE C 438 18.91 -10.18 29.67
C ILE C 438 20.22 -9.74 30.28
N LEU C 439 21.28 -10.53 30.07
CA LEU C 439 22.63 -10.05 30.37
C LEU C 439 23.07 -9.10 29.27
N GLU C 440 23.17 -7.82 29.59
CA GLU C 440 23.74 -6.81 28.71
C GLU C 440 24.36 -5.79 29.68
N GLU C 441 24.49 -4.52 29.30
CA GLU C 441 25.37 -3.51 29.85
C GLU C 441 24.41 -2.45 30.42
N PRO C 442 24.82 -1.20 30.74
CA PRO C 442 24.97 -0.52 32.02
C PRO C 442 23.81 -0.62 33.00
N TYR C 443 22.65 -0.93 32.49
CA TYR C 443 21.50 -1.22 33.32
C TYR C 443 21.57 -2.58 33.97
N VAL C 444 22.32 -3.52 33.40
CA VAL C 444 22.55 -4.87 33.88
C VAL C 444 24.05 -5.12 33.71
N LEU C 445 24.64 -5.96 34.58
CA LEU C 445 25.72 -6.88 34.25
C LEU C 445 25.91 -7.89 35.38
N PHE C 446 26.45 -9.08 35.06
CA PHE C 446 26.75 -10.15 36.00
C PHE C 446 27.54 -9.72 37.22
N LYS C 447 27.40 -10.45 38.31
CA LYS C 447 28.23 -10.16 39.47
C LYS C 447 29.58 -10.81 39.26
N LYS C 448 30.38 -10.25 38.35
CA LYS C 448 31.65 -10.85 37.98
C LYS C 448 32.71 -10.56 39.03
N SER C 449 32.93 -11.55 39.88
CA SER C 449 33.84 -11.49 41.01
C SER C 449 34.22 -12.92 41.37
N ASP C 450 34.74 -13.12 42.58
CA ASP C 450 35.08 -14.45 43.08
C ASP C 450 33.90 -15.42 43.16
N LYS C 451 32.67 -14.93 43.30
CA LYS C 451 31.53 -15.81 43.55
C LYS C 451 30.95 -16.35 42.24
N PRO C 452 30.81 -17.66 42.09
CA PRO C 452 29.91 -18.18 41.05
C PRO C 452 28.46 -17.83 41.40
N LEU C 453 27.71 -17.39 40.40
CA LEU C 453 26.40 -16.72 40.51
C LEU C 453 25.38 -17.44 41.39
N TYR C 454 24.84 -16.73 42.39
CA TYR C 454 23.91 -17.33 43.35
C TYR C 454 22.54 -16.65 43.26
N GLY C 455 21.71 -17.08 42.31
CA GLY C 455 20.31 -16.67 42.29
C GLY C 455 20.06 -15.19 42.13
N ASN C 456 19.67 -14.53 43.23
CA ASN C 456 19.60 -13.08 43.27
C ASN C 456 20.97 -12.45 43.35
N ASP C 457 21.92 -13.13 44.00
CA ASP C 457 23.30 -12.67 44.05
C ASP C 457 23.97 -12.98 42.73
N ARG C 458 23.59 -12.25 41.68
CA ARG C 458 24.02 -12.64 40.34
C ARG C 458 24.39 -11.43 39.50
N PHE C 459 23.98 -10.23 39.93
CA PHE C 459 24.04 -9.08 39.06
C PHE C 459 24.50 -7.82 39.78
N GLU C 460 24.87 -6.84 38.97
CA GLU C 460 25.21 -5.50 39.39
C GLU C 460 24.94 -4.53 38.23
N GLY C 461 23.88 -3.74 38.38
CA GLY C 461 23.42 -2.85 37.33
C GLY C 461 22.29 -1.94 37.77
N TYR C 462 21.92 -1.01 36.89
CA TYR C 462 20.83 -0.07 37.16
C TYR C 462 19.48 -0.75 37.33
N CYS C 463 19.20 -1.79 36.53
CA CYS C 463 17.91 -2.46 36.61
C CYS C 463 17.76 -3.22 37.93
N ILE C 464 18.78 -3.99 38.31
CA ILE C 464 18.67 -4.76 39.56
C ILE C 464 18.74 -3.83 40.75
N ASP C 465 19.32 -2.65 40.58
CA ASP C 465 19.29 -1.64 41.63
C ASP C 465 17.93 -0.97 41.64
N LEU C 466 17.32 -0.81 40.46
CA LEU C 466 15.93 -0.35 40.38
C LEU C 466 15.01 -1.38 41.01
N LEU C 467 15.27 -2.65 40.73
CA LEU C 467 14.45 -3.75 41.25
C LEU C 467 14.51 -3.84 42.77
N ARG C 468 15.72 -3.80 43.34
CA ARG C 468 15.83 -3.85 44.79
C ARG C 468 15.31 -2.58 45.45
N GLU C 469 15.25 -1.48 44.71
CA GLU C 469 14.71 -0.24 45.26
C GLU C 469 13.21 -0.35 45.46
N LEU C 470 12.49 -0.75 44.41
CA LEU C 470 11.07 -1.02 44.52
C LEU C 470 10.79 -2.20 45.44
N SER C 471 11.71 -3.15 45.55
CA SER C 471 11.59 -4.24 46.51
CA SER C 471 11.59 -4.24 46.51
C SER C 471 11.63 -3.69 47.93
N THR C 472 12.48 -2.69 48.16
CA THR C 472 12.49 -2.02 49.44
C THR C 472 11.23 -1.19 49.60
N ILE C 473 10.75 -0.57 48.52
CA ILE C 473 9.52 0.20 48.58
C ILE C 473 8.33 -0.73 48.72
N LEU C 474 8.05 -1.55 47.71
CA LEU C 474 6.81 -2.32 47.70
C LEU C 474 6.82 -3.51 48.63
N GLY C 475 7.98 -4.03 49.02
CA GLY C 475 8.01 -5.13 49.94
C GLY C 475 7.54 -6.44 49.36
N PHE C 476 8.34 -7.04 48.48
CA PHE C 476 8.05 -8.38 48.00
C PHE C 476 9.35 -9.15 47.78
N THR C 477 9.26 -10.31 47.15
CA THR C 477 10.42 -11.14 46.86
C THR C 477 10.56 -11.28 45.35
N TYR C 478 11.69 -10.82 44.82
CA TYR C 478 12.00 -11.06 43.42
C TYR C 478 12.95 -12.25 43.30
N GLU C 479 12.91 -12.91 42.14
CA GLU C 479 14.03 -13.77 41.77
C GLU C 479 14.29 -13.61 40.29
N ILE C 480 15.56 -13.43 39.91
CA ILE C 480 15.87 -13.16 38.52
C ILE C 480 15.97 -14.47 37.75
N ARG C 481 15.10 -14.63 36.75
CA ARG C 481 15.20 -15.72 35.80
C ARG C 481 15.48 -15.09 34.44
N LEU C 482 16.66 -15.34 33.89
CA LEU C 482 17.09 -14.65 32.69
C LEU C 482 16.31 -15.15 31.48
N VAL C 483 16.15 -14.27 30.50
CA VAL C 483 15.47 -14.60 29.26
C VAL C 483 16.36 -15.58 28.51
N GLU C 484 15.74 -16.49 27.77
CA GLU C 484 16.47 -17.56 27.13
C GLU C 484 16.44 -17.35 25.62
N ASP C 485 15.50 -16.53 25.16
CA ASP C 485 15.41 -16.19 23.76
C ASP C 485 16.28 -14.97 23.46
N GLY C 486 16.27 -13.98 24.36
CA GLY C 486 17.19 -12.86 24.31
C GLY C 486 17.07 -11.91 23.13
N LYS C 487 15.87 -11.77 22.60
CA LYS C 487 15.63 -11.08 21.34
C LYS C 487 14.47 -10.10 21.48
N TYR C 488 14.63 -9.12 22.36
CA TYR C 488 13.68 -8.61 23.36
C TYR C 488 12.22 -8.81 23.05
N GLY C 489 11.78 -8.35 21.89
CA GLY C 489 10.39 -8.52 21.50
C GLY C 489 10.18 -8.25 20.03
N ALA C 490 9.56 -9.21 19.37
CA ALA C 490 9.29 -9.11 17.94
C ALA C 490 8.19 -10.06 17.51
N GLN C 491 7.46 -9.68 16.46
CA GLN C 491 6.61 -10.61 15.74
C GLN C 491 7.45 -11.68 15.06
N ASP C 492 6.83 -12.84 14.81
CA ASP C 492 7.49 -13.94 14.15
C ASP C 492 7.22 -13.79 12.65
N ASP C 493 6.21 -12.97 12.33
CA ASP C 493 5.84 -12.46 11.02
C ASP C 493 5.22 -13.50 10.09
N VAL C 494 5.19 -14.77 10.50
CA VAL C 494 4.45 -15.79 9.79
C VAL C 494 3.52 -16.47 10.78
N ASN C 495 3.83 -16.35 12.07
CA ASN C 495 3.05 -17.00 13.10
C ASN C 495 2.18 -16.00 13.85
N GLY C 496 2.71 -14.80 14.05
CA GLY C 496 2.15 -13.86 15.00
C GLY C 496 2.66 -14.06 16.41
N GLN C 497 3.41 -15.13 16.65
CA GLN C 497 4.01 -15.41 17.94
C GLN C 497 5.05 -14.36 18.28
N TRP C 498 5.24 -14.16 19.58
CA TRP C 498 6.27 -13.25 20.04
C TRP C 498 7.54 -14.05 20.37
N ASN C 499 8.55 -13.38 20.88
CA ASN C 499 9.83 -13.97 21.23
C ASN C 499 10.58 -13.04 22.17
N GLY C 500 11.52 -13.58 22.94
CA GLY C 500 12.19 -12.75 23.91
C GLY C 500 11.29 -12.53 25.10
N MET C 501 11.42 -11.37 25.76
CA MET C 501 10.70 -11.10 26.98
C MET C 501 9.19 -11.03 26.77
N VAL C 502 8.76 -10.63 25.57
CA VAL C 502 7.33 -10.40 25.35
C VAL C 502 6.56 -11.71 25.42
N ARG C 503 7.07 -12.74 24.76
CA ARG C 503 6.45 -14.05 24.90
C ARG C 503 6.66 -14.61 26.31
N GLU C 504 7.76 -14.23 26.96
CA GLU C 504 7.93 -14.56 28.37
C GLU C 504 6.89 -13.86 29.23
N LEU C 505 6.41 -12.70 28.77
CA LEU C 505 5.34 -12.02 29.48
C LEU C 505 3.97 -12.51 29.05
N ILE C 506 3.84 -13.03 27.83
CA ILE C 506 2.56 -13.59 27.42
C ILE C 506 2.30 -14.89 28.14
N ASP C 507 3.28 -15.78 28.17
CA ASP C 507 3.06 -17.14 28.66
C ASP C 507 2.90 -17.24 30.16
N HIS C 508 3.01 -16.13 30.90
CA HIS C 508 3.03 -16.07 32.36
C HIS C 508 4.08 -17.00 32.95
N LYS C 509 5.18 -17.17 32.23
CA LYS C 509 6.39 -17.78 32.75
C LYS C 509 7.21 -16.74 33.51
N ALA C 510 6.78 -15.49 33.45
CA ALA C 510 7.49 -14.38 34.04
C ALA C 510 6.49 -13.42 34.66
N ASP C 511 7.02 -12.28 35.09
CA ASP C 511 6.42 -11.29 35.97
C ASP C 511 7.01 -9.96 35.56
N LEU C 512 7.26 -9.06 36.52
CA LEU C 512 8.06 -7.85 36.29
C LEU C 512 9.24 -8.09 35.36
N ALA C 513 9.21 -7.41 34.22
CA ALA C 513 10.29 -7.46 33.25
C ALA C 513 11.26 -6.31 33.48
N VAL C 514 12.07 -6.43 34.52
CA VAL C 514 12.99 -5.36 34.89
C VAL C 514 14.14 -5.41 33.90
N ALA C 515 14.00 -4.61 32.84
CA ALA C 515 14.80 -4.68 31.63
C ALA C 515 14.47 -3.44 30.80
N PRO C 516 15.32 -3.01 29.87
CA PRO C 516 15.02 -1.77 29.16
C PRO C 516 14.04 -1.93 28.01
N LEU C 517 12.84 -2.43 28.31
CA LEU C 517 11.83 -2.60 27.27
C LEU C 517 11.35 -1.24 26.76
N ALA C 518 11.30 -1.13 25.43
CA ALA C 518 10.72 0.06 24.84
C ALA C 518 9.21 -0.01 24.98
N ILE C 519 8.53 1.12 24.87
CA ILE C 519 7.09 1.08 24.89
C ILE C 519 6.62 1.45 23.48
N THR C 520 6.48 0.44 22.64
CA THR C 520 5.91 0.62 21.32
C THR C 520 4.42 0.32 21.44
N TYR C 521 3.64 0.92 20.54
CA TYR C 521 2.22 0.61 20.47
C TYR C 521 1.98 -0.88 20.24
N VAL C 522 2.71 -1.50 19.33
CA VAL C 522 2.50 -2.93 19.12
C VAL C 522 3.12 -3.75 20.23
N ARG C 523 4.09 -3.19 20.96
CA ARG C 523 4.49 -3.81 22.22
C ARG C 523 3.42 -3.66 23.28
N GLU C 524 2.62 -2.60 23.20
CA GLU C 524 1.53 -2.41 24.14
C GLU C 524 0.36 -3.33 23.83
N LYS C 525 0.25 -3.80 22.59
CA LYS C 525 -0.97 -4.49 22.16
C LYS C 525 -1.13 -5.87 22.79
N VAL C 526 -0.08 -6.45 23.35
CA VAL C 526 -0.19 -7.78 23.94
C VAL C 526 0.20 -7.83 25.41
N ILE C 527 1.06 -6.94 25.89
CA ILE C 527 1.46 -6.93 27.29
C ILE C 527 1.24 -5.53 27.84
N ASP C 528 1.44 -5.38 29.14
CA ASP C 528 1.28 -4.08 29.75
C ASP C 528 2.62 -3.39 29.87
N PHE C 529 2.60 -2.15 30.37
CA PHE C 529 3.81 -1.44 30.73
C PHE C 529 3.58 -0.66 32.00
N SER C 530 4.64 -0.47 32.77
CA SER C 530 4.63 0.52 33.83
C SER C 530 4.76 1.91 33.24
N LYS C 531 4.55 2.91 34.09
CA LYS C 531 4.79 4.29 33.70
C LYS C 531 6.29 4.45 33.46
N PRO C 532 6.68 5.13 32.35
CA PRO C 532 8.10 5.18 31.98
C PRO C 532 9.04 5.82 32.99
N PHE C 533 10.21 5.22 33.17
CA PHE C 533 11.15 5.68 34.18
C PHE C 533 12.42 6.28 33.61
N MET C 534 12.70 6.10 32.32
CA MET C 534 13.71 6.89 31.62
C MET C 534 13.09 7.40 30.35
N THR C 535 13.88 8.02 29.48
CA THR C 535 13.33 8.48 28.22
C THR C 535 14.29 8.08 27.11
N LEU C 536 13.78 7.36 26.13
CA LEU C 536 14.61 6.73 25.13
C LEU C 536 14.71 7.65 23.93
N GLY C 537 15.66 7.35 23.05
CA GLY C 537 15.75 7.93 21.73
C GLY C 537 16.55 6.98 20.86
N ILE C 538 16.50 7.13 19.54
CA ILE C 538 17.16 6.22 18.61
C ILE C 538 17.97 7.06 17.63
N SER C 539 19.30 7.04 17.73
CA SER C 539 20.00 7.83 16.72
C SER C 539 20.96 7.09 15.79
N ILE C 540 22.14 6.68 16.28
CA ILE C 540 23.20 6.21 15.39
C ILE C 540 24.35 5.61 16.20
N LEU C 541 25.23 4.86 15.54
CA LEU C 541 26.58 4.59 16.06
C LEU C 541 27.58 4.75 14.91
N TYR C 542 28.37 5.82 14.91
CA TYR C 542 29.27 6.10 13.79
C TYR C 542 30.61 6.59 14.30
N ARG C 543 31.68 6.36 13.53
CA ARG C 543 33.04 6.41 14.08
C ARG C 543 33.60 7.85 14.13
N LYS C 544 32.75 8.90 13.99
CA LYS C 544 33.09 10.33 14.00
C LYS C 544 34.30 10.65 13.10
N PRO C 545 34.09 10.75 11.76
CA PRO C 545 35.06 10.28 10.74
C PRO C 545 36.55 10.35 11.03
N ASN C 546 37.22 9.24 10.73
CA ASN C 546 38.42 8.74 11.40
C ASN C 546 39.52 9.80 11.46
N GLY C 547 40.26 9.79 12.58
CA GLY C 547 41.23 10.80 12.96
C GLY C 547 42.23 11.16 11.89
N THR C 548 42.14 12.40 11.39
CA THR C 548 42.74 12.82 10.13
C THR C 548 44.26 12.92 10.25
N ASN C 549 44.89 11.73 10.37
CA ASN C 549 46.29 11.34 10.57
C ASN C 549 47.12 12.38 11.33
N PRO C 550 46.83 12.62 12.62
CA PRO C 550 47.53 13.70 13.34
C PRO C 550 49.00 13.42 13.63
N GLY C 551 49.51 12.26 13.22
CA GLY C 551 50.93 11.96 13.23
C GLY C 551 51.74 12.99 12.49
N VAL C 552 52.77 13.50 13.16
CA VAL C 552 53.64 14.55 12.64
C VAL C 552 54.50 14.00 11.51
N PHE C 553 55.22 14.92 10.84
CA PHE C 553 55.85 14.80 9.52
C PHE C 553 54.75 14.70 8.47
N SER C 554 53.66 15.44 8.69
CA SER C 554 52.65 15.67 7.67
C SER C 554 52.97 16.86 6.80
N PHE C 555 54.24 17.24 6.70
CA PHE C 555 54.66 18.38 5.90
C PHE C 555 55.58 17.88 4.79
N LEU C 556 55.96 16.61 4.84
CA LEU C 556 56.47 15.97 3.65
C LEU C 556 55.32 15.61 2.73
N ASN C 557 54.14 15.40 3.32
CA ASN C 557 52.85 14.96 2.80
C ASN C 557 52.46 15.51 1.42
N PRO C 558 52.65 16.83 1.08
CA PRO C 558 52.25 17.24 -0.27
C PRO C 558 53.21 16.74 -1.33
N LEU C 559 54.44 16.47 -0.94
CA LEU C 559 55.39 15.83 -1.84
C LEU C 559 55.40 14.32 -1.63
N SER C 560 56.06 13.64 -2.54
CA SER C 560 56.46 12.26 -2.27
C SER C 560 57.78 12.31 -1.52
N PRO C 561 58.02 11.41 -0.56
CA PRO C 561 59.35 11.32 0.05
C PRO C 561 60.42 10.81 -0.90
N ASP C 562 59.98 10.22 -2.03
CA ASP C 562 60.87 10.02 -3.16
C ASP C 562 61.46 11.32 -3.67
N ILE C 563 60.64 12.37 -3.77
CA ILE C 563 61.09 13.63 -4.36
C ILE C 563 62.10 14.32 -3.45
N TRP C 564 61.84 14.27 -2.13
CA TRP C 564 62.74 14.82 -1.13
C TRP C 564 64.14 14.21 -1.23
N MET C 565 64.22 12.95 -1.63
CA MET C 565 65.51 12.33 -1.90
C MET C 565 66.16 12.92 -3.15
N TYR C 566 65.40 13.02 -4.24
CA TYR C 566 65.99 13.53 -5.48
C TYR C 566 66.22 15.03 -5.47
N VAL C 567 65.49 15.77 -4.64
CA VAL C 567 65.87 17.16 -4.39
C VAL C 567 67.20 17.22 -3.65
N LEU C 568 67.36 16.35 -2.65
CA LEU C 568 68.62 16.23 -1.92
C LEU C 568 69.73 15.76 -2.84
N LEU C 569 69.40 14.94 -3.84
CA LEU C 569 70.33 14.62 -4.92
C LEU C 569 70.63 15.88 -5.73
N ALA C 570 69.58 16.61 -6.13
CA ALA C 570 69.76 17.79 -6.96
C ALA C 570 70.42 18.95 -6.23
N CYS C 571 70.29 19.03 -4.91
CA CYS C 571 70.88 20.14 -4.18
C CYS C 571 72.37 19.97 -4.01
N LEU C 572 72.79 18.83 -3.45
CA LEU C 572 74.21 18.59 -3.20
C LEU C 572 74.97 18.32 -4.49
N GLY C 573 74.27 17.88 -5.54
CA GLY C 573 74.93 17.64 -6.81
C GLY C 573 75.38 18.92 -7.48
N VAL C 574 74.50 19.92 -7.56
CA VAL C 574 74.88 21.18 -8.16
C VAL C 574 75.76 21.99 -7.20
N SER C 575 75.72 21.66 -5.90
CA SER C 575 76.57 22.34 -4.93
C SER C 575 78.04 22.08 -5.20
N CYS C 576 78.36 20.91 -5.75
CA CYS C 576 79.73 20.67 -6.20
C CYS C 576 80.03 21.45 -7.48
N VAL C 577 79.01 21.67 -8.31
CA VAL C 577 79.23 22.20 -9.67
C VAL C 577 79.69 23.65 -9.62
N LEU C 578 79.15 24.44 -8.69
CA LEU C 578 79.54 25.85 -8.54
C LEU C 578 81.03 25.99 -8.25
N PHE C 579 81.54 25.14 -7.35
CA PHE C 579 82.97 25.12 -7.06
C PHE C 579 83.79 24.73 -8.28
N VAL C 580 83.33 23.71 -9.01
CA VAL C 580 84.08 23.19 -10.15
C VAL C 580 84.10 24.21 -11.29
N ILE C 581 82.98 24.89 -11.51
CA ILE C 581 82.96 26.00 -12.46
C ILE C 581 83.84 27.13 -11.97
N ALA C 582 83.84 27.37 -10.65
CA ALA C 582 84.72 28.39 -10.09
C ALA C 582 86.18 27.96 -10.04
N ARG C 583 86.48 26.71 -10.39
CA ARG C 583 87.88 26.38 -10.60
C ARG C 583 88.32 26.68 -12.02
N PHE C 584 87.39 26.75 -12.97
CA PHE C 584 87.68 26.78 -14.41
C PHE C 584 86.91 27.90 -15.11
N SER C 585 86.73 29.04 -14.42
CA SER C 585 86.04 30.15 -15.10
C SER C 585 86.96 31.35 -15.26
N PRO C 586 86.88 32.05 -16.41
CA PRO C 586 87.77 33.19 -16.66
C PRO C 586 87.47 34.42 -15.82
N TYR C 587 86.20 34.68 -15.57
CA TYR C 587 85.82 35.87 -14.81
C TYR C 587 85.75 35.56 -13.32
N GLU C 588 85.97 34.29 -12.98
CA GLU C 588 86.40 33.86 -11.66
C GLU C 588 87.92 34.03 -11.64
N TRP C 589 88.54 33.91 -10.46
CA TRP C 589 89.95 34.16 -10.17
C TRP C 589 90.24 35.63 -10.41
N TYR C 590 89.21 36.45 -10.18
CA TYR C 590 89.31 37.90 -10.07
C TYR C 590 89.99 38.22 -8.74
N ASN C 591 90.44 39.45 -8.59
CA ASN C 591 91.22 39.80 -7.41
C ASN C 591 90.35 39.91 -6.16
N PRO C 592 90.93 39.78 -4.98
CA PRO C 592 90.29 40.33 -3.78
C PRO C 592 90.65 41.80 -3.69
N HIS C 593 90.31 42.42 -2.56
CA HIS C 593 90.45 43.85 -2.31
C HIS C 593 89.72 44.62 -3.41
N PRO C 594 88.39 44.66 -3.43
CA PRO C 594 87.68 45.37 -4.50
C PRO C 594 87.89 46.89 -4.50
N CYS C 595 88.42 47.43 -3.42
CA CYS C 595 88.65 48.86 -3.27
C CYS C 595 90.10 49.21 -3.54
N ASN C 596 91.04 48.36 -3.15
CA ASN C 596 92.45 48.50 -3.49
C ASN C 596 92.65 48.17 -4.96
N PRO C 597 93.28 49.05 -5.74
CA PRO C 597 93.66 48.68 -7.12
C PRO C 597 94.75 47.61 -7.15
N ASP C 598 95.56 47.55 -6.09
CA ASP C 598 96.63 46.56 -5.97
C ASP C 598 96.13 45.32 -5.26
N SER C 599 97.04 44.48 -4.80
CA SER C 599 96.84 43.21 -4.09
C SER C 599 96.05 42.21 -4.93
N ASP C 600 96.59 41.73 -6.05
CA ASP C 600 95.88 40.88 -7.00
C ASP C 600 95.74 39.42 -6.56
N VAL C 601 96.37 39.04 -5.44
CA VAL C 601 96.57 37.64 -5.06
C VAL C 601 95.24 36.97 -4.80
N VAL C 602 94.89 36.04 -5.70
CA VAL C 602 93.54 35.77 -6.21
C VAL C 602 92.44 35.53 -5.17
N GLU C 603 91.20 35.86 -5.55
CA GLU C 603 90.02 35.59 -4.76
C GLU C 603 89.22 34.46 -5.37
N ASN C 604 88.75 33.54 -4.54
CA ASN C 604 88.09 32.32 -4.99
C ASN C 604 86.82 32.07 -4.19
N ASN C 605 85.97 33.10 -4.12
CA ASN C 605 84.73 33.21 -3.33
C ASN C 605 83.89 31.94 -3.31
N PHE C 606 83.58 31.38 -4.48
CA PHE C 606 82.78 30.17 -4.51
C PHE C 606 83.62 28.98 -4.09
N THR C 607 83.64 28.66 -2.81
CA THR C 607 84.28 27.42 -2.38
C THR C 607 83.23 26.32 -2.35
N LEU C 608 83.69 25.11 -2.05
CA LEU C 608 82.75 24.00 -1.89
C LEU C 608 82.00 24.11 -0.57
N LEU C 609 82.54 24.87 0.38
CA LEU C 609 81.79 25.25 1.56
C LEU C 609 80.79 26.36 1.25
N ASN C 610 81.20 27.34 0.43
CA ASN C 610 80.33 28.47 0.14
C ASN C 610 79.22 28.10 -0.82
N SER C 611 79.46 27.12 -1.70
CA SER C 611 78.45 26.74 -2.68
C SER C 611 77.34 25.92 -2.02
N PHE C 612 77.66 25.26 -0.90
CA PHE C 612 76.62 24.70 -0.06
C PHE C 612 75.64 25.75 0.41
N TRP C 613 76.14 26.79 1.08
CA TRP C 613 75.28 27.78 1.71
C TRP C 613 74.63 28.71 0.67
N PHE C 614 75.18 28.72 -0.54
CA PHE C 614 74.54 29.45 -1.63
C PHE C 614 73.21 28.85 -2.06
N GLY C 615 73.26 27.59 -2.52
CA GLY C 615 72.08 27.02 -3.16
C GLY C 615 70.98 26.69 -2.17
N VAL C 616 71.36 26.31 -0.94
CA VAL C 616 70.40 26.10 0.13
C VAL C 616 69.69 27.39 0.49
N GLY C 617 70.43 28.51 0.45
CA GLY C 617 69.81 29.81 0.66
C GLY C 617 68.81 30.19 -0.41
N ALA C 618 69.04 29.75 -1.65
CA ALA C 618 68.02 29.90 -2.67
C ALA C 618 66.94 28.83 -2.51
N LEU C 619 67.33 27.66 -1.98
CA LEU C 619 66.38 26.58 -1.75
C LEU C 619 65.46 26.94 -0.61
N MET C 620 65.95 27.73 0.31
CA MET C 620 65.07 28.28 1.32
C MET C 620 64.58 29.66 0.96
N GLN C 621 64.95 30.14 -0.23
CA GLN C 621 64.66 31.49 -0.71
C GLN C 621 65.06 32.57 0.27
N GLN C 622 66.34 32.61 0.63
CA GLN C 622 66.87 33.70 1.43
C GLN C 622 68.09 34.29 0.74
N GLY C 623 68.86 33.44 0.07
CA GLY C 623 70.04 33.90 -0.65
C GLY C 623 71.23 34.19 0.25
N SER C 624 72.42 34.07 -0.31
CA SER C 624 73.67 34.36 0.40
C SER C 624 74.21 35.65 -0.21
N GLU C 625 75.26 36.19 0.41
CA GLU C 625 75.92 37.40 -0.08
C GLU C 625 76.60 37.18 -1.42
N LEU C 626 77.06 35.97 -1.68
CA LEU C 626 77.84 35.69 -2.88
C LEU C 626 76.96 35.40 -4.08
N MET C 627 76.89 36.35 -4.99
CA MET C 627 76.17 36.18 -6.23
C MET C 627 77.14 35.88 -7.35
N PRO C 628 76.71 35.12 -8.35
CA PRO C 628 77.53 34.90 -9.55
C PRO C 628 77.80 36.17 -10.33
N LYS C 629 79.08 36.41 -10.63
CA LYS C 629 79.49 37.52 -11.48
C LYS C 629 80.00 36.99 -12.80
N ALA C 630 80.63 35.81 -12.77
CA ALA C 630 81.02 35.12 -13.98
C ALA C 630 79.78 34.61 -14.70
N LEU C 631 79.73 34.88 -16.01
CA LEU C 631 78.55 34.56 -16.82
C LEU C 631 78.34 33.05 -16.92
N SER C 632 79.43 32.29 -16.82
CA SER C 632 79.33 30.84 -16.66
C SER C 632 78.56 30.50 -15.38
N THR C 633 78.91 31.15 -14.29
CA THR C 633 78.26 30.91 -13.01
C THR C 633 76.85 31.49 -12.95
N ARG C 634 76.59 32.58 -13.71
CA ARG C 634 75.29 33.21 -13.69
C ARG C 634 74.21 32.36 -14.32
N ILE C 635 74.57 31.43 -15.19
CA ILE C 635 73.56 30.54 -15.77
C ILE C 635 73.24 29.43 -14.77
N VAL C 636 74.19 29.14 -13.88
CA VAL C 636 74.03 28.04 -12.93
C VAL C 636 72.95 28.33 -11.91
N GLY C 637 73.16 29.36 -11.09
CA GLY C 637 72.24 29.61 -9.99
C GLY C 637 70.92 30.17 -10.47
N GLY C 638 70.93 30.88 -11.60
CA GLY C 638 69.71 31.45 -12.14
C GLY C 638 68.71 30.39 -12.54
N ILE C 639 69.17 29.29 -13.14
CA ILE C 639 68.26 28.20 -13.43
C ILE C 639 68.05 27.35 -12.18
N TRP C 640 68.98 27.43 -11.23
CA TRP C 640 68.79 26.78 -9.95
C TRP C 640 67.72 27.49 -9.14
N TRP C 641 67.56 28.79 -9.37
CA TRP C 641 66.42 29.52 -8.84
C TRP C 641 65.12 28.97 -9.41
N PHE C 642 65.14 28.59 -10.69
CA PHE C 642 63.91 28.13 -11.34
C PHE C 642 63.58 26.70 -10.92
N PHE C 643 64.56 25.98 -10.39
CA PHE C 643 64.24 24.77 -9.64
C PHE C 643 63.41 25.10 -8.41
N THR C 644 63.96 25.94 -7.54
CA THR C 644 63.38 26.16 -6.22
C THR C 644 62.08 26.94 -6.31
N LEU C 645 61.97 27.82 -7.30
CA LEU C 645 60.75 28.58 -7.54
C LEU C 645 59.57 27.66 -7.82
N ILE C 646 59.81 26.58 -8.56
CA ILE C 646 58.72 25.66 -8.86
C ILE C 646 58.37 24.84 -7.64
N ILE C 647 59.40 24.26 -7.01
CA ILE C 647 59.18 23.21 -6.00
C ILE C 647 58.51 23.78 -4.77
N ILE C 648 58.95 24.94 -4.31
CA ILE C 648 58.33 25.60 -3.16
C ILE C 648 56.90 26.00 -3.48
N SER C 649 56.66 26.49 -4.69
CA SER C 649 55.29 26.79 -5.09
C SER C 649 54.46 25.53 -5.23
N SER C 650 55.04 24.48 -5.82
CA SER C 650 54.31 23.23 -5.96
C SER C 650 54.09 22.57 -4.62
N TYR C 651 55.01 22.79 -3.69
CA TYR C 651 54.79 22.36 -2.32
C TYR C 651 53.61 23.08 -1.69
N THR C 652 53.44 24.35 -2.04
CA THR C 652 52.34 25.12 -1.47
C THR C 652 51.01 24.66 -2.04
N ALA C 653 50.99 24.37 -3.35
CA ALA C 653 49.74 24.13 -4.05
C ALA C 653 49.08 22.84 -3.61
N ASN C 654 49.84 21.75 -3.53
CA ASN C 654 49.27 20.51 -3.04
C ASN C 654 48.91 20.61 -1.57
N LEU C 655 49.66 21.40 -0.81
CA LEU C 655 49.29 21.62 0.57
C LEU C 655 48.02 22.47 0.64
N ALA C 656 47.86 23.40 -0.29
CA ALA C 656 46.62 24.17 -0.36
C ALA C 656 45.49 23.30 -0.89
N ALA C 657 45.83 22.27 -1.65
CA ALA C 657 44.80 21.36 -2.14
C ALA C 657 44.41 20.34 -1.08
N PHE C 658 45.40 19.81 -0.36
CA PHE C 658 45.15 18.80 0.66
C PHE C 658 44.32 19.36 1.79
N LEU C 659 44.65 20.58 2.21
CA LEU C 659 43.92 21.20 3.31
C LEU C 659 42.57 21.74 2.86
N THR C 660 42.35 21.79 1.54
CA THR C 660 41.04 22.19 1.03
C THR C 660 40.04 21.05 1.16
N VAL C 661 40.39 19.88 0.61
CA VAL C 661 39.39 18.84 0.45
C VAL C 661 39.07 18.14 1.76
N GLU C 662 39.97 18.16 2.73
CA GLU C 662 39.62 17.65 4.05
C GLU C 662 38.65 18.60 4.74
N ARG C 663 38.68 19.88 4.39
CA ARG C 663 37.62 20.79 4.82
C ARG C 663 36.40 20.66 3.93
N MET C 664 36.58 20.17 2.69
CA MET C 664 35.43 19.87 1.86
C MET C 664 34.76 18.57 2.29
N GLU C 665 35.43 17.78 3.13
CA GLU C 665 34.83 16.60 3.73
C GLU C 665 33.70 17.03 4.67
N SER C 666 32.47 16.72 4.28
CA SER C 666 31.30 16.91 5.15
C SER C 666 30.64 15.55 5.28
N PRO C 667 30.63 14.95 6.47
CA PRO C 667 30.06 13.61 6.62
C PRO C 667 28.54 13.63 6.59
N ILE C 668 27.96 12.47 6.86
CA ILE C 668 26.50 12.33 6.95
C ILE C 668 26.00 13.12 8.15
N ASP C 669 24.87 13.79 7.97
CA ASP C 669 24.27 14.55 9.05
C ASP C 669 22.80 14.19 9.25
N SER C 670 22.33 13.13 8.61
CA SER C 670 20.94 12.72 8.72
C SER C 670 20.86 11.23 8.42
N ALA C 671 19.78 10.62 8.90
CA ALA C 671 19.44 9.29 8.44
C ALA C 671 19.08 9.28 6.96
N ASP C 672 18.45 10.37 6.49
CA ASP C 672 18.17 10.53 5.07
C ASP C 672 19.46 10.63 4.26
N ASP C 673 20.47 11.29 4.83
CA ASP C 673 21.81 11.28 4.23
C ASP C 673 22.37 9.86 4.21
N LEU C 674 22.00 9.07 5.22
CA LEU C 674 22.55 7.73 5.37
C LEU C 674 21.63 6.67 4.77
N ALA C 675 20.40 7.06 4.39
CA ALA C 675 19.48 6.12 3.73
C ALA C 675 19.85 5.91 2.27
N LYS C 676 20.75 6.72 1.73
CA LYS C 676 21.14 6.56 0.35
C LYS C 676 22.51 5.92 0.22
N GLN C 677 23.37 6.09 1.23
CA GLN C 677 24.73 5.59 1.16
C GLN C 677 24.76 4.08 1.31
N THR C 678 24.51 3.37 0.21
CA THR C 678 24.48 1.92 0.18
C THR C 678 25.86 1.35 0.53
N LYS C 679 26.90 2.09 0.20
CA LYS C 679 28.26 1.74 0.59
C LYS C 679 28.47 1.87 2.10
N ILE C 680 27.58 2.59 2.79
CA ILE C 680 27.66 2.68 4.25
C ILE C 680 26.47 1.95 4.83
N GLU C 681 26.63 0.66 5.13
CA GLU C 681 25.56 -0.22 5.55
C GLU C 681 24.99 0.17 6.91
N TYR C 682 23.80 -0.35 7.20
CA TYR C 682 23.13 -0.08 8.47
C TYR C 682 22.06 -1.14 8.75
N GLY C 683 22.07 -1.65 9.98
CA GLY C 683 21.02 -2.49 10.52
C GLY C 683 20.78 -2.11 11.96
N ALA C 684 20.67 -3.10 12.85
CA ALA C 684 20.39 -2.84 14.26
C ALA C 684 20.73 -4.03 15.15
N VAL C 685 20.26 -3.99 16.39
CA VAL C 685 20.11 -5.19 17.20
C VAL C 685 19.01 -6.01 16.57
N GLU C 686 19.26 -7.31 16.35
CA GLU C 686 18.27 -8.21 15.77
C GLU C 686 17.00 -8.27 16.61
N ASP C 687 15.87 -8.00 15.95
CA ASP C 687 14.52 -8.11 16.51
C ASP C 687 14.32 -7.19 17.71
N GLY C 688 14.97 -6.04 17.69
CA GLY C 688 14.75 -5.01 18.68
C GLY C 688 13.57 -4.14 18.30
N ALA C 689 13.44 -3.02 19.01
CA ALA C 689 12.31 -2.13 18.74
C ALA C 689 12.46 -1.39 17.43
N THR C 690 13.68 -1.08 17.03
CA THR C 690 13.94 -0.43 15.75
C THR C 690 13.58 -1.33 14.58
N MET C 691 13.89 -2.62 14.73
CA MET C 691 13.53 -3.62 13.73
C MET C 691 12.02 -3.71 13.59
N THR C 692 11.31 -3.43 14.66
CA THR C 692 9.88 -3.20 14.55
C THR C 692 9.60 -1.82 13.97
N PHE C 693 10.31 -0.80 14.48
CA PHE C 693 9.95 0.59 14.19
C PHE C 693 10.19 0.96 12.74
N PHE C 694 11.36 0.62 12.19
CA PHE C 694 11.63 0.89 10.79
C PHE C 694 10.69 0.11 9.88
N LYS C 695 10.35 -1.12 10.28
CA LYS C 695 9.42 -1.93 9.52
C LYS C 695 8.03 -1.32 9.47
N LYS C 696 7.58 -0.71 10.56
CA LYS C 696 6.30 -0.04 10.57
C LYS C 696 6.43 1.47 10.47
N SER C 697 7.56 1.98 10.03
CA SER C 697 7.71 3.41 9.83
C SER C 697 7.04 3.80 8.53
N LYS C 698 5.94 4.56 8.63
CA LYS C 698 5.39 5.21 7.45
C LYS C 698 5.97 6.62 7.35
N ILE C 699 7.30 6.71 7.44
CA ILE C 699 8.05 7.94 7.24
C ILE C 699 9.01 7.56 6.12
N SER C 700 8.96 8.30 5.01
CA SER C 700 9.53 7.89 3.72
C SER C 700 11.00 7.56 3.75
N THR C 701 11.77 8.25 4.59
CA THR C 701 13.17 7.94 4.75
C THR C 701 13.32 6.60 5.48
N TYR C 702 12.70 6.51 6.65
CA TYR C 702 12.92 5.37 7.53
C TYR C 702 12.23 4.13 6.98
N ASP C 703 11.17 4.34 6.19
CA ASP C 703 10.55 3.26 5.43
C ASP C 703 11.56 2.61 4.49
N LYS C 704 12.29 3.43 3.73
CA LYS C 704 13.31 2.91 2.85
C LYS C 704 14.53 2.41 3.61
N MET C 705 14.73 2.88 4.84
CA MET C 705 15.81 2.34 5.66
C MET C 705 15.54 0.90 6.03
N TRP C 706 14.28 0.55 6.27
CA TRP C 706 13.90 -0.84 6.51
C TRP C 706 14.12 -1.70 5.27
N ALA C 707 13.90 -1.12 4.10
CA ALA C 707 14.10 -1.85 2.85
C ALA C 707 15.56 -2.23 2.67
N PHE C 708 16.47 -1.31 3.01
CA PHE C 708 17.88 -1.63 3.02
C PHE C 708 18.20 -2.67 4.08
N MET C 709 17.56 -2.56 5.24
CA MET C 709 17.68 -3.60 6.27
C MET C 709 17.05 -4.90 5.80
N SER C 710 16.02 -4.80 4.96
CA SER C 710 15.40 -6.00 4.40
C SER C 710 16.33 -6.72 3.43
N SER C 711 17.11 -5.96 2.66
CA SER C 711 17.90 -6.55 1.59
C SER C 711 19.10 -7.35 2.08
N ARG C 712 20.01 -6.70 2.81
CA ARG C 712 21.18 -7.39 3.34
C ARG C 712 20.94 -7.95 4.73
N ARG C 713 19.70 -8.36 5.01
CA ARG C 713 19.17 -8.77 6.30
C ARG C 713 20.00 -9.84 7.00
N GLN C 714 20.69 -10.68 6.23
CA GLN C 714 21.57 -11.68 6.84
C GLN C 714 22.81 -11.03 7.43
N SER C 715 23.44 -10.13 6.68
CA SER C 715 24.65 -9.46 7.14
C SER C 715 24.35 -8.47 8.25
N VAL C 716 23.38 -7.59 8.02
CA VAL C 716 22.95 -6.61 9.02
C VAL C 716 22.08 -7.31 10.06
N LEU C 717 21.70 -6.56 11.11
CA LEU C 717 20.90 -7.02 12.25
C LEU C 717 21.62 -8.08 13.07
N VAL C 718 22.73 -7.69 13.70
CA VAL C 718 23.51 -8.58 14.56
C VAL C 718 22.75 -8.92 15.83
N LYS C 719 23.27 -9.92 16.56
CA LYS C 719 22.58 -10.57 17.67
C LYS C 719 22.32 -9.66 18.86
N SER C 720 23.21 -8.71 19.14
CA SER C 720 23.08 -7.94 20.37
C SER C 720 23.67 -6.55 20.22
N ASN C 721 23.71 -5.81 21.33
CA ASN C 721 24.25 -4.45 21.30
C ASN C 721 25.76 -4.48 21.12
N GLU C 722 26.44 -5.40 21.81
CA GLU C 722 27.90 -5.49 21.78
C GLU C 722 28.42 -5.81 20.39
N GLU C 723 27.69 -6.65 19.66
CA GLU C 723 28.10 -7.03 18.32
C GLU C 723 27.96 -5.85 17.36
N GLY C 724 27.02 -4.95 17.66
CA GLY C 724 26.86 -3.77 16.84
C GLY C 724 27.72 -2.62 17.28
N ILE C 725 28.15 -2.65 18.54
CA ILE C 725 29.30 -1.86 18.95
C ILE C 725 30.53 -2.30 18.17
N GLN C 726 30.66 -3.61 18.00
CA GLN C 726 31.86 -4.22 17.42
C GLN C 726 32.04 -3.86 15.94
N ARG C 727 30.96 -3.90 15.17
CA ARG C 727 31.12 -3.87 13.72
C ARG C 727 31.16 -2.44 13.20
N VAL C 728 30.65 -1.49 13.97
CA VAL C 728 31.00 -0.09 13.71
C VAL C 728 32.48 0.12 13.99
N LEU C 729 32.99 -0.51 15.03
CA LEU C 729 34.40 -0.40 15.37
C LEU C 729 35.30 -1.31 14.56
N THR C 730 34.76 -2.05 13.60
CA THR C 730 35.58 -2.81 12.67
C THR C 730 35.21 -2.56 11.20
N SER C 731 34.18 -1.76 10.93
CA SER C 731 33.81 -1.50 9.54
C SER C 731 33.09 -0.16 9.37
N ASP C 732 32.50 0.04 8.18
CA ASP C 732 31.63 1.18 7.91
C ASP C 732 30.20 0.72 8.12
N TYR C 733 29.62 1.10 9.25
CA TYR C 733 28.34 0.56 9.67
C TYR C 733 27.70 1.54 10.63
N ALA C 734 26.36 1.58 10.68
CA ALA C 734 25.74 2.71 11.36
C ALA C 734 25.02 2.31 12.64
N PHE C 735 24.49 1.08 12.68
CA PHE C 735 23.96 0.43 13.89
C PHE C 735 22.94 1.26 14.66
N LEU C 736 21.72 1.32 14.15
CA LEU C 736 20.68 2.24 14.61
C LEU C 736 20.23 1.88 16.02
N MET C 737 21.11 2.11 16.99
CA MET C 737 20.90 1.77 18.39
C MET C 737 20.16 2.88 19.14
N GLU C 738 20.14 2.80 20.46
CA GLU C 738 19.25 3.64 21.24
C GLU C 738 20.03 4.60 22.13
N SER C 739 19.45 5.78 22.35
CA SER C 739 20.17 6.96 22.83
C SER C 739 20.73 6.79 24.23
N THR C 740 19.96 6.10 25.09
CA THR C 740 20.40 5.89 26.46
C THR C 740 21.63 5.01 26.53
N THR C 741 21.82 4.16 25.53
CA THR C 741 23.08 3.44 25.39
C THR C 741 24.10 4.24 24.61
N ILE C 742 23.64 5.07 23.65
CA ILE C 742 24.53 5.98 22.92
C ILE C 742 25.18 6.97 23.88
N GLU C 743 24.41 7.46 24.85
CA GLU C 743 24.96 8.35 25.86
C GLU C 743 25.75 7.57 26.92
N PHE C 744 25.81 6.25 26.78
CA PHE C 744 26.81 5.49 27.53
C PHE C 744 28.05 5.21 26.69
N VAL C 745 27.89 5.13 25.36
CA VAL C 745 29.01 4.78 24.49
C VAL C 745 30.11 5.84 24.57
N THR C 746 29.71 7.11 24.54
CA THR C 746 30.67 8.20 24.63
C THR C 746 31.30 8.29 26.01
N GLN C 747 30.67 7.70 27.02
CA GLN C 747 31.25 7.66 28.35
C GLN C 747 32.45 6.72 28.42
N ARG C 748 32.45 5.68 27.57
CA ARG C 748 33.61 4.80 27.47
C ARG C 748 34.39 4.98 26.20
N ASN C 749 33.73 5.08 25.05
CA ASN C 749 34.42 5.22 23.77
C ASN C 749 33.94 6.51 23.10
N CYS C 750 34.81 7.51 23.08
CA CYS C 750 34.55 8.73 22.32
C CYS C 750 35.16 8.61 20.93
N ASN C 751 35.24 7.39 20.43
CA ASN C 751 35.46 7.13 19.01
C ASN C 751 34.21 7.19 18.26
N LEU C 752 33.09 7.30 18.96
CA LEU C 752 31.78 6.99 18.40
C LEU C 752 30.79 8.11 18.73
N THR C 753 30.32 8.78 17.69
CA THR C 753 29.54 10.00 17.85
C THR C 753 28.03 9.76 17.84
N GLN C 754 27.26 10.86 17.76
CA GLN C 754 25.83 10.80 17.53
C GLN C 754 25.49 11.74 16.36
N ILE C 755 25.67 11.24 15.14
CA ILE C 755 25.13 11.81 13.91
C ILE C 755 23.62 11.83 13.97
N GLY C 756 23.04 13.03 13.95
CA GLY C 756 21.60 13.16 14.07
C GLY C 756 21.14 13.02 15.50
N GLY C 757 19.90 13.37 15.78
CA GLY C 757 19.39 13.14 17.11
C GLY C 757 17.99 12.58 17.18
N LEU C 758 17.86 11.36 17.72
CA LEU C 758 16.60 10.84 18.26
C LEU C 758 15.46 10.77 17.26
N ILE C 759 15.57 9.84 16.30
CA ILE C 759 14.53 9.52 15.31
C ILE C 759 13.15 9.42 15.94
N ASP C 760 13.03 8.63 17.00
CA ASP C 760 11.84 8.62 17.82
C ASP C 760 12.26 8.58 19.29
N SER C 761 11.51 9.31 20.11
CA SER C 761 11.72 9.29 21.54
C SER C 761 10.73 8.32 22.16
N LYS C 762 11.25 7.50 23.08
CA LYS C 762 10.45 6.47 23.72
C LYS C 762 10.74 6.52 25.21
N GLY C 763 10.31 5.50 25.94
CA GLY C 763 10.58 5.41 27.35
C GLY C 763 10.74 3.99 27.84
N TYR C 764 11.76 3.77 28.66
CA TYR C 764 11.94 2.51 29.37
C TYR C 764 10.80 2.32 30.36
N GLY C 765 10.11 1.19 30.28
CA GLY C 765 9.09 0.85 31.25
C GLY C 765 9.27 -0.60 31.66
N VAL C 766 8.74 -0.92 32.85
CA VAL C 766 8.81 -2.29 33.32
C VAL C 766 7.55 -3.04 32.88
N GLY C 767 7.76 -4.16 32.19
CA GLY C 767 6.68 -4.86 31.54
C GLY C 767 5.98 -5.89 32.40
N THR C 768 4.84 -5.53 32.94
CA THR C 768 3.96 -6.46 33.63
C THR C 768 3.11 -7.19 32.59
N PRO C 769 2.63 -8.40 32.89
CA PRO C 769 1.78 -9.10 31.92
C PRO C 769 0.40 -8.48 31.87
N MET C 770 -0.29 -8.77 30.76
CA MET C 770 -1.56 -8.15 30.40
C MET C 770 -2.66 -8.31 31.45
N GLY C 771 -3.09 -7.19 32.01
CA GLY C 771 -4.13 -7.19 33.01
C GLY C 771 -3.68 -7.78 34.33
N SER C 772 -2.40 -7.64 34.65
CA SER C 772 -1.96 -8.00 35.99
C SER C 772 -2.39 -6.86 36.91
N PRO C 773 -2.47 -7.06 38.22
CA PRO C 773 -2.64 -5.91 39.12
C PRO C 773 -1.39 -5.07 39.27
N TYR C 774 -0.28 -5.49 38.68
CA TYR C 774 1.00 -4.82 38.84
C TYR C 774 1.21 -3.70 37.84
N ARG C 775 0.19 -3.33 37.06
CA ARG C 775 0.29 -2.14 36.21
C ARG C 775 0.12 -0.87 37.05
N ASP C 776 -0.22 -1.03 38.33
CA ASP C 776 -0.47 0.13 39.16
C ASP C 776 0.52 0.21 40.31
N LYS C 777 0.71 -0.90 41.03
CA LYS C 777 1.55 -0.90 42.23
C LYS C 777 3.01 -0.59 41.89
N ILE C 778 3.44 -0.93 40.68
CA ILE C 778 4.75 -0.50 40.21
C ILE C 778 4.75 1.01 39.99
N THR C 779 3.69 1.53 39.35
CA THR C 779 3.67 2.93 38.97
C THR C 779 3.53 3.84 40.18
N ILE C 780 2.65 3.48 41.11
CA ILE C 780 2.42 4.30 42.31
C ILE C 780 3.68 4.29 43.19
N ALA C 781 4.44 3.20 43.14
CA ALA C 781 5.76 3.18 43.75
C ALA C 781 6.73 4.06 42.98
N ILE C 782 6.80 3.88 41.65
CA ILE C 782 7.92 4.46 40.91
C ILE C 782 7.69 5.94 40.63
N LEU C 783 6.42 6.38 40.56
CA LEU C 783 6.14 7.81 40.51
C LEU C 783 6.48 8.45 41.84
N GLN C 784 6.28 7.71 42.93
CA GLN C 784 6.80 8.13 44.22
C GLN C 784 8.32 7.99 44.27
N LEU C 785 8.89 7.05 43.50
CA LEU C 785 10.32 6.82 43.61
C LEU C 785 11.10 7.83 42.78
N GLN C 786 10.55 8.26 41.64
CA GLN C 786 11.16 9.37 40.90
C GLN C 786 11.02 10.68 41.65
N GLU C 787 10.01 10.78 42.52
CA GLU C 787 9.79 11.99 43.32
C GLU C 787 10.94 12.23 44.29
N GLU C 788 11.42 11.18 44.95
CA GLU C 788 12.57 11.34 45.83
C GLU C 788 13.89 11.22 45.11
N GLY C 789 13.87 11.17 43.77
CA GLY C 789 15.05 11.37 42.96
C GLY C 789 16.08 10.28 43.06
N LYS C 790 15.65 9.06 43.40
CA LYS C 790 16.59 7.95 43.48
C LYS C 790 17.09 7.53 42.11
N LEU C 791 16.35 7.88 41.05
CA LEU C 791 16.75 7.56 39.68
C LEU C 791 18.09 8.21 39.33
N HIS C 792 18.16 9.54 39.42
CA HIS C 792 19.33 10.29 38.97
C HIS C 792 20.57 9.97 39.79
N MET C 793 20.38 9.47 41.01
CA MET C 793 21.47 8.90 41.79
C MET C 793 22.01 7.67 41.08
N MET C 794 21.17 6.65 40.95
CA MET C 794 21.63 5.38 40.41
C MET C 794 21.78 5.39 38.91
N LYS C 795 21.18 6.36 38.20
CA LYS C 795 21.49 6.56 36.79
C LYS C 795 22.95 6.95 36.63
N GLU C 796 23.44 7.81 37.50
CA GLU C 796 24.84 8.19 37.48
C GLU C 796 25.70 7.19 38.22
N LYS C 797 25.14 6.53 39.24
CA LYS C 797 25.89 5.52 39.98
C LYS C 797 26.10 4.26 39.14
N TRP C 798 25.28 4.07 38.11
CA TRP C 798 25.51 2.96 37.19
C TRP C 798 25.95 3.37 35.80
N TRP C 799 26.12 4.65 35.52
CA TRP C 799 26.87 5.01 34.32
C TRP C 799 28.30 5.41 34.66
N ARG C 800 28.46 6.48 35.48
CA ARG C 800 29.70 7.04 36.03
C ARG C 800 30.90 7.06 35.07
N GLY C 801 30.63 7.28 33.79
CA GLY C 801 31.59 7.14 32.72
C GLY C 801 32.41 8.39 32.43
N ASN C 802 33.47 8.61 33.23
CA ASN C 802 34.27 9.84 33.37
C ASN C 802 34.46 10.70 32.11
N GLY C 803 34.76 10.07 30.98
CA GLY C 803 34.67 10.77 29.72
C GLY C 803 36.03 11.09 29.14
N CYS C 804 36.04 11.24 27.82
CA CYS C 804 37.17 11.69 27.02
C CYS C 804 36.69 12.74 26.04
N PRO C 805 37.17 13.98 26.17
CA PRO C 805 36.59 15.11 25.42
C PRO C 805 37.01 15.09 23.95
N GLU C 806 36.16 15.67 23.10
CA GLU C 806 36.35 15.68 21.66
C GLU C 806 36.51 17.08 21.08
N GLU C 807 35.82 18.09 21.62
CA GLU C 807 35.90 19.45 21.10
C GLU C 807 37.18 20.17 21.50
N GLU C 808 38.02 19.55 22.33
CA GLU C 808 39.19 20.21 22.91
C GLU C 808 40.24 20.60 21.89
N SER C 809 40.87 19.63 21.24
CA SER C 809 42.01 19.89 20.36
C SER C 809 41.90 19.01 19.11
N LYS C 810 40.68 18.83 18.62
CA LYS C 810 40.47 18.03 17.42
C LYS C 810 39.76 18.82 16.32
N GLU C 811 39.46 20.10 16.58
CA GLU C 811 38.88 20.99 15.59
C GLU C 811 39.82 21.18 14.40
N ALA C 812 40.98 21.80 14.66
CA ALA C 812 42.10 21.92 13.73
C ALA C 812 41.76 22.58 12.41
N SER C 813 40.80 23.50 12.42
CA SER C 813 40.58 24.37 11.27
C SER C 813 41.81 25.23 11.09
N ALA C 814 42.27 25.82 12.19
CA ALA C 814 43.56 26.47 12.28
C ALA C 814 44.64 25.40 12.20
N LEU C 815 45.79 25.74 11.62
CA LEU C 815 46.94 24.84 11.67
C LEU C 815 47.40 24.69 13.11
N GLY C 816 47.57 23.44 13.54
CA GLY C 816 47.67 23.12 14.94
C GLY C 816 48.94 22.36 15.28
N VAL C 817 48.98 21.90 16.52
CA VAL C 817 50.19 21.29 17.07
C VAL C 817 50.37 19.89 16.50
N GLN C 818 49.27 19.16 16.38
CA GLN C 818 49.27 17.88 15.68
C GLN C 818 49.55 18.02 14.19
N ASN C 819 49.24 19.19 13.64
CA ASN C 819 49.12 19.35 12.18
C ASN C 819 50.51 19.46 11.56
N ILE C 820 51.40 20.22 12.18
CA ILE C 820 52.74 20.44 11.65
C ILE C 820 53.82 20.10 12.67
N GLY C 821 53.50 20.14 13.96
CA GLY C 821 54.42 20.27 15.09
C GLY C 821 55.69 19.47 15.18
N GLY C 822 55.83 18.42 14.36
CA GLY C 822 57.09 17.70 14.28
C GLY C 822 58.25 18.50 13.72
N ILE C 823 57.97 19.63 13.06
CA ILE C 823 59.03 20.48 12.55
C ILE C 823 59.73 21.20 13.70
N PHE C 824 59.05 21.36 14.84
CA PHE C 824 59.68 21.97 16.00
C PHE C 824 60.77 21.07 16.57
N ILE C 825 60.61 19.76 16.40
CA ILE C 825 61.64 18.80 16.76
C ILE C 825 62.76 18.94 15.74
N VAL C 826 62.39 19.09 14.46
CA VAL C 826 63.36 19.26 13.40
C VAL C 826 64.05 20.61 13.54
N LEU C 827 63.31 21.60 14.06
CA LEU C 827 63.89 22.86 14.50
C LEU C 827 64.93 22.61 15.60
N ALA C 828 64.50 21.94 16.68
CA ALA C 828 65.34 21.80 17.86
C ALA C 828 66.54 20.91 17.57
N ALA C 829 66.40 19.95 16.66
CA ALA C 829 67.49 19.05 16.30
C ALA C 829 68.60 19.79 15.58
N GLY C 830 68.24 20.86 14.86
CA GLY C 830 69.24 21.74 14.29
C GLY C 830 69.98 22.49 15.37
N LEU C 831 69.28 22.82 16.45
CA LEU C 831 69.91 23.43 17.61
C LEU C 831 70.67 22.40 18.41
N VAL C 832 70.27 21.13 18.31
CA VAL C 832 71.04 20.04 18.93
C VAL C 832 72.33 19.80 18.15
N LEU C 833 72.21 19.59 16.84
CA LEU C 833 73.32 19.09 16.04
C LEU C 833 74.38 20.17 15.80
N SER C 834 74.00 21.44 15.96
CA SER C 834 74.95 22.53 15.78
C SER C 834 75.94 22.59 16.94
N VAL C 835 75.58 22.03 18.08
CA VAL C 835 76.43 21.98 19.27
C VAL C 835 77.63 21.09 18.97
N PHE C 836 77.40 19.98 18.29
CA PHE C 836 78.42 18.99 17.95
C PHE C 836 79.50 19.56 17.06
N VAL C 837 79.11 20.45 16.13
CA VAL C 837 80.07 20.99 15.18
C VAL C 837 80.69 22.29 15.69
N ALA C 838 79.99 23.04 16.54
CA ALA C 838 80.55 24.26 17.12
C ALA C 838 81.69 23.95 18.08
N VAL C 839 81.59 22.84 18.81
CA VAL C 839 82.68 22.40 19.68
C VAL C 839 83.72 21.70 18.80
N GLY C 840 83.28 21.24 17.62
CA GLY C 840 84.20 20.68 16.65
C GLY C 840 85.07 21.74 16.03
N GLU C 841 84.51 22.94 15.87
CA GLU C 841 85.27 24.07 15.34
C GLU C 841 86.30 24.57 16.33
N PHE C 842 85.95 24.59 17.62
CA PHE C 842 86.83 25.14 18.66
C PHE C 842 88.09 24.30 18.84
N LEU C 843 87.92 22.99 19.02
CA LEU C 843 89.05 22.13 19.33
C LEU C 843 89.95 21.90 18.13
N TYR C 844 89.42 22.03 16.91
CA TYR C 844 90.24 21.79 15.72
C TYR C 844 91.16 22.96 15.43
N LYS C 845 90.68 24.20 15.65
CA LYS C 845 91.57 25.34 15.52
C LYS C 845 92.49 25.43 16.74
N SER C 846 92.02 24.93 17.89
CA SER C 846 92.88 24.79 19.06
C SER C 846 94.03 23.83 18.81
N LYS C 847 93.79 22.80 18.00
CA LYS C 847 94.84 21.89 17.55
C LYS C 847 95.88 22.64 16.73
N LYS C 848 95.44 23.58 15.90
CA LYS C 848 96.36 24.42 15.14
C LYS C 848 97.08 25.39 16.05
N ASN C 849 96.39 25.87 17.09
CA ASN C 849 97.08 26.59 18.17
C ASN C 849 98.01 25.69 18.96
N ALA C 850 97.69 24.41 19.10
CA ALA C 850 98.55 23.47 19.81
C ALA C 850 99.60 22.87 18.90
N GLN C 851 99.51 23.13 17.59
CA GLN C 851 100.54 22.67 16.67
C GLN C 851 101.71 23.65 16.66
N LEU C 852 101.40 24.94 16.72
CA LEU C 852 102.41 25.98 16.53
C LEU C 852 103.20 26.25 17.81
N GLU C 853 102.53 26.68 18.89
CA GLU C 853 103.25 27.06 20.09
C GLU C 853 102.90 26.14 21.26
N LYS C 854 101.61 25.92 21.49
CA LYS C 854 101.13 25.33 22.74
C LYS C 854 101.18 23.81 22.64
N ARG C 855 100.65 23.10 23.65
CA ARG C 855 100.77 21.64 23.65
C ARG C 855 99.48 20.92 23.29
N SER C 856 98.47 20.94 24.17
CA SER C 856 97.13 20.51 23.80
C SER C 856 96.06 21.29 24.53
N PHE C 857 96.40 21.79 25.73
CA PHE C 857 95.40 22.23 26.69
C PHE C 857 95.62 23.68 27.07
N CYS C 858 96.87 24.13 27.10
CA CYS C 858 97.16 25.54 27.25
C CYS C 858 96.89 26.31 25.97
N SER C 859 96.71 25.60 24.86
CA SER C 859 96.10 26.16 23.66
C SER C 859 94.65 26.49 23.93
N ALA C 860 93.87 25.49 24.35
CA ALA C 860 92.41 25.58 24.37
C ALA C 860 91.88 26.57 25.41
N MET C 861 92.73 27.04 26.32
CA MET C 861 92.28 28.00 27.32
C MET C 861 92.40 29.43 26.79
N VAL C 862 93.51 29.74 26.09
CA VAL C 862 93.93 31.14 25.96
C VAL C 862 93.13 31.89 24.91
N GLU C 863 92.52 31.20 23.93
CA GLU C 863 91.58 31.94 23.09
C GLU C 863 90.19 31.94 23.71
N GLU C 864 89.88 30.94 24.53
CA GLU C 864 88.62 30.89 25.25
C GLU C 864 88.56 31.96 26.33
N LEU C 865 89.71 32.34 26.90
CA LEU C 865 89.76 33.44 27.85
C LEU C 865 89.43 34.76 27.17
N ARG C 866 89.95 34.97 25.95
CA ARG C 866 89.66 36.22 25.27
C ARG C 866 88.34 36.18 24.51
N MET C 867 87.68 35.02 24.49
CA MET C 867 86.26 34.99 24.16
C MET C 867 85.44 35.60 25.28
N SER C 868 85.91 35.51 26.52
CA SER C 868 85.21 36.12 27.64
C SER C 868 85.48 37.62 27.68
N LEU C 869 86.62 38.04 27.13
CA LEU C 869 86.87 39.46 26.87
C LEU C 869 85.86 40.06 25.91
N LYS C 870 85.42 39.28 24.92
CA LYS C 870 84.23 39.44 24.08
C LYS C 870 84.04 40.79 23.40
N CYS C 871 85.09 41.63 23.37
CA CYS C 871 85.24 42.83 22.52
C CYS C 871 84.02 43.75 22.51
N GLN C 872 83.79 44.46 23.63
CA GLN C 872 82.51 44.91 24.17
C GLN C 872 81.42 45.29 23.16
N ARG C 873 80.22 44.74 23.37
CA ARG C 873 79.09 44.83 22.44
C ARG C 873 78.69 46.27 22.15
N ARG C 874 78.24 47.01 23.16
CA ARG C 874 77.95 48.43 23.01
C ARG C 874 78.07 49.11 24.37
N THR D 33 -40.31 -76.34 21.15
CA THR D 33 -41.61 -75.96 21.69
C THR D 33 -41.49 -75.22 23.03
N HIS D 34 -40.32 -74.64 23.28
CA HIS D 34 -40.12 -73.86 24.49
C HIS D 34 -40.88 -72.54 24.41
N VAL D 35 -41.18 -71.96 25.57
CA VAL D 35 -41.85 -70.67 25.65
C VAL D 35 -40.94 -69.74 26.45
N LEU D 36 -40.78 -68.50 25.99
CA LEU D 36 -39.92 -67.55 26.68
C LEU D 36 -40.68 -66.29 27.07
N ARG D 37 -41.65 -65.86 26.26
CA ARG D 37 -42.63 -64.83 26.55
C ARG D 37 -41.98 -63.49 26.90
N PHE D 38 -41.36 -62.85 25.92
CA PHE D 38 -40.64 -61.60 26.18
C PHE D 38 -41.61 -60.47 26.52
N GLY D 39 -41.44 -59.89 27.69
CA GLY D 39 -42.28 -58.80 28.13
C GLY D 39 -42.04 -57.51 27.36
N GLY D 40 -43.00 -56.61 27.47
CA GLY D 40 -42.95 -55.33 26.79
C GLY D 40 -43.73 -54.26 27.51
N ILE D 41 -43.09 -53.12 27.76
CA ILE D 41 -43.62 -52.05 28.59
C ILE D 41 -43.86 -50.80 27.73
N PHE D 42 -44.39 -50.98 26.54
CA PHE D 42 -44.50 -49.93 25.53
C PHE D 42 -45.46 -48.81 25.88
N GLU D 43 -45.64 -47.87 24.96
CA GLU D 43 -46.43 -46.68 25.21
C GLU D 43 -47.88 -46.91 24.78
N TYR D 44 -48.79 -46.22 25.45
CA TYR D 44 -50.22 -46.32 25.20
C TYR D 44 -50.71 -45.09 24.44
N VAL D 45 -50.93 -45.27 23.14
CA VAL D 45 -51.16 -44.13 22.25
C VAL D 45 -52.66 -43.95 21.99
N GLU D 46 -53.41 -45.07 21.95
CA GLU D 46 -54.88 -45.18 22.00
C GLU D 46 -55.57 -44.70 20.72
N SER D 47 -54.85 -44.04 19.82
CA SER D 47 -55.46 -43.50 18.61
C SER D 47 -54.79 -44.10 17.38
N GLY D 48 -53.48 -44.27 17.45
CA GLY D 48 -52.77 -45.13 16.53
C GLY D 48 -53.13 -46.58 16.80
N PRO D 49 -52.74 -47.49 15.88
CA PRO D 49 -52.96 -48.92 16.11
C PRO D 49 -52.20 -49.39 17.33
N MET D 50 -50.94 -48.99 17.39
CA MET D 50 -50.09 -49.11 18.57
C MET D 50 -48.90 -48.20 18.34
N GLY D 51 -47.92 -48.25 19.22
CA GLY D 51 -46.71 -47.50 18.99
C GLY D 51 -45.92 -48.08 17.85
N ALA D 52 -45.14 -47.24 17.17
CA ALA D 52 -44.28 -47.73 16.09
C ALA D 52 -43.17 -48.58 16.68
N GLU D 53 -42.78 -48.28 17.92
CA GLU D 53 -41.87 -49.11 18.69
C GLU D 53 -42.48 -50.49 18.91
N GLU D 54 -43.75 -50.53 19.28
CA GLU D 54 -44.38 -51.80 19.58
C GLU D 54 -44.69 -52.59 18.32
N LEU D 55 -45.10 -51.92 17.25
CA LEU D 55 -45.50 -52.62 16.04
C LEU D 55 -44.29 -53.23 15.35
N ALA D 56 -43.12 -52.64 15.56
CA ALA D 56 -41.88 -53.31 15.19
C ALA D 56 -41.70 -54.57 16.02
N PHE D 57 -42.02 -54.50 17.30
CA PHE D 57 -41.71 -55.58 18.22
C PHE D 57 -42.59 -56.80 17.95
N ARG D 58 -43.86 -56.59 17.62
CA ARG D 58 -44.69 -57.71 17.22
C ARG D 58 -44.24 -58.24 15.87
N PHE D 59 -43.79 -57.35 14.98
CA PHE D 59 -43.20 -57.78 13.72
C PHE D 59 -41.88 -58.48 13.94
N ALA D 60 -41.18 -58.13 15.03
CA ALA D 60 -39.89 -58.74 15.28
C ALA D 60 -40.03 -60.17 15.73
N VAL D 61 -41.01 -60.45 16.58
CA VAL D 61 -41.20 -61.81 17.07
C VAL D 61 -41.68 -62.71 15.94
N ASN D 62 -42.68 -62.24 15.18
CA ASN D 62 -43.34 -63.08 14.20
C ASN D 62 -42.43 -63.42 13.03
N THR D 63 -41.49 -62.54 12.71
CA THR D 63 -40.51 -62.85 11.68
C THR D 63 -39.56 -63.93 12.16
N ILE D 64 -39.14 -63.85 13.42
CA ILE D 64 -38.26 -64.88 13.97
C ILE D 64 -39.07 -66.15 14.26
N ASN D 65 -40.37 -66.01 14.48
CA ASN D 65 -41.21 -67.13 14.88
C ASN D 65 -41.42 -68.08 13.72
N ARG D 66 -41.71 -67.55 12.53
CA ARG D 66 -42.02 -68.40 11.39
C ARG D 66 -40.77 -68.96 10.73
N ASN D 67 -39.63 -68.29 10.91
CA ASN D 67 -38.43 -68.75 10.24
C ASN D 67 -37.68 -69.78 11.08
N ARG D 68 -36.91 -70.62 10.39
CA ARG D 68 -35.92 -71.55 10.92
C ARG D 68 -34.62 -70.82 11.24
N THR D 69 -33.48 -71.52 11.20
CA THR D 69 -32.46 -71.67 12.24
C THR D 69 -32.52 -70.72 13.43
N LEU D 70 -32.70 -69.42 13.21
CA LEU D 70 -33.17 -68.55 14.28
C LEU D 70 -34.48 -69.06 14.83
N LEU D 71 -34.60 -69.09 16.17
CA LEU D 71 -35.69 -69.71 16.93
C LEU D 71 -35.79 -71.20 16.60
N PRO D 72 -34.74 -72.03 16.92
CA PRO D 72 -34.78 -73.44 16.49
C PRO D 72 -35.75 -74.34 17.26
N ASN D 73 -35.64 -74.37 18.60
CA ASN D 73 -36.38 -75.32 19.43
C ASN D 73 -37.48 -74.60 20.21
N THR D 74 -37.45 -73.28 20.13
CA THR D 74 -38.20 -72.45 21.06
C THR D 74 -39.35 -71.80 20.30
N THR D 75 -40.24 -71.16 21.06
CA THR D 75 -41.31 -70.35 20.49
C THR D 75 -41.41 -69.04 21.28
N LEU D 76 -41.36 -67.91 20.59
CA LEU D 76 -41.40 -66.63 21.28
C LEU D 76 -42.81 -66.07 21.26
N THR D 77 -43.29 -65.68 22.43
CA THR D 77 -44.53 -64.92 22.58
C THR D 77 -44.22 -63.65 23.34
N TYR D 78 -45.25 -62.89 23.68
CA TYR D 78 -44.99 -61.57 24.24
C TYR D 78 -46.19 -61.07 25.05
N ASP D 79 -45.88 -60.20 26.01
CA ASP D 79 -46.87 -59.46 26.78
C ASP D 79 -46.58 -57.97 26.65
N THR D 80 -47.62 -57.16 26.55
CA THR D 80 -47.46 -55.83 25.98
C THR D 80 -48.20 -54.72 26.73
N GLN D 81 -48.08 -54.69 28.06
CA GLN D 81 -48.73 -53.67 28.87
C GLN D 81 -48.27 -52.27 28.50
N LYS D 82 -49.24 -51.40 28.27
CA LYS D 82 -49.01 -50.09 27.69
C LYS D 82 -49.30 -49.01 28.70
N ILE D 83 -48.34 -48.12 28.90
CA ILE D 83 -48.37 -47.14 29.98
C ILE D 83 -48.29 -45.74 29.40
N ASN D 84 -48.22 -44.74 30.27
CA ASN D 84 -48.18 -43.34 29.87
C ASN D 84 -46.78 -42.84 29.59
N LEU D 85 -45.73 -43.56 30.02
CA LEU D 85 -44.33 -43.17 30.04
C LEU D 85 -44.05 -41.93 30.88
N TYR D 86 -44.97 -41.54 31.77
CA TYR D 86 -44.74 -40.41 32.66
C TYR D 86 -45.27 -40.74 34.05
N ASP D 87 -45.67 -41.99 34.25
CA ASP D 87 -46.03 -42.51 35.55
C ASP D 87 -45.11 -43.72 35.74
N SER D 88 -43.92 -43.44 36.25
CA SER D 88 -42.93 -44.47 36.51
C SER D 88 -43.37 -45.49 37.55
N PHE D 89 -44.28 -45.11 38.44
CA PHE D 89 -44.94 -46.08 39.30
C PHE D 89 -45.80 -47.04 38.50
N GLU D 90 -46.55 -46.52 37.53
CA GLU D 90 -47.37 -47.38 36.70
C GLU D 90 -46.50 -48.26 35.80
N ALA D 91 -45.29 -47.81 35.50
CA ALA D 91 -44.32 -48.66 34.84
C ALA D 91 -43.89 -49.79 35.76
N SER D 92 -43.49 -49.43 36.99
CA SER D 92 -43.01 -50.42 37.94
C SER D 92 -44.10 -51.40 38.36
N LYS D 93 -45.35 -50.95 38.38
CA LYS D 93 -46.48 -51.87 38.52
C LYS D 93 -46.52 -52.84 37.36
N LYS D 94 -46.57 -52.31 36.14
CA LYS D 94 -46.77 -53.16 34.97
C LYS D 94 -45.50 -53.90 34.62
N ALA D 95 -44.37 -53.50 35.19
CA ALA D 95 -43.20 -54.36 35.16
C ALA D 95 -43.42 -55.61 35.99
N CYS D 96 -43.72 -55.43 37.29
CA CYS D 96 -43.91 -56.55 38.20
C CYS D 96 -45.08 -57.44 37.81
N ASP D 97 -46.08 -56.89 37.12
CA ASP D 97 -47.13 -57.71 36.54
C ASP D 97 -46.56 -58.69 35.52
N GLN D 98 -45.60 -58.23 34.72
CA GLN D 98 -44.94 -59.14 33.79
C GLN D 98 -43.78 -59.85 34.46
N LEU D 99 -43.33 -59.37 35.62
CA LEU D 99 -42.49 -60.25 36.43
C LEU D 99 -43.28 -61.39 37.02
N SER D 100 -44.53 -61.13 37.42
CA SER D 100 -45.37 -62.12 38.10
C SER D 100 -45.71 -63.29 37.18
N LEU D 101 -46.15 -63.00 35.96
CA LEU D 101 -46.42 -64.06 35.00
C LEU D 101 -45.10 -64.67 34.56
N GLY D 102 -44.06 -63.86 34.54
CA GLY D 102 -42.73 -64.38 34.31
C GLY D 102 -42.27 -64.15 32.89
N VAL D 103 -41.36 -63.20 32.72
CA VAL D 103 -40.74 -62.92 31.43
C VAL D 103 -39.25 -63.07 31.61
N ALA D 104 -38.47 -62.86 30.55
CA ALA D 104 -37.02 -62.88 30.76
C ALA D 104 -36.26 -61.84 29.94
N ALA D 105 -36.94 -60.86 29.36
CA ALA D 105 -36.19 -59.92 28.52
C ALA D 105 -36.71 -58.49 28.41
N ILE D 106 -37.24 -57.89 29.48
CA ILE D 106 -38.17 -56.75 29.44
C ILE D 106 -37.73 -55.60 28.56
N PHE D 107 -38.48 -55.34 27.47
CA PHE D 107 -37.93 -54.49 26.42
C PHE D 107 -38.32 -53.03 26.51
N GLY D 108 -38.22 -52.41 27.67
CA GLY D 108 -37.77 -51.04 27.72
C GLY D 108 -38.85 -50.01 27.51
N PRO D 109 -39.25 -49.32 28.56
CA PRO D 109 -40.00 -48.09 28.36
C PRO D 109 -39.09 -47.05 27.75
N SER D 110 -39.65 -46.28 26.82
CA SER D 110 -38.81 -45.40 26.00
C SER D 110 -39.06 -43.96 26.43
N HIS D 111 -38.42 -43.57 27.53
CA HIS D 111 -38.36 -42.22 28.06
C HIS D 111 -37.43 -42.29 29.26
N SER D 112 -36.80 -41.17 29.63
CA SER D 112 -35.87 -41.16 30.74
C SER D 112 -36.54 -41.35 32.09
N SER D 113 -37.84 -41.09 32.15
CA SER D 113 -38.56 -41.24 33.40
C SER D 113 -38.75 -42.72 33.74
N SER D 114 -39.46 -43.43 32.87
CA SER D 114 -39.89 -44.78 33.22
C SER D 114 -38.78 -45.79 33.04
N ALA D 115 -37.72 -45.43 32.32
CA ALA D 115 -36.64 -46.38 32.12
C ALA D 115 -35.82 -46.52 33.39
N ASN D 116 -35.57 -45.41 34.09
CA ASN D 116 -34.84 -45.51 35.35
C ASN D 116 -35.72 -46.07 36.45
N ALA D 117 -37.02 -46.12 36.22
CA ALA D 117 -37.88 -46.91 37.10
C ALA D 117 -37.60 -48.38 36.92
N VAL D 118 -37.84 -48.89 35.72
CA VAL D 118 -37.92 -50.33 35.46
C VAL D 118 -36.55 -50.98 35.62
N GLN D 119 -35.49 -50.24 35.33
CA GLN D 119 -34.13 -50.76 35.40
C GLN D 119 -33.76 -51.20 36.80
N SER D 120 -34.26 -50.47 37.80
CA SER D 120 -33.92 -50.81 39.17
C SER D 120 -34.69 -52.03 39.64
N ILE D 121 -35.84 -52.31 39.03
CA ILE D 121 -36.46 -53.62 39.23
C ILE D 121 -35.65 -54.67 38.49
N CYS D 122 -35.26 -54.37 37.26
CA CYS D 122 -34.56 -55.32 36.42
C CYS D 122 -33.15 -55.59 36.94
N ASN D 123 -32.58 -54.65 37.68
CA ASN D 123 -31.33 -54.94 38.35
C ASN D 123 -31.58 -55.92 39.48
N ALA D 124 -32.48 -55.56 40.39
CA ALA D 124 -32.61 -56.28 41.65
C ALA D 124 -33.26 -57.64 41.48
N LEU D 125 -33.91 -57.88 40.35
CA LEU D 125 -34.60 -59.16 40.20
C LEU D 125 -33.82 -60.11 39.31
N GLY D 126 -33.03 -59.60 38.39
CA GLY D 126 -32.20 -60.43 37.54
C GLY D 126 -32.50 -60.32 36.06
N VAL D 127 -33.74 -60.04 35.70
CA VAL D 127 -34.21 -60.02 34.31
C VAL D 127 -33.61 -58.83 33.58
N PRO D 128 -33.11 -59.01 32.37
CA PRO D 128 -32.48 -57.91 31.63
C PRO D 128 -33.48 -56.85 31.17
N HIS D 129 -33.06 -55.60 31.27
CA HIS D 129 -33.78 -54.44 30.76
C HIS D 129 -33.10 -54.00 29.47
N ILE D 130 -33.61 -54.48 28.33
CA ILE D 130 -33.05 -54.06 27.06
C ILE D 130 -33.67 -52.74 26.67
N GLN D 131 -32.85 -51.72 26.51
CA GLN D 131 -33.32 -50.39 26.19
C GLN D 131 -33.12 -50.12 24.70
N THR D 132 -34.07 -49.42 24.10
CA THR D 132 -33.94 -49.08 22.69
C THR D 132 -34.03 -47.57 22.52
N ARG D 133 -33.59 -46.84 23.54
CA ARG D 133 -33.47 -45.39 23.46
C ARG D 133 -32.49 -44.90 24.51
N TRP D 134 -31.55 -44.04 24.11
CA TRP D 134 -30.62 -43.35 25.00
C TRP D 134 -31.34 -42.65 26.14
N LYS D 135 -30.73 -42.65 27.32
CA LYS D 135 -31.17 -41.79 28.40
C LYS D 135 -29.96 -41.30 29.19
N HIS D 136 -30.17 -40.32 30.07
CA HIS D 136 -29.16 -39.93 31.03
C HIS D 136 -28.76 -41.10 31.93
N GLN D 137 -27.51 -41.53 31.80
CA GLN D 137 -26.92 -42.45 32.76
C GLN D 137 -26.29 -41.61 33.86
N VAL D 138 -26.82 -41.73 35.07
CA VAL D 138 -26.13 -41.16 36.22
C VAL D 138 -24.90 -42.03 36.44
N SER D 139 -23.72 -41.41 36.49
CA SER D 139 -22.51 -42.21 36.50
C SER D 139 -22.13 -42.71 37.89
N ASP D 140 -23.11 -43.26 38.61
CA ASP D 140 -22.91 -43.95 39.86
C ASP D 140 -23.79 -45.20 39.87
N ASN D 141 -24.67 -45.29 38.89
CA ASN D 141 -25.67 -46.34 38.83
C ASN D 141 -24.99 -47.65 38.49
N LYS D 142 -24.83 -48.53 39.48
CA LYS D 142 -24.01 -49.71 39.30
C LYS D 142 -24.84 -50.92 38.87
N ASP D 143 -25.88 -50.67 38.08
CA ASP D 143 -26.64 -51.76 37.51
C ASP D 143 -25.77 -52.54 36.52
N SER D 144 -26.06 -53.83 36.40
CA SER D 144 -25.35 -54.64 35.43
C SER D 144 -26.27 -55.31 34.43
N PHE D 145 -27.58 -55.24 34.60
CA PHE D 145 -28.51 -56.05 33.81
C PHE D 145 -29.28 -55.20 32.81
N TYR D 146 -28.62 -54.22 32.22
CA TYR D 146 -29.25 -53.37 31.24
C TYR D 146 -28.35 -53.32 30.01
N VAL D 147 -28.96 -53.28 28.83
CA VAL D 147 -28.24 -52.98 27.61
C VAL D 147 -29.05 -51.97 26.82
N SER D 148 -28.37 -51.11 26.07
CA SER D 148 -29.05 -50.06 25.32
C SER D 148 -28.60 -50.11 23.88
N LEU D 149 -29.57 -50.07 22.97
CA LEU D 149 -29.31 -50.32 21.57
C LEU D 149 -29.20 -49.03 20.78
N TYR D 150 -29.58 -47.93 21.39
CA TYR D 150 -29.54 -46.66 20.67
C TYR D 150 -28.08 -46.26 20.71
N PRO D 151 -27.53 -45.78 19.62
CA PRO D 151 -26.10 -45.49 19.58
C PRO D 151 -25.78 -44.36 20.52
N ASP D 152 -24.67 -44.46 21.24
CA ASP D 152 -24.37 -43.51 22.30
C ASP D 152 -24.15 -42.13 21.73
N PHE D 153 -24.66 -41.13 22.45
CA PHE D 153 -24.32 -39.75 22.11
C PHE D 153 -22.96 -39.33 22.64
N SER D 154 -22.09 -40.26 23.02
CA SER D 154 -20.68 -39.94 23.00
C SER D 154 -20.14 -40.08 21.59
N SER D 155 -20.17 -41.30 21.04
CA SER D 155 -19.48 -41.57 19.78
C SER D 155 -20.21 -40.99 18.60
N LEU D 156 -21.54 -40.90 18.67
CA LEU D 156 -22.26 -40.13 17.66
C LEU D 156 -21.85 -38.68 17.72
N SER D 157 -21.60 -38.16 18.92
CA SER D 157 -21.19 -36.77 19.02
C SER D 157 -19.73 -36.58 18.66
N ARG D 158 -18.88 -37.60 18.82
CA ARG D 158 -17.55 -37.49 18.24
C ARG D 158 -17.61 -37.51 16.72
N ALA D 159 -18.58 -38.22 16.16
CA ALA D 159 -18.70 -38.28 14.71
C ALA D 159 -19.07 -36.94 14.11
N ILE D 160 -20.02 -36.24 14.74
CA ILE D 160 -20.28 -34.83 14.43
C ILE D 160 -19.01 -34.01 14.58
N LEU D 161 -18.25 -34.25 15.65
CA LEU D 161 -17.03 -33.49 15.89
C LEU D 161 -15.97 -33.76 14.84
N ASP D 162 -15.96 -34.98 14.30
CA ASP D 162 -15.05 -35.23 13.19
C ASP D 162 -15.53 -34.52 11.93
N LEU D 163 -16.84 -34.36 11.79
CA LEU D 163 -17.38 -33.89 10.52
C LEU D 163 -17.29 -32.38 10.43
N VAL D 164 -17.31 -31.69 11.55
CA VAL D 164 -17.14 -30.24 11.53
C VAL D 164 -15.69 -29.89 11.23
N GLN D 165 -14.75 -30.70 11.71
CA GLN D 165 -13.34 -30.47 11.40
C GLN D 165 -13.04 -30.83 9.95
N PHE D 166 -13.89 -31.64 9.34
CA PHE D 166 -13.71 -31.94 7.93
C PHE D 166 -14.14 -30.72 7.13
N PHE D 167 -15.28 -30.13 7.49
CA PHE D 167 -15.80 -29.04 6.70
C PHE D 167 -15.13 -27.72 7.03
N LYS D 168 -14.17 -27.75 7.96
CA LYS D 168 -13.24 -26.65 8.24
C LYS D 168 -13.99 -25.39 8.69
N TRP D 169 -14.63 -25.53 9.84
CA TRP D 169 -15.50 -24.47 10.33
C TRP D 169 -14.91 -23.71 11.50
N LYS D 170 -15.59 -22.63 11.84
CA LYS D 170 -15.16 -21.74 12.91
C LYS D 170 -16.32 -21.50 13.87
N THR D 171 -17.53 -21.41 13.32
CA THR D 171 -18.64 -20.78 14.03
C THR D 171 -19.92 -21.61 14.03
N VAL D 172 -19.85 -22.86 14.46
CA VAL D 172 -21.04 -23.69 14.62
C VAL D 172 -22.02 -23.08 15.62
N THR D 173 -23.26 -23.53 15.58
CA THR D 173 -24.29 -23.01 16.47
C THR D 173 -25.22 -24.15 16.86
N VAL D 174 -25.00 -24.77 18.01
CA VAL D 174 -25.82 -25.90 18.39
C VAL D 174 -27.20 -25.42 18.80
N VAL D 175 -28.21 -25.91 18.12
CA VAL D 175 -29.57 -25.65 18.52
C VAL D 175 -30.11 -26.94 19.08
N TYR D 176 -30.25 -27.04 20.40
CA TYR D 176 -30.88 -28.23 20.97
C TYR D 176 -32.36 -27.93 21.16
N ASP D 177 -33.08 -28.86 21.78
CA ASP D 177 -34.52 -28.68 21.91
C ASP D 177 -35.02 -28.73 23.35
N ASP D 178 -34.51 -29.64 24.16
CA ASP D 178 -34.91 -29.73 25.55
C ASP D 178 -33.69 -29.92 26.43
N SER D 179 -33.87 -29.74 27.73
CA SER D 179 -32.77 -29.71 28.67
C SER D 179 -32.03 -31.03 28.79
N THR D 180 -32.69 -32.16 28.49
CA THR D 180 -31.99 -33.43 28.36
C THR D 180 -30.98 -33.35 27.22
N GLY D 181 -31.31 -32.58 26.19
CA GLY D 181 -30.55 -32.64 24.95
C GLY D 181 -29.15 -32.08 25.04
N LEU D 182 -28.84 -31.39 26.12
CA LEU D 182 -27.53 -30.75 26.19
C LEU D 182 -26.48 -31.77 26.59
N ILE D 183 -26.86 -32.74 27.43
CA ILE D 183 -25.98 -33.85 27.80
C ILE D 183 -25.56 -34.64 26.57
N ARG D 184 -26.44 -34.76 25.58
CA ARG D 184 -26.16 -35.59 24.42
C ARG D 184 -25.03 -35.04 23.57
N LEU D 185 -24.69 -33.77 23.78
CA LEU D 185 -23.65 -33.14 22.98
C LEU D 185 -22.47 -32.71 23.83
N GLN D 186 -22.24 -33.37 24.96
CA GLN D 186 -21.22 -32.86 25.87
C GLN D 186 -19.82 -33.14 25.34
N GLU D 187 -19.66 -34.15 24.48
CA GLU D 187 -18.38 -34.31 23.78
C GLU D 187 -18.21 -33.24 22.71
N LEU D 188 -19.31 -32.65 22.26
CA LEU D 188 -19.21 -31.57 21.30
C LEU D 188 -18.99 -30.24 21.98
N ILE D 189 -19.59 -30.03 23.15
CA ILE D 189 -19.47 -28.72 23.81
C ILE D 189 -18.10 -28.57 24.44
N LYS D 190 -17.45 -29.68 24.76
CA LYS D 190 -16.10 -29.58 25.32
C LYS D 190 -15.04 -29.36 24.25
N ALA D 191 -15.46 -29.21 22.98
CA ALA D 191 -14.49 -29.05 21.90
C ALA D 191 -13.71 -27.73 21.94
N PRO D 192 -14.34 -26.50 22.15
CA PRO D 192 -13.54 -25.25 22.11
C PRO D 192 -12.36 -25.11 23.05
N SER D 193 -12.18 -26.04 24.00
CA SER D 193 -10.92 -26.17 24.69
C SER D 193 -9.81 -26.44 23.69
N ARG D 194 -9.92 -27.56 23.00
CA ARG D 194 -9.03 -27.97 21.94
C ARG D 194 -9.52 -27.48 20.57
N TYR D 195 -8.94 -28.00 19.47
CA TYR D 195 -9.48 -28.06 18.09
C TYR D 195 -10.36 -26.90 17.62
N ASN D 196 -9.81 -25.68 17.55
CA ASN D 196 -10.55 -24.41 17.68
C ASN D 196 -11.86 -24.23 16.91
N LEU D 197 -12.75 -23.47 17.56
CA LEU D 197 -14.18 -23.31 17.39
C LEU D 197 -14.45 -21.90 17.88
N ARG D 198 -15.41 -21.67 18.80
CA ARG D 198 -16.51 -20.72 18.87
C ARG D 198 -17.81 -21.38 18.43
N LEU D 199 -18.23 -22.32 19.29
CA LEU D 199 -19.62 -22.69 19.51
C LEU D 199 -20.50 -21.51 19.89
N LYS D 200 -21.80 -21.72 19.83
CA LYS D 200 -22.76 -20.76 20.34
C LYS D 200 -24.04 -21.51 20.60
N ILE D 201 -24.47 -21.62 21.84
CA ILE D 201 -25.52 -22.58 22.13
C ILE D 201 -26.85 -21.85 22.27
N ARG D 202 -27.79 -22.16 21.40
CA ARG D 202 -29.12 -21.58 21.50
C ARG D 202 -30.07 -22.71 21.82
N GLN D 203 -31.35 -22.41 21.83
CA GLN D 203 -32.33 -23.37 22.28
C GLN D 203 -33.63 -23.17 21.54
N LEU D 204 -34.17 -24.25 20.98
CA LEU D 204 -35.52 -24.26 20.46
C LEU D 204 -36.47 -23.93 21.58
N PRO D 205 -37.51 -23.14 21.34
CA PRO D 205 -38.40 -22.73 22.42
C PRO D 205 -39.24 -23.85 22.99
N ALA D 206 -40.10 -23.50 23.95
CA ALA D 206 -41.11 -24.39 24.52
C ALA D 206 -41.90 -25.08 23.43
N ASP D 207 -42.32 -26.33 23.70
CA ASP D 207 -42.46 -27.45 22.77
C ASP D 207 -43.00 -27.14 21.37
N THR D 208 -43.89 -26.15 21.26
CA THR D 208 -44.46 -25.71 19.99
C THR D 208 -43.38 -25.33 18.98
N LYS D 209 -43.58 -25.71 17.73
CA LYS D 209 -42.51 -25.69 16.75
C LYS D 209 -42.43 -24.36 16.01
N ASP D 210 -43.08 -23.33 16.56
CA ASP D 210 -42.94 -21.99 16.02
C ASP D 210 -41.63 -21.41 16.52
N ALA D 211 -40.62 -21.36 15.65
CA ALA D 211 -39.27 -20.97 16.02
C ALA D 211 -38.84 -19.68 15.34
N LYS D 212 -39.81 -18.97 14.77
CA LYS D 212 -39.56 -17.66 14.17
C LYS D 212 -38.88 -16.64 15.06
N PRO D 213 -39.00 -16.66 16.40
CA PRO D 213 -38.04 -15.88 17.19
C PRO D 213 -36.61 -16.35 16.98
N LEU D 214 -36.37 -17.66 17.03
CA LEU D 214 -35.01 -18.18 17.07
C LEU D 214 -34.28 -17.94 15.76
N LEU D 215 -34.97 -18.17 14.64
CA LEU D 215 -34.33 -18.01 13.34
C LEU D 215 -34.02 -16.56 13.04
N LYS D 216 -34.67 -15.63 13.74
CA LYS D 216 -34.43 -14.22 13.48
C LYS D 216 -33.08 -13.79 14.02
N GLU D 217 -32.64 -14.37 15.14
CA GLU D 217 -31.28 -14.06 15.57
C GLU D 217 -30.25 -14.84 14.78
N MET D 218 -30.61 -16.01 14.27
CA MET D 218 -29.63 -16.83 13.57
C MET D 218 -29.26 -16.21 12.24
N LYS D 219 -30.20 -15.52 11.62
CA LYS D 219 -29.85 -14.70 10.47
C LYS D 219 -29.11 -13.45 10.91
N ARG D 220 -29.38 -12.98 12.12
CA ARG D 220 -28.89 -11.67 12.56
C ARG D 220 -27.39 -11.69 12.80
N GLY D 221 -26.92 -12.69 13.54
CA GLY D 221 -25.53 -12.78 13.88
C GLY D 221 -24.73 -13.55 12.84
N LYS D 222 -25.31 -13.72 11.66
CA LYS D 222 -24.78 -14.39 10.48
C LYS D 222 -24.48 -15.85 10.80
N GLU D 223 -25.24 -16.47 11.70
CA GLU D 223 -24.98 -17.84 12.12
C GLU D 223 -25.26 -18.80 10.98
N PHE D 224 -24.23 -19.27 10.32
CA PHE D 224 -24.45 -20.09 9.12
C PHE D 224 -24.46 -21.57 9.46
N HIS D 225 -23.35 -22.08 9.98
CA HIS D 225 -23.23 -23.52 10.15
C HIS D 225 -23.96 -23.91 11.43
N VAL D 226 -24.80 -24.94 11.41
CA VAL D 226 -25.79 -25.19 12.46
C VAL D 226 -25.87 -26.69 12.75
N ILE D 227 -25.91 -27.07 14.02
CA ILE D 227 -25.87 -28.47 14.43
C ILE D 227 -27.18 -28.83 15.11
N PHE D 228 -28.31 -28.55 14.43
CA PHE D 228 -29.64 -28.99 14.87
C PHE D 228 -29.71 -30.34 15.55
N ASP D 229 -30.33 -30.37 16.72
CA ASP D 229 -30.44 -31.56 17.55
C ASP D 229 -31.87 -31.63 18.06
N CYS D 230 -32.72 -32.29 17.31
CA CYS D 230 -34.07 -32.60 17.74
C CYS D 230 -34.46 -33.91 17.10
N SER D 231 -35.66 -34.39 17.44
CA SER D 231 -36.18 -35.55 16.75
C SER D 231 -36.53 -35.20 15.31
N HIS D 232 -36.68 -36.24 14.49
CA HIS D 232 -36.86 -36.01 13.06
C HIS D 232 -38.23 -35.42 12.76
N GLU D 233 -39.18 -35.54 13.68
CA GLU D 233 -40.43 -34.79 13.57
C GLU D 233 -40.17 -33.29 13.61
N MET D 234 -39.47 -32.82 14.66
CA MET D 234 -39.20 -31.40 14.77
C MET D 234 -38.12 -30.94 13.82
N ALA D 235 -37.37 -31.88 13.21
CA ALA D 235 -36.46 -31.51 12.14
C ALA D 235 -37.21 -30.90 10.98
N ALA D 236 -38.29 -31.55 10.55
CA ALA D 236 -39.09 -31.02 9.46
C ALA D 236 -39.84 -29.77 9.88
N GLY D 237 -40.09 -29.62 11.18
CA GLY D 237 -40.80 -28.47 11.65
C GLY D 237 -39.97 -27.22 11.62
N ILE D 238 -38.65 -27.34 11.52
CA ILE D 238 -37.81 -26.16 11.52
C ILE D 238 -36.94 -26.12 10.28
N LEU D 239 -37.13 -27.06 9.37
CA LEU D 239 -36.76 -26.79 7.99
C LEU D 239 -37.82 -25.96 7.30
N LYS D 240 -39.08 -26.38 7.46
CA LYS D 240 -40.22 -25.70 6.89
C LYS D 240 -40.33 -24.28 7.39
N GLN D 241 -39.96 -24.04 8.64
CA GLN D 241 -39.91 -22.67 9.09
C GLN D 241 -38.56 -22.01 8.87
N ALA D 242 -37.54 -22.77 8.48
CA ALA D 242 -36.37 -22.11 7.94
C ALA D 242 -36.66 -21.61 6.54
N LEU D 243 -37.50 -22.35 5.82
CA LEU D 243 -37.81 -22.00 4.44
C LEU D 243 -38.65 -20.76 4.37
N ALA D 244 -39.66 -20.66 5.23
CA ALA D 244 -40.50 -19.47 5.24
C ALA D 244 -39.78 -18.26 5.80
N MET D 245 -38.62 -18.46 6.42
CA MET D 245 -37.82 -17.30 6.81
C MET D 245 -36.45 -17.38 6.16
N GLY D 246 -36.49 -17.65 4.85
CA GLY D 246 -35.43 -17.41 3.89
C GLY D 246 -34.01 -17.77 4.26
N MET D 247 -33.85 -18.82 5.04
CA MET D 247 -32.54 -19.31 5.40
C MET D 247 -32.21 -20.62 4.73
N MET D 248 -32.70 -20.82 3.51
CA MET D 248 -32.44 -22.06 2.78
C MET D 248 -31.66 -21.81 1.51
N THR D 249 -30.70 -20.90 1.58
CA THR D 249 -29.91 -20.42 0.46
C THR D 249 -28.84 -21.43 0.09
N GLU D 250 -27.86 -20.98 -0.69
CA GLU D 250 -26.65 -21.75 -0.85
C GLU D 250 -25.63 -21.45 0.22
N TYR D 251 -25.95 -20.60 1.20
CA TYR D 251 -24.98 -20.18 2.20
C TYR D 251 -25.03 -21.01 3.46
N TYR D 252 -26.17 -21.59 3.79
CA TYR D 252 -26.34 -22.26 5.08
C TYR D 252 -25.95 -23.72 4.95
N HIS D 253 -25.80 -24.35 6.10
CA HIS D 253 -25.35 -25.74 6.20
C HIS D 253 -25.86 -26.26 7.53
N TYR D 254 -26.87 -27.13 7.50
CA TYR D 254 -27.49 -27.60 8.73
C TYR D 254 -27.11 -29.06 8.98
N ILE D 255 -26.12 -29.30 9.83
CA ILE D 255 -25.88 -30.68 10.22
C ILE D 255 -26.96 -31.12 11.19
N PHE D 256 -27.82 -32.02 10.75
CA PHE D 256 -28.77 -32.59 11.70
C PHE D 256 -28.12 -33.62 12.58
N THR D 257 -28.86 -34.15 13.54
CA THR D 257 -28.26 -35.07 14.48
C THR D 257 -28.97 -36.40 14.38
N THR D 258 -30.28 -36.34 14.17
CA THR D 258 -31.17 -37.48 14.22
C THR D 258 -30.80 -38.57 13.23
N LEU D 259 -31.18 -39.80 13.53
CA LEU D 259 -30.70 -40.91 12.73
C LEU D 259 -31.82 -41.33 11.78
N ASP D 260 -32.63 -40.36 11.39
CA ASP D 260 -33.76 -40.58 10.50
C ASP D 260 -33.79 -39.49 9.45
N LEU D 261 -32.65 -38.84 9.22
CA LEU D 261 -32.58 -37.73 8.29
C LEU D 261 -32.87 -38.21 6.87
N PHE D 262 -32.47 -39.44 6.57
CA PHE D 262 -32.76 -40.05 5.28
C PHE D 262 -34.26 -40.16 5.05
N ALA D 263 -35.01 -40.51 6.08
CA ALA D 263 -36.46 -40.55 5.97
C ALA D 263 -37.04 -39.17 6.25
N LEU D 264 -36.77 -38.19 5.39
CA LEU D 264 -37.34 -36.87 5.55
C LEU D 264 -37.72 -36.32 4.19
N ASP D 265 -38.81 -35.56 4.14
CA ASP D 265 -39.32 -35.00 2.90
C ASP D 265 -38.43 -33.86 2.41
N VAL D 266 -37.43 -34.23 1.61
CA VAL D 266 -36.34 -33.34 1.27
C VAL D 266 -36.61 -32.78 -0.12
N GLU D 267 -37.77 -33.09 -0.67
CA GLU D 267 -38.06 -32.76 -2.06
C GLU D 267 -38.23 -31.27 -2.36
N PRO D 268 -38.93 -30.44 -1.55
CA PRO D 268 -38.95 -29.01 -1.89
C PRO D 268 -37.64 -28.31 -1.62
N TYR D 269 -36.82 -28.80 -0.72
CA TYR D 269 -35.61 -28.09 -0.34
C TYR D 269 -34.47 -28.38 -1.28
N ARG D 270 -34.55 -29.50 -1.99
CA ARG D 270 -33.45 -30.16 -2.69
C ARG D 270 -32.70 -29.27 -3.66
N TYR D 271 -33.42 -28.53 -4.49
CA TYR D 271 -32.78 -27.77 -5.56
C TYR D 271 -32.00 -26.58 -5.04
N SER D 272 -32.32 -26.11 -3.84
CA SER D 272 -31.91 -24.78 -3.39
C SER D 272 -30.41 -24.60 -3.21
N GLY D 273 -29.82 -25.35 -2.30
CA GLY D 273 -28.39 -25.17 -2.10
C GLY D 273 -27.91 -25.30 -0.67
N VAL D 274 -28.82 -25.54 0.27
CA VAL D 274 -28.40 -25.99 1.58
C VAL D 274 -27.75 -27.36 1.47
N ASN D 275 -26.80 -27.61 2.34
CA ASN D 275 -26.12 -28.90 2.34
C ASN D 275 -26.34 -29.53 3.72
N MET D 276 -27.42 -30.28 3.84
CA MET D 276 -27.86 -30.82 5.13
C MET D 276 -27.18 -32.16 5.40
N THR D 277 -25.87 -32.09 5.59
CA THR D 277 -25.08 -33.28 5.84
C THR D 277 -25.41 -33.87 7.21
N GLY D 278 -26.01 -35.05 7.22
CA GLY D 278 -26.45 -35.64 8.47
C GLY D 278 -25.87 -37.01 8.70
N PHE D 279 -26.66 -37.96 9.21
CA PHE D 279 -26.17 -39.33 9.38
C PHE D 279 -27.24 -40.39 9.21
N ARG D 280 -26.80 -41.63 9.13
CA ARG D 280 -27.69 -42.77 9.01
C ARG D 280 -26.94 -44.00 9.51
N ILE D 281 -27.66 -44.89 10.18
CA ILE D 281 -27.08 -46.12 10.69
C ILE D 281 -27.90 -47.26 10.09
N LEU D 282 -28.86 -46.91 9.28
CA LEU D 282 -29.93 -47.83 8.93
C LEU D 282 -29.51 -48.82 7.83
N ASN D 283 -28.43 -48.51 7.11
CA ASN D 283 -27.87 -49.32 6.02
C ASN D 283 -28.87 -49.77 4.97
N THR D 284 -29.55 -48.83 4.31
CA THR D 284 -30.47 -49.24 3.26
C THR D 284 -29.76 -49.72 2.00
N GLU D 285 -28.45 -49.58 1.92
CA GLU D 285 -27.66 -50.10 0.81
C GLU D 285 -27.27 -51.57 0.98
N ASN D 286 -28.24 -52.43 1.23
CA ASN D 286 -28.01 -53.87 1.35
C ASN D 286 -29.34 -54.57 1.11
N THR D 287 -29.32 -55.56 0.21
CA THR D 287 -30.55 -56.09 -0.38
C THR D 287 -31.40 -56.82 0.64
N GLN D 288 -30.78 -57.72 1.41
CA GLN D 288 -31.49 -58.40 2.49
C GLN D 288 -31.95 -57.42 3.56
N VAL D 289 -31.19 -56.35 3.79
CA VAL D 289 -31.62 -55.31 4.70
C VAL D 289 -32.75 -54.51 4.07
N SER D 290 -32.59 -54.16 2.80
CA SER D 290 -33.64 -53.38 2.12
C SER D 290 -34.79 -54.26 1.68
N SER D 291 -34.70 -55.57 1.88
CA SER D 291 -35.87 -56.41 1.73
C SER D 291 -36.85 -56.15 2.86
N ILE D 292 -36.35 -56.19 4.09
CA ILE D 292 -37.19 -56.15 5.28
C ILE D 292 -37.79 -54.75 5.46
N ILE D 293 -37.16 -53.73 4.88
CA ILE D 293 -37.65 -52.37 4.99
C ILE D 293 -38.97 -52.21 4.26
N GLU D 294 -39.23 -53.08 3.28
CA GLU D 294 -40.49 -53.02 2.54
C GLU D 294 -41.58 -53.86 3.19
N LYS D 295 -41.19 -54.98 3.82
CA LYS D 295 -42.16 -55.78 4.57
C LYS D 295 -42.73 -54.98 5.73
N TRP D 296 -41.94 -54.08 6.30
CA TRP D 296 -42.48 -53.12 7.24
C TRP D 296 -43.45 -52.17 6.55
N SER D 297 -43.06 -51.66 5.39
CA SER D 297 -43.85 -50.63 4.71
C SER D 297 -45.18 -51.18 4.21
N MET D 298 -45.24 -52.48 3.94
CA MET D 298 -46.50 -53.06 3.48
C MET D 298 -47.39 -53.45 4.65
N GLU D 299 -46.88 -53.34 5.88
CA GLU D 299 -47.64 -53.75 7.05
C GLU D 299 -47.86 -52.62 8.05
N ARG D 300 -46.98 -51.63 8.10
CA ARG D 300 -47.21 -50.42 8.87
C ARG D 300 -48.37 -49.59 8.34
N LEU D 301 -48.65 -49.70 7.03
CA LEU D 301 -49.46 -48.82 6.21
C LEU D 301 -50.78 -48.35 6.81
N GLN D 302 -51.38 -49.16 7.70
CA GLN D 302 -52.52 -48.77 8.52
C GLN D 302 -52.28 -47.48 9.29
N ALA D 303 -53.24 -46.55 9.23
CA ALA D 303 -53.16 -45.17 9.73
C ALA D 303 -51.94 -44.47 9.16
N PRO D 304 -51.98 -44.07 7.89
CA PRO D 304 -50.81 -43.43 7.27
C PRO D 304 -50.52 -42.07 7.89
N PRO D 305 -49.25 -41.63 7.90
CA PRO D 305 -48.91 -40.35 8.52
C PRO D 305 -49.55 -39.16 7.82
N LYS D 306 -49.67 -38.05 8.55
CA LYS D 306 -50.13 -36.80 7.99
C LYS D 306 -49.12 -36.30 6.97
N PRO D 307 -49.56 -35.98 5.74
CA PRO D 307 -48.61 -35.51 4.73
C PRO D 307 -48.23 -34.04 4.92
N ASP D 308 -48.78 -33.40 5.93
CA ASP D 308 -48.47 -32.03 6.28
C ASP D 308 -47.55 -31.98 7.48
N SER D 309 -46.63 -32.95 7.56
CA SER D 309 -45.63 -32.97 8.61
C SER D 309 -44.23 -33.02 8.03
N GLY D 310 -44.12 -33.04 6.71
CA GLY D 310 -42.83 -33.09 6.06
C GLY D 310 -42.13 -34.41 6.28
N LEU D 311 -42.88 -35.50 6.27
CA LEU D 311 -42.36 -36.81 6.58
C LEU D 311 -42.90 -37.82 5.55
N LEU D 312 -42.07 -38.79 5.18
CA LEU D 312 -42.40 -39.74 4.13
C LEU D 312 -43.29 -40.86 4.64
N ASP D 313 -43.41 -41.94 3.86
CA ASP D 313 -44.17 -43.11 4.29
C ASP D 313 -43.29 -44.34 4.36
N GLY D 314 -42.56 -44.64 3.29
CA GLY D 314 -41.88 -45.91 3.13
C GLY D 314 -40.54 -46.04 3.82
N PHE D 315 -40.55 -46.24 5.13
CA PHE D 315 -39.35 -46.27 5.94
C PHE D 315 -39.67 -46.88 7.29
N MET D 316 -38.62 -47.28 8.00
CA MET D 316 -38.69 -47.45 9.45
C MET D 316 -38.02 -46.25 10.11
N THR D 317 -38.63 -45.76 11.18
CA THR D 317 -37.91 -44.91 12.09
C THR D 317 -36.82 -45.73 12.76
N THR D 318 -35.68 -45.09 13.01
CA THR D 318 -34.63 -45.81 13.72
C THR D 318 -34.96 -45.99 15.19
N ASP D 319 -36.01 -45.33 15.67
CA ASP D 319 -36.63 -45.72 16.92
C ASP D 319 -37.15 -47.15 16.83
N ALA D 320 -37.89 -47.46 15.76
CA ALA D 320 -38.47 -48.79 15.65
C ALA D 320 -37.48 -49.79 15.11
N ALA D 321 -36.50 -49.32 14.34
CA ALA D 321 -35.55 -50.22 13.69
C ALA D 321 -34.66 -50.91 14.72
N LEU D 322 -34.30 -50.19 15.77
CA LEU D 322 -33.55 -50.79 16.85
C LEU D 322 -34.37 -51.83 17.59
N MET D 323 -35.68 -51.61 17.71
CA MET D 323 -36.52 -52.58 18.40
C MET D 323 -36.63 -53.87 17.60
N TYR D 324 -36.68 -53.76 16.28
CA TYR D 324 -36.61 -54.96 15.46
C TYR D 324 -35.24 -55.61 15.56
N ASP D 325 -34.21 -54.79 15.74
CA ASP D 325 -32.89 -55.34 15.98
C ASP D 325 -32.68 -55.72 17.42
N ALA D 326 -33.57 -55.30 18.33
CA ALA D 326 -33.38 -55.66 19.73
C ALA D 326 -33.67 -57.13 19.96
N VAL D 327 -34.64 -57.66 19.23
CA VAL D 327 -35.10 -59.02 19.49
C VAL D 327 -34.11 -60.01 18.90
N HIS D 328 -33.49 -59.64 17.79
CA HIS D 328 -32.51 -60.51 17.16
C HIS D 328 -31.24 -60.65 17.99
N VAL D 329 -30.92 -59.63 18.78
CA VAL D 329 -29.71 -59.72 19.60
C VAL D 329 -29.97 -60.63 20.79
N VAL D 330 -31.16 -60.54 21.39
CA VAL D 330 -31.53 -61.47 22.45
C VAL D 330 -31.75 -62.87 21.88
N SER D 331 -32.11 -62.95 20.60
CA SER D 331 -32.26 -64.24 19.93
C SER D 331 -30.93 -64.97 19.80
N VAL D 332 -29.83 -64.22 19.77
CA VAL D 332 -28.50 -64.80 19.69
C VAL D 332 -28.21 -65.55 20.98
N ALA D 333 -28.60 -64.96 22.11
CA ALA D 333 -28.25 -65.53 23.40
C ALA D 333 -29.00 -66.83 23.66
N VAL D 334 -30.31 -66.84 23.41
CA VAL D 334 -31.12 -67.98 23.79
C VAL D 334 -30.89 -69.15 22.84
N GLN D 335 -30.47 -68.86 21.60
CA GLN D 335 -30.18 -69.93 20.66
C GLN D 335 -28.82 -70.54 20.98
N GLN D 336 -27.94 -69.76 21.60
CA GLN D 336 -26.71 -70.33 22.14
C GLN D 336 -27.01 -71.10 23.42
N PHE D 337 -27.94 -70.61 24.22
CA PHE D 337 -28.07 -71.09 25.58
C PHE D 337 -29.43 -71.71 25.81
N PRO D 338 -29.52 -73.02 25.90
CA PRO D 338 -30.78 -73.66 26.30
C PRO D 338 -31.00 -73.64 27.81
N GLN D 339 -32.01 -74.40 28.21
CA GLN D 339 -32.47 -74.76 29.56
C GLN D 339 -33.21 -73.63 30.28
N MET D 340 -33.00 -72.38 29.88
CA MET D 340 -33.98 -71.34 29.57
C MET D 340 -35.39 -71.58 30.15
N THR D 341 -35.51 -71.72 31.47
CA THR D 341 -36.82 -71.83 32.09
C THR D 341 -37.08 -70.57 32.90
N VAL D 342 -38.19 -69.91 32.61
CA VAL D 342 -38.56 -68.68 33.29
C VAL D 342 -39.26 -69.05 34.60
N SER D 343 -38.92 -68.35 35.69
CA SER D 343 -39.55 -68.61 36.98
C SER D 343 -40.63 -67.58 37.28
N SER D 344 -41.17 -67.59 38.50
CA SER D 344 -42.35 -66.79 38.81
C SER D 344 -42.08 -65.38 39.30
N LEU D 345 -40.98 -65.14 40.03
CA LEU D 345 -40.42 -63.81 40.25
C LEU D 345 -41.33 -62.79 40.92
N GLN D 346 -41.61 -62.96 42.21
CA GLN D 346 -42.31 -61.94 42.97
C GLN D 346 -41.48 -60.65 43.08
N CYS D 347 -42.16 -59.56 43.45
CA CYS D 347 -41.47 -58.30 43.72
C CYS D 347 -41.43 -57.97 45.21
N ASN D 348 -42.37 -58.52 45.98
CA ASN D 348 -42.37 -58.34 47.43
C ASN D 348 -41.15 -59.04 48.02
N ARG D 349 -40.81 -60.19 47.46
CA ARG D 349 -39.49 -60.74 47.68
C ARG D 349 -38.61 -60.43 46.48
N HIS D 350 -37.32 -60.68 46.61
CA HIS D 350 -36.41 -60.59 45.48
C HIS D 350 -35.41 -61.74 45.60
N LYS D 351 -35.52 -62.68 44.67
CA LYS D 351 -34.54 -63.74 44.52
C LYS D 351 -34.14 -63.73 43.05
N PRO D 352 -32.85 -63.66 42.75
CA PRO D 352 -32.41 -63.53 41.35
C PRO D 352 -32.79 -64.72 40.49
N TRP D 353 -33.30 -64.45 39.30
CA TRP D 353 -33.78 -65.48 38.39
C TRP D 353 -32.62 -66.36 37.96
N ARG D 354 -32.58 -67.56 38.54
CA ARG D 354 -31.40 -68.35 38.92
C ARG D 354 -30.19 -68.22 38.01
N PHE D 355 -30.41 -68.41 36.72
CA PHE D 355 -29.31 -68.37 35.76
C PHE D 355 -29.42 -67.16 34.85
N GLY D 356 -30.08 -66.10 35.32
CA GLY D 356 -30.12 -64.87 34.56
C GLY D 356 -28.78 -64.16 34.48
N THR D 357 -27.86 -64.49 35.38
CA THR D 357 -26.50 -63.97 35.29
C THR D 357 -25.80 -64.54 34.06
N ARG D 358 -25.96 -65.84 33.84
CA ARG D 358 -25.46 -66.50 32.64
C ARG D 358 -26.08 -65.92 31.38
N PHE D 359 -27.34 -65.48 31.51
CA PHE D 359 -28.06 -64.87 30.41
C PHE D 359 -27.40 -63.55 30.00
N MET D 360 -27.10 -62.69 30.98
CA MET D 360 -26.52 -61.39 30.68
C MET D 360 -25.04 -61.46 30.34
N SER D 361 -24.45 -62.64 30.41
CA SER D 361 -23.11 -62.76 29.85
C SER D 361 -23.18 -62.85 28.33
N LEU D 362 -24.28 -63.37 27.81
CA LEU D 362 -24.37 -63.63 26.38
C LEU D 362 -25.01 -62.48 25.64
N ILE D 363 -25.86 -61.70 26.33
CA ILE D 363 -26.36 -60.46 25.75
C ILE D 363 -25.22 -59.49 25.51
N LYS D 364 -24.30 -59.42 26.46
CA LYS D 364 -23.15 -58.54 26.29
C LYS D 364 -22.13 -59.08 25.29
N GLU D 365 -22.35 -60.26 24.73
CA GLU D 365 -21.49 -60.80 23.67
C GLU D 365 -22.37 -61.32 22.54
N ALA D 366 -22.75 -60.44 21.63
CA ALA D 366 -23.52 -60.82 20.46
C ALA D 366 -22.98 -60.06 19.26
N HIS D 367 -23.16 -60.62 18.06
CA HIS D 367 -22.72 -59.94 16.85
C HIS D 367 -23.73 -60.07 15.72
N TRP D 368 -25.00 -59.84 16.03
CA TRP D 368 -26.04 -59.87 15.01
C TRP D 368 -25.85 -58.72 14.04
N GLU D 369 -26.05 -58.98 12.75
CA GLU D 369 -25.75 -58.01 11.71
C GLU D 369 -27.02 -57.47 11.09
N GLY D 370 -28.00 -57.13 11.93
CA GLY D 370 -29.31 -56.74 11.47
C GLY D 370 -29.40 -55.34 10.89
N LEU D 371 -30.54 -54.68 11.10
CA LEU D 371 -30.87 -53.47 10.36
C LEU D 371 -30.02 -52.27 10.71
N THR D 372 -29.10 -52.37 11.68
CA THR D 372 -28.15 -51.29 11.90
C THR D 372 -26.71 -51.74 11.74
N GLY D 373 -26.47 -52.76 10.92
CA GLY D 373 -25.11 -53.17 10.66
C GLY D 373 -24.55 -53.95 11.84
N ARG D 374 -23.31 -53.69 12.16
CA ARG D 374 -22.61 -54.45 13.19
C ARG D 374 -23.09 -54.11 14.59
N ILE D 375 -24.17 -54.74 15.04
CA ILE D 375 -24.56 -54.56 16.44
C ILE D 375 -23.58 -55.30 17.31
N THR D 376 -22.83 -54.56 18.11
CA THR D 376 -21.94 -55.18 19.08
C THR D 376 -21.90 -54.30 20.32
N PHE D 377 -21.88 -54.93 21.48
CA PHE D 377 -21.98 -54.19 22.72
C PHE D 377 -20.63 -53.92 23.33
N ASN D 378 -20.62 -53.46 24.58
CA ASN D 378 -19.38 -53.12 25.25
C ASN D 378 -19.45 -53.75 26.63
N LYS D 379 -18.37 -54.38 27.05
CA LYS D 379 -18.42 -55.17 28.27
C LYS D 379 -18.39 -54.32 29.54
N THR D 380 -18.11 -53.02 29.42
CA THR D 380 -18.18 -52.19 30.61
C THR D 380 -19.59 -51.68 30.83
N ASN D 381 -20.37 -51.50 29.76
CA ASN D 381 -21.77 -51.10 29.83
C ASN D 381 -22.44 -51.47 28.52
N GLY D 382 -23.63 -52.07 28.59
CA GLY D 382 -24.23 -52.49 27.35
C GLY D 382 -24.79 -51.26 26.68
N LEU D 383 -23.95 -50.71 25.81
CA LEU D 383 -24.17 -49.39 25.29
C LEU D 383 -23.27 -49.22 24.08
N ARG D 384 -23.87 -49.23 22.89
CA ARG D 384 -23.17 -49.41 21.63
C ARG D 384 -22.15 -48.32 21.35
N THR D 385 -20.89 -48.71 21.18
CA THR D 385 -19.81 -47.77 20.95
C THR D 385 -18.91 -48.28 19.81
N ASP D 386 -19.40 -49.24 19.02
CA ASP D 386 -18.67 -49.71 17.86
C ASP D 386 -19.66 -49.89 16.71
N PHE D 387 -20.60 -48.95 16.61
CA PHE D 387 -21.55 -48.96 15.51
C PHE D 387 -20.97 -48.40 14.22
N ASP D 388 -21.79 -48.28 13.18
CA ASP D 388 -21.32 -47.98 11.84
C ASP D 388 -22.23 -47.01 11.11
N LEU D 389 -21.90 -45.73 11.17
CA LEU D 389 -22.68 -44.72 10.48
C LEU D 389 -22.39 -44.70 8.99
N ASP D 390 -23.40 -44.27 8.25
CA ASP D 390 -23.27 -43.84 6.88
C ASP D 390 -23.56 -42.35 6.84
N VAL D 391 -22.52 -41.55 6.69
CA VAL D 391 -22.72 -40.11 6.56
C VAL D 391 -23.38 -39.79 5.23
N ILE D 392 -24.58 -39.23 5.30
CA ILE D 392 -25.26 -38.84 4.07
C ILE D 392 -25.20 -37.34 3.94
N SER D 393 -25.53 -36.84 2.75
CA SER D 393 -25.58 -35.40 2.53
C SER D 393 -26.79 -35.08 1.69
N LEU D 394 -26.90 -33.83 1.25
CA LEU D 394 -27.90 -33.46 0.28
C LEU D 394 -27.22 -32.87 -0.94
N LYS D 395 -27.24 -33.62 -2.03
CA LYS D 395 -26.93 -33.10 -3.35
C LYS D 395 -28.24 -32.99 -4.11
N GLU D 396 -28.19 -32.37 -5.29
CA GLU D 396 -29.37 -31.95 -6.04
C GLU D 396 -30.25 -33.09 -6.53
N GLU D 397 -29.80 -34.32 -6.39
CA GLU D 397 -30.61 -35.46 -6.79
C GLU D 397 -31.38 -36.05 -5.63
N GLY D 398 -30.93 -35.82 -4.41
CA GLY D 398 -31.57 -36.38 -3.25
C GLY D 398 -30.54 -36.67 -2.17
N LEU D 399 -30.88 -37.59 -1.29
CA LEU D 399 -30.05 -37.96 -0.15
C LEU D 399 -29.31 -39.25 -0.45
N GLU D 400 -27.99 -39.23 -0.33
CA GLU D 400 -27.20 -40.42 -0.62
C GLU D 400 -26.00 -40.49 0.29
N LYS D 401 -25.43 -41.68 0.41
CA LYS D 401 -24.22 -41.92 1.19
C LYS D 401 -23.05 -41.22 0.51
N ILE D 402 -22.19 -40.55 1.27
CA ILE D 402 -21.03 -39.88 0.70
C ILE D 402 -19.77 -40.33 1.42
N GLY D 403 -19.91 -41.22 2.38
CA GLY D 403 -18.74 -41.68 3.11
C GLY D 403 -19.14 -42.66 4.20
N THR D 404 -18.26 -42.79 5.18
CA THR D 404 -18.46 -43.80 6.21
C THR D 404 -17.80 -43.34 7.50
N TRP D 405 -18.50 -43.43 8.61
CA TRP D 405 -17.88 -43.17 9.89
C TRP D 405 -17.71 -44.51 10.59
N ASP D 406 -16.75 -44.57 11.49
CA ASP D 406 -16.51 -45.72 12.35
C ASP D 406 -15.83 -45.17 13.59
N PRO D 407 -15.92 -45.82 14.75
CA PRO D 407 -15.16 -45.33 15.90
C PRO D 407 -13.66 -45.49 15.75
N ALA D 408 -13.24 -46.47 14.95
CA ALA D 408 -11.82 -46.57 14.67
C ALA D 408 -11.43 -45.61 13.55
N SER D 409 -12.18 -45.67 12.44
CA SER D 409 -11.83 -44.92 11.24
C SER D 409 -11.90 -43.42 11.44
N GLY D 410 -13.08 -42.89 11.73
CA GLY D 410 -13.14 -41.45 11.88
C GLY D 410 -13.22 -40.73 10.55
N LEU D 411 -14.36 -40.87 9.87
CA LEU D 411 -14.61 -40.28 8.56
C LEU D 411 -13.66 -40.74 7.48
N ASN D 412 -13.92 -41.93 6.96
CA ASN D 412 -13.34 -42.38 5.71
C ASN D 412 -14.13 -41.86 4.49
N MET D 413 -14.65 -40.64 4.59
CA MET D 413 -15.46 -39.93 3.62
C MET D 413 -14.83 -39.87 2.24
N THR D 414 -15.50 -40.47 1.25
CA THR D 414 -14.92 -40.89 -0.01
C THR D 414 -14.64 -39.76 -0.98
N GLU D 415 -15.65 -38.93 -1.27
CA GLU D 415 -15.69 -38.00 -2.40
C GLU D 415 -14.52 -37.02 -2.48
N SER D 416 -13.93 -36.66 -1.35
CA SER D 416 -12.77 -35.77 -1.38
C SER D 416 -11.46 -36.54 -1.32
N GLN D 417 -11.47 -37.69 -0.65
CA GLN D 417 -10.26 -38.47 -0.45
C GLN D 417 -9.78 -39.11 -1.75
N LYS D 418 -10.65 -39.81 -2.46
CA LYS D 418 -10.24 -40.52 -3.66
C LYS D 418 -9.99 -39.56 -4.83
N GLY D 419 -8.90 -39.80 -5.56
CA GLY D 419 -8.53 -38.98 -6.70
C GLY D 419 -8.09 -39.80 -7.88
N LYS D 420 -6.96 -39.41 -8.51
CA LYS D 420 -6.44 -40.14 -9.66
C LYS D 420 -4.93 -40.29 -9.58
N PRO D 421 -4.42 -41.50 -9.31
CA PRO D 421 -2.97 -41.73 -9.47
C PRO D 421 -2.60 -42.20 -10.86
N ALA D 422 -1.49 -41.71 -11.40
CA ALA D 422 -1.05 -42.06 -12.75
C ALA D 422 0.43 -41.76 -12.95
N ASN D 423 0.89 -41.86 -14.21
CA ASN D 423 2.21 -41.39 -14.66
C ASN D 423 3.39 -42.03 -13.94
N ILE D 424 3.62 -43.32 -14.20
CA ILE D 424 4.70 -44.10 -13.59
C ILE D 424 6.07 -43.53 -13.95
N THR D 425 7.10 -43.95 -13.21
CA THR D 425 8.33 -43.20 -13.05
C THR D 425 9.27 -43.36 -14.24
N ASP D 426 10.03 -42.28 -14.46
CA ASP D 426 11.24 -42.11 -15.27
C ASP D 426 11.02 -42.11 -16.78
N SER D 427 9.89 -42.64 -17.27
CA SER D 427 9.29 -42.40 -18.59
C SER D 427 10.13 -42.77 -19.82
N LEU D 428 11.43 -43.05 -19.65
CA LEU D 428 12.34 -43.41 -20.74
C LEU D 428 13.30 -44.50 -20.30
N SER D 429 13.25 -44.86 -19.01
CA SER D 429 13.97 -45.92 -18.31
C SER D 429 15.45 -45.60 -18.05
N ASN D 430 16.01 -44.51 -18.61
CA ASN D 430 17.13 -43.98 -17.85
C ASN D 430 16.98 -42.53 -17.44
N ARG D 431 17.29 -41.59 -18.35
CA ARG D 431 17.18 -40.18 -18.04
C ARG D 431 16.60 -39.34 -19.15
N SER D 432 17.40 -39.30 -20.23
CA SER D 432 17.36 -38.52 -21.46
C SER D 432 17.64 -37.03 -21.29
N LEU D 433 17.44 -36.45 -20.08
CA LEU D 433 18.02 -35.22 -19.50
C LEU D 433 18.51 -34.16 -20.49
N ILE D 434 17.65 -33.61 -21.31
CA ILE D 434 18.00 -32.88 -22.53
C ILE D 434 18.69 -31.52 -22.32
N VAL D 435 19.41 -31.34 -21.20
CA VAL D 435 19.71 -30.12 -20.45
C VAL D 435 19.84 -28.83 -21.27
N THR D 436 19.08 -27.81 -20.84
CA THR D 436 18.84 -26.54 -21.50
C THR D 436 19.90 -25.52 -21.13
N THR D 437 20.37 -24.77 -22.13
CA THR D 437 21.51 -23.89 -21.88
C THR D 437 21.49 -22.67 -22.81
N ILE D 438 22.39 -21.74 -22.50
CA ILE D 438 22.60 -20.49 -23.25
C ILE D 438 24.08 -20.35 -23.51
N LEU D 439 24.45 -20.06 -24.76
CA LEU D 439 25.85 -20.00 -25.16
C LEU D 439 26.57 -18.77 -24.59
N GLU D 440 27.24 -18.99 -23.46
CA GLU D 440 28.05 -17.96 -22.79
C GLU D 440 29.26 -18.56 -22.09
N GLU D 441 30.43 -17.95 -22.30
CA GLU D 441 31.68 -18.37 -21.67
C GLU D 441 31.66 -18.01 -20.18
N PRO D 442 32.55 -18.61 -19.36
CA PRO D 442 33.51 -19.70 -19.51
C PRO D 442 32.95 -21.06 -19.10
N TYR D 443 31.65 -21.22 -19.29
CA TYR D 443 30.94 -22.41 -18.84
C TYR D 443 30.19 -23.08 -19.99
N VAL D 444 29.61 -22.26 -20.88
CA VAL D 444 29.05 -22.71 -22.15
C VAL D 444 29.80 -22.04 -23.31
N LEU D 445 31.12 -21.94 -23.20
CA LEU D 445 31.92 -21.44 -24.31
C LEU D 445 31.97 -22.50 -25.40
N PHE D 446 31.86 -22.05 -26.65
CA PHE D 446 31.82 -22.94 -27.82
C PHE D 446 33.16 -23.64 -27.97
N LYS D 447 33.13 -24.97 -28.02
CA LYS D 447 34.34 -25.79 -27.93
C LYS D 447 35.15 -25.67 -29.20
N LYS D 448 36.16 -24.80 -29.20
CA LYS D 448 37.01 -24.67 -30.37
C LYS D 448 37.93 -25.89 -30.48
N SER D 449 37.47 -26.84 -31.27
CA SER D 449 38.15 -28.11 -31.53
C SER D 449 38.08 -28.38 -33.02
N ASP D 450 38.60 -27.43 -33.82
CA ASP D 450 38.13 -26.95 -35.12
C ASP D 450 37.47 -27.97 -36.05
N LYS D 451 37.93 -29.23 -36.03
CA LYS D 451 37.27 -30.40 -36.61
C LYS D 451 35.77 -30.40 -36.28
N PRO D 452 34.88 -30.32 -37.29
CA PRO D 452 33.45 -30.04 -37.05
C PRO D 452 32.72 -31.09 -36.22
N LEU D 453 32.06 -30.62 -35.16
CA LEU D 453 31.43 -31.45 -34.16
C LEU D 453 30.14 -30.82 -33.65
N TYR D 454 29.33 -31.61 -32.95
CA TYR D 454 28.02 -31.21 -32.45
C TYR D 454 27.60 -32.24 -31.40
N GLY D 455 26.35 -32.15 -30.95
CA GLY D 455 25.80 -33.22 -30.14
C GLY D 455 25.85 -32.95 -28.64
N ASN D 456 26.67 -33.74 -27.97
CA ASN D 456 26.98 -33.51 -26.57
C ASN D 456 28.41 -33.03 -26.43
N ASP D 457 28.90 -32.35 -27.46
CA ASP D 457 30.32 -32.04 -27.53
C ASP D 457 30.53 -30.61 -28.01
N ARG D 458 29.46 -29.98 -28.53
CA ARG D 458 29.54 -28.74 -29.30
C ARG D 458 30.02 -27.53 -28.50
N PHE D 459 30.02 -27.60 -27.17
CA PHE D 459 30.63 -26.56 -26.35
C PHE D 459 31.24 -27.19 -25.10
N GLU D 460 32.25 -26.52 -24.54
CA GLU D 460 32.80 -26.94 -23.25
C GLU D 460 32.73 -25.80 -22.23
N GLY D 461 33.34 -26.00 -21.08
CA GLY D 461 33.33 -25.03 -20.01
C GLY D 461 33.16 -25.68 -18.65
N TYR D 462 32.98 -24.80 -17.65
CA TYR D 462 32.76 -25.23 -16.27
C TYR D 462 31.53 -26.09 -16.13
N CYS D 463 30.38 -25.60 -16.61
CA CYS D 463 29.12 -26.33 -16.49
C CYS D 463 29.11 -27.58 -17.36
N ILE D 464 29.99 -27.64 -18.35
CA ILE D 464 30.31 -28.91 -19.00
C ILE D 464 31.19 -29.79 -18.12
N ASP D 465 32.21 -29.21 -17.49
CA ASP D 465 33.10 -30.00 -16.65
C ASP D 465 32.37 -30.47 -15.39
N LEU D 466 31.42 -29.66 -14.91
CA LEU D 466 30.50 -30.10 -13.86
C LEU D 466 29.52 -31.17 -14.36
N LEU D 467 29.10 -31.08 -15.63
CA LEU D 467 28.22 -32.06 -16.24
C LEU D 467 28.94 -33.40 -16.35
N ARG D 468 30.24 -33.34 -16.68
CA ARG D 468 31.07 -34.55 -16.66
C ARG D 468 31.33 -35.01 -15.23
N GLU D 469 31.35 -34.07 -14.28
CA GLU D 469 31.53 -34.41 -12.88
C GLU D 469 30.30 -35.11 -12.32
N LEU D 470 29.12 -34.56 -12.60
CA LEU D 470 27.87 -35.10 -12.06
C LEU D 470 27.44 -36.40 -12.73
N SER D 471 27.97 -36.71 -13.91
CA SER D 471 27.53 -37.88 -14.65
CA SER D 471 27.52 -37.89 -14.65
C SER D 471 28.00 -39.17 -14.00
N THR D 472 28.95 -39.07 -13.07
CA THR D 472 29.43 -40.26 -12.37
C THR D 472 28.77 -40.45 -11.01
N ILE D 473 28.14 -39.42 -10.44
CA ILE D 473 27.75 -39.49 -9.04
C ILE D 473 26.40 -40.15 -8.89
N LEU D 474 25.34 -39.55 -9.43
CA LEU D 474 24.08 -40.25 -9.54
C LEU D 474 24.01 -41.09 -10.80
N GLY D 475 24.70 -40.68 -11.86
CA GLY D 475 24.81 -41.51 -13.04
C GLY D 475 23.73 -41.13 -14.02
N PHE D 476 24.04 -40.43 -15.09
CA PHE D 476 23.00 -40.02 -16.02
C PHE D 476 23.45 -39.98 -17.47
N THR D 477 22.50 -40.26 -18.36
CA THR D 477 22.64 -40.10 -19.79
C THR D 477 21.98 -38.80 -20.24
N TYR D 478 22.67 -37.69 -20.03
CA TYR D 478 22.26 -36.36 -20.47
C TYR D 478 22.11 -36.26 -21.98
N GLU D 479 21.28 -35.35 -22.43
CA GLU D 479 21.40 -34.75 -23.76
C GLU D 479 21.65 -33.27 -23.51
N ILE D 480 22.16 -32.56 -24.50
CA ILE D 480 22.20 -31.11 -24.39
C ILE D 480 21.36 -30.51 -25.50
N ARG D 481 20.13 -30.11 -25.19
CA ARG D 481 19.31 -29.36 -26.14
C ARG D 481 19.32 -27.91 -25.69
N LEU D 482 20.20 -27.13 -26.29
CA LEU D 482 20.23 -25.68 -26.17
C LEU D 482 18.88 -25.09 -26.57
N VAL D 483 18.36 -24.19 -25.72
CA VAL D 483 17.06 -23.56 -25.96
C VAL D 483 17.16 -22.67 -27.18
N GLU D 484 16.11 -22.73 -28.02
CA GLU D 484 16.00 -22.12 -29.35
C GLU D 484 16.43 -20.66 -29.40
N ASP D 485 16.12 -19.90 -28.37
CA ASP D 485 16.52 -18.49 -28.33
C ASP D 485 17.80 -18.30 -27.53
N GLY D 486 17.86 -18.85 -26.32
CA GLY D 486 18.98 -18.59 -25.44
C GLY D 486 18.73 -17.44 -24.48
N LYS D 487 17.64 -17.52 -23.71
CA LYS D 487 17.19 -16.41 -22.88
C LYS D 487 17.03 -16.87 -21.44
N TYR D 488 17.37 -15.97 -20.51
CA TYR D 488 17.50 -16.26 -19.08
C TYR D 488 16.20 -16.70 -18.43
N GLY D 489 15.21 -15.80 -18.41
CA GLY D 489 13.94 -16.07 -17.77
C GLY D 489 13.42 -14.95 -16.89
N ALA D 490 12.23 -14.48 -17.25
CA ALA D 490 11.44 -13.47 -16.54
C ALA D 490 10.06 -13.49 -17.18
N GLN D 491 9.02 -13.35 -16.39
CA GLN D 491 7.69 -13.85 -16.75
C GLN D 491 6.94 -12.83 -17.61
N ASP D 492 7.67 -11.90 -18.24
CA ASP D 492 7.15 -10.71 -18.95
C ASP D 492 6.31 -9.89 -17.97
N ASP D 493 6.74 -9.92 -16.70
CA ASP D 493 6.28 -9.22 -15.50
C ASP D 493 4.92 -9.73 -15.01
N VAL D 494 4.11 -10.35 -15.88
CA VAL D 494 2.93 -11.06 -15.41
C VAL D 494 2.65 -12.27 -16.30
N ASN D 495 3.22 -12.29 -17.50
CA ASN D 495 2.59 -12.99 -18.61
C ASN D 495 2.99 -14.45 -18.80
N GLY D 496 3.05 -15.23 -17.70
CA GLY D 496 3.26 -16.67 -17.73
C GLY D 496 4.42 -17.23 -18.55
N GLN D 497 5.47 -16.44 -18.74
CA GLN D 497 6.50 -16.73 -19.71
C GLN D 497 7.90 -16.52 -19.14
N TRP D 498 8.25 -17.25 -18.08
CA TRP D 498 9.62 -17.21 -17.58
C TRP D 498 10.53 -17.83 -18.63
N ASN D 499 11.00 -17.01 -19.57
CA ASN D 499 11.26 -17.47 -20.92
C ASN D 499 12.59 -18.23 -21.01
N GLY D 500 12.86 -18.77 -22.19
CA GLY D 500 14.05 -19.52 -22.47
C GLY D 500 14.12 -20.82 -21.67
N MET D 501 15.00 -20.80 -20.68
CA MET D 501 15.29 -22.00 -19.91
C MET D 501 14.15 -22.41 -18.98
N VAL D 502 13.46 -21.43 -18.39
CA VAL D 502 12.65 -21.70 -17.21
C VAL D 502 11.25 -22.12 -17.62
N ARG D 503 10.75 -21.62 -18.75
CA ARG D 503 9.53 -22.18 -19.32
C ARG D 503 9.72 -23.61 -19.79
N GLU D 504 10.92 -23.95 -20.23
CA GLU D 504 11.13 -25.26 -20.85
C GLU D 504 11.23 -26.34 -19.78
N LEU D 505 11.45 -25.95 -18.53
CA LEU D 505 11.54 -26.93 -17.46
C LEU D 505 10.22 -27.09 -16.72
N ILE D 506 9.52 -25.98 -16.48
CA ILE D 506 8.29 -25.99 -15.71
C ILE D 506 7.17 -26.61 -16.53
N ASP D 507 7.18 -26.37 -17.84
CA ASP D 507 6.27 -27.06 -18.74
C ASP D 507 6.68 -28.51 -19.00
N HIS D 508 7.81 -28.95 -18.42
CA HIS D 508 8.38 -30.29 -18.51
C HIS D 508 8.73 -30.62 -19.96
N LYS D 509 9.03 -29.58 -20.74
CA LYS D 509 9.49 -29.74 -22.11
C LYS D 509 10.93 -30.24 -22.08
N ALA D 510 11.66 -29.84 -21.05
CA ALA D 510 13.02 -30.31 -20.82
C ALA D 510 13.14 -30.83 -19.40
N ASP D 511 14.13 -31.69 -19.18
CA ASP D 511 14.39 -32.10 -17.81
C ASP D 511 15.21 -31.05 -17.09
N LEU D 512 16.49 -30.89 -17.41
CA LEU D 512 17.30 -30.03 -16.56
C LEU D 512 17.76 -28.79 -17.32
N ALA D 513 18.25 -27.80 -16.56
CA ALA D 513 19.00 -26.69 -17.14
C ALA D 513 20.12 -26.27 -16.19
N VAL D 514 20.93 -27.22 -15.70
CA VAL D 514 22.00 -26.91 -14.75
C VAL D 514 23.03 -25.97 -15.38
N ALA D 515 23.12 -24.76 -14.83
CA ALA D 515 23.67 -23.58 -15.48
C ALA D 515 23.74 -22.45 -14.44
N PRO D 516 24.31 -21.28 -14.77
CA PRO D 516 24.22 -20.13 -13.87
C PRO D 516 22.83 -19.57 -13.64
N LEU D 517 22.06 -20.24 -12.79
CA LEU D 517 20.72 -19.80 -12.39
C LEU D 517 20.76 -19.51 -10.89
N ALA D 518 20.88 -18.23 -10.55
CA ALA D 518 20.92 -17.86 -9.15
C ALA D 518 19.53 -17.99 -8.52
N ILE D 519 19.50 -18.50 -7.28
CA ILE D 519 18.25 -18.49 -6.52
C ILE D 519 17.90 -17.05 -6.18
N THR D 520 16.79 -16.57 -6.76
CA THR D 520 16.18 -15.31 -6.38
C THR D 520 14.76 -15.72 -5.96
N TYR D 521 14.01 -14.85 -5.29
CA TYR D 521 12.73 -15.27 -4.73
C TYR D 521 11.71 -15.57 -5.82
N VAL D 522 11.48 -14.62 -6.74
CA VAL D 522 10.54 -14.88 -7.82
C VAL D 522 11.11 -15.90 -8.80
N ARG D 523 12.44 -16.02 -8.87
CA ARG D 523 13.07 -17.15 -9.53
C ARG D 523 12.67 -18.47 -8.89
N GLU D 524 12.80 -18.57 -7.56
CA GLU D 524 12.48 -19.81 -6.86
C GLU D 524 10.98 -20.03 -6.75
N LYS D 525 10.18 -18.96 -6.89
CA LYS D 525 8.72 -18.95 -6.73
C LYS D 525 8.00 -19.98 -7.57
N VAL D 526 8.47 -20.21 -8.79
CA VAL D 526 7.87 -21.20 -9.67
C VAL D 526 8.72 -22.47 -9.74
N ILE D 527 10.02 -22.32 -9.91
CA ILE D 527 10.87 -23.48 -10.23
C ILE D 527 11.78 -23.78 -9.05
N ASP D 528 12.10 -25.05 -8.85
CA ASP D 528 12.66 -25.56 -7.61
C ASP D 528 14.10 -26.00 -7.84
N PHE D 529 15.06 -25.16 -7.43
CA PHE D 529 16.47 -25.46 -7.62
C PHE D 529 17.02 -26.32 -6.49
N SER D 530 18.33 -26.56 -6.49
CA SER D 530 18.89 -27.36 -5.41
C SER D 530 19.84 -26.58 -4.50
N LYS D 531 21.00 -26.14 -5.03
CA LYS D 531 22.10 -25.65 -4.19
C LYS D 531 22.90 -24.59 -4.92
N PRO D 532 23.44 -23.61 -4.19
CA PRO D 532 24.37 -22.64 -4.79
C PRO D 532 25.78 -23.17 -4.99
N PHE D 533 26.07 -23.81 -6.13
CA PHE D 533 27.42 -24.31 -6.36
C PHE D 533 28.41 -23.18 -6.61
N MET D 534 27.93 -22.08 -7.18
CA MET D 534 28.78 -20.94 -7.53
C MET D 534 28.17 -19.67 -6.97
N THR D 535 27.99 -19.62 -5.65
CA THR D 535 27.34 -18.47 -5.02
C THR D 535 28.13 -17.18 -5.24
N LEU D 536 27.38 -16.08 -5.37
CA LEU D 536 27.91 -14.79 -5.79
C LEU D 536 26.95 -13.63 -5.61
N GLY D 537 27.36 -12.44 -6.04
CA GLY D 537 26.49 -11.28 -6.12
C GLY D 537 26.80 -10.53 -7.39
N ILE D 538 26.50 -9.23 -7.38
CA ILE D 538 26.62 -8.39 -8.56
C ILE D 538 27.62 -7.27 -8.29
N SER D 539 28.55 -7.07 -9.22
CA SER D 539 29.48 -5.95 -9.22
C SER D 539 29.33 -5.23 -10.55
N ILE D 540 30.27 -4.35 -10.88
CA ILE D 540 30.10 -3.49 -12.05
C ILE D 540 31.26 -3.71 -13.01
N LEU D 541 30.93 -3.88 -14.29
CA LEU D 541 31.87 -4.15 -15.37
C LEU D 541 32.20 -2.85 -16.09
N TYR D 542 33.47 -2.44 -16.08
CA TYR D 542 33.87 -1.08 -16.44
C TYR D 542 35.40 -1.03 -16.47
N ARG D 543 35.98 -0.02 -17.13
CA ARG D 543 37.37 0.32 -16.78
C ARG D 543 37.74 1.80 -16.67
N LYS D 544 37.39 2.60 -17.70
CA LYS D 544 37.90 3.96 -17.98
C LYS D 544 39.39 4.12 -17.68
N PRO D 545 40.29 3.63 -18.55
CA PRO D 545 41.73 3.60 -18.22
C PRO D 545 42.53 4.78 -18.76
N ASN D 546 41.86 5.79 -19.33
CA ASN D 546 42.45 6.78 -20.24
C ASN D 546 43.66 7.55 -19.75
N GLY D 547 43.80 7.78 -18.45
CA GLY D 547 44.95 8.49 -17.94
C GLY D 547 46.05 7.57 -17.48
N THR D 548 47.26 7.77 -18.02
CA THR D 548 48.39 6.97 -17.57
C THR D 548 49.51 7.79 -16.89
N ASN D 549 50.11 8.77 -17.58
CA ASN D 549 51.21 9.62 -17.11
C ASN D 549 51.29 10.90 -17.93
N PRO D 550 51.26 12.07 -17.28
CA PRO D 550 51.57 13.31 -18.01
C PRO D 550 53.02 13.36 -18.47
N GLY D 551 53.98 13.31 -17.53
CA GLY D 551 55.39 13.28 -17.86
C GLY D 551 55.98 14.59 -18.38
N VAL D 552 55.42 15.04 -19.50
CA VAL D 552 55.81 16.19 -20.30
C VAL D 552 55.43 17.46 -19.51
N PHE D 553 55.71 18.64 -20.04
CA PHE D 553 55.91 19.96 -19.45
C PHE D 553 55.01 20.42 -18.30
N SER D 554 54.02 19.62 -17.88
CA SER D 554 52.80 19.96 -17.14
C SER D 554 52.84 21.08 -16.10
N PHE D 555 54.00 21.32 -15.48
CA PHE D 555 54.20 22.54 -14.71
C PHE D 555 54.10 23.79 -15.58
N LEU D 556 54.29 23.64 -16.90
CA LEU D 556 54.10 24.72 -17.86
C LEU D 556 52.63 25.11 -17.96
N ASN D 557 51.75 24.11 -17.92
CA ASN D 557 50.30 24.24 -18.11
C ASN D 557 49.50 25.28 -17.31
N PRO D 558 49.85 25.66 -16.04
CA PRO D 558 49.05 26.69 -15.36
C PRO D 558 48.93 28.05 -16.04
N LEU D 559 49.99 28.63 -16.62
CA LEU D 559 49.69 29.92 -17.23
C LEU D 559 49.15 29.78 -18.65
N SER D 560 50.04 29.66 -19.64
CA SER D 560 49.75 29.47 -21.06
C SER D 560 51.05 29.40 -21.84
N PRO D 561 51.11 28.65 -22.94
CA PRO D 561 52.25 28.76 -23.85
C PRO D 561 52.35 30.14 -24.49
N ASP D 562 51.21 30.83 -24.58
CA ASP D 562 51.23 32.26 -24.92
C ASP D 562 52.01 33.07 -23.90
N ILE D 563 51.77 32.79 -22.61
CA ILE D 563 52.27 33.66 -21.56
C ILE D 563 53.77 33.45 -21.34
N TRP D 564 54.20 32.19 -21.25
CA TRP D 564 55.60 31.84 -21.00
C TRP D 564 56.53 32.36 -22.10
N MET D 565 56.02 32.45 -23.33
CA MET D 565 56.69 33.26 -24.33
C MET D 565 56.65 34.73 -23.96
N TYR D 566 55.46 35.24 -23.67
CA TYR D 566 55.27 36.69 -23.57
C TYR D 566 55.83 37.24 -22.27
N VAL D 567 55.95 36.42 -21.23
CA VAL D 567 56.61 36.91 -20.01
C VAL D 567 58.12 36.97 -20.21
N LEU D 568 58.66 36.02 -20.98
CA LEU D 568 60.10 36.02 -21.24
C LEU D 568 60.44 37.05 -22.30
N LEU D 569 59.48 37.36 -23.17
CA LEU D 569 59.59 38.48 -24.10
C LEU D 569 59.81 39.79 -23.35
N ALA D 570 59.11 39.97 -22.22
CA ALA D 570 59.21 41.22 -21.49
C ALA D 570 60.56 41.34 -20.79
N CYS D 571 61.03 40.25 -20.18
CA CYS D 571 62.30 40.28 -19.45
C CYS D 571 63.47 40.49 -20.39
N LEU D 572 63.40 39.90 -21.58
CA LEU D 572 64.42 40.14 -22.59
C LEU D 572 64.39 41.60 -23.05
N GLY D 573 63.19 42.19 -23.11
CA GLY D 573 63.05 43.56 -23.52
C GLY D 573 63.42 44.57 -22.46
N VAL D 574 63.03 44.32 -21.20
CA VAL D 574 63.23 45.32 -20.15
C VAL D 574 64.68 45.35 -19.69
N SER D 575 65.42 44.26 -19.91
CA SER D 575 66.82 44.22 -19.50
C SER D 575 67.67 45.17 -20.34
N CYS D 576 67.27 45.41 -21.59
CA CYS D 576 67.86 46.48 -22.37
C CYS D 576 67.56 47.83 -21.72
N VAL D 577 66.32 48.01 -21.24
CA VAL D 577 65.83 49.31 -20.82
C VAL D 577 66.57 49.77 -19.56
N LEU D 578 66.95 48.82 -18.70
CA LEU D 578 67.81 49.11 -17.56
C LEU D 578 69.16 49.63 -18.02
N PHE D 579 69.76 48.98 -19.02
CA PHE D 579 71.06 49.42 -19.50
C PHE D 579 70.94 50.70 -20.32
N VAL D 580 69.75 50.96 -20.87
CA VAL D 580 69.54 52.22 -21.58
C VAL D 580 69.49 53.39 -20.62
N ILE D 581 68.64 53.30 -19.59
CA ILE D 581 68.35 54.44 -18.73
C ILE D 581 69.54 54.74 -17.83
N ALA D 582 70.19 53.70 -17.31
CA ALA D 582 71.34 53.91 -16.41
C ALA D 582 72.51 54.52 -17.15
N ARG D 583 72.68 54.18 -18.42
CA ARG D 583 73.67 54.85 -19.27
C ARG D 583 73.27 56.29 -19.57
N PHE D 584 72.00 56.62 -19.44
CA PHE D 584 71.44 57.93 -19.76
C PHE D 584 71.31 58.83 -18.52
N SER D 585 71.25 58.23 -17.33
CA SER D 585 70.91 58.94 -16.10
C SER D 585 72.17 59.45 -15.41
N PRO D 586 72.13 60.67 -14.85
CA PRO D 586 73.31 61.27 -14.23
C PRO D 586 73.82 60.55 -12.98
N TYR D 587 72.95 60.34 -12.00
CA TYR D 587 73.38 59.81 -10.69
C TYR D 587 73.90 58.38 -10.77
N GLU D 588 73.41 57.60 -11.74
CA GLU D 588 73.81 56.20 -11.81
C GLU D 588 75.17 56.10 -12.49
N TRP D 589 75.55 57.14 -13.23
CA TRP D 589 76.97 57.32 -13.45
C TRP D 589 77.58 57.88 -12.18
N TYR D 590 78.05 56.99 -11.32
CA TYR D 590 78.69 57.37 -10.06
C TYR D 590 79.95 56.53 -9.92
N ASN D 591 80.56 56.59 -8.75
CA ASN D 591 81.78 55.84 -8.53
C ASN D 591 81.76 55.20 -7.15
N PRO D 592 82.05 53.90 -7.06
CA PRO D 592 82.43 53.29 -5.77
C PRO D 592 83.81 53.70 -5.28
N HIS D 593 84.38 52.87 -4.39
CA HIS D 593 85.59 52.98 -3.56
C HIS D 593 85.46 54.03 -2.45
N PRO D 594 84.70 53.74 -1.38
CA PRO D 594 84.73 54.64 -0.22
C PRO D 594 86.06 54.62 0.52
N CYS D 595 86.69 53.43 0.61
CA CYS D 595 87.97 53.32 1.29
C CYS D 595 89.15 53.71 0.41
N ASN D 596 88.95 53.87 -0.90
CA ASN D 596 89.92 54.48 -1.80
C ASN D 596 89.38 55.84 -2.25
N PRO D 597 89.68 56.91 -1.51
CA PRO D 597 89.23 58.25 -1.94
C PRO D 597 89.99 58.75 -3.16
N ASP D 598 89.58 59.92 -3.65
CA ASP D 598 90.05 60.54 -4.90
C ASP D 598 89.83 59.62 -6.09
N SER D 599 88.77 58.81 -6.03
CA SER D 599 88.44 57.88 -7.10
C SER D 599 87.67 58.64 -8.17
N ASP D 600 88.34 59.01 -9.25
CA ASP D 600 87.72 59.87 -10.27
C ASP D 600 87.28 59.09 -11.50
N VAL D 601 87.43 57.77 -11.50
CA VAL D 601 87.00 56.96 -12.63
C VAL D 601 85.53 56.60 -12.42
N VAL D 602 84.64 57.38 -13.00
CA VAL D 602 83.20 57.22 -12.82
C VAL D 602 82.73 55.97 -13.54
N GLU D 603 82.12 55.04 -12.80
CA GLU D 603 81.82 53.71 -13.33
C GLU D 603 80.38 53.36 -13.01
N ASN D 604 79.54 53.32 -14.04
CA ASN D 604 78.24 52.67 -13.92
C ASN D 604 78.46 51.16 -13.81
N ASN D 605 77.82 50.56 -12.81
CA ASN D 605 77.90 49.11 -12.63
C ASN D 605 76.74 48.40 -13.31
N PHE D 606 75.79 49.14 -13.86
CA PHE D 606 74.86 48.58 -14.84
C PHE D 606 75.63 48.35 -16.13
N THR D 607 76.14 47.15 -16.29
CA THR D 607 76.51 46.65 -17.61
C THR D 607 75.38 45.79 -18.14
N LEU D 608 75.36 45.63 -19.46
CA LEU D 608 74.31 44.84 -20.10
C LEU D 608 74.46 43.36 -19.76
N LEU D 609 75.68 42.95 -19.39
CA LEU D 609 75.89 41.62 -18.84
C LEU D 609 75.16 41.44 -17.51
N ASN D 610 75.07 42.52 -16.74
CA ASN D 610 74.38 42.46 -15.45
C ASN D 610 72.95 42.96 -15.58
N SER D 611 72.63 43.70 -16.63
CA SER D 611 71.28 44.24 -16.81
C SER D 611 70.27 43.15 -17.10
N PHE D 612 70.69 42.03 -17.71
CA PHE D 612 69.90 40.81 -17.63
C PHE D 612 69.93 40.23 -16.24
N TRP D 613 71.13 40.17 -15.65
CA TRP D 613 71.36 39.41 -14.43
C TRP D 613 70.68 40.05 -13.23
N PHE D 614 70.35 41.33 -13.33
CA PHE D 614 69.42 41.90 -12.35
C PHE D 614 68.01 41.42 -12.62
N GLY D 615 67.61 41.43 -13.89
CA GLY D 615 66.21 41.24 -14.27
C GLY D 615 65.67 39.88 -13.92
N VAL D 616 66.44 38.83 -14.22
CA VAL D 616 66.00 37.48 -13.86
C VAL D 616 66.14 37.26 -12.36
N GLY D 617 67.09 37.98 -11.73
CA GLY D 617 67.24 37.85 -10.29
C GLY D 617 66.08 38.45 -9.54
N ALA D 618 65.53 39.55 -10.06
CA ALA D 618 64.22 40.00 -9.62
C ALA D 618 63.17 38.97 -9.98
N LEU D 619 63.25 38.42 -11.19
CA LEU D 619 62.15 37.62 -11.73
C LEU D 619 62.05 36.27 -11.04
N MET D 620 63.11 35.84 -10.40
CA MET D 620 63.03 34.62 -9.60
C MET D 620 63.36 34.88 -8.14
N GLN D 621 63.43 36.15 -7.76
CA GLN D 621 63.44 36.62 -6.37
C GLN D 621 64.56 36.06 -5.51
N GLN D 622 65.80 36.38 -5.84
CA GLN D 622 66.91 36.12 -4.92
C GLN D 622 67.80 37.34 -4.74
N GLY D 623 67.23 38.54 -4.80
CA GLY D 623 67.99 39.76 -4.74
C GLY D 623 68.93 39.92 -5.90
N SER D 624 69.94 40.76 -5.69
CA SER D 624 71.02 40.95 -6.66
C SER D 624 72.21 41.58 -5.96
N GLU D 625 73.33 41.71 -6.66
CA GLU D 625 74.41 42.53 -6.14
C GLU D 625 74.02 43.99 -6.29
N LEU D 626 73.70 44.40 -7.51
CA LEU D 626 73.36 45.79 -7.74
C LEU D 626 71.89 46.03 -7.45
N MET D 627 71.65 47.04 -6.63
CA MET D 627 70.35 47.69 -6.58
C MET D 627 70.52 48.96 -7.40
N PRO D 628 69.46 49.49 -7.99
CA PRO D 628 69.58 50.82 -8.61
C PRO D 628 69.77 51.87 -7.53
N LYS D 629 70.50 52.92 -7.89
CA LYS D 629 70.37 54.24 -7.31
C LYS D 629 69.45 54.99 -8.28
N ALA D 630 69.43 56.34 -8.21
CA ALA D 630 69.06 57.16 -9.36
C ALA D 630 67.64 56.97 -9.88
N LEU D 631 66.66 57.58 -9.20
CA LEU D 631 65.21 57.34 -9.24
C LEU D 631 64.63 56.81 -10.54
N SER D 632 65.11 57.35 -11.67
CA SER D 632 64.94 56.78 -13.00
C SER D 632 65.17 55.26 -13.01
N THR D 633 66.35 54.83 -12.56
CA THR D 633 66.66 53.40 -12.58
C THR D 633 65.95 52.64 -11.46
N ARG D 634 65.63 53.32 -10.35
CA ARG D 634 64.87 52.73 -9.25
C ARG D 634 63.52 52.23 -9.72
N ILE D 635 62.71 53.13 -10.27
CA ILE D 635 61.29 52.92 -10.59
C ILE D 635 61.10 51.78 -11.58
N VAL D 636 62.02 51.65 -12.53
CA VAL D 636 61.96 50.62 -13.57
C VAL D 636 62.03 49.24 -12.94
N GLY D 637 63.00 49.06 -12.04
CA GLY D 637 63.12 47.81 -11.32
C GLY D 637 61.98 47.56 -10.36
N GLY D 638 61.48 48.62 -9.72
CA GLY D 638 60.40 48.50 -8.76
C GLY D 638 59.11 48.06 -9.40
N ILE D 639 58.81 48.58 -10.58
CA ILE D 639 57.66 48.07 -11.32
C ILE D 639 57.96 46.71 -11.89
N TRP D 640 59.20 46.45 -12.30
CA TRP D 640 59.60 45.10 -12.68
C TRP D 640 59.56 44.16 -11.48
N TRP D 641 59.82 44.69 -10.28
CA TRP D 641 59.54 43.93 -9.07
C TRP D 641 58.06 43.68 -8.92
N PHE D 642 57.23 44.68 -9.26
CA PHE D 642 55.80 44.55 -9.05
C PHE D 642 55.20 43.51 -9.99
N PHE D 643 55.78 43.37 -11.16
CA PHE D 643 55.29 42.39 -12.12
C PHE D 643 55.62 40.98 -11.68
N THR D 644 56.82 40.78 -11.17
CA THR D 644 57.24 39.43 -10.81
C THR D 644 56.71 39.05 -9.43
N LEU D 645 56.12 40.00 -8.71
CA LEU D 645 55.27 39.63 -7.61
C LEU D 645 54.07 38.85 -8.10
N ILE D 646 53.42 39.37 -9.15
CA ILE D 646 52.13 38.86 -9.58
C ILE D 646 52.27 37.49 -10.24
N ILE D 647 53.21 37.37 -11.17
CA ILE D 647 53.31 36.16 -11.98
C ILE D 647 53.78 34.98 -11.15
N ILE D 648 54.69 35.21 -10.21
CA ILE D 648 55.04 34.17 -9.24
C ILE D 648 53.84 33.83 -8.38
N SER D 649 53.05 34.82 -8.00
CA SER D 649 51.89 34.54 -7.18
C SER D 649 50.78 33.88 -7.99
N SER D 650 50.56 34.36 -9.23
CA SER D 650 49.47 33.84 -10.04
C SER D 650 49.69 32.39 -10.41
N TYR D 651 50.93 32.03 -10.71
CA TYR D 651 51.31 30.65 -10.98
C TYR D 651 50.99 29.73 -9.82
N THR D 652 51.22 30.20 -8.59
CA THR D 652 50.99 29.35 -7.44
C THR D 652 49.49 29.15 -7.21
N ALA D 653 48.70 30.12 -7.68
CA ALA D 653 47.26 30.04 -7.46
C ALA D 653 46.62 28.96 -8.31
N ASN D 654 46.71 29.10 -9.64
CA ASN D 654 46.01 28.16 -10.49
C ASN D 654 46.64 26.78 -10.52
N LEU D 655 47.89 26.65 -10.08
CA LEU D 655 48.46 25.32 -9.86
C LEU D 655 47.70 24.59 -8.77
N ALA D 656 47.33 25.31 -7.71
CA ALA D 656 46.47 24.73 -6.70
C ALA D 656 45.11 24.40 -7.29
N ALA D 657 44.59 25.28 -8.15
CA ALA D 657 43.27 25.10 -8.75
C ALA D 657 43.23 23.86 -9.63
N PHE D 658 44.34 23.53 -10.27
CA PHE D 658 44.46 22.21 -10.86
C PHE D 658 44.46 21.16 -9.77
N LEU D 659 45.33 21.31 -8.79
CA LEU D 659 45.57 20.21 -7.87
C LEU D 659 44.47 20.09 -6.82
N THR D 660 43.61 21.11 -6.72
CA THR D 660 42.41 20.97 -5.91
C THR D 660 41.34 20.17 -6.65
N VAL D 661 41.15 20.45 -7.93
CA VAL D 661 40.06 19.80 -8.65
C VAL D 661 40.46 18.37 -8.99
N GLU D 662 41.76 18.06 -8.94
CA GLU D 662 42.18 16.66 -9.02
C GLU D 662 41.74 15.89 -7.79
N ARG D 663 41.86 16.50 -6.60
CA ARG D 663 41.32 15.85 -5.42
C ARG D 663 39.81 15.93 -5.36
N MET D 664 39.22 16.94 -5.99
CA MET D 664 37.78 16.95 -6.20
C MET D 664 37.35 15.89 -7.19
N GLU D 665 38.21 15.53 -8.14
CA GLU D 665 37.92 14.46 -9.07
C GLU D 665 37.87 13.12 -8.36
N SER D 666 36.74 12.45 -8.50
CA SER D 666 36.49 11.20 -7.80
C SER D 666 36.11 10.12 -8.80
N PRO D 667 36.96 9.10 -8.99
CA PRO D 667 36.54 7.93 -9.75
C PRO D 667 35.44 7.18 -9.00
N ILE D 668 34.30 6.96 -9.66
CA ILE D 668 33.12 6.44 -9.01
C ILE D 668 33.32 4.95 -8.67
N ASP D 669 32.92 4.56 -7.47
CA ASP D 669 33.08 3.18 -7.03
C ASP D 669 31.77 2.62 -6.50
N SER D 670 30.93 3.49 -5.95
CA SER D 670 29.62 3.03 -5.49
C SER D 670 28.69 2.93 -6.68
N ALA D 671 27.58 2.25 -6.49
CA ALA D 671 26.46 2.36 -7.42
C ALA D 671 25.70 3.64 -7.09
N ASP D 672 25.94 4.17 -5.89
CA ASP D 672 25.20 5.31 -5.37
C ASP D 672 25.46 6.57 -6.19
N ASP D 673 26.72 7.01 -6.25
CA ASP D 673 27.07 8.12 -7.13
C ASP D 673 26.90 7.76 -8.60
N LEU D 674 26.97 6.48 -8.91
CA LEU D 674 26.70 6.03 -10.27
C LEU D 674 25.21 6.06 -10.58
N ALA D 675 24.35 6.03 -9.56
CA ALA D 675 22.90 6.11 -9.78
C ALA D 675 22.42 7.50 -10.17
N LYS D 676 23.22 8.54 -9.93
CA LYS D 676 22.81 9.90 -10.24
C LYS D 676 23.36 10.39 -11.57
N GLN D 677 24.52 9.87 -11.99
CA GLN D 677 25.15 10.31 -13.25
C GLN D 677 24.66 9.35 -14.33
N THR D 678 23.84 9.88 -15.24
CA THR D 678 23.37 9.09 -16.36
C THR D 678 24.26 9.31 -17.58
N LYS D 679 25.40 9.98 -17.36
CA LYS D 679 26.41 10.25 -18.37
C LYS D 679 27.13 9.00 -18.84
N ILE D 680 27.09 7.91 -18.07
CA ILE D 680 27.54 6.61 -18.54
C ILE D 680 26.27 5.83 -18.89
N GLU D 681 26.36 5.05 -19.97
CA GLU D 681 25.21 4.46 -20.65
C GLU D 681 24.60 3.26 -19.91
N TYR D 682 25.00 3.03 -18.65
CA TYR D 682 24.95 1.74 -17.97
C TYR D 682 23.59 1.05 -17.89
N GLY D 683 23.61 -0.28 -17.84
CA GLY D 683 22.42 -1.08 -17.74
C GLY D 683 22.72 -2.52 -17.35
N ALA D 684 22.02 -3.47 -17.95
CA ALA D 684 22.17 -4.89 -17.65
C ALA D 684 21.53 -5.69 -18.80
N VAL D 685 21.42 -7.01 -18.60
CA VAL D 685 20.77 -7.84 -19.60
C VAL D 685 19.29 -8.01 -19.26
N GLU D 686 18.46 -7.92 -20.31
CA GLU D 686 17.03 -8.20 -20.27
C GLU D 686 16.76 -9.60 -19.72
N ASP D 687 15.68 -9.70 -18.93
CA ASP D 687 15.15 -10.91 -18.31
C ASP D 687 16.15 -11.55 -17.36
N GLY D 688 17.07 -10.76 -16.80
CA GLY D 688 18.16 -11.28 -16.01
C GLY D 688 17.82 -11.34 -14.54
N ALA D 689 18.49 -12.26 -13.85
CA ALA D 689 18.46 -12.27 -12.38
C ALA D 689 19.10 -11.02 -11.84
N THR D 690 20.10 -10.49 -12.56
CA THR D 690 20.58 -9.14 -12.32
C THR D 690 19.44 -8.14 -12.49
N MET D 691 18.73 -8.22 -13.62
CA MET D 691 17.68 -7.27 -13.97
C MET D 691 16.52 -7.26 -12.98
N THR D 692 15.99 -8.46 -12.69
CA THR D 692 14.80 -8.55 -11.86
C THR D 692 15.10 -8.20 -10.40
N PHE D 693 16.36 -8.21 -10.01
CA PHE D 693 16.76 -7.65 -8.73
C PHE D 693 16.49 -6.14 -8.72
N PHE D 694 16.89 -5.45 -9.79
CA PHE D 694 16.58 -4.03 -9.90
C PHE D 694 15.09 -3.80 -10.09
N LYS D 695 14.41 -4.72 -10.76
CA LYS D 695 13.00 -4.58 -11.06
C LYS D 695 12.14 -4.68 -9.81
N LYS D 696 12.48 -5.57 -8.88
CA LYS D 696 11.71 -5.63 -7.65
C LYS D 696 12.33 -4.78 -6.55
N SER D 697 13.34 -3.98 -6.88
CA SER D 697 14.08 -3.28 -5.84
C SER D 697 13.24 -2.18 -5.20
N LYS D 698 13.44 -2.03 -3.90
CA LYS D 698 12.85 -0.93 -3.17
C LYS D 698 13.95 -0.05 -2.58
N ILE D 699 15.15 -0.05 -3.15
CA ILE D 699 16.33 0.47 -2.49
C ILE D 699 16.75 1.74 -3.20
N SER D 700 17.06 2.78 -2.40
CA SER D 700 17.30 4.17 -2.79
C SER D 700 18.13 4.34 -4.06
N THR D 701 19.32 3.76 -4.08
CA THR D 701 20.15 3.82 -5.28
C THR D 701 19.56 2.94 -6.37
N TYR D 702 19.19 1.72 -6.02
CA TYR D 702 18.83 0.73 -7.03
C TYR D 702 17.45 1.01 -7.61
N ASP D 703 16.63 1.79 -6.89
CA ASP D 703 15.42 2.35 -7.49
C ASP D 703 15.76 3.28 -8.63
N LYS D 704 16.67 4.24 -8.37
CA LYS D 704 17.01 5.25 -9.36
C LYS D 704 17.78 4.65 -10.53
N MET D 705 18.49 3.55 -10.28
CA MET D 705 19.10 2.79 -11.35
C MET D 705 18.04 2.17 -12.24
N TRP D 706 17.06 1.49 -11.64
CA TRP D 706 16.01 0.84 -12.41
C TRP D 706 14.97 1.85 -12.89
N ALA D 707 15.06 3.09 -12.42
CA ALA D 707 14.15 4.15 -12.85
C ALA D 707 14.29 4.43 -14.34
N PHE D 708 15.52 4.42 -14.86
CA PHE D 708 15.69 4.84 -16.25
C PHE D 708 15.92 3.66 -17.18
N MET D 709 16.28 2.49 -16.66
CA MET D 709 16.66 1.35 -17.48
C MET D 709 15.50 0.78 -18.27
N SER D 710 14.36 0.60 -17.62
CA SER D 710 13.13 0.28 -18.32
C SER D 710 12.68 1.48 -19.14
N SER D 711 13.05 2.68 -18.69
CA SER D 711 12.51 3.89 -19.29
C SER D 711 13.25 4.25 -20.59
N ARG D 712 14.50 3.82 -20.76
CA ARG D 712 15.12 4.21 -22.02
C ARG D 712 14.71 3.31 -23.18
N ARG D 713 15.30 2.12 -23.29
CA ARG D 713 14.78 0.78 -23.67
C ARG D 713 16.06 -0.08 -23.82
N GLN D 714 15.99 -1.24 -24.47
CA GLN D 714 17.08 -2.16 -24.83
C GLN D 714 18.30 -1.55 -25.48
N SER D 715 18.20 -0.32 -25.99
CA SER D 715 19.32 0.55 -26.35
C SER D 715 20.46 0.50 -25.34
N VAL D 716 20.12 0.50 -24.06
CA VAL D 716 21.09 0.35 -22.99
C VAL D 716 20.85 -0.97 -22.25
N LEU D 717 19.65 -1.53 -22.42
CA LEU D 717 19.23 -2.69 -21.63
C LEU D 717 19.37 -3.94 -22.49
N VAL D 718 20.61 -4.43 -22.62
CA VAL D 718 21.03 -5.35 -23.68
C VAL D 718 20.43 -6.75 -23.53
N LYS D 719 20.66 -7.59 -24.54
CA LYS D 719 20.16 -8.97 -24.52
C LYS D 719 21.31 -9.95 -24.42
N SER D 720 22.52 -9.48 -24.13
CA SER D 720 23.63 -10.41 -24.15
C SER D 720 24.68 -10.01 -23.13
N ASN D 721 25.36 -11.02 -22.58
CA ASN D 721 26.54 -10.78 -21.76
C ASN D 721 27.69 -10.26 -22.62
N GLU D 722 27.79 -10.72 -23.88
CA GLU D 722 28.88 -10.29 -24.74
C GLU D 722 28.69 -8.85 -25.20
N GLU D 723 27.49 -8.30 -25.04
CA GLU D 723 27.31 -6.85 -25.16
C GLU D 723 28.15 -6.11 -24.12
N GLY D 724 28.29 -6.71 -22.94
CA GLY D 724 29.17 -6.19 -21.91
C GLY D 724 30.63 -6.17 -22.34
N ILE D 725 31.07 -7.23 -23.00
CA ILE D 725 32.41 -7.23 -23.57
C ILE D 725 32.49 -6.21 -24.70
N GLN D 726 31.40 -6.05 -25.45
CA GLN D 726 31.35 -5.00 -26.47
C GLN D 726 31.29 -3.59 -25.87
N ARG D 727 30.25 -3.29 -25.08
CA ARG D 727 29.95 -1.90 -24.79
C ARG D 727 30.91 -1.29 -23.76
N VAL D 728 31.52 -2.11 -22.91
CA VAL D 728 32.52 -1.58 -21.99
C VAL D 728 33.75 -1.17 -22.79
N LEU D 729 34.12 -1.98 -23.77
CA LEU D 729 35.32 -1.67 -24.52
C LEU D 729 35.10 -0.66 -25.63
N THR D 730 33.95 -0.68 -26.30
CA THR D 730 33.71 0.16 -27.47
C THR D 730 33.00 1.47 -27.15
N SER D 731 31.76 1.41 -26.66
CA SER D 731 30.98 2.63 -26.42
C SER D 731 30.64 2.68 -24.94
N ASP D 732 31.52 3.33 -24.15
CA ASP D 732 31.81 3.03 -22.75
C ASP D 732 30.58 3.01 -21.86
N TYR D 733 30.59 2.12 -20.88
CA TYR D 733 29.37 1.52 -20.36
C TYR D 733 29.74 0.80 -19.07
N ALA D 734 28.79 0.71 -18.15
CA ALA D 734 29.02 0.05 -16.86
C ALA D 734 28.03 -1.11 -16.79
N PHE D 735 28.48 -2.29 -17.23
CA PHE D 735 27.58 -3.38 -17.59
C PHE D 735 26.91 -4.03 -16.39
N LEU D 736 27.48 -3.91 -15.19
CA LEU D 736 26.82 -4.23 -13.92
C LEU D 736 26.39 -5.70 -13.86
N MET D 737 27.36 -6.62 -13.86
CA MET D 737 27.01 -8.02 -13.90
C MET D 737 27.58 -8.76 -12.69
N GLU D 738 27.45 -10.08 -12.74
CA GLU D 738 27.69 -10.94 -11.60
C GLU D 738 29.19 -11.07 -11.33
N SER D 739 29.51 -11.43 -10.08
CA SER D 739 30.82 -11.10 -9.51
C SER D 739 31.93 -11.94 -10.10
N THR D 740 31.82 -13.27 -10.02
CA THR D 740 32.87 -14.10 -10.61
C THR D 740 32.73 -14.18 -12.11
N THR D 741 31.62 -13.71 -12.67
CA THR D 741 31.51 -13.56 -14.12
C THR D 741 32.44 -12.46 -14.59
N ILE D 742 32.63 -11.44 -13.75
CA ILE D 742 33.61 -10.39 -14.00
C ILE D 742 35.02 -10.97 -13.86
N GLU D 743 35.17 -11.99 -13.00
CA GLU D 743 36.49 -12.49 -12.62
C GLU D 743 37.23 -13.12 -13.81
N PHE D 744 36.51 -13.81 -14.70
CA PHE D 744 37.16 -14.27 -15.91
C PHE D 744 37.29 -13.14 -16.94
N VAL D 745 36.46 -12.10 -16.83
CA VAL D 745 36.63 -10.95 -17.71
C VAL D 745 37.79 -10.09 -17.22
N THR D 746 38.00 -10.02 -15.90
CA THR D 746 39.26 -9.47 -15.38
C THR D 746 40.45 -10.32 -15.78
N GLN D 747 40.25 -11.64 -15.87
CA GLN D 747 41.33 -12.57 -16.20
C GLN D 747 41.82 -12.36 -17.62
N ARG D 748 40.96 -11.88 -18.50
CA ARG D 748 41.38 -11.59 -19.86
C ARG D 748 42.02 -10.21 -19.94
N ASN D 749 41.26 -9.17 -19.59
CA ASN D 749 41.70 -7.79 -19.83
C ASN D 749 42.37 -7.20 -18.60
N CYS D 750 43.55 -6.61 -18.80
CA CYS D 750 44.12 -5.73 -17.78
C CYS D 750 43.40 -4.40 -17.76
N ASN D 751 42.86 -3.96 -18.90
CA ASN D 751 42.01 -2.79 -18.91
C ASN D 751 40.56 -3.17 -18.59
N LEU D 752 40.35 -3.72 -17.39
CA LEU D 752 39.03 -4.07 -16.89
C LEU D 752 39.03 -3.80 -15.38
N THR D 753 38.15 -2.92 -14.93
CA THR D 753 37.94 -2.69 -13.49
C THR D 753 36.74 -3.52 -13.03
N GLN D 754 37.01 -4.52 -12.21
CA GLN D 754 35.97 -4.99 -11.30
C GLN D 754 35.73 -3.86 -10.30
N ILE D 755 34.62 -3.14 -10.45
CA ILE D 755 34.37 -2.02 -9.55
C ILE D 755 33.98 -2.52 -8.17
N GLY D 756 34.85 -2.26 -7.19
CA GLY D 756 34.59 -2.47 -5.78
C GLY D 756 34.21 -3.86 -5.36
N GLY D 757 32.97 -4.01 -4.89
CA GLY D 757 32.50 -5.27 -4.39
C GLY D 757 31.09 -5.63 -4.82
N LEU D 758 30.47 -6.49 -4.04
CA LEU D 758 29.19 -7.10 -4.38
C LEU D 758 28.03 -6.21 -3.92
N ILE D 759 26.98 -6.20 -4.72
CA ILE D 759 25.73 -5.57 -4.32
C ILE D 759 25.08 -6.46 -3.26
N ASP D 760 25.04 -7.75 -3.53
CA ASP D 760 24.26 -8.69 -2.76
C ASP D 760 24.95 -10.05 -2.75
N SER D 761 24.22 -11.11 -2.35
CA SER D 761 24.84 -12.44 -2.39
C SER D 761 23.76 -13.48 -2.73
N LYS D 762 23.61 -13.75 -4.02
CA LYS D 762 22.77 -14.85 -4.48
C LYS D 762 23.60 -16.13 -4.62
N GLY D 763 23.03 -17.13 -5.30
CA GLY D 763 23.79 -18.34 -5.57
C GLY D 763 23.23 -19.20 -6.67
N TYR D 764 24.09 -19.62 -7.61
CA TYR D 764 23.69 -20.38 -8.80
C TYR D 764 23.10 -21.73 -8.42
N GLY D 765 21.79 -21.89 -8.61
CA GLY D 765 21.14 -23.15 -8.33
C GLY D 765 21.36 -24.21 -9.38
N VAL D 766 20.63 -25.31 -9.29
CA VAL D 766 20.67 -26.41 -10.24
C VAL D 766 19.33 -26.44 -10.95
N GLY D 767 19.33 -26.16 -12.26
CA GLY D 767 18.11 -26.09 -13.03
C GLY D 767 17.38 -27.41 -13.10
N THR D 768 16.26 -27.50 -12.38
CA THR D 768 15.53 -28.73 -12.11
C THR D 768 14.03 -28.56 -12.30
N PRO D 769 13.34 -29.53 -12.92
CA PRO D 769 11.96 -29.29 -13.39
C PRO D 769 10.87 -29.44 -12.35
N MET D 770 10.38 -28.29 -11.83
CA MET D 770 9.19 -28.16 -10.99
C MET D 770 9.16 -29.18 -9.84
N GLY D 771 10.19 -29.18 -9.00
CA GLY D 771 10.29 -30.24 -8.02
C GLY D 771 10.77 -31.55 -8.62
N SER D 772 12.01 -31.56 -9.11
CA SER D 772 12.70 -32.71 -9.70
C SER D 772 12.73 -33.93 -8.79
N PRO D 773 12.74 -35.15 -9.35
CA PRO D 773 13.04 -36.33 -8.53
C PRO D 773 14.51 -36.40 -8.15
N TYR D 774 15.35 -35.67 -8.88
CA TYR D 774 16.79 -35.64 -8.61
C TYR D 774 17.27 -34.28 -8.13
N ARG D 775 16.35 -33.39 -7.74
CA ARG D 775 16.66 -32.10 -7.13
C ARG D 775 17.53 -32.29 -5.89
N ASP D 776 17.07 -33.14 -4.99
CA ASP D 776 17.88 -33.48 -3.83
C ASP D 776 18.96 -34.50 -4.16
N LYS D 777 18.96 -35.09 -5.35
CA LYS D 777 19.95 -36.10 -5.66
C LYS D 777 21.13 -35.49 -6.41
N ILE D 778 20.95 -34.27 -6.92
CA ILE D 778 22.08 -33.45 -7.32
C ILE D 778 22.62 -32.69 -6.11
N THR D 779 21.77 -32.46 -5.10
CA THR D 779 22.16 -31.83 -3.85
C THR D 779 23.22 -32.65 -3.11
N ILE D 780 22.85 -33.86 -2.67
CA ILE D 780 23.77 -34.78 -2.01
C ILE D 780 24.92 -35.19 -2.93
N ALA D 781 24.70 -35.14 -4.25
CA ALA D 781 25.81 -35.23 -5.20
C ALA D 781 26.82 -34.11 -4.98
N ILE D 782 26.43 -32.85 -5.18
CA ILE D 782 27.42 -31.79 -5.06
C ILE D 782 27.76 -31.43 -3.63
N LEU D 783 27.00 -31.91 -2.63
CA LEU D 783 27.46 -31.76 -1.26
C LEU D 783 28.62 -32.71 -0.96
N GLN D 784 28.71 -33.82 -1.69
CA GLN D 784 29.90 -34.65 -1.54
C GLN D 784 30.90 -34.38 -2.65
N LEU D 785 30.54 -33.55 -3.63
CA LEU D 785 31.52 -33.10 -4.60
C LEU D 785 32.29 -31.89 -4.11
N GLN D 786 31.64 -31.01 -3.32
CA GLN D 786 32.38 -30.03 -2.55
C GLN D 786 33.29 -30.69 -1.53
N GLU D 787 32.85 -31.83 -0.97
CA GLU D 787 33.73 -32.70 -0.22
C GLU D 787 34.88 -33.22 -1.08
N GLU D 788 34.61 -33.59 -2.33
CA GLU D 788 35.71 -33.93 -3.24
C GLU D 788 36.49 -32.69 -3.65
N GLY D 789 35.88 -31.51 -3.61
CA GLY D 789 36.55 -30.31 -4.03
C GLY D 789 36.76 -30.20 -5.53
N LYS D 790 36.07 -31.00 -6.33
CA LYS D 790 36.21 -30.88 -7.78
C LYS D 790 35.54 -29.62 -8.30
N LEU D 791 34.67 -28.99 -7.49
CA LEU D 791 34.05 -27.71 -7.84
C LEU D 791 35.10 -26.64 -8.10
N HIS D 792 36.00 -26.43 -7.14
CA HIS D 792 36.96 -25.35 -7.28
C HIS D 792 38.13 -25.72 -8.19
N MET D 793 38.26 -27.01 -8.52
CA MET D 793 39.32 -27.43 -9.44
C MET D 793 39.03 -26.94 -10.85
N MET D 794 37.84 -27.26 -11.36
CA MET D 794 37.45 -26.84 -12.70
C MET D 794 36.99 -25.38 -12.71
N LYS D 795 36.82 -24.78 -11.53
CA LYS D 795 36.73 -23.33 -11.41
C LYS D 795 38.05 -22.73 -11.83
N GLU D 796 39.13 -23.31 -11.33
CA GLU D 796 40.47 -22.81 -11.64
C GLU D 796 40.90 -23.24 -13.04
N LYS D 797 40.23 -24.24 -13.61
CA LYS D 797 40.55 -24.65 -14.97
C LYS D 797 40.08 -23.61 -15.98
N TRP D 798 39.07 -22.82 -15.62
CA TRP D 798 38.54 -21.84 -16.57
C TRP D 798 38.83 -20.41 -16.13
N TRP D 799 38.49 -20.05 -14.89
CA TRP D 799 38.66 -18.68 -14.42
C TRP D 799 40.12 -18.31 -14.18
N ARG D 800 41.01 -19.30 -14.12
CA ARG D 800 42.43 -18.95 -14.05
C ARG D 800 43.11 -19.16 -15.41
N GLY D 801 42.84 -18.30 -16.38
CA GLY D 801 43.50 -18.45 -17.66
C GLY D 801 44.96 -18.04 -17.65
N ASN D 802 45.24 -16.74 -17.66
CA ASN D 802 46.59 -16.18 -17.54
C ASN D 802 46.56 -14.76 -16.98
N GLY D 803 46.71 -14.63 -15.66
CA GLY D 803 46.74 -13.38 -14.91
C GLY D 803 45.86 -12.22 -15.34
N CYS D 804 46.49 -11.05 -15.46
CA CYS D 804 46.09 -9.75 -15.98
C CYS D 804 44.89 -9.10 -15.27
N PRO D 805 44.73 -9.26 -13.95
CA PRO D 805 44.72 -8.08 -13.08
C PRO D 805 46.09 -7.92 -12.45
N GLU D 806 47.10 -7.46 -13.19
CA GLU D 806 48.50 -7.50 -12.75
C GLU D 806 48.73 -6.72 -11.48
N GLU D 807 48.48 -5.40 -11.52
CA GLU D 807 48.15 -4.56 -10.37
C GLU D 807 49.25 -4.57 -9.31
N GLU D 808 50.42 -4.05 -9.70
CA GLU D 808 51.56 -4.08 -8.79
C GLU D 808 51.51 -2.94 -7.77
N SER D 809 51.51 -1.68 -8.23
CA SER D 809 51.31 -0.56 -7.31
C SER D 809 50.08 0.22 -7.73
N LYS D 810 50.11 0.90 -8.89
CA LYS D 810 49.08 1.81 -9.44
C LYS D 810 48.34 2.69 -8.43
N GLU D 811 49.06 3.48 -7.65
CA GLU D 811 48.44 4.38 -6.68
C GLU D 811 49.09 5.75 -6.72
N ALA D 812 48.34 6.78 -6.31
CA ALA D 812 48.81 8.15 -6.27
C ALA D 812 47.94 8.95 -5.31
N SER D 813 48.58 9.58 -4.33
CA SER D 813 47.84 10.39 -3.36
C SER D 813 48.59 11.68 -3.02
N ALA D 814 49.65 11.99 -3.78
CA ALA D 814 50.44 13.18 -3.54
C ALA D 814 51.12 13.62 -4.82
N LEU D 815 52.08 14.55 -4.72
CA LEU D 815 52.87 14.91 -5.89
C LEU D 815 53.95 13.86 -6.13
N GLY D 816 54.07 13.40 -7.37
CA GLY D 816 55.16 12.52 -7.75
C GLY D 816 56.10 13.25 -8.69
N VAL D 817 57.14 12.53 -9.11
CA VAL D 817 58.11 13.04 -10.07
C VAL D 817 57.41 13.15 -11.42
N GLN D 818 56.44 12.25 -11.64
CA GLN D 818 55.72 12.10 -12.92
C GLN D 818 55.07 13.39 -13.39
N ASN D 819 54.67 14.25 -12.47
CA ASN D 819 54.12 15.56 -12.81
C ASN D 819 55.22 16.59 -13.03
N ILE D 820 56.31 16.50 -12.25
CA ILE D 820 57.34 17.53 -12.23
C ILE D 820 58.71 16.95 -12.57
N GLY D 821 58.74 15.91 -13.39
CA GLY D 821 60.02 15.45 -13.92
C GLY D 821 60.59 16.40 -14.95
N GLY D 822 59.76 17.21 -15.59
CA GLY D 822 60.17 18.12 -16.62
C GLY D 822 61.12 19.22 -16.17
N ILE D 823 61.14 19.54 -14.87
CA ILE D 823 62.13 20.50 -14.40
C ILE D 823 63.49 19.85 -14.27
N PHE D 824 63.51 18.55 -13.98
CA PHE D 824 64.78 17.84 -13.79
C PHE D 824 65.52 17.72 -15.10
N ILE D 825 64.78 17.50 -16.20
CA ILE D 825 65.44 17.41 -17.50
C ILE D 825 65.91 18.78 -17.95
N VAL D 826 65.18 19.85 -17.60
CA VAL D 826 65.68 21.16 -17.96
C VAL D 826 66.67 21.66 -16.92
N LEU D 827 66.69 21.06 -15.72
CA LEU D 827 67.85 21.20 -14.86
C LEU D 827 69.04 20.47 -15.47
N ALA D 828 68.80 19.27 -16.00
CA ALA D 828 69.85 18.56 -16.74
C ALA D 828 70.23 19.34 -17.99
N ALA D 829 69.25 19.90 -18.70
CA ALA D 829 69.56 20.79 -19.81
C ALA D 829 70.17 22.09 -19.31
N GLY D 830 69.86 22.48 -18.07
CA GLY D 830 70.51 23.62 -17.47
C GLY D 830 71.97 23.34 -17.12
N LEU D 831 72.22 22.20 -16.48
CA LEU D 831 73.57 21.85 -16.05
C LEU D 831 74.50 21.50 -17.21
N VAL D 832 73.97 20.94 -18.28
CA VAL D 832 74.81 20.65 -19.45
C VAL D 832 75.18 21.94 -20.17
N LEU D 833 74.18 22.79 -20.43
CA LEU D 833 74.43 24.07 -21.09
C LEU D 833 75.24 25.03 -20.22
N SER D 834 75.20 24.83 -18.90
CA SER D 834 76.09 25.50 -17.96
C SER D 834 77.56 25.27 -18.29
N VAL D 835 77.99 24.01 -18.24
CA VAL D 835 79.39 23.69 -18.44
C VAL D 835 79.77 23.83 -19.93
N PHE D 836 78.77 23.82 -20.81
CA PHE D 836 78.99 24.02 -22.24
C PHE D 836 79.53 25.42 -22.53
N VAL D 837 78.93 26.45 -21.92
CA VAL D 837 79.38 27.81 -22.16
C VAL D 837 80.56 28.14 -21.26
N ALA D 838 80.84 27.28 -20.27
CA ALA D 838 81.97 27.52 -19.37
C ALA D 838 83.30 27.32 -20.07
N VAL D 839 83.29 26.58 -21.19
CA VAL D 839 84.49 26.37 -22.01
C VAL D 839 84.60 27.54 -22.98
N GLY D 840 83.46 28.19 -23.25
CA GLY D 840 83.36 29.28 -24.22
C GLY D 840 84.25 30.49 -24.01
N GLU D 841 84.18 31.09 -22.82
CA GLU D 841 85.12 32.17 -22.50
C GLU D 841 86.47 31.61 -22.09
N PHE D 842 86.50 30.33 -21.70
CA PHE D 842 87.75 29.68 -21.30
C PHE D 842 88.68 29.53 -22.49
N LEU D 843 88.11 29.41 -23.69
CA LEU D 843 88.91 29.49 -24.91
C LEU D 843 89.04 30.94 -25.37
N TYR D 844 88.02 31.76 -25.10
CA TYR D 844 88.06 33.16 -25.53
C TYR D 844 89.07 33.95 -24.70
N LYS D 845 89.29 33.54 -23.45
CA LYS D 845 90.42 34.11 -22.71
C LYS D 845 91.73 33.47 -23.14
N SER D 846 91.70 32.18 -23.48
CA SER D 846 92.86 31.51 -24.07
C SER D 846 93.26 32.12 -25.40
N LYS D 847 92.29 32.54 -26.22
CA LYS D 847 92.63 33.34 -27.39
C LYS D 847 92.94 34.78 -27.03
N LYS D 848 92.39 35.29 -25.92
CA LYS D 848 92.85 36.59 -25.42
C LYS D 848 94.27 36.48 -24.88
N ASN D 849 94.62 35.32 -24.30
CA ASN D 849 96.03 35.02 -24.04
C ASN D 849 96.81 34.82 -25.32
N ALA D 850 96.14 34.42 -26.42
CA ALA D 850 96.81 34.37 -27.71
C ALA D 850 96.88 35.76 -28.34
N GLN D 851 95.93 36.63 -28.00
CA GLN D 851 96.06 38.05 -28.32
C GLN D 851 97.20 38.63 -27.50
N LEU D 852 97.38 38.13 -26.28
CA LEU D 852 98.47 38.57 -25.41
C LEU D 852 99.82 38.19 -25.98
N GLU D 853 100.11 36.88 -26.09
CA GLU D 853 101.50 36.54 -26.41
C GLU D 853 101.72 35.88 -27.77
N LYS D 854 101.20 34.65 -27.98
CA LYS D 854 101.47 33.90 -29.21
C LYS D 854 100.46 32.76 -29.37
N ARG D 855 100.75 31.79 -30.25
CA ARG D 855 99.84 31.07 -31.15
C ARG D 855 98.45 30.74 -30.60
N SER D 856 98.33 29.76 -29.70
CA SER D 856 97.17 29.67 -28.83
C SER D 856 97.49 29.06 -27.47
N PHE D 857 98.56 28.26 -27.40
CA PHE D 857 98.71 27.31 -26.31
C PHE D 857 99.72 27.75 -25.26
N CYS D 858 100.38 28.89 -25.46
CA CYS D 858 101.48 29.29 -24.58
C CYS D 858 100.98 29.64 -23.18
N SER D 859 100.16 30.68 -23.09
CA SER D 859 99.51 31.02 -21.82
C SER D 859 98.20 30.28 -21.64
N ALA D 860 98.02 29.11 -22.28
CA ALA D 860 96.86 28.28 -22.03
C ALA D 860 97.21 27.05 -21.21
N MET D 861 98.35 26.43 -21.50
CA MET D 861 98.77 25.23 -20.78
C MET D 861 99.17 25.56 -19.34
N VAL D 862 99.71 26.75 -19.12
CA VAL D 862 100.02 27.25 -17.79
C VAL D 862 98.69 27.57 -17.11
N GLU D 863 97.69 27.96 -17.92
CA GLU D 863 96.47 28.57 -17.41
C GLU D 863 95.56 27.57 -16.71
N GLU D 864 95.60 26.28 -17.08
CA GLU D 864 94.91 25.29 -16.24
C GLU D 864 95.76 24.92 -15.03
N LEU D 865 97.09 24.94 -15.18
CA LEU D 865 97.98 24.71 -14.05
C LEU D 865 97.94 25.91 -13.10
N ARG D 866 97.60 27.09 -13.63
CA ARG D 866 97.34 28.24 -12.78
C ARG D 866 96.01 28.07 -12.04
N MET D 867 95.05 27.38 -12.65
CA MET D 867 93.80 27.08 -11.97
C MET D 867 93.97 26.03 -10.89
N SER D 868 94.87 25.06 -11.12
CA SER D 868 94.98 23.89 -10.26
C SER D 868 95.74 24.15 -8.96
N LEU D 869 95.98 25.42 -8.62
CA LEU D 869 96.55 25.83 -7.35
C LEU D 869 95.49 26.05 -6.27
N LYS D 870 94.36 25.34 -6.39
CA LYS D 870 93.15 25.61 -5.61
C LYS D 870 93.30 25.22 -4.14
N CYS D 871 94.09 24.18 -3.85
CA CYS D 871 94.18 23.69 -2.48
C CYS D 871 95.34 24.33 -1.74
N GLN D 872 96.40 24.70 -2.46
CA GLN D 872 97.51 25.43 -1.87
C GLN D 872 97.09 26.85 -1.52
N ARG D 873 96.13 27.39 -2.27
CA ARG D 873 95.46 28.65 -1.93
C ARG D 873 94.70 28.49 -0.63
N ARG D 874 94.07 27.34 -0.43
CA ARG D 874 93.28 27.08 0.76
C ARG D 874 94.15 26.92 2.00
C1 NAG E . -15.31 -3.46 -42.81
C2 NAG E . -15.06 -3.43 -41.30
C3 NAG E . -13.79 -4.20 -40.95
C4 NAG E . -13.84 -5.61 -41.52
C5 NAG E . -14.02 -5.52 -43.03
C6 NAG E . -14.14 -6.88 -43.69
C7 NAG E . -15.60 -1.59 -39.74
C8 NAG E . -16.46 -2.56 -38.99
N2 NAG E . -14.96 -2.06 -40.83
O3 NAG E . -13.69 -4.25 -39.53
O4 NAG E . -12.73 -6.45 -41.19
O5 NAG E . -15.25 -4.82 -43.30
O6 NAG E . -13.05 -7.13 -44.55
O7 NAG E . -15.48 -0.42 -39.39
C1 NAG E . -11.41 -5.90 -41.09
C2 NAG E . -10.94 -6.15 -39.67
C3 NAG E . -10.76 -7.63 -39.42
C4 NAG E . -9.72 -8.20 -40.37
C5 NAG E . -9.95 -7.82 -41.83
C6 NAG E . -10.90 -8.76 -42.58
C7 NAG E . -9.69 -4.17 -38.94
C8 NAG E . -8.34 -3.58 -38.70
N2 NAG E . -9.71 -5.44 -39.37
O3 NAG E . -12.02 -8.29 -39.59
O4 NAG E . -8.45 -7.69 -39.99
O5 NAG E . -10.44 -6.47 -42.02
O6 NAG E . -10.57 -10.11 -42.31
O7 NAG E . -10.72 -3.53 -38.77
C1 BMA E . -7.81 -8.62 -39.09
C2 BMA E . -6.32 -8.72 -39.57
C3 BMA E . -5.37 -9.22 -38.49
C4 BMA E . -5.69 -8.67 -37.07
C5 BMA E . -7.17 -8.95 -36.78
C6 BMA E . -7.62 -8.54 -35.38
O2 BMA E . -5.83 -7.45 -39.98
O3 BMA E . -4.02 -8.92 -38.85
O4 BMA E . -4.88 -9.27 -36.08
O5 BMA E . -7.94 -8.19 -37.73
O6 BMA E . -6.50 -8.16 -34.62
C1 MAN E . -3.24 -10.13 -38.83
C2 MAN E . -1.98 -9.94 -39.73
C3 MAN E . -1.33 -11.30 -40.13
C4 MAN E . -1.77 -12.49 -39.24
C5 MAN E . -3.33 -12.60 -39.28
C6 MAN E . -3.93 -13.47 -38.17
O2 MAN E . -0.96 -9.19 -39.07
O3 MAN E . 0.09 -11.22 -40.15
O4 MAN E . -1.20 -13.70 -39.71
O5 MAN E . -4.00 -11.29 -39.25
O6 MAN E . -3.93 -12.74 -36.95
C1 MAN E . -6.83 -6.92 -33.94
C2 MAN E . -6.31 -5.74 -34.82
C3 MAN E . -5.84 -4.54 -33.97
C4 MAN E . -6.63 -4.41 -32.66
C5 MAN E . -6.41 -5.68 -31.79
C6 MAN E . -7.48 -5.91 -30.73
O2 MAN E . -7.33 -5.24 -35.68
O3 MAN E . -5.91 -3.34 -34.71
O4 MAN E . -6.19 -3.28 -31.94
O5 MAN E . -6.28 -6.92 -32.62
O6 MAN E . -8.76 -6.04 -31.36
C1 NAG F . -40.10 -26.95 -36.88
C2 NAG F . -38.67 -27.48 -36.83
C3 NAG F . -38.25 -27.61 -35.38
C4 NAG F . -38.39 -26.27 -34.64
C5 NAG F . -39.79 -25.68 -34.87
C6 NAG F . -39.89 -24.25 -34.40
C7 NAG F . -37.53 -29.08 -38.34
C8 NAG F . -36.50 -28.02 -38.60
N2 NAG F . -38.54 -28.76 -37.51
O3 NAG F . -36.91 -28.06 -35.29
O4 NAG F . -38.24 -26.52 -33.26
O5 NAG F . -40.16 -25.68 -36.25
O6 NAG F . -39.78 -24.13 -32.99
O7 NAG F . -37.47 -30.18 -38.88
C1 NAG F . -37.07 -25.99 -32.54
C2 NAG F . -35.99 -25.33 -33.42
C3 NAG F . -35.29 -24.18 -32.69
C4 NAG F . -35.28 -24.36 -31.17
C5 NAG F . -36.67 -24.67 -30.60
C6 NAG F . -37.27 -23.50 -29.86
C7 NAG F . -34.38 -26.21 -35.06
C8 NAG F . -33.41 -27.29 -35.39
N2 NAG F . -35.02 -26.31 -33.89
O3 NAG F . -35.92 -22.96 -33.02
O4 NAG F . -34.36 -25.38 -30.79
O5 NAG F . -37.59 -25.02 -31.63
O6 NAG F . -38.37 -22.97 -30.58
O7 NAG F . -34.60 -25.27 -35.82
C1 BMA F . -33.24 -24.74 -30.15
C2 BMA F . -32.67 -25.66 -29.05
C3 BMA F . -31.41 -25.00 -28.46
C4 BMA F . -30.39 -24.68 -29.58
C5 BMA F . -31.07 -23.79 -30.64
C6 BMA F . -30.22 -23.57 -31.84
O2 BMA F . -32.26 -26.91 -29.58
O3 BMA F . -30.80 -25.77 -27.42
O4 BMA F . -29.27 -24.01 -29.03
O5 BMA F . -32.25 -24.45 -31.13
O6 BMA F . -29.04 -22.85 -31.50
C1 MAN F . -30.78 -25.02 -26.18
C2 MAN F . -32.10 -25.33 -25.38
C3 MAN F . -32.71 -24.06 -24.77
C4 MAN F . -31.63 -23.17 -24.16
C5 MAN F . -30.67 -22.67 -25.27
C6 MAN F . -29.24 -22.44 -24.80
O2 MAN F . -31.85 -26.21 -24.29
O3 MAN F . -33.71 -24.36 -23.81
O4 MAN F . -32.23 -22.05 -23.53
O5 MAN F . -30.62 -23.61 -26.42
O6 MAN F . -28.65 -21.48 -25.68
C1 MAN F . -27.92 -23.47 -32.18
C2 MAN F . -26.66 -22.58 -31.92
C3 MAN F . -26.62 -21.42 -32.90
C4 MAN F . -26.67 -21.93 -34.34
C5 MAN F . -28.02 -22.56 -34.53
C6 MAN F . -28.25 -23.06 -35.95
O2 MAN F . -25.46 -23.32 -32.14
O3 MAN F . -25.49 -20.61 -32.71
O4 MAN F . -26.53 -20.87 -35.23
O5 MAN F . -28.16 -23.69 -33.61
O6 MAN F . -29.42 -22.41 -36.46
C1 NAG G . -19.90 -25.02 -47.42
C2 NAG G . -20.53 -26.33 -47.83
C3 NAG G . -19.64 -27.08 -48.81
C4 NAG G . -19.37 -26.19 -50.03
C5 NAG G . -18.75 -24.86 -49.57
C6 NAG G . -18.59 -23.89 -50.70
C7 NAG G . -22.03 -27.68 -46.44
C8 NAG G . -22.16 -28.52 -45.19
N2 NAG G . -20.83 -27.17 -46.67
O3 NAG G . -20.29 -28.26 -49.23
O4 NAG G . -18.56 -26.85 -50.98
O5 NAG G . -19.60 -24.24 -48.59
O6 NAG G . -19.72 -23.89 -51.55
O7 NAG G . -22.98 -27.49 -47.19
C1 NAG G . -17.24 -27.26 -50.53
C2 NAG G . -16.97 -28.69 -51.02
C3 NAG G . -15.51 -28.82 -51.45
C4 NAG G . -15.27 -27.93 -52.66
C5 NAG G . -15.57 -26.48 -52.30
C6 NAG G . -16.52 -25.81 -53.27
C7 NAG G . -18.26 -30.58 -50.06
C8 NAG G . -19.05 -30.60 -51.33
N2 NAG G . -17.28 -29.66 -49.97
O3 NAG G . -15.24 -30.18 -51.78
O4 NAG G . -13.91 -28.05 -53.06
O5 NAG G . -16.13 -26.34 -50.99
O6 NAG G . -17.38 -26.76 -53.88
O7 NAG G . -18.48 -31.37 -49.14
C1 BMA G . -13.81 -27.97 -54.50
C2 BMA G . -12.34 -28.30 -54.91
C3 BMA G . -12.22 -28.33 -56.45
C4 BMA G . -13.31 -29.22 -57.08
C5 BMA G . -14.71 -28.80 -56.59
C6 BMA G . -15.82 -29.68 -57.13
O2 BMA G . -11.96 -29.58 -54.43
O3 BMA G . -10.94 -28.76 -56.85
O4 BMA G . -13.27 -29.10 -58.50
O5 BMA G . -14.72 -28.88 -55.14
O6 BMA G . -15.59 -31.01 -56.67
C1 NAG H . -13.72 6.64 -57.29
C2 NAG H . -14.83 6.98 -58.24
C3 NAG H . -15.32 5.71 -58.88
C4 NAG H . -14.18 5.02 -59.62
C5 NAG H . -12.95 4.86 -58.70
C6 NAG H . -11.72 4.38 -59.43
C7 NAG H . -16.52 8.79 -58.01
C8 NAG H . -16.01 9.34 -59.32
N2 NAG H . -15.92 7.67 -57.56
O3 NAG H . -16.44 5.96 -59.71
O4 NAG H . -14.63 3.71 -59.98
O5 NAG H . -12.61 6.10 -58.03
O6 NAG H . -11.92 3.09 -59.97
O7 NAG H . -17.44 9.32 -57.40
C1 NAG H . -15.10 3.34 -61.32
C2 NAG H . -15.21 4.42 -62.45
C3 NAG H . -15.45 3.74 -63.81
C4 NAG H . -14.45 2.62 -64.07
C5 NAG H . -14.49 1.63 -62.93
C6 NAG H . -13.50 0.50 -63.09
C7 NAG H . -16.33 6.60 -62.71
C8 NAG H . -17.53 7.43 -62.35
N2 NAG H . -16.29 5.37 -62.19
O3 NAG H . -15.37 4.69 -64.87
O4 NAG H . -14.78 1.94 -65.28
O5 NAG H . -14.14 2.32 -61.71
O6 NAG H . -13.65 -0.12 -64.36
O7 NAG H . -15.44 7.03 -63.44
C1 NAG I . -35.07 -5.60 0.96
C2 NAG I . -34.93 -4.06 1.03
C3 NAG I . -34.68 -3.57 2.46
C4 NAG I . -35.70 -4.16 3.42
C5 NAG I . -35.54 -5.67 3.39
C6 NAG I . -36.46 -6.41 4.33
C7 NAG I . -33.91 -3.57 -1.17
C8 NAG I . -32.67 -3.08 -1.87
N2 NAG I . -33.85 -3.62 0.16
O3 NAG I . -34.74 -2.16 2.49
O4 NAG I . -35.51 -3.64 4.73
O5 NAG I . -35.88 -6.10 2.07
O6 NAG I . -37.31 -7.30 3.63
O7 NAG I . -34.92 -3.91 -1.79
C1 NAG I . -36.58 -2.88 5.39
C2 NAG I . -38.09 -3.21 5.13
C3 NAG I . -38.99 -2.65 6.25
C4 NAG I . -38.47 -3.02 7.62
C5 NAG I . -37.05 -2.49 7.75
C6 NAG I . -36.43 -2.79 9.10
C7 NAG I . -39.15 -3.48 2.93
C8 NAG I . -39.54 -2.79 1.65
N2 NAG I . -38.55 -2.71 3.84
O3 NAG I . -40.31 -3.15 6.09
O4 NAG I . -39.28 -2.43 8.63
O5 NAG I . -36.25 -3.14 6.77
O6 NAG I . -35.51 -1.76 9.48
O7 NAG I . -39.35 -4.67 3.11
C1 NAG J . -10.25 -9.58 41.66
C2 NAG J . -10.95 -8.27 42.05
C3 NAG J . -11.25 -7.44 40.83
C4 NAG J . -9.95 -7.04 40.18
C5 NAG J . -9.19 -8.29 39.75
C6 NAG J . -7.74 -8.32 40.19
C7 NAG J . -12.32 -8.11 44.09
C8 NAG J . -11.15 -7.37 44.72
N2 NAG J . -12.14 -8.50 42.83
O3 NAG J . -11.99 -6.31 41.24
O4 NAG J . -10.22 -6.23 39.04
O5 NAG J . -9.79 -9.50 40.24
O6 NAG J . -7.26 -9.65 40.26
O7 NAG J . -13.35 -8.33 44.71
C1 NAG J . -9.90 -4.85 39.28
C2 NAG J . -8.92 -4.44 38.21
C3 NAG J . -8.57 -2.96 38.34
C4 NAG J . -9.84 -2.10 38.32
C5 NAG J . -10.82 -2.62 39.38
C6 NAG J . -12.17 -1.93 39.31
C7 NAG J . -7.14 -5.75 37.18
C8 NAG J . -5.91 -6.56 37.41
N2 NAG J . -7.72 -5.24 38.27
O3 NAG J . -7.68 -2.66 37.27
O4 NAG J . -9.59 -0.74 38.63
O5 NAG J . -11.07 -4.02 39.21
O6 NAG J . -13.22 -2.87 39.49
O7 NAG J . -7.59 -5.55 36.05
C1 BMA J . -9.10 0.13 37.55
C2 BMA J . -9.96 0.02 36.26
C3 BMA J . -9.43 1.02 35.16
C4 BMA J . -8.25 1.99 35.59
C5 BMA J . -8.12 2.26 37.13
C6 BMA J . -8.24 3.72 37.49
O2 BMA J . -11.32 0.32 36.50
O3 BMA J . -10.51 1.79 34.56
O4 BMA J . -7.03 1.49 35.09
O5 BMA J . -9.08 1.51 37.91
O6 BMA J . -9.34 4.24 36.76
C1 MAN J . -10.55 1.73 33.11
C2 MAN J . -10.99 0.28 32.69
C3 MAN J . -10.91 0.12 31.16
C4 MAN J . -9.64 0.75 30.49
C5 MAN J . -8.61 1.28 31.52
C6 MAN J . -7.48 2.06 30.87
O2 MAN J . -12.33 0.03 33.05
O3 MAN J . -12.08 0.65 30.54
O4 MAN J . -8.99 -0.23 29.68
O5 MAN J . -9.29 2.17 32.49
O6 MAN J . -7.08 1.37 29.69
C1 MAN J . -9.93 5.34 37.50
C2 MAN J . -10.81 4.75 38.62
C3 MAN J . -12.01 4.01 38.01
C4 MAN J . -12.74 4.86 36.94
C5 MAN J . -11.73 5.42 35.91
C6 MAN J . -12.34 6.38 34.91
O2 MAN J . -11.36 5.78 39.45
O3 MAN J . -12.92 3.57 39.01
O4 MAN J . -13.71 4.06 36.25
O5 MAN J . -10.69 6.13 36.62
O6 MAN J . -13.34 5.68 34.18
C1 NAG K . -41.71 -19.51 38.50
C2 NAG K . -42.76 -19.42 37.40
C3 NAG K . -43.10 -17.97 37.13
C4 NAG K . -41.84 -17.16 36.89
C5 NAG K . -40.95 -17.22 38.13
C6 NAG K . -40.95 -15.92 38.90
C7 NAG K . -42.26 -21.36 35.99
C8 NAG K . -41.72 -21.84 34.68
N2 NAG K . -42.26 -20.05 36.18
O3 NAG K . -43.77 -17.45 38.28
O4 NAG K . -41.14 -17.74 35.79
O5 NAG K . -41.46 -18.20 39.05
O6 NAG K . -42.16 -15.74 39.60
O7 NAG K . -42.71 -22.14 36.84
C1 NAG K . -40.12 -16.88 35.23
C2 NAG K . -40.13 -17.11 33.71
C3 NAG K . -40.27 -15.78 32.96
C4 NAG K . -39.26 -14.75 33.46
C5 NAG K . -39.27 -14.66 34.98
C6 NAG K . -39.48 -13.26 35.50
C7 NAG K . -38.93 -18.91 32.52
C8 NAG K . -40.27 -19.44 32.10
N2 NAG K . -38.93 -17.81 33.28
O3 NAG K . -41.60 -15.28 33.13
O4 NAG K . -37.96 -15.11 33.02
O5 NAG K . -40.32 -15.48 35.51
O6 NAG K . -39.34 -13.21 36.91
O7 NAG K . -37.89 -19.46 32.17
C1 BMA K . -37.65 -14.18 31.96
C2 BMA K . -36.75 -13.10 32.54
C3 BMA K . -35.81 -12.47 31.45
C4 BMA K . -36.24 -12.70 29.96
C5 BMA K . -36.97 -14.06 29.74
C6 BMA K . -36.36 -14.86 28.63
O2 BMA K . -35.91 -13.64 33.53
O3 BMA K . -34.45 -12.86 31.63
O4 BMA K . -37.08 -11.65 29.54
O5 BMA K . -36.96 -14.83 30.93
O6 BMA K . -36.20 -14.01 27.52
C1 MAN K . -33.67 -11.66 31.88
C2 MAN K . -32.27 -12.12 32.29
C3 MAN K . -31.39 -10.91 32.54
C4 MAN K . -32.03 -9.83 33.47
C5 MAN K . -33.58 -9.65 33.28
C6 MAN K . -34.01 -8.50 32.34
O2 MAN K . -31.63 -12.83 31.24
O3 MAN K . -30.99 -10.31 31.31
O4 MAN K . -31.75 -10.14 34.83
O5 MAN K . -34.26 -10.88 32.89
O6 MAN K . -33.13 -8.44 31.23
C1 MAN K . -37.34 -14.17 26.66
C2 MAN K . -36.87 -14.16 25.19
C3 MAN K . -37.88 -13.46 24.28
C4 MAN K . -39.34 -13.77 24.69
C5 MAN K . -39.56 -13.20 26.13
C6 MAN K . -40.58 -13.96 26.96
O2 MAN K . -36.72 -15.48 24.68
O3 MAN K . -37.69 -13.79 22.91
O4 MAN K . -40.25 -13.18 23.80
O5 MAN K . -38.31 -13.14 26.89
O6 MAN K . -40.81 -13.23 28.16
C1 NAG L . 1.85 -12.99 54.43
C2 NAG L . 2.19 -13.82 55.68
C3 NAG L . 1.53 -13.19 56.93
C4 NAG L . 1.76 -11.69 56.99
C5 NAG L . 1.46 -11.01 55.66
C6 NAG L . 1.81 -9.55 55.63
C7 NAG L . 2.48 -16.28 55.85
C8 NAG L . 3.85 -16.02 56.39
N2 NAG L . 1.75 -15.21 55.52
O3 NAG L . 2.06 -13.83 58.08
O4 NAG L . 0.99 -11.01 58.00
O5 NAG L . 2.24 -11.65 54.64
O6 NAG L . 0.97 -8.84 54.74
O7 NAG L . 2.05 -17.42 55.71
C1 NAG L . -0.27 -11.60 58.37
C2 NAG L . -0.43 -11.40 59.89
C3 NAG L . -0.84 -9.98 60.24
C4 NAG L . -2.13 -9.59 59.54
C5 NAG L . -2.06 -9.80 58.02
C6 NAG L . -1.35 -8.71 57.25
C7 NAG L . -0.96 -13.60 60.82
C8 NAG L . -2.01 -14.48 61.41
N2 NAG L . -1.34 -12.37 60.47
O3 NAG L . 0.23 -9.06 59.99
O4 NAG L . -3.13 -10.48 59.98
O5 NAG L . -1.47 -11.06 57.66
O6 NAG L . -1.39 -8.96 55.86
O7 NAG L . 0.20 -13.98 60.66
C1 BMA L . -4.13 -9.93 60.88
C2 BMA L . -4.19 -10.96 62.05
C3 BMA L . -4.84 -10.39 63.36
C4 BMA L . -5.44 -8.92 63.29
C5 BMA L . -5.08 -8.11 61.99
C6 BMA L . -5.07 -6.54 62.11
O2 BMA L . -2.89 -11.42 62.40
O3 BMA L . -3.98 -10.64 64.52
O4 BMA L . -6.85 -8.96 63.45
O5 BMA L . -3.85 -8.62 61.40
O6 BMA L . -4.30 -6.06 63.24
C1 MAN L . -3.28 -9.51 65.08
C2 MAN L . -1.87 -9.98 65.44
C3 MAN L . -1.96 -11.09 66.51
C4 MAN L . -2.90 -10.72 67.70
C5 MAN L . -4.24 -10.13 67.17
C6 MAN L . -5.12 -9.53 68.24
O2 MAN L . -1.11 -8.92 66.03
O3 MAN L . -0.66 -11.44 66.99
O4 MAN L . -3.17 -11.88 68.47
O5 MAN L . -3.95 -9.08 66.22
O6 MAN L . -6.28 -9.01 67.60
C1 MAN L . -5.07 -5.49 64.35
C2 MAN L . -6.31 -4.60 63.91
C3 MAN L . -6.61 -3.50 64.93
C4 MAN L . -6.29 -3.94 66.37
C5 MAN L . -4.75 -4.13 66.47
C6 MAN L . -4.28 -4.93 67.69
O2 MAN L . -7.53 -5.35 63.85
O3 MAN L . -7.97 -3.07 64.86
O4 MAN L . -6.70 -2.96 67.29
O5 MAN L . -4.18 -4.75 65.24
O6 MAN L . -4.42 -6.32 67.46
C1 NAG M . -16.08 -49.72 25.98
C2 NAG M . -15.30 -49.48 24.68
C3 NAG M . -14.20 -48.47 24.90
C4 NAG M . -14.79 -47.15 25.36
C5 NAG M . -15.55 -47.34 26.67
C6 NAG M . -16.93 -46.73 26.65
C7 NAG M . -15.21 -51.45 23.17
C8 NAG M . -16.40 -50.88 22.44
N2 NAG M . -14.74 -50.74 24.21
O3 NAG M . -13.49 -48.28 23.68
O4 NAG M . -13.68 -46.30 25.64
O5 NAG M . -15.68 -48.72 27.01
O6 NAG M . -17.51 -46.84 25.36
O7 NAG M . -14.69 -52.51 22.83
C1 NAG M . -13.89 -44.97 25.19
C2 NAG M . -13.23 -44.09 26.24
C3 NAG M . -11.95 -43.46 25.69
C4 NAG M . -12.24 -42.63 24.44
C5 NAG M . -13.22 -43.35 23.52
C6 NAG M . -12.79 -43.33 22.07
C7 NAG M . -14.04 -42.49 27.92
C8 NAG M . -15.06 -41.45 28.25
N2 NAG M . -14.15 -43.07 26.73
O3 NAG M . -11.00 -44.48 25.40
O4 NAG M . -12.78 -41.37 24.84
O5 NAG M . -13.30 -44.73 23.90
O6 NAG M . -12.07 -44.50 21.72
O7 NAG M . -13.14 -42.79 28.71
C1 BMA M . -11.95 -40.26 24.39
C2 BMA M . -10.89 -39.88 25.55
C3 BMA M . -9.40 -40.27 25.24
C4 BMA M . -9.09 -40.59 23.74
C5 BMA M . -10.10 -39.91 22.82
C6 BMA M . -9.79 -40.09 21.36
O2 BMA M . -11.24 -40.46 26.80
O3 BMA M . -8.95 -41.31 26.09
O4 BMA M . -7.78 -40.18 23.40
O5 BMA M . -11.34 -40.56 23.09
O6 BMA M . -8.44 -39.74 21.16
C1 NAG N . -11.58 -46.34 3.53
C2 NAG N . -11.36 -47.86 3.75
C3 NAG N . -12.01 -48.74 2.64
C4 NAG N . -12.09 -48.13 1.25
C5 NAG N . -11.83 -46.63 1.23
C6 NAG N . -12.56 -45.92 0.12
C7 NAG N . -9.28 -47.96 5.03
C8 NAG N . -7.83 -48.33 5.01
N2 NAG N . -9.94 -48.16 3.88
O3 NAG N . -13.31 -49.13 3.08
O4 NAG N . -11.21 -48.78 0.33
O5 NAG N . -12.40 -46.13 2.45
O6 NAG N . -13.84 -45.48 0.53
O7 NAG N . -9.82 -47.50 6.03
C1 NAG N . -11.84 -50.05 0.04
C2 NAG N . -12.48 -50.05 -1.34
C3 NAG N . -12.40 -51.44 -1.95
C4 NAG N . -10.94 -51.81 -2.22
C5 NAG N . -10.07 -51.58 -0.98
C6 NAG N . -8.96 -50.58 -1.15
C7 NAG N . -14.30 -48.48 -1.84
C8 NAG N . -15.76 -48.17 -1.67
N2 NAG N . -13.87 -49.60 -1.28
O3 NAG N . -13.15 -51.49 -3.15
O4 NAG N . -10.92 -53.18 -2.61
O5 NAG N . -10.86 -51.17 0.17
O6 NAG N . -9.26 -49.64 -2.18
O7 NAG N . -13.55 -47.73 -2.46
C1 BMA N . -9.59 -53.72 -2.84
C2 BMA N . -9.48 -55.14 -2.20
C3 BMA N . -8.05 -55.67 -2.42
C4 BMA N . -7.58 -55.54 -3.90
C5 BMA N . -7.87 -54.11 -4.45
C6 BMA N . -7.59 -53.94 -5.93
O2 BMA N . -10.36 -56.05 -2.82
O3 BMA N . -7.93 -57.01 -1.99
O4 BMA N . -6.19 -55.80 -3.98
O5 BMA N . -9.27 -53.80 -4.24
O6 BMA N . -7.96 -52.62 -6.30
N GLU O . 5.41 15.78 -30.82
CA GLU O . 4.82 16.20 -29.55
C GLU O . 3.68 15.31 -29.09
O GLU O . 3.08 15.59 -28.06
CB GLU O . 4.32 17.64 -29.65
CG GLU O . 5.41 18.66 -29.64
CD GLU O . 6.05 18.78 -28.27
OE1 GLU O . 7.22 19.16 -28.20
OE2 GLU O . 5.36 18.52 -27.26
OXT GLU O . 3.33 14.31 -29.73
C1 NAG P . -42.96 -25.05 -68.72
C2 NAG P . -42.07 -25.96 -67.88
C3 NAG P . -40.61 -25.71 -68.24
C4 NAG P . -40.50 -25.32 -69.70
C5 NAG P . -41.17 -23.97 -69.92
C6 NAG P . -41.66 -23.78 -71.35
C7 NAG P . -41.59 -26.28 -65.50
C8 NAG P . -41.00 -25.30 -64.54
N2 NAG P . -42.33 -25.76 -66.47
O3 NAG P . -39.84 -26.87 -67.96
O4 NAG P . -39.12 -25.21 -70.05
O5 NAG P . -42.33 -23.83 -69.06
O6 NAG P . -42.77 -22.89 -71.40
O7 NAG P . -41.39 -27.49 -65.40
C1 NAG Q . -55.44 -35.91 -68.78
C2 NAG Q . -54.19 -35.92 -69.68
C3 NAG Q . -54.17 -37.19 -70.53
C4 NAG Q . -54.31 -38.43 -69.68
C5 NAG Q . -55.57 -38.34 -68.82
C6 NAG Q . -55.73 -39.49 -67.86
C7 NAG Q . -52.99 -34.23 -70.99
C8 NAG Q . -53.13 -32.99 -71.84
N2 NAG Q . -54.13 -34.74 -70.51
O3 NAG Q . -52.95 -37.27 -71.27
O4 NAG Q . -54.40 -39.59 -70.50
O5 NAG Q . -55.52 -37.14 -68.02
O6 NAG Q . -56.58 -39.14 -66.78
O7 NAG Q . -51.90 -34.75 -70.77
C1 NAG R . 1.21 -3.60 -56.62
C2 NAG R . 0.81 -3.09 -58.01
C3 NAG R . 1.91 -2.19 -58.57
C4 NAG R . 2.25 -1.08 -57.57
C5 NAG R . 2.53 -1.64 -56.18
C6 NAG R . 2.69 -0.57 -55.13
C7 NAG R . -0.66 -4.56 -59.35
C8 NAG R . -1.82 -3.72 -58.88
N2 NAG R . 0.56 -4.19 -58.91
O3 NAG R . 1.46 -1.61 -59.78
O4 NAG R . 3.39 -0.36 -58.03
O5 NAG R . 1.45 -2.49 -55.75
O6 NAG R . 1.45 -0.30 -54.48
O7 NAG R . -0.82 -5.52 -60.10
C1 NAG S . 22.95 36.06 -31.69
C2 NAG S . 23.40 37.22 -30.79
C3 NAG S . 23.65 38.46 -31.64
C4 NAG S . 24.67 38.15 -32.74
C5 NAG S . 24.21 36.95 -33.57
C6 NAG S . 25.25 36.49 -34.57
C7 NAG S . 22.70 37.69 -28.46
C8 NAG S . 24.16 37.61 -28.07
N2 NAG S . 22.41 37.49 -29.76
O3 NAG S . 24.13 39.51 -30.82
O4 NAG S . 24.81 39.28 -33.59
O5 NAG S . 23.95 35.82 -32.71
O6 NAG S . 25.93 35.33 -34.11
O7 NAG S . 21.83 37.91 -27.63
N GLU T . 1.29 25.92 21.91
CA GLU T . 2.32 25.16 22.61
C GLU T . 1.66 24.12 23.52
O GLU T . 2.13 23.01 23.68
CB GLU T . 3.21 26.09 23.43
CG GLU T . 4.04 27.08 22.63
CD GLU T . 5.23 26.44 21.95
OE1 GLU T . 5.61 26.88 20.84
OE2 GLU T . 5.81 25.50 22.54
OXT GLU T . 0.61 24.37 24.13
C1 NAG U . -76.20 5.26 -5.78
C2 NAG U . -76.03 5.26 -4.26
C3 NAG U . -75.80 6.70 -3.77
C4 NAG U . -74.63 7.34 -4.51
C5 NAG U . -74.85 7.25 -6.02
C6 NAG U . -73.68 7.77 -6.81
C7 NAG U . -77.09 3.73 -2.67
C8 NAG U . -78.39 3.25 -2.10
N2 NAG U . -77.18 4.69 -3.60
O3 NAG U . -75.54 6.67 -2.37
O4 NAG U . -74.51 8.70 -4.13
O5 NAG U . -75.05 5.89 -6.41
O6 NAG U . -74.11 8.42 -8.01
O7 NAG U . -76.02 3.28 -2.31
C1 NAG V . -89.01 9.24 -15.00
C2 NAG V . -90.34 9.36 -14.23
C3 NAG V . -90.75 10.83 -14.11
C4 NAG V . -89.59 11.68 -13.55
C5 NAG V . -88.30 11.42 -14.35
C6 NAG V . -87.10 12.13 -13.80
C7 NAG V . -91.95 8.64 -16.02
C8 NAG V . -93.05 7.67 -16.29
N2 NAG V . -91.41 8.55 -14.78
O3 NAG V . -91.88 10.95 -13.26
O4 NAG V . -89.91 13.06 -13.63
O5 NAG V . -88.00 10.02 -14.35
O6 NAG V . -86.13 12.37 -14.81
O7 NAG V . -91.58 9.46 -16.86
C1 NAG W . -53.21 10.61 -25.78
C2 NAG W . -52.56 11.46 -24.68
C3 NAG W . -51.16 11.89 -25.06
C4 NAG W . -50.34 10.67 -25.49
C5 NAG W . -51.06 10.03 -26.66
C6 NAG W . -50.35 8.82 -27.21
C7 NAG W . -53.41 13.09 -23.10
C8 NAG W . -54.56 13.99 -22.78
N2 NAG W . -53.36 12.63 -24.35
O3 NAG W . -50.55 12.55 -23.96
O4 NAG W . -49.04 11.07 -25.85
O5 NAG W . -52.35 9.57 -26.21
O6 NAG W . -50.08 7.89 -26.18
O7 NAG W . -52.57 12.78 -22.26
C1 NAG X . -48.21 13.46 -2.66
C2 NAG X . -48.09 13.05 -1.18
C3 NAG X . -47.92 14.27 -0.29
C4 NAG X . -46.66 15.00 -0.68
C5 NAG X . -46.76 15.51 -2.12
C6 NAG X . -45.53 15.24 -2.95
C7 NAG X . -50.51 12.53 -0.71
C8 NAG X . -51.41 11.44 -0.20
N2 NAG X . -49.20 12.20 -0.74
O3 NAG X . -47.86 13.87 1.07
O4 NAG X . -46.46 16.11 0.18
O5 NAG X . -47.89 14.94 -2.82
O6 NAG X . -45.85 15.11 -4.33
O7 NAG X . -50.95 13.62 -1.06
C1 NAG Y . 22.34 39.82 11.56
C2 NAG Y . 22.38 40.41 12.97
C3 NAG Y . 20.95 40.71 13.44
C4 NAG Y . 20.21 41.57 12.43
C5 NAG Y . 20.31 40.96 11.02
C6 NAG Y . 19.72 41.86 9.96
C7 NAG Y . 24.11 39.80 14.63
C8 NAG Y . 24.66 41.20 14.46
N2 NAG Y . 23.04 39.49 13.90
O3 NAG Y . 20.98 41.37 14.70
O4 NAG Y . 18.83 41.67 12.78
O5 NAG Y . 21.68 40.75 10.68
O6 NAG Y . 20.35 41.63 8.70
O7 NAG Y . 24.63 38.99 15.40
N GLU Z . 15.60 -1.34 23.41
CA GLU Z . 14.96 -1.92 22.24
C GLU Z . 13.75 -2.75 22.60
O GLU Z . 13.11 -2.54 23.63
CB GLU Z . 15.95 -2.78 21.46
CG GLU Z . 17.08 -2.01 20.83
CD GLU Z . 16.59 -1.13 19.71
OE1 GLU Z . 17.14 -0.02 19.56
OE2 GLU Z . 15.65 -1.53 18.99
OXT GLU Z . 13.37 -3.64 21.85
C1 NAG AA . -40.77 -21.11 70.10
C2 NAG AA . -39.50 -20.51 70.68
C3 NAG AA . -39.47 -19.02 70.43
C4 NAG AA . -39.32 -18.77 68.94
C5 NAG AA . -40.45 -19.45 68.15
C6 NAG AA . -39.96 -20.36 67.05
C7 NAG AA . -38.78 -21.89 72.58
C8 NAG AA . -38.76 -22.03 74.08
N2 NAG AA . -39.39 -20.80 72.10
O3 NAG AA . -38.39 -18.42 71.14
O4 NAG AA . -39.34 -17.36 68.68
O5 NAG AA . -41.32 -20.22 69.00
O6 NAG AA . -39.68 -19.62 65.87
O7 NAG AA . -38.28 -22.73 71.84
C1 NAG BA . -54.80 -27.80 70.88
C2 NAG BA . -56.05 -27.90 71.76
C3 NAG BA . -56.91 -26.66 71.57
C4 NAG BA . -56.11 -25.39 71.81
C5 NAG BA . -54.86 -25.38 70.93
C6 NAG BA . -53.96 -24.20 71.19
C7 NAG BA . -57.19 -29.99 72.42
C8 NAG BA . -56.79 -29.68 73.85
N2 NAG BA . -56.80 -29.11 71.49
O3 NAG BA . -58.00 -26.71 72.49
O4 NAG BA . -56.91 -24.24 71.50
O5 NAG BA . -54.09 -26.56 71.18
O6 NAG BA . -52.88 -24.57 72.02
O7 NAG BA . -57.83 -30.99 72.14
C1 NAG CA . -29.50 -2.27 48.57
C2 NAG CA . -30.87 -1.63 48.78
C3 NAG CA . -30.73 -0.35 49.61
C4 NAG CA . -29.98 -0.62 50.91
C5 NAG CA . -28.65 -1.32 50.61
C6 NAG CA . -27.93 -1.76 51.87
C7 NAG CA . -31.19 -0.63 46.49
C8 NAG CA . -32.13 -0.60 45.33
N2 NAG CA . -31.59 -1.40 47.53
O3 NAG CA . -32.03 0.15 49.91
O4 NAG CA . -29.73 0.59 51.59
O5 NAG CA . -28.88 -2.51 49.85
O6 NAG CA . -27.42 -3.08 51.74
O7 NAG CA . -30.14 0.01 46.49
C1 NAG DA . 3.57 2.93 56.85
C2 NAG DA . 4.51 1.79 57.35
C3 NAG DA . 5.71 2.36 58.12
C4 NAG DA . 6.42 3.45 57.33
C5 NAG DA . 5.41 4.55 56.99
C6 NAG DA . 6.00 5.67 56.18
C7 NAG DA . 3.52 -0.42 57.86
C8 NAG DA . 4.05 -0.90 56.54
N2 NAG DA . 3.77 0.85 58.18
O3 NAG DA . 6.61 1.31 58.39
O4 NAG DA . 7.48 4.01 58.08
O5 NAG DA . 4.37 3.98 56.20
O6 NAG DA . 5.08 6.12 55.20
O7 NAG DA . 2.90 -1.17 58.62
C1 NAG EA . 41.19 4.60 11.51
C2 NAG EA . 41.55 3.50 10.52
C3 NAG EA . 42.33 2.39 11.23
C4 NAG EA . 43.54 2.97 11.96
C5 NAG EA . 43.14 4.14 12.86
C6 NAG EA . 44.32 4.86 13.45
C7 NAG EA . 40.00 3.29 8.63
C8 NAG EA . 38.75 2.65 8.12
N2 NAG EA . 40.37 2.96 9.86
O3 NAG EA . 42.75 1.43 10.28
O4 NAG EA . 44.14 1.96 12.76
O5 NAG EA . 42.38 5.11 12.11
O6 NAG EA . 45.31 5.12 12.46
O7 NAG EA . 40.64 4.08 7.95
C1 NAG FA . 38.64 3.81 20.77
C2 NAG FA . 39.99 3.76 20.04
C3 NAG FA . 41.04 3.13 20.95
C4 NAG FA . 41.08 3.84 22.31
C5 NAG FA . 39.69 3.91 22.91
C6 NAG FA . 39.63 4.75 24.17
C7 NAG FA . 40.21 3.58 17.60
C8 NAG FA . 40.06 2.69 16.40
N2 NAG FA . 39.89 3.03 18.78
O3 NAG FA . 42.32 3.21 20.33
O4 NAG FA . 41.93 3.12 23.20
O5 NAG FA . 38.77 4.53 21.99
O6 NAG FA . 38.65 5.77 24.06
O7 NAG FA . 40.59 4.74 17.50
N GLU GA . 22.45 -16.05 -13.58
CA GLU GA . 21.49 -15.20 -14.28
C GLU GA . 20.12 -15.88 -14.41
O GLU GA . 19.16 -15.24 -14.83
CB GLU GA . 22.01 -14.83 -15.66
CG GLU GA . 23.14 -13.80 -15.66
CD GLU GA . 22.67 -12.40 -15.26
OE1 GLU GA . 23.50 -11.62 -14.73
OE2 GLU GA . 21.49 -12.08 -15.48
OXT GLU GA . 19.96 -17.06 -14.11
C1 NAG HA . -34.37 -67.38 7.87
C2 NAG HA . -34.22 -66.65 6.53
C3 NAG HA . -33.06 -67.24 5.75
C4 NAG HA . -31.79 -67.27 6.58
C5 NAG HA . -32.04 -67.96 7.92
C6 NAG HA . -30.85 -67.90 8.86
C7 NAG HA . -35.82 -65.80 4.87
C8 NAG HA . -37.12 -66.04 4.17
N2 NAG HA . -35.46 -66.72 5.77
O3 NAG HA . -32.82 -66.47 4.57
O4 NAG HA . -30.76 -67.98 5.88
O5 NAG HA . -33.13 -67.32 8.59
O6 NAG HA . -29.71 -67.35 8.22
O7 NAG HA . -35.12 -64.82 4.63
C1 NAG IA . -34.04 -79.00 18.49
C2 NAG IA . -34.79 -80.00 17.60
C3 NAG IA . -33.88 -81.18 17.25
C4 NAG IA . -32.57 -80.67 16.65
C5 NAG IA . -31.92 -79.61 17.54
C6 NAG IA . -30.70 -78.97 16.93
C7 NAG IA . -37.21 -80.54 17.68
C8 NAG IA . -37.30 -80.06 16.26
N2 NAG IA . -36.00 -80.48 18.26
O3 NAG IA . -34.54 -82.03 16.32
O4 NAG IA . -31.66 -81.76 16.51
O5 NAG IA . -32.87 -78.55 17.80
O6 NAG IA . -30.34 -77.78 17.62
O7 NAG IA . -38.20 -80.96 18.29
C1 NAG JA . 19.31 -47.69 -17.54
C2 NAG JA . 18.99 -48.81 -18.53
C3 NAG JA . 19.12 -50.16 -17.84
C4 NAG JA . 20.50 -50.30 -17.20
C5 NAG JA . 20.83 -49.09 -16.31
C6 NAG JA . 22.26 -49.10 -15.81
C7 NAG JA . 17.38 -48.73 -20.42
C8 NAG JA . 18.55 -49.03 -21.33
N2 NAG JA . 17.67 -48.65 -19.11
O3 NAG JA . 18.90 -51.20 -18.78
O4 NAG JA . 20.53 -51.47 -16.39
O5 NAG JA . 20.64 -47.87 -17.04
O6 NAG JA . 23.02 -48.07 -16.43
O7 NAG JA . 16.24 -48.59 -20.85
C1 NAG KA . 40.09 6.24 -23.91
C2 NAG KA . 39.13 7.21 -24.62
C3 NAG KA . 38.56 6.57 -25.89
C4 NAG KA . 39.68 6.05 -26.79
C5 NAG KA . 40.58 5.10 -26.01
C6 NAG KA . 41.78 4.64 -26.80
C7 NAG KA . 37.69 8.91 -23.55
C8 NAG KA . 38.45 9.96 -24.32
N2 NAG KA . 38.06 7.64 -23.74
O3 NAG KA . 37.76 7.52 -26.58
O4 NAG KA . 39.14 5.39 -27.91
O5 NAG KA . 41.08 5.75 -24.84
O6 NAG KA . 42.62 5.74 -27.15
O7 NAG KA . 36.76 9.21 -22.80
C1 NAG LA . 42.72 -1.04 -23.11
C2 NAG LA . 41.75 0.16 -23.13
C3 NAG LA . 42.44 1.42 -23.67
C4 NAG LA . 43.74 1.70 -22.93
C5 NAG LA . 44.65 0.48 -23.00
C6 NAG LA . 45.93 0.66 -22.23
C7 NAG LA . 39.33 -0.30 -23.40
C8 NAG LA . 39.20 -0.19 -21.91
N2 NAG LA . 40.56 -0.14 -23.91
O3 NAG LA . 41.57 2.53 -23.56
O4 NAG LA . 44.40 2.82 -23.51
O5 NAG LA . 43.98 -0.66 -22.43
O6 NAG LA . 46.38 2.01 -22.28
O7 NAG LA . 38.37 -0.53 -24.12
#